data_2KIJ
#
_entry.id   2KIJ
#
_entity_poly.entity_id   1
_entity_poly.type   'polypeptide(L)'
_entity_poly.pdbx_seq_one_letter_code
;GSFTMSEALAKLISLQATEATIVTLDSDNILLSEEQVDVELVQRGDIIKVVPGGKFPVDGRVIEGHSMVDESLITGEAMP
VAKKPGSTVIAGSINQNGSLLICATHVGADTTLSQIVKLVEEAQ
;
_entity_poly.pdbx_strand_id   A
#
# COMPACT_ATOMS: atom_id res chain seq x y z
N SER A 6 3.71 1.23 -23.10
CA SER A 6 2.43 0.58 -23.50
C SER A 6 2.26 -0.83 -22.91
N GLU A 7 3.36 -1.52 -22.59
CA GLU A 7 3.34 -2.79 -21.82
C GLU A 7 3.25 -2.50 -20.31
N ALA A 8 3.95 -1.47 -19.84
CA ALA A 8 3.90 -1.01 -18.45
C ALA A 8 2.47 -0.62 -18.03
N LEU A 9 1.73 0.09 -18.91
CA LEU A 9 0.34 0.49 -18.73
C LEU A 9 -0.62 -0.66 -18.34
N ALA A 10 -0.39 -1.88 -18.84
CA ALA A 10 -1.08 -3.09 -18.36
C ALA A 10 -0.49 -3.64 -17.04
N LYS A 11 0.85 -3.72 -16.94
CA LYS A 11 1.56 -4.29 -15.80
C LYS A 11 1.30 -3.55 -14.48
N LEU A 12 1.11 -2.22 -14.54
CA LEU A 12 0.78 -1.36 -13.39
C LEU A 12 -0.29 -1.99 -12.48
N ILE A 13 -1.40 -2.45 -13.07
CA ILE A 13 -2.52 -3.07 -12.36
C ILE A 13 -2.22 -4.50 -11.87
N SER A 14 -1.39 -5.26 -12.57
CA SER A 14 -1.01 -6.63 -12.19
C SER A 14 -0.18 -6.66 -10.91
N LEU A 15 0.57 -5.60 -10.60
CA LEU A 15 1.39 -5.45 -9.39
C LEU A 15 0.58 -5.40 -8.07
N GLN A 16 -0.74 -5.19 -8.08
CA GLN A 16 -1.51 -5.14 -6.83
C GLN A 16 -1.47 -6.48 -6.07
N ALA A 17 -1.15 -6.42 -4.78
CA ALA A 17 -1.20 -7.55 -3.84
C ALA A 17 -2.65 -8.00 -3.55
N THR A 18 -2.85 -9.24 -3.08
CA THR A 18 -4.18 -9.90 -2.99
C THR A 18 -4.85 -9.87 -1.61
N GLU A 19 -4.07 -9.74 -0.54
CA GLU A 19 -4.58 -9.72 0.85
C GLU A 19 -4.03 -8.57 1.70
N ALA A 20 -4.73 -8.21 2.78
CA ALA A 20 -4.38 -7.12 3.71
C ALA A 20 -4.69 -7.50 5.18
N THR A 21 -3.92 -6.98 6.15
CA THR A 21 -4.16 -7.19 7.59
C THR A 21 -4.98 -6.07 8.23
N ILE A 22 -6.24 -6.33 8.59
CA ILE A 22 -7.08 -5.43 9.42
C ILE A 22 -6.71 -5.63 10.89
N VAL A 23 -6.64 -4.54 11.68
CA VAL A 23 -6.45 -4.64 13.13
C VAL A 23 -7.56 -3.91 13.91
N THR A 24 -8.17 -4.65 14.83
CA THR A 24 -9.38 -4.31 15.59
C THR A 24 -9.08 -4.29 17.09
N LEU A 25 -9.54 -3.26 17.79
CA LEU A 25 -9.48 -3.13 19.25
C LEU A 25 -10.83 -3.49 19.88
N ASP A 26 -10.84 -4.10 21.07
CA ASP A 26 -12.06 -4.73 21.63
C ASP A 26 -12.26 -4.63 23.16
N SER A 27 -11.38 -3.89 23.85
CA SER A 27 -11.44 -3.64 25.30
C SER A 27 -11.23 -2.15 25.59
N ASP A 28 -10.05 -1.70 25.19
CA ASP A 28 -9.60 -0.32 25.08
C ASP A 28 -8.43 -0.32 24.07
N ASN A 29 -7.69 0.78 23.96
CA ASN A 29 -6.41 0.84 23.24
C ASN A 29 -5.37 -0.20 23.72
N ILE A 30 -5.60 -0.81 24.89
CA ILE A 30 -4.82 -1.89 25.50
C ILE A 30 -4.89 -3.23 24.76
N LEU A 31 -5.94 -3.48 23.95
CA LEU A 31 -6.15 -4.74 23.23
C LEU A 31 -6.09 -4.55 21.71
N LEU A 32 -5.27 -5.36 21.05
CA LEU A 32 -5.13 -5.41 19.59
C LEU A 32 -5.23 -6.85 19.07
N SER A 33 -6.11 -7.05 18.09
CA SER A 33 -6.42 -8.33 17.43
C SER A 33 -6.44 -8.15 15.92
N GLU A 34 -5.91 -9.10 15.15
CA GLU A 34 -5.65 -8.96 13.71
C GLU A 34 -6.49 -9.92 12.85
N GLU A 35 -6.86 -9.54 11.62
CA GLU A 35 -7.48 -10.40 10.59
C GLU A 35 -6.79 -10.19 9.23
N GLN A 36 -6.31 -11.24 8.57
CA GLN A 36 -5.89 -11.15 7.16
C GLN A 36 -7.11 -11.40 6.27
N VAL A 37 -7.40 -10.49 5.33
CA VAL A 37 -8.58 -10.49 4.46
C VAL A 37 -8.21 -10.31 2.99
N ASP A 38 -9.12 -10.66 2.09
CA ASP A 38 -8.95 -10.40 0.65
C ASP A 38 -9.14 -8.91 0.32
N VAL A 39 -8.43 -8.41 -0.70
CA VAL A 39 -8.37 -6.98 -1.07
C VAL A 39 -9.74 -6.34 -1.38
N GLU A 40 -10.74 -7.14 -1.76
CA GLU A 40 -12.12 -6.67 -1.96
C GLU A 40 -12.91 -6.40 -0.65
N LEU A 41 -12.40 -6.85 0.50
CA LEU A 41 -13.13 -6.86 1.79
C LEU A 41 -12.64 -5.80 2.79
N VAL A 42 -11.49 -5.18 2.53
CA VAL A 42 -10.96 -4.02 3.26
C VAL A 42 -11.59 -2.71 2.72
N GLN A 43 -11.88 -1.76 3.60
CA GLN A 43 -12.48 -0.46 3.25
C GLN A 43 -11.57 0.73 3.51
N ARG A 44 -11.88 1.86 2.86
CA ARG A 44 -11.13 3.14 2.98
C ARG A 44 -11.37 3.94 4.27
N GLY A 45 -11.64 3.20 5.34
CA GLY A 45 -11.69 3.61 6.74
C GLY A 45 -10.89 2.71 7.70
N ASP A 46 -10.23 1.65 7.19
CA ASP A 46 -9.41 0.71 7.97
C ASP A 46 -7.93 1.17 8.06
N ILE A 47 -7.19 0.65 9.05
CA ILE A 47 -5.72 0.84 9.21
C ILE A 47 -5.04 -0.53 9.13
N ILE A 48 -4.03 -0.64 8.28
CA ILE A 48 -3.42 -1.91 7.83
C ILE A 48 -1.93 -2.04 8.17
N LYS A 49 -1.54 -3.23 8.66
CA LYS A 49 -0.13 -3.62 8.88
C LYS A 49 0.58 -4.01 7.60
N VAL A 50 1.86 -3.66 7.51
CA VAL A 50 2.78 -4.17 6.48
C VAL A 50 4.08 -4.69 7.11
N VAL A 51 4.52 -5.88 6.71
CA VAL A 51 5.60 -6.66 7.34
C VAL A 51 6.92 -6.57 6.55
N PRO A 52 8.08 -6.99 7.11
CA PRO A 52 9.31 -7.08 6.34
C PRO A 52 9.17 -8.08 5.17
N GLY A 53 9.38 -7.59 3.94
CA GLY A 53 9.25 -8.31 2.67
C GLY A 53 7.87 -8.26 2.03
N GLY A 54 6.85 -7.69 2.70
CA GLY A 54 5.47 -7.61 2.19
C GLY A 54 5.26 -6.56 1.09
N LYS A 55 4.25 -6.77 0.23
CA LYS A 55 3.88 -5.87 -0.88
C LYS A 55 2.56 -5.14 -0.59
N PHE A 56 2.39 -3.95 -1.19
CA PHE A 56 1.22 -3.09 -0.98
C PHE A 56 0.05 -3.37 -1.95
N PRO A 57 -1.19 -3.62 -1.47
CA PRO A 57 -2.38 -3.82 -2.32
C PRO A 57 -3.08 -2.53 -2.78
N VAL A 58 -2.87 -1.43 -2.05
CA VAL A 58 -3.48 -0.10 -2.26
C VAL A 58 -2.44 0.99 -1.92
N ASP A 59 -2.75 2.25 -2.23
CA ASP A 59 -1.96 3.41 -1.76
C ASP A 59 -2.41 3.82 -0.35
N GLY A 60 -1.62 4.67 0.33
CA GLY A 60 -2.07 5.28 1.59
C GLY A 60 -1.02 6.13 2.32
N ARG A 61 -1.41 6.60 3.52
CA ARG A 61 -0.58 7.43 4.42
C ARG A 61 -0.07 6.61 5.61
N VAL A 62 1.16 6.87 6.03
CA VAL A 62 1.95 6.11 7.02
C VAL A 62 1.96 6.84 8.36
N ILE A 63 1.68 6.15 9.46
CA ILE A 63 1.54 6.75 10.81
C ILE A 63 2.14 5.87 11.93
N GLU A 64 3.17 5.10 11.61
CA GLU A 64 4.06 4.35 12.51
C GLU A 64 5.22 3.81 11.66
N GLY A 65 6.44 3.74 12.19
CA GLY A 65 7.54 3.00 11.56
C GLY A 65 8.40 3.76 10.55
N HIS A 66 9.40 3.07 10.00
CA HIS A 66 10.50 3.67 9.25
C HIS A 66 11.15 2.77 8.17
N SER A 67 10.35 2.03 7.40
CA SER A 67 10.89 1.12 6.37
C SER A 67 11.36 1.85 5.12
N MET A 68 12.26 1.20 4.38
CA MET A 68 12.65 1.62 3.05
C MET A 68 11.85 0.83 2.01
N VAL A 69 11.21 1.54 1.10
CA VAL A 69 10.24 1.00 0.14
C VAL A 69 10.77 1.07 -1.29
N ASP A 70 10.72 -0.06 -2.01
CA ASP A 70 11.17 -0.15 -3.40
C ASP A 70 10.01 0.11 -4.36
N GLU A 71 10.01 1.31 -4.97
CA GLU A 71 9.00 1.83 -5.90
C GLU A 71 9.56 2.10 -7.31
N SER A 72 10.65 1.41 -7.68
CA SER A 72 11.45 1.68 -8.89
C SER A 72 10.75 1.47 -10.24
N LEU A 73 9.64 0.73 -10.30
CA LEU A 73 8.76 0.65 -11.48
C LEU A 73 7.69 1.75 -11.41
N ILE A 74 7.02 1.89 -10.25
CA ILE A 74 5.87 2.77 -10.04
C ILE A 74 6.23 4.25 -10.26
N THR A 75 7.21 4.76 -9.51
CA THR A 75 7.64 6.18 -9.57
C THR A 75 8.97 6.35 -10.32
N GLY A 76 9.67 5.26 -10.61
CA GLY A 76 10.94 5.26 -11.35
C GLY A 76 12.19 5.45 -10.50
N GLU A 77 12.04 5.65 -9.19
CA GLU A 77 13.15 5.84 -8.24
C GLU A 77 14.01 4.57 -8.15
N ALA A 78 15.19 4.55 -8.78
CA ALA A 78 16.08 3.39 -8.78
C ALA A 78 16.76 3.21 -7.40
N MET A 79 16.74 4.28 -6.60
CA MET A 79 17.27 4.38 -5.25
C MET A 79 16.08 4.36 -4.27
N PRO A 80 15.81 3.24 -3.57
CA PRO A 80 14.59 3.04 -2.77
C PRO A 80 14.35 4.13 -1.72
N VAL A 81 13.07 4.41 -1.47
CA VAL A 81 12.60 5.58 -0.70
C VAL A 81 12.39 5.24 0.77
N ALA A 82 13.02 5.99 1.67
CA ALA A 82 12.81 5.86 3.11
C ALA A 82 11.49 6.54 3.56
N LYS A 83 10.79 5.88 4.49
CA LYS A 83 9.53 6.34 5.09
C LYS A 83 9.68 6.64 6.59
N LYS A 84 8.64 7.26 7.15
CA LYS A 84 8.51 7.73 8.55
C LYS A 84 7.03 7.85 8.95
N PRO A 85 6.66 8.05 10.24
CA PRO A 85 5.31 8.49 10.57
C PRO A 85 5.08 9.89 9.95
N GLY A 86 3.92 10.09 9.31
CA GLY A 86 3.64 11.27 8.48
C GLY A 86 4.24 11.16 7.07
N SER A 87 4.21 9.98 6.44
CA SER A 87 4.75 9.68 5.09
C SER A 87 3.67 9.09 4.19
N THR A 88 3.94 8.87 2.89
CA THR A 88 2.96 8.32 1.92
C THR A 88 3.55 7.20 1.06
N VAL A 89 2.70 6.26 0.62
CA VAL A 89 3.09 5.07 -0.18
C VAL A 89 2.09 4.77 -1.31
N ILE A 90 2.53 3.97 -2.29
CA ILE A 90 1.73 3.48 -3.44
C ILE A 90 1.74 1.95 -3.58
N ALA A 91 0.64 1.42 -4.11
CA ALA A 91 0.44 0.00 -4.39
C ALA A 91 1.52 -0.60 -5.31
N GLY A 92 1.83 -1.88 -5.11
CA GLY A 92 2.81 -2.62 -5.91
C GLY A 92 4.27 -2.38 -5.54
N SER A 93 4.56 -1.48 -4.60
CA SER A 93 5.89 -1.28 -4.02
C SER A 93 6.16 -2.27 -2.86
N ILE A 94 7.44 -2.49 -2.53
CA ILE A 94 7.90 -3.56 -1.62
C ILE A 94 8.48 -3.01 -0.31
N ASN A 95 8.01 -3.47 0.85
CA ASN A 95 8.44 -3.02 2.18
C ASN A 95 9.55 -3.89 2.78
N GLN A 96 10.50 -3.31 3.53
CA GLN A 96 11.58 -4.02 4.22
C GLN A 96 12.14 -3.18 5.39
N ASN A 97 12.56 -3.83 6.48
CA ASN A 97 13.33 -3.28 7.61
C ASN A 97 12.80 -1.93 8.13
N GLY A 98 11.84 -1.97 9.06
CA GLY A 98 11.32 -0.75 9.69
C GLY A 98 9.81 -0.73 10.01
N SER A 99 9.04 -1.69 9.46
CA SER A 99 7.63 -2.07 9.71
C SER A 99 6.63 -0.92 9.95
N LEU A 100 5.75 -0.70 8.97
CA LEU A 100 4.86 0.47 8.91
C LEU A 100 3.39 0.15 9.24
N LEU A 101 2.62 1.19 9.60
CA LEU A 101 1.15 1.19 9.74
C LEU A 101 0.57 2.17 8.71
N ILE A 102 -0.30 1.70 7.81
CA ILE A 102 -0.89 2.51 6.75
C ILE A 102 -2.40 2.68 6.94
N CYS A 103 -2.90 3.92 6.96
CA CYS A 103 -4.34 4.19 6.91
C CYS A 103 -4.81 4.29 5.45
N ALA A 104 -5.76 3.44 5.06
CA ALA A 104 -6.24 3.35 3.68
C ALA A 104 -7.30 4.43 3.36
N THR A 105 -7.10 5.15 2.25
CA THR A 105 -8.01 6.20 1.74
C THR A 105 -8.61 5.90 0.36
N HIS A 106 -8.17 4.82 -0.29
CA HIS A 106 -8.70 4.26 -1.52
C HIS A 106 -8.75 2.73 -1.45
N VAL A 107 -9.73 2.11 -2.13
CA VAL A 107 -9.86 0.65 -2.27
C VAL A 107 -9.17 0.10 -3.53
N GLY A 108 -9.30 -1.19 -3.84
CA GLY A 108 -8.56 -1.86 -4.91
C GLY A 108 -8.93 -1.36 -6.31
N ALA A 109 -10.19 -0.97 -6.52
CA ALA A 109 -10.67 -0.24 -7.70
C ALA A 109 -10.29 1.26 -7.66
N ASP A 110 -10.61 1.95 -6.56
CA ASP A 110 -10.54 3.41 -6.38
C ASP A 110 -9.11 4.01 -6.28
N THR A 111 -8.10 3.14 -6.18
CA THR A 111 -6.67 3.46 -6.00
C THR A 111 -6.14 4.54 -6.94
N THR A 112 -5.18 5.33 -6.44
CA THR A 112 -4.41 6.28 -7.26
C THR A 112 -3.58 5.56 -8.34
N LEU A 113 -3.28 4.26 -8.17
CA LEU A 113 -2.69 3.39 -9.19
C LEU A 113 -3.58 3.28 -10.44
N SER A 114 -4.90 3.17 -10.24
CA SER A 114 -5.92 3.22 -11.30
C SER A 114 -6.10 4.64 -11.84
N GLN A 115 -5.83 5.67 -11.02
CA GLN A 115 -5.88 7.07 -11.48
C GLN A 115 -4.72 7.41 -12.45
N ILE A 116 -3.52 6.88 -12.16
CA ILE A 116 -2.30 7.05 -12.97
C ILE A 116 -2.47 6.50 -14.40
N VAL A 117 -3.06 5.31 -14.57
CA VAL A 117 -3.23 4.69 -15.91
C VAL A 117 -4.22 5.41 -16.85
N LYS A 118 -4.97 6.40 -16.34
CA LYS A 118 -5.72 7.37 -17.16
C LYS A 118 -4.80 8.42 -17.80
N LEU A 119 -3.80 8.87 -17.03
CA LEU A 119 -2.76 9.85 -17.39
C LEU A 119 -1.64 9.28 -18.28
N VAL A 120 -1.20 8.05 -17.98
CA VAL A 120 -0.12 7.34 -18.70
C VAL A 120 -0.57 6.88 -20.10
N GLU A 121 -1.87 6.73 -20.34
CA GLU A 121 -2.44 6.51 -21.66
C GLU A 121 -2.06 7.64 -22.63
N GLU A 122 -2.44 8.88 -22.32
CA GLU A 122 -2.06 10.06 -23.09
C GLU A 122 -0.55 10.41 -23.10
N ALA A 123 0.30 9.72 -22.34
CA ALA A 123 1.75 9.95 -22.35
C ALA A 123 2.42 9.49 -23.66
N GLN A 124 1.90 8.43 -24.28
CA GLN A 124 2.41 7.84 -25.53
C GLN A 124 2.13 8.66 -26.80
N SER A 6 5.06 1.24 -22.67
CA SER A 6 3.90 0.38 -23.00
C SER A 6 3.93 -1.00 -22.31
N GLU A 7 5.12 -1.51 -21.97
CA GLU A 7 5.27 -2.71 -21.13
C GLU A 7 5.00 -2.36 -19.66
N ALA A 8 5.41 -1.15 -19.24
CA ALA A 8 5.05 -0.58 -17.94
C ALA A 8 3.53 -0.49 -17.77
N LEU A 9 2.82 0.05 -18.77
CA LEU A 9 1.35 0.17 -18.78
C LEU A 9 0.62 -1.18 -18.53
N ALA A 10 1.21 -2.30 -18.98
CA ALA A 10 0.76 -3.65 -18.62
C ALA A 10 1.16 -4.06 -17.19
N LYS A 11 2.47 -3.98 -16.88
CA LYS A 11 3.07 -4.38 -15.59
C LYS A 11 2.40 -3.73 -14.38
N LEU A 12 2.00 -2.46 -14.49
CA LEU A 12 1.34 -1.71 -13.40
C LEU A 12 0.08 -2.41 -12.84
N ILE A 13 -0.74 -3.05 -13.69
CA ILE A 13 -1.88 -3.87 -13.24
C ILE A 13 -1.46 -5.23 -12.67
N SER A 14 -0.39 -5.83 -13.19
CA SER A 14 0.16 -7.09 -12.67
C SER A 14 0.82 -6.93 -11.29
N LEU A 15 1.28 -5.72 -10.97
CA LEU A 15 1.99 -5.32 -9.74
C LEU A 15 1.13 -5.34 -8.46
N GLN A 16 -0.19 -5.36 -8.60
CA GLN A 16 -1.15 -5.26 -7.50
C GLN A 16 -1.21 -6.54 -6.65
N ALA A 17 -1.33 -6.40 -5.32
CA ALA A 17 -1.32 -7.51 -4.36
C ALA A 17 -2.72 -8.10 -4.13
N THR A 18 -2.82 -9.28 -3.51
CA THR A 18 -4.10 -10.02 -3.35
C THR A 18 -4.79 -9.74 -2.02
N GLU A 19 -4.05 -9.68 -0.91
CA GLU A 19 -4.62 -9.57 0.45
C GLU A 19 -4.12 -8.39 1.28
N ALA A 20 -4.89 -8.00 2.30
CA ALA A 20 -4.55 -7.00 3.30
C ALA A 20 -4.97 -7.45 4.71
N THR A 21 -4.24 -7.00 5.74
CA THR A 21 -4.50 -7.32 7.15
C THR A 21 -5.09 -6.12 7.91
N ILE A 22 -6.38 -6.18 8.27
CA ILE A 22 -7.14 -5.13 8.97
C ILE A 22 -7.04 -5.35 10.48
N VAL A 23 -6.74 -4.29 11.25
CA VAL A 23 -6.66 -4.39 12.72
C VAL A 23 -7.64 -3.45 13.44
N THR A 24 -8.24 -3.97 14.51
CA THR A 24 -9.32 -3.36 15.29
C THR A 24 -8.98 -3.35 16.77
N LEU A 25 -9.28 -2.26 17.47
CA LEU A 25 -9.13 -2.14 18.93
C LEU A 25 -10.47 -2.49 19.61
N ASP A 26 -10.82 -3.79 19.62
CA ASP A 26 -12.12 -4.30 20.11
C ASP A 26 -12.35 -4.06 21.61
N SER A 27 -11.30 -3.68 22.34
CA SER A 27 -11.38 -3.16 23.71
C SER A 27 -10.26 -2.14 23.96
N ASP A 28 -10.63 -1.08 24.68
CA ASP A 28 -9.98 0.20 25.02
C ASP A 28 -8.48 0.38 24.68
N ASN A 29 -8.12 0.27 23.40
CA ASN A 29 -6.74 0.15 22.90
C ASN A 29 -5.97 -1.09 23.46
N ILE A 30 -6.53 -1.79 24.46
CA ILE A 30 -6.01 -2.95 25.22
C ILE A 30 -6.18 -4.31 24.55
N LEU A 31 -7.08 -4.45 23.58
CA LEU A 31 -7.31 -5.70 22.85
C LEU A 31 -7.17 -5.49 21.34
N LEU A 32 -6.23 -6.23 20.76
CA LEU A 32 -5.98 -6.25 19.32
C LEU A 32 -6.68 -7.46 18.69
N SER A 33 -7.49 -7.21 17.66
CA SER A 33 -8.14 -8.23 16.82
C SER A 33 -7.75 -7.99 15.37
N GLU A 34 -7.16 -8.98 14.71
CA GLU A 34 -6.55 -8.87 13.37
C GLU A 34 -7.30 -9.77 12.38
N GLU A 35 -7.50 -9.30 11.14
CA GLU A 35 -8.26 -9.99 10.09
C GLU A 35 -7.52 -9.93 8.75
N GLN A 36 -7.40 -11.04 8.03
CA GLN A 36 -6.89 -11.04 6.64
C GLN A 36 -8.06 -11.12 5.66
N VAL A 37 -8.02 -10.30 4.62
CA VAL A 37 -9.07 -10.20 3.58
C VAL A 37 -8.48 -10.05 2.18
N ASP A 38 -9.30 -10.29 1.16
CA ASP A 38 -8.98 -9.96 -0.23
C ASP A 38 -9.08 -8.43 -0.43
N VAL A 39 -8.24 -7.84 -1.29
CA VAL A 39 -8.11 -6.37 -1.49
C VAL A 39 -9.39 -5.68 -2.05
N GLU A 40 -10.44 -6.45 -2.32
CA GLU A 40 -11.79 -5.96 -2.62
C GLU A 40 -12.66 -5.64 -1.38
N LEU A 41 -12.28 -6.13 -0.21
CA LEU A 41 -13.11 -6.20 1.00
C LEU A 41 -12.68 -5.22 2.13
N VAL A 42 -11.52 -4.61 1.95
CA VAL A 42 -11.01 -3.49 2.76
C VAL A 42 -11.60 -2.17 2.24
N GLN A 43 -11.77 -1.18 3.12
CA GLN A 43 -12.21 0.18 2.75
C GLN A 43 -11.21 1.29 3.14
N ARG A 44 -11.34 2.45 2.49
CA ARG A 44 -10.50 3.66 2.70
C ARG A 44 -10.82 4.42 4.00
N GLY A 45 -10.93 3.69 5.10
CA GLY A 45 -11.33 4.19 6.41
C GLY A 45 -10.93 3.27 7.57
N ASP A 46 -9.92 2.41 7.39
CA ASP A 46 -9.35 1.51 8.41
C ASP A 46 -7.82 1.65 8.50
N ILE A 47 -7.22 0.99 9.50
CA ILE A 47 -5.77 0.90 9.74
C ILE A 47 -5.26 -0.51 9.41
N ILE A 48 -4.26 -0.58 8.52
CA ILE A 48 -3.76 -1.82 7.92
C ILE A 48 -2.29 -2.04 8.32
N LYS A 49 -1.97 -3.21 8.88
CA LYS A 49 -0.60 -3.54 9.34
C LYS A 49 0.23 -4.27 8.29
N VAL A 50 1.51 -3.93 8.18
CA VAL A 50 2.46 -4.51 7.22
C VAL A 50 3.70 -5.12 7.91
N VAL A 51 4.32 -6.11 7.28
CA VAL A 51 5.60 -6.74 7.69
C VAL A 51 6.68 -6.68 6.57
N PRO A 52 7.96 -6.93 6.87
CA PRO A 52 9.03 -6.96 5.85
C PRO A 52 8.78 -8.03 4.78
N GLY A 53 8.75 -7.62 3.52
CA GLY A 53 8.45 -8.44 2.34
C GLY A 53 6.96 -8.55 1.95
N GLY A 54 6.03 -8.14 2.82
CA GLY A 54 4.58 -8.33 2.64
C GLY A 54 3.89 -7.43 1.59
N LYS A 55 4.59 -6.44 1.03
CA LYS A 55 4.13 -5.43 0.05
C LYS A 55 2.99 -4.51 0.52
N PHE A 56 2.85 -3.35 -0.15
CA PHE A 56 1.76 -2.40 0.09
C PHE A 56 0.57 -2.67 -0.88
N PRO A 57 -0.64 -2.99 -0.39
CA PRO A 57 -1.80 -3.30 -1.25
C PRO A 57 -2.62 -2.07 -1.68
N VAL A 58 -2.41 -0.90 -1.05
CA VAL A 58 -3.19 0.35 -1.25
C VAL A 58 -2.27 1.58 -1.05
N ASP A 59 -2.72 2.78 -1.42
CA ASP A 59 -1.97 4.04 -1.20
C ASP A 59 -2.54 4.89 -0.04
N GLY A 60 -1.65 5.58 0.69
CA GLY A 60 -2.01 6.31 1.91
C GLY A 60 -0.81 6.77 2.75
N ARG A 61 -1.05 7.05 4.04
CA ARG A 61 -0.05 7.54 5.01
C ARG A 61 0.33 6.48 6.06
N VAL A 62 1.63 6.44 6.39
CA VAL A 62 2.25 5.66 7.47
C VAL A 62 2.33 6.58 8.70
N ILE A 63 1.92 6.11 9.88
CA ILE A 63 2.02 6.92 11.13
C ILE A 63 2.45 6.07 12.34
N GLU A 64 3.23 5.02 12.10
CA GLU A 64 3.92 4.22 13.12
C GLU A 64 4.95 3.31 12.43
N GLY A 65 6.15 3.20 13.01
CA GLY A 65 7.23 2.37 12.48
C GLY A 65 8.06 3.03 11.38
N HIS A 66 9.04 2.27 10.88
CA HIS A 66 10.04 2.69 9.90
C HIS A 66 10.34 1.58 8.89
N SER A 67 10.44 1.92 7.60
CA SER A 67 10.80 0.98 6.53
C SER A 67 11.57 1.61 5.38
N MET A 68 12.32 0.79 4.65
CA MET A 68 12.91 1.15 3.37
C MET A 68 12.10 0.44 2.28
N VAL A 69 11.76 1.20 1.22
CA VAL A 69 10.78 0.81 0.21
C VAL A 69 11.35 0.90 -1.21
N ASP A 70 11.01 -0.08 -2.05
CA ASP A 70 11.33 -0.13 -3.47
C ASP A 70 10.17 0.45 -4.30
N GLU A 71 10.30 1.69 -4.78
CA GLU A 71 9.30 2.43 -5.59
C GLU A 71 9.83 3.03 -6.91
N SER A 72 11.10 2.79 -7.27
CA SER A 72 11.75 3.25 -8.52
C SER A 72 10.95 2.99 -9.81
N LEU A 73 10.11 1.95 -9.86
CA LEU A 73 9.21 1.65 -10.97
C LEU A 73 7.96 2.54 -10.96
N ILE A 74 7.42 2.83 -9.78
CA ILE A 74 6.16 3.57 -9.54
C ILE A 74 6.34 5.07 -9.78
N THR A 75 7.21 5.72 -9.01
CA THR A 75 7.47 7.17 -9.02
C THR A 75 8.55 7.57 -10.02
N GLY A 76 9.29 6.58 -10.55
CA GLY A 76 10.32 6.77 -11.57
C GLY A 76 11.69 7.17 -11.02
N GLU A 77 11.92 6.92 -9.73
CA GLU A 77 13.19 7.13 -9.03
C GLU A 77 14.23 6.04 -9.40
N ALA A 78 15.36 5.93 -8.67
CA ALA A 78 16.48 5.05 -9.06
C ALA A 78 17.21 4.37 -7.87
N MET A 79 16.62 4.41 -6.67
CA MET A 79 17.19 3.91 -5.42
C MET A 79 16.09 3.62 -4.38
N PRO A 80 16.32 2.71 -3.42
CA PRO A 80 15.41 2.48 -2.29
C PRO A 80 15.18 3.74 -1.44
N VAL A 81 13.93 3.94 -0.98
CA VAL A 81 13.41 5.15 -0.33
C VAL A 81 13.04 4.90 1.14
N ALA A 82 13.38 5.82 2.04
CA ALA A 82 13.05 5.72 3.46
C ALA A 82 11.66 6.30 3.79
N LYS A 83 10.87 5.55 4.58
CA LYS A 83 9.52 5.88 5.07
C LYS A 83 9.45 5.69 6.58
N LYS A 84 8.74 6.59 7.27
CA LYS A 84 8.72 6.74 8.74
C LYS A 84 7.33 7.26 9.19
N PRO A 85 7.06 7.55 10.49
CA PRO A 85 5.73 8.03 10.88
C PRO A 85 5.49 9.45 10.36
N GLY A 86 4.32 9.67 9.76
CA GLY A 86 3.95 10.86 8.98
C GLY A 86 4.28 10.80 7.48
N SER A 87 4.71 9.64 6.95
CA SER A 87 5.23 9.51 5.56
C SER A 87 4.19 8.90 4.61
N THR A 88 4.23 9.20 3.31
CA THR A 88 3.25 8.69 2.33
C THR A 88 3.81 7.58 1.43
N VAL A 89 2.94 6.62 1.07
CA VAL A 89 3.28 5.39 0.34
C VAL A 89 2.26 5.07 -0.76
N ILE A 90 2.66 4.22 -1.70
CA ILE A 90 1.87 3.77 -2.87
C ILE A 90 1.81 2.25 -3.02
N ALA A 91 0.67 1.77 -3.53
CA ALA A 91 0.40 0.36 -3.77
C ALA A 91 1.39 -0.27 -4.77
N GLY A 92 1.65 -1.57 -4.62
CA GLY A 92 2.55 -2.34 -5.50
C GLY A 92 4.06 -2.11 -5.26
N SER A 93 4.42 -1.21 -4.34
CA SER A 93 5.80 -1.04 -3.87
C SER A 93 6.15 -2.07 -2.79
N ILE A 94 7.46 -2.33 -2.62
CA ILE A 94 7.96 -3.41 -1.76
C ILE A 94 8.60 -2.86 -0.49
N ASN A 95 8.12 -3.28 0.68
CA ASN A 95 8.78 -3.02 1.97
C ASN A 95 9.88 -4.08 2.19
N GLN A 96 11.11 -3.65 2.49
CA GLN A 96 12.23 -4.56 2.74
C GLN A 96 13.07 -4.19 3.97
N ASN A 97 12.43 -3.85 5.08
CA ASN A 97 13.13 -3.47 6.32
C ASN A 97 12.36 -3.59 7.65
N GLY A 98 11.06 -3.29 7.72
CA GLY A 98 10.37 -3.16 9.01
C GLY A 98 8.85 -3.36 9.01
N SER A 99 8.21 -3.17 10.17
CA SER A 99 6.76 -3.38 10.38
C SER A 99 6.05 -2.06 10.73
N LEU A 100 5.03 -1.69 9.95
CA LEU A 100 4.36 -0.38 10.02
C LEU A 100 2.83 -0.48 10.18
N LEU A 101 2.21 0.65 10.55
CA LEU A 101 0.76 0.87 10.52
C LEU A 101 0.44 1.93 9.44
N ILE A 102 -0.41 1.58 8.48
CA ILE A 102 -0.84 2.47 7.37
C ILE A 102 -2.34 2.76 7.44
N CYS A 103 -2.74 4.03 7.37
CA CYS A 103 -4.14 4.41 7.19
C CYS A 103 -4.50 4.43 5.71
N ALA A 104 -5.47 3.61 5.28
CA ALA A 104 -5.83 3.49 3.87
C ALA A 104 -6.69 4.68 3.41
N THR A 105 -6.32 5.30 2.28
CA THR A 105 -7.04 6.47 1.74
C THR A 105 -7.70 6.22 0.37
N HIS A 106 -7.37 5.11 -0.27
CA HIS A 106 -8.05 4.59 -1.47
C HIS A 106 -8.12 3.06 -1.39
N VAL A 107 -9.22 2.47 -1.86
CA VAL A 107 -9.30 1.02 -2.11
C VAL A 107 -8.52 0.73 -3.40
N GLY A 108 -8.06 -0.50 -3.66
CA GLY A 108 -7.09 -0.77 -4.74
C GLY A 108 -7.50 -0.27 -6.13
N ALA A 109 -8.78 -0.42 -6.49
CA ALA A 109 -9.32 0.11 -7.75
C ALA A 109 -9.34 1.66 -7.82
N ASP A 110 -9.58 2.31 -6.67
CA ASP A 110 -9.58 3.76 -6.44
C ASP A 110 -8.17 4.41 -6.31
N THR A 111 -7.09 3.61 -6.20
CA THR A 111 -5.72 4.11 -5.96
C THR A 111 -5.16 4.93 -7.11
N THR A 112 -4.19 5.81 -6.81
CA THR A 112 -3.43 6.54 -7.84
C THR A 112 -2.73 5.60 -8.83
N LEU A 113 -2.27 4.43 -8.37
CA LEU A 113 -1.70 3.35 -9.20
C LEU A 113 -2.68 2.90 -10.31
N SER A 114 -3.92 2.62 -9.92
CA SER A 114 -5.01 2.19 -10.81
C SER A 114 -5.56 3.33 -11.69
N GLN A 115 -5.40 4.58 -11.28
CA GLN A 115 -5.73 5.77 -12.08
C GLN A 115 -4.74 5.97 -13.24
N ILE A 116 -3.43 5.89 -12.97
CA ILE A 116 -2.37 6.27 -13.94
C ILE A 116 -2.54 5.56 -15.28
N VAL A 117 -2.68 4.23 -15.28
CA VAL A 117 -2.79 3.45 -16.53
C VAL A 117 -4.10 3.66 -17.27
N LYS A 118 -5.18 4.06 -16.58
CA LYS A 118 -6.44 4.46 -17.22
C LYS A 118 -6.36 5.85 -17.85
N LEU A 119 -5.61 6.77 -17.24
CA LEU A 119 -5.36 8.13 -17.75
C LEU A 119 -4.47 8.11 -19.01
N VAL A 120 -3.37 7.34 -18.99
CA VAL A 120 -2.49 7.21 -20.17
C VAL A 120 -3.26 6.64 -21.38
N GLU A 121 -4.09 5.62 -21.19
CA GLU A 121 -4.93 5.06 -22.27
C GLU A 121 -6.02 6.04 -22.77
N GLU A 122 -6.52 6.95 -21.92
CA GLU A 122 -7.39 8.06 -22.33
C GLU A 122 -6.64 9.19 -23.07
N ALA A 123 -5.37 9.41 -22.75
CA ALA A 123 -4.55 10.46 -23.35
C ALA A 123 -4.18 10.14 -24.81
N GLN A 124 -3.97 8.86 -25.16
CA GLN A 124 -3.74 8.34 -26.53
C GLN A 124 -4.99 8.39 -27.41
N SER A 6 3.33 -0.61 -24.68
CA SER A 6 2.00 -1.21 -24.78
C SER A 6 1.79 -2.33 -23.75
N GLU A 7 2.83 -3.11 -23.46
CA GLU A 7 2.78 -4.18 -22.45
C GLU A 7 2.99 -3.64 -21.03
N ALA A 8 3.76 -2.56 -20.88
CA ALA A 8 3.92 -1.85 -19.61
C ALA A 8 2.59 -1.31 -19.05
N LEU A 9 1.62 -0.97 -19.93
CA LEU A 9 0.32 -0.42 -19.52
C LEU A 9 -0.53 -1.42 -18.71
N ALA A 10 -0.37 -2.72 -18.94
CA ALA A 10 -0.95 -3.77 -18.10
C ALA A 10 -0.18 -3.99 -16.77
N LYS A 11 1.14 -3.69 -16.73
CA LYS A 11 2.06 -4.09 -15.66
C LYS A 11 1.76 -3.41 -14.33
N LEU A 12 1.46 -2.10 -14.35
CA LEU A 12 1.09 -1.29 -13.17
C LEU A 12 -0.02 -1.95 -12.34
N ILE A 13 -1.05 -2.52 -12.99
CA ILE A 13 -2.15 -3.24 -12.34
C ILE A 13 -1.70 -4.63 -11.81
N SER A 14 -0.80 -5.32 -12.51
CA SER A 14 -0.32 -6.65 -12.14
C SER A 14 0.58 -6.65 -10.90
N LEU A 15 1.29 -5.55 -10.61
CA LEU A 15 2.05 -5.41 -9.36
C LEU A 15 1.17 -5.35 -8.11
N GLN A 16 -0.10 -4.91 -8.22
CA GLN A 16 -0.96 -4.69 -7.06
C GLN A 16 -1.21 -5.98 -6.26
N ALA A 17 -1.03 -5.89 -4.94
CA ALA A 17 -1.00 -7.03 -4.02
C ALA A 17 -2.33 -7.79 -3.92
N THR A 18 -2.25 -9.05 -3.47
CA THR A 18 -3.39 -9.96 -3.33
C THR A 18 -4.10 -9.81 -1.98
N GLU A 19 -3.38 -9.42 -0.93
CA GLU A 19 -3.87 -9.46 0.47
C GLU A 19 -3.43 -8.29 1.36
N ALA A 20 -4.17 -8.12 2.47
CA ALA A 20 -3.94 -7.12 3.52
C ALA A 20 -4.24 -7.71 4.92
N THR A 21 -3.73 -7.04 5.96
CA THR A 21 -3.99 -7.37 7.39
C THR A 21 -4.61 -6.20 8.15
N ILE A 22 -5.93 -6.26 8.44
CA ILE A 22 -6.69 -5.19 9.13
C ILE A 22 -6.52 -5.29 10.65
N VAL A 23 -6.26 -4.19 11.35
CA VAL A 23 -5.94 -4.21 12.80
C VAL A 23 -6.81 -3.30 13.68
N THR A 24 -7.09 -3.77 14.90
CA THR A 24 -7.91 -3.07 15.92
C THR A 24 -7.33 -3.25 17.32
N LEU A 25 -7.24 -2.19 18.14
CA LEU A 25 -6.90 -2.30 19.56
C LEU A 25 -8.15 -2.66 20.37
N ASP A 26 -8.41 -3.97 20.47
CA ASP A 26 -9.60 -4.54 21.14
C ASP A 26 -9.50 -4.47 22.68
N SER A 27 -8.30 -4.29 23.23
CA SER A 27 -8.05 -3.93 24.64
C SER A 27 -6.78 -3.07 24.71
N ASP A 28 -6.84 -1.95 25.44
CA ASP A 28 -5.93 -0.78 25.52
C ASP A 28 -4.43 -1.03 25.32
N ASN A 29 -4.03 -1.25 24.06
CA ASN A 29 -2.72 -1.70 23.59
C ASN A 29 -2.29 -3.09 24.13
N ILE A 30 -2.83 -3.54 25.27
CA ILE A 30 -2.58 -4.80 25.97
C ILE A 30 -3.00 -6.07 25.23
N LEU A 31 -3.86 -5.95 24.20
CA LEU A 31 -4.34 -7.05 23.37
C LEU A 31 -3.89 -6.84 21.91
N LEU A 32 -4.63 -5.99 21.20
CA LEU A 32 -4.58 -5.76 19.76
C LEU A 32 -4.94 -7.05 18.95
N SER A 33 -5.77 -6.89 17.93
CA SER A 33 -6.34 -7.97 17.12
C SER A 33 -6.07 -7.75 15.63
N GLU A 34 -5.82 -8.82 14.88
CA GLU A 34 -5.45 -8.77 13.45
C GLU A 34 -6.37 -9.69 12.61
N GLU A 35 -6.90 -9.20 11.49
CA GLU A 35 -7.63 -10.01 10.48
C GLU A 35 -6.79 -10.15 9.21
N GLN A 36 -6.64 -11.35 8.63
CA GLN A 36 -5.95 -11.56 7.35
C GLN A 36 -6.98 -11.74 6.21
N VAL A 37 -6.99 -10.79 5.27
CA VAL A 37 -8.02 -10.63 4.23
C VAL A 37 -7.44 -10.47 2.81
N ASP A 38 -8.26 -10.75 1.80
CA ASP A 38 -7.98 -10.44 0.38
C ASP A 38 -8.20 -8.94 0.09
N VAL A 39 -7.53 -8.40 -0.93
CA VAL A 39 -7.58 -6.96 -1.29
C VAL A 39 -9.00 -6.44 -1.61
N GLU A 40 -9.94 -7.32 -1.96
CA GLU A 40 -11.34 -6.96 -2.18
C GLU A 40 -12.12 -6.67 -0.88
N LEU A 41 -11.58 -7.05 0.28
CA LEU A 41 -12.25 -7.02 1.59
C LEU A 41 -11.87 -5.81 2.47
N VAL A 42 -10.98 -4.94 1.99
CA VAL A 42 -10.59 -3.66 2.63
C VAL A 42 -11.34 -2.47 2.01
N GLN A 43 -11.66 -1.46 2.82
CA GLN A 43 -12.29 -0.17 2.40
C GLN A 43 -11.42 1.05 2.74
N ARG A 44 -11.74 2.21 2.16
CA ARG A 44 -11.01 3.50 2.32
C ARG A 44 -11.10 4.18 3.70
N GLY A 45 -11.32 3.39 4.76
CA GLY A 45 -11.40 3.79 6.15
C GLY A 45 -10.82 2.77 7.15
N ASP A 46 -10.05 1.78 6.68
CA ASP A 46 -9.38 0.77 7.52
C ASP A 46 -7.89 1.10 7.80
N ILE A 47 -7.29 0.46 8.81
CA ILE A 47 -5.86 0.57 9.15
C ILE A 47 -5.19 -0.81 9.02
N ILE A 48 -4.06 -0.88 8.32
CA ILE A 48 -3.38 -2.11 7.89
C ILE A 48 -1.94 -2.21 8.43
N LYS A 49 -1.56 -3.35 9.01
CA LYS A 49 -0.15 -3.65 9.37
C LYS A 49 0.57 -4.43 8.27
N VAL A 50 1.71 -3.92 7.79
CA VAL A 50 2.50 -4.51 6.69
C VAL A 50 3.64 -5.38 7.19
N VAL A 51 3.85 -6.55 6.57
CA VAL A 51 4.91 -7.53 6.95
C VAL A 51 6.26 -7.25 6.29
N PRO A 52 7.39 -7.75 6.83
CA PRO A 52 8.69 -7.72 6.15
C PRO A 52 8.64 -8.56 4.84
N GLY A 53 9.04 -7.95 3.72
CA GLY A 53 8.89 -8.48 2.36
C GLY A 53 7.50 -8.25 1.73
N GLY A 54 6.55 -7.70 2.47
CA GLY A 54 5.16 -7.50 2.05
C GLY A 54 4.98 -6.43 0.97
N LYS A 55 3.85 -6.50 0.25
CA LYS A 55 3.51 -5.58 -0.85
C LYS A 55 2.29 -4.72 -0.49
N PHE A 56 2.32 -3.45 -0.89
CA PHE A 56 1.23 -2.51 -0.62
C PHE A 56 0.00 -2.76 -1.53
N PRO A 57 -1.22 -2.86 -0.98
CA PRO A 57 -2.43 -3.19 -1.75
C PRO A 57 -3.19 -1.97 -2.31
N VAL A 58 -3.01 -0.78 -1.73
CA VAL A 58 -3.65 0.51 -2.11
C VAL A 58 -2.68 1.66 -1.75
N ASP A 59 -2.93 2.88 -2.24
CA ASP A 59 -2.16 4.08 -1.84
C ASP A 59 -2.75 4.75 -0.58
N GLY A 60 -1.88 5.23 0.31
CA GLY A 60 -2.30 5.78 1.62
C GLY A 60 -1.15 6.28 2.50
N ARG A 61 -1.47 6.66 3.74
CA ARG A 61 -0.56 7.36 4.67
C ARG A 61 -0.12 6.49 5.86
N VAL A 62 1.13 6.67 6.29
CA VAL A 62 1.86 5.87 7.30
C VAL A 62 1.85 6.60 8.63
N ILE A 63 1.46 5.92 9.72
CA ILE A 63 1.23 6.55 11.03
C ILE A 63 1.68 5.68 12.24
N GLU A 64 2.69 4.84 12.07
CA GLU A 64 3.44 4.12 13.13
C GLU A 64 4.69 3.47 12.52
N GLY A 65 5.81 3.43 13.26
CA GLY A 65 7.00 2.65 12.88
C GLY A 65 7.98 3.35 11.94
N HIS A 66 8.97 2.62 11.44
CA HIS A 66 9.93 3.12 10.44
C HIS A 66 10.54 1.98 9.60
N SER A 67 10.36 2.05 8.28
CA SER A 67 10.74 0.99 7.33
C SER A 67 11.27 1.54 6.01
N MET A 68 11.85 0.68 5.16
CA MET A 68 12.37 1.06 3.84
C MET A 68 11.59 0.38 2.70
N VAL A 69 11.28 1.16 1.65
CA VAL A 69 10.41 0.80 0.53
C VAL A 69 11.14 0.94 -0.82
N ASP A 70 10.87 0.02 -1.74
CA ASP A 70 11.37 0.04 -3.12
C ASP A 70 10.32 0.63 -4.08
N GLU A 71 10.60 1.79 -4.70
CA GLU A 71 9.67 2.53 -5.57
C GLU A 71 10.13 2.62 -7.06
N SER A 72 11.11 1.81 -7.47
CA SER A 72 11.81 1.91 -8.76
C SER A 72 11.02 1.61 -10.05
N LEU A 73 9.75 1.21 -9.95
CA LEU A 73 8.81 1.03 -11.07
C LEU A 73 7.69 2.08 -10.99
N ILE A 74 7.18 2.34 -9.79
CA ILE A 74 6.04 3.23 -9.54
C ILE A 74 6.45 4.72 -9.65
N THR A 75 7.41 5.16 -8.84
CA THR A 75 7.94 6.55 -8.86
C THR A 75 9.28 6.66 -9.58
N GLY A 76 9.94 5.54 -9.88
CA GLY A 76 11.18 5.48 -10.67
C GLY A 76 12.43 6.01 -9.96
N GLU A 77 12.40 6.16 -8.63
CA GLU A 77 13.52 6.73 -7.87
C GLU A 77 14.85 6.00 -8.09
N ALA A 78 14.82 4.66 -8.20
CA ALA A 78 16.00 3.80 -8.44
C ALA A 78 17.06 3.84 -7.31
N MET A 79 16.62 4.28 -6.14
CA MET A 79 17.25 4.24 -4.83
C MET A 79 16.09 4.10 -3.82
N PRO A 80 16.17 3.22 -2.81
CA PRO A 80 15.04 2.95 -1.91
C PRO A 80 14.71 4.16 -1.01
N VAL A 81 13.49 4.16 -0.44
CA VAL A 81 12.89 5.30 0.27
C VAL A 81 12.46 4.89 1.69
N ALA A 82 12.99 5.57 2.72
CA ALA A 82 12.59 5.37 4.11
C ALA A 82 11.26 6.08 4.45
N LYS A 83 10.48 5.45 5.33
CA LYS A 83 9.14 5.87 5.80
C LYS A 83 9.09 5.99 7.33
N LYS A 84 8.11 6.74 7.84
CA LYS A 84 7.94 7.10 9.26
C LYS A 84 6.46 7.47 9.55
N PRO A 85 6.02 7.72 10.81
CA PRO A 85 4.72 8.35 11.04
C PRO A 85 4.70 9.74 10.37
N GLY A 86 3.65 10.02 9.58
CA GLY A 86 3.59 11.18 8.70
C GLY A 86 4.37 10.99 7.39
N SER A 87 4.26 9.82 6.77
CA SER A 87 4.86 9.48 5.46
C SER A 87 3.82 8.84 4.52
N THR A 88 4.08 8.70 3.22
CA THR A 88 3.10 8.20 2.22
C THR A 88 3.63 6.99 1.43
N VAL A 89 2.72 6.11 0.99
CA VAL A 89 3.02 4.92 0.15
C VAL A 89 2.04 4.77 -1.01
N ILE A 90 2.43 3.96 -1.99
CA ILE A 90 1.69 3.59 -3.21
C ILE A 90 1.61 2.08 -3.36
N ALA A 91 0.54 1.59 -4.00
CA ALA A 91 0.32 0.17 -4.22
C ALA A 91 1.35 -0.45 -5.18
N GLY A 92 1.63 -1.75 -5.00
CA GLY A 92 2.58 -2.50 -5.83
C GLY A 92 4.06 -2.28 -5.49
N SER A 93 4.40 -1.37 -4.58
CA SER A 93 5.75 -1.24 -4.03
C SER A 93 5.98 -2.21 -2.86
N ILE A 94 7.25 -2.53 -2.60
CA ILE A 94 7.67 -3.60 -1.68
C ILE A 94 8.29 -3.03 -0.40
N ASN A 95 7.86 -3.50 0.77
CA ASN A 95 8.36 -3.11 2.09
C ASN A 95 9.40 -4.10 2.61
N GLN A 96 10.56 -3.62 3.10
CA GLN A 96 11.70 -4.48 3.44
C GLN A 96 11.60 -5.09 4.86
N ASN A 97 11.82 -4.26 5.89
CA ASN A 97 11.76 -4.59 7.32
C ASN A 97 11.51 -3.28 8.08
N GLY A 98 10.73 -3.26 9.16
CA GLY A 98 10.44 -2.04 9.93
C GLY A 98 8.99 -1.81 10.38
N SER A 99 8.11 -2.82 10.25
CA SER A 99 6.74 -2.94 10.81
C SER A 99 5.93 -1.64 10.95
N LEU A 100 5.27 -1.23 9.87
CA LEU A 100 4.50 0.01 9.77
C LEU A 100 2.97 -0.21 9.86
N LEU A 101 2.25 0.85 10.27
CA LEU A 101 0.80 0.94 10.16
C LEU A 101 0.40 1.95 9.10
N ILE A 102 -0.41 1.50 8.13
CA ILE A 102 -0.86 2.28 6.97
C ILE A 102 -2.38 2.49 7.06
N CYS A 103 -2.86 3.73 7.03
CA CYS A 103 -4.29 4.01 6.86
C CYS A 103 -4.66 3.94 5.38
N ALA A 104 -5.59 3.04 5.02
CA ALA A 104 -6.11 2.94 3.67
C ALA A 104 -7.16 4.03 3.45
N THR A 105 -6.89 4.96 2.53
CA THR A 105 -7.73 6.13 2.25
C THR A 105 -8.25 6.19 0.81
N HIS A 106 -8.00 5.12 0.03
CA HIS A 106 -8.49 4.92 -1.34
C HIS A 106 -8.71 3.42 -1.60
N VAL A 107 -9.72 3.05 -2.39
CA VAL A 107 -9.83 1.68 -2.96
C VAL A 107 -8.97 1.62 -4.24
N GLY A 108 -8.58 0.43 -4.70
CA GLY A 108 -7.57 0.28 -5.77
C GLY A 108 -7.90 1.00 -7.07
N ALA A 109 -9.17 1.01 -7.49
CA ALA A 109 -9.63 1.77 -8.66
C ALA A 109 -9.48 3.29 -8.47
N ASP A 110 -9.72 3.81 -7.26
CA ASP A 110 -9.60 5.23 -6.90
C ASP A 110 -8.16 5.73 -6.66
N THR A 111 -7.17 4.83 -6.63
CA THR A 111 -5.76 5.17 -6.38
C THR A 111 -5.15 6.04 -7.48
N THR A 112 -4.06 6.75 -7.13
CA THR A 112 -3.22 7.46 -8.11
C THR A 112 -2.52 6.50 -9.08
N LEU A 113 -2.22 5.27 -8.64
CA LEU A 113 -1.72 4.18 -9.49
C LEU A 113 -2.70 3.83 -10.63
N SER A 114 -3.99 3.69 -10.30
CA SER A 114 -5.04 3.52 -11.31
C SER A 114 -5.27 4.78 -12.16
N GLN A 115 -4.90 5.98 -11.69
CA GLN A 115 -4.89 7.17 -12.54
C GLN A 115 -3.75 7.13 -13.57
N ILE A 116 -2.54 6.68 -13.22
CA ILE A 116 -1.39 6.63 -14.15
C ILE A 116 -1.75 5.85 -15.42
N VAL A 117 -2.30 4.63 -15.28
CA VAL A 117 -2.76 3.86 -16.45
C VAL A 117 -3.92 4.53 -17.20
N LYS A 118 -4.81 5.26 -16.51
CA LYS A 118 -5.91 6.01 -17.16
C LYS A 118 -5.41 7.24 -17.93
N LEU A 119 -4.40 7.94 -17.42
CA LEU A 119 -3.74 9.11 -18.03
C LEU A 119 -3.12 8.71 -19.38
N VAL A 120 -2.39 7.60 -19.39
CA VAL A 120 -1.80 7.05 -20.62
C VAL A 120 -2.90 6.48 -21.55
N GLU A 121 -3.87 5.73 -21.02
CA GLU A 121 -5.01 5.20 -21.80
C GLU A 121 -5.85 6.31 -22.47
N GLU A 122 -5.96 7.50 -21.87
CA GLU A 122 -6.64 8.67 -22.44
C GLU A 122 -5.87 9.32 -23.60
N ALA A 123 -4.54 9.13 -23.65
CA ALA A 123 -3.70 9.69 -24.70
C ALA A 123 -3.99 9.00 -26.05
N GLN A 124 -4.20 7.67 -26.03
CA GLN A 124 -4.69 6.85 -27.14
C GLN A 124 -6.16 7.16 -27.50
N SER A 6 3.51 -1.46 -24.66
CA SER A 6 2.12 -1.87 -24.43
C SER A 6 1.95 -2.83 -23.25
N GLU A 7 2.97 -3.61 -22.88
CA GLU A 7 2.94 -4.42 -21.65
C GLU A 7 3.16 -3.60 -20.38
N ALA A 8 3.85 -2.46 -20.47
CA ALA A 8 3.96 -1.49 -19.39
C ALA A 8 2.58 -0.94 -18.93
N LEU A 9 1.60 -0.86 -19.84
CA LEU A 9 0.20 -0.51 -19.54
C LEU A 9 -0.53 -1.65 -18.79
N ALA A 10 -0.19 -2.91 -19.07
CA ALA A 10 -0.67 -4.06 -18.32
C ALA A 10 0.01 -4.21 -16.95
N LYS A 11 1.28 -3.79 -16.80
CA LYS A 11 2.05 -3.98 -15.56
C LYS A 11 1.34 -3.37 -14.35
N LEU A 12 0.75 -2.18 -14.47
CA LEU A 12 -0.01 -1.53 -13.39
C LEU A 12 -1.18 -2.39 -12.85
N ILE A 13 -1.78 -3.24 -13.70
CA ILE A 13 -2.79 -4.24 -13.30
C ILE A 13 -2.17 -5.45 -12.58
N SER A 14 -1.08 -5.99 -13.11
CA SER A 14 -0.36 -7.15 -12.55
C SER A 14 0.48 -6.80 -11.30
N LEU A 15 0.73 -5.51 -11.08
CA LEU A 15 1.33 -4.89 -9.89
C LEU A 15 0.37 -4.87 -8.68
N GLN A 16 -0.95 -4.92 -8.91
CA GLN A 16 -1.97 -4.77 -7.87
C GLN A 16 -2.17 -6.04 -7.02
N ALA A 17 -2.53 -5.84 -5.76
CA ALA A 17 -2.62 -6.87 -4.73
C ALA A 17 -3.84 -7.80 -4.85
N THR A 18 -3.78 -8.94 -4.15
CA THR A 18 -4.88 -9.91 -4.01
C THR A 18 -5.47 -9.93 -2.60
N GLU A 19 -4.64 -9.80 -1.56
CA GLU A 19 -5.02 -9.90 -0.14
C GLU A 19 -4.40 -8.79 0.74
N ALA A 20 -5.05 -8.46 1.86
CA ALA A 20 -4.61 -7.44 2.84
C ALA A 20 -4.86 -7.86 4.30
N THR A 21 -4.19 -7.20 5.26
CA THR A 21 -4.26 -7.49 6.71
C THR A 21 -4.81 -6.31 7.52
N ILE A 22 -6.08 -6.37 7.93
CA ILE A 22 -6.76 -5.33 8.71
C ILE A 22 -6.45 -5.47 10.20
N VAL A 23 -6.13 -4.38 10.89
CA VAL A 23 -5.90 -4.35 12.34
C VAL A 23 -7.08 -3.69 13.06
N THR A 24 -7.43 -4.24 14.22
CA THR A 24 -8.66 -3.95 14.99
C THR A 24 -8.30 -3.74 16.46
N LEU A 25 -8.92 -2.75 17.13
CA LEU A 25 -8.69 -2.47 18.56
C LEU A 25 -9.83 -3.06 19.40
N ASP A 26 -9.52 -3.89 20.40
CA ASP A 26 -10.53 -4.73 21.10
C ASP A 26 -10.74 -4.48 22.62
N SER A 27 -10.13 -3.45 23.23
CA SER A 27 -10.35 -3.12 24.67
C SER A 27 -10.56 -1.62 24.92
N ASP A 28 -9.48 -0.84 24.82
CA ASP A 28 -9.43 0.63 24.90
C ASP A 28 -8.07 1.06 24.32
N ASN A 29 -7.86 0.79 23.03
CA ASN A 29 -6.59 0.89 22.25
C ASN A 29 -5.35 0.12 22.78
N ILE A 30 -5.39 -0.43 24.00
CA ILE A 30 -4.33 -1.27 24.59
C ILE A 30 -4.28 -2.73 24.07
N LEU A 31 -5.22 -3.12 23.20
CA LEU A 31 -5.37 -4.47 22.65
C LEU A 31 -5.51 -4.45 21.13
N LEU A 32 -4.58 -5.12 20.44
CA LEU A 32 -4.50 -5.23 18.97
C LEU A 32 -4.81 -6.67 18.48
N SER A 33 -5.71 -6.81 17.52
CA SER A 33 -6.15 -8.08 16.90
C SER A 33 -6.31 -7.91 15.38
N GLU A 34 -5.91 -8.88 14.56
CA GLU A 34 -5.84 -8.72 13.10
C GLU A 34 -6.67 -9.75 12.28
N GLU A 35 -7.16 -9.30 11.13
CA GLU A 35 -7.97 -10.06 10.16
C GLU A 35 -7.28 -10.10 8.79
N GLN A 36 -7.42 -11.18 8.01
CA GLN A 36 -6.92 -11.22 6.61
C GLN A 36 -8.08 -11.27 5.62
N VAL A 37 -8.03 -10.42 4.59
CA VAL A 37 -9.13 -10.20 3.64
C VAL A 37 -8.67 -10.15 2.18
N ASP A 38 -9.62 -10.34 1.26
CA ASP A 38 -9.41 -10.09 -0.16
C ASP A 38 -9.47 -8.57 -0.43
N VAL A 39 -8.72 -8.09 -1.44
CA VAL A 39 -8.61 -6.64 -1.75
C VAL A 39 -9.95 -5.96 -2.05
N GLU A 40 -10.96 -6.71 -2.50
CA GLU A 40 -12.33 -6.23 -2.70
C GLU A 40 -13.04 -5.81 -1.40
N LEU A 41 -12.60 -6.32 -0.24
CA LEU A 41 -13.27 -6.23 1.07
C LEU A 41 -12.67 -5.20 2.04
N VAL A 42 -11.52 -4.60 1.69
CA VAL A 42 -10.90 -3.50 2.46
C VAL A 42 -11.44 -2.14 1.98
N GLN A 43 -11.67 -1.22 2.92
CA GLN A 43 -12.28 0.09 2.71
C GLN A 43 -11.35 1.22 3.15
N ARG A 44 -11.65 2.46 2.74
CA ARG A 44 -10.81 3.65 3.00
C ARG A 44 -10.84 4.21 4.43
N GLY A 45 -11.42 3.45 5.36
CA GLY A 45 -11.39 3.66 6.81
C GLY A 45 -10.70 2.54 7.60
N ASP A 46 -10.08 1.54 6.95
CA ASP A 46 -9.32 0.46 7.61
C ASP A 46 -7.83 0.84 7.85
N ILE A 47 -7.23 0.26 8.89
CA ILE A 47 -5.80 0.40 9.26
C ILE A 47 -5.06 -0.93 9.02
N ILE A 48 -3.93 -0.90 8.30
CA ILE A 48 -3.24 -2.09 7.78
C ILE A 48 -1.81 -2.24 8.31
N LYS A 49 -1.44 -3.40 8.87
CA LYS A 49 -0.03 -3.73 9.23
C LYS A 49 0.74 -4.36 8.07
N VAL A 50 1.84 -3.72 7.67
CA VAL A 50 2.76 -4.19 6.62
C VAL A 50 4.05 -4.76 7.21
N VAL A 51 4.50 -5.92 6.72
CA VAL A 51 5.66 -6.67 7.26
C VAL A 51 6.96 -6.42 6.48
N PRO A 52 8.15 -6.76 7.02
CA PRO A 52 9.39 -6.79 6.25
C PRO A 52 9.29 -7.79 5.08
N GLY A 53 9.73 -7.36 3.91
CA GLY A 53 9.57 -8.02 2.60
C GLY A 53 8.19 -7.82 1.94
N GLY A 54 7.23 -7.23 2.64
CA GLY A 54 5.86 -7.03 2.15
C GLY A 54 5.74 -5.96 1.06
N LYS A 55 4.62 -5.99 0.32
CA LYS A 55 4.26 -4.99 -0.71
C LYS A 55 3.03 -4.20 -0.30
N PHE A 56 3.02 -2.90 -0.57
CA PHE A 56 1.91 -2.00 -0.21
C PHE A 56 0.67 -2.26 -1.09
N PRO A 57 -0.52 -2.57 -0.53
CA PRO A 57 -1.72 -2.93 -1.31
C PRO A 57 -2.52 -1.76 -1.89
N VAL A 58 -2.45 -0.55 -1.30
CA VAL A 58 -3.20 0.66 -1.69
C VAL A 58 -2.43 1.91 -1.21
N ASP A 59 -2.58 3.06 -1.86
CA ASP A 59 -1.80 4.26 -1.50
C ASP A 59 -2.39 5.03 -0.29
N GLY A 60 -1.51 5.50 0.60
CA GLY A 60 -1.90 6.11 1.88
C GLY A 60 -0.72 6.57 2.75
N ARG A 61 -0.95 6.69 4.06
CA ARG A 61 -0.04 7.30 5.04
C ARG A 61 0.40 6.33 6.15
N VAL A 62 1.64 6.50 6.61
CA VAL A 62 2.35 5.69 7.63
C VAL A 62 2.28 6.41 8.97
N ILE A 63 1.89 5.72 10.05
CA ILE A 63 1.76 6.34 11.40
C ILE A 63 2.19 5.42 12.56
N GLU A 64 3.17 4.55 12.32
CA GLU A 64 3.87 3.76 13.36
C GLU A 64 5.13 3.10 12.76
N GLY A 65 6.25 3.07 13.49
CA GLY A 65 7.42 2.26 13.16
C GLY A 65 8.45 2.88 12.21
N HIS A 66 9.34 2.03 11.70
CA HIS A 66 10.42 2.41 10.78
C HIS A 66 10.70 1.31 9.74
N SER A 67 10.80 1.67 8.46
CA SER A 67 11.28 0.77 7.39
C SER A 67 12.00 1.54 6.26
N MET A 68 12.46 0.80 5.25
CA MET A 68 13.03 1.27 3.99
C MET A 68 12.24 0.73 2.80
N VAL A 69 11.92 1.59 1.81
CA VAL A 69 10.99 1.29 0.71
C VAL A 69 11.60 1.53 -0.67
N ASP A 70 11.25 0.66 -1.63
CA ASP A 70 11.67 0.77 -3.03
C ASP A 70 10.51 1.16 -3.97
N GLU A 71 10.52 2.41 -4.44
CA GLU A 71 9.45 3.07 -5.22
C GLU A 71 9.73 3.13 -6.74
N SER A 72 10.45 2.14 -7.27
CA SER A 72 11.01 2.11 -8.63
C SER A 72 10.09 2.47 -9.81
N LEU A 73 8.77 2.22 -9.69
CA LEU A 73 7.78 2.44 -10.74
C LEU A 73 6.98 3.73 -10.47
N ILE A 74 6.36 3.83 -9.30
CA ILE A 74 5.36 4.89 -9.03
C ILE A 74 5.96 6.29 -8.98
N THR A 75 7.02 6.50 -8.18
CA THR A 75 7.76 7.78 -8.09
C THR A 75 8.99 7.80 -9.00
N GLY A 76 9.50 6.64 -9.41
CA GLY A 76 10.54 6.47 -10.41
C GLY A 76 11.99 6.56 -9.89
N GLU A 77 12.16 6.68 -8.56
CA GLU A 77 13.45 6.99 -7.91
C GLU A 77 14.57 5.99 -8.22
N ALA A 78 14.30 4.68 -8.10
CA ALA A 78 15.24 3.57 -8.32
C ALA A 78 16.39 3.55 -7.30
N MET A 79 16.08 4.03 -6.10
CA MET A 79 16.95 4.07 -4.92
C MET A 79 16.08 3.95 -3.64
N PRO A 80 16.63 3.47 -2.51
CA PRO A 80 15.90 3.30 -1.25
C PRO A 80 15.38 4.61 -0.63
N VAL A 81 14.11 4.59 -0.20
CA VAL A 81 13.37 5.73 0.40
C VAL A 81 12.98 5.42 1.86
N ALA A 82 13.14 6.36 2.78
CA ALA A 82 12.89 6.13 4.21
C ALA A 82 11.43 6.41 4.61
N LYS A 83 10.81 5.51 5.39
CA LYS A 83 9.45 5.65 5.94
C LYS A 83 9.43 5.50 7.46
N LYS A 84 8.67 6.38 8.12
CA LYS A 84 8.48 6.47 9.59
C LYS A 84 7.04 7.00 9.86
N PRO A 85 6.55 7.18 11.11
CA PRO A 85 5.27 7.86 11.33
C PRO A 85 5.24 9.27 10.72
N GLY A 86 4.12 9.64 10.10
CA GLY A 86 3.95 10.89 9.36
C GLY A 86 4.49 10.87 7.91
N SER A 87 4.85 9.71 7.37
CA SER A 87 5.34 9.56 5.97
C SER A 87 4.24 9.01 5.05
N THR A 88 4.39 9.07 3.72
CA THR A 88 3.41 8.54 2.76
C THR A 88 3.97 7.40 1.89
N VAL A 89 3.10 6.51 1.42
CA VAL A 89 3.45 5.31 0.63
C VAL A 89 2.48 5.10 -0.54
N ILE A 90 2.95 4.37 -1.56
CA ILE A 90 2.23 4.06 -2.80
C ILE A 90 2.28 2.56 -3.12
N ALA A 91 1.18 2.04 -3.66
CA ALA A 91 0.97 0.62 -3.85
C ALA A 91 1.94 -0.02 -4.86
N GLY A 92 2.20 -1.31 -4.74
CA GLY A 92 3.13 -2.03 -5.61
C GLY A 92 4.61 -1.77 -5.33
N SER A 93 4.94 -0.92 -4.35
CA SER A 93 6.30 -0.74 -3.83
C SER A 93 6.60 -1.72 -2.68
N ILE A 94 7.88 -2.02 -2.45
CA ILE A 94 8.34 -3.08 -1.52
C ILE A 94 8.91 -2.48 -0.22
N ASN A 95 8.72 -3.15 0.92
CA ASN A 95 9.08 -2.70 2.27
C ASN A 95 10.15 -3.61 2.92
N GLN A 96 11.18 -3.06 3.61
CA GLN A 96 12.34 -3.81 4.12
C GLN A 96 13.00 -3.15 5.34
N ASN A 97 13.42 -3.96 6.34
CA ASN A 97 14.06 -3.63 7.63
C ASN A 97 13.10 -3.36 8.81
N GLY A 98 11.78 -3.39 8.60
CA GLY A 98 10.84 -3.20 9.69
C GLY A 98 9.37 -3.20 9.29
N SER A 99 8.49 -3.37 10.29
CA SER A 99 7.02 -3.39 10.16
C SER A 99 6.40 -2.05 10.55
N LEU A 100 5.33 -1.66 9.84
CA LEU A 100 4.68 -0.35 9.94
C LEU A 100 3.15 -0.49 9.99
N LEU A 101 2.44 0.54 10.48
CA LEU A 101 0.98 0.67 10.37
C LEU A 101 0.61 1.77 9.36
N ILE A 102 -0.24 1.40 8.41
CA ILE A 102 -0.63 2.23 7.25
C ILE A 102 -2.14 2.52 7.31
N CYS A 103 -2.54 3.79 7.28
CA CYS A 103 -3.94 4.18 7.09
C CYS A 103 -4.25 4.27 5.59
N ALA A 104 -5.07 3.34 5.09
CA ALA A 104 -5.52 3.31 3.70
C ALA A 104 -6.66 4.32 3.50
N THR A 105 -6.48 5.32 2.63
CA THR A 105 -7.50 6.38 2.39
C THR A 105 -7.98 6.44 0.92
N HIS A 106 -7.59 5.45 0.12
CA HIS A 106 -8.08 5.18 -1.25
C HIS A 106 -8.27 3.66 -1.38
N VAL A 107 -9.34 3.22 -2.04
CA VAL A 107 -9.54 1.80 -2.43
C VAL A 107 -8.89 1.47 -3.77
N GLY A 108 -8.89 0.20 -4.20
CA GLY A 108 -8.09 -0.26 -5.34
C GLY A 108 -8.41 0.43 -6.68
N ALA A 109 -9.67 0.75 -6.94
CA ALA A 109 -10.05 1.51 -8.13
C ALA A 109 -9.64 3.00 -8.04
N ASP A 110 -9.71 3.60 -6.85
CA ASP A 110 -9.33 4.98 -6.55
C ASP A 110 -7.82 5.26 -6.39
N THR A 111 -6.96 4.23 -6.32
CA THR A 111 -5.52 4.38 -6.09
C THR A 111 -4.77 4.85 -7.34
N THR A 112 -3.59 5.49 -7.18
CA THR A 112 -2.88 6.14 -8.29
C THR A 112 -2.56 5.17 -9.46
N LEU A 113 -2.27 3.89 -9.20
CA LEU A 113 -2.05 2.88 -10.25
C LEU A 113 -3.25 2.75 -11.21
N SER A 114 -4.45 2.63 -10.63
CA SER A 114 -5.72 2.51 -11.36
C SER A 114 -6.12 3.81 -12.04
N GLN A 115 -5.70 4.95 -11.50
CA GLN A 115 -5.82 6.27 -12.15
C GLN A 115 -4.88 6.40 -13.37
N ILE A 116 -3.62 5.99 -13.25
CA ILE A 116 -2.59 6.10 -14.31
C ILE A 116 -3.04 5.40 -15.60
N VAL A 117 -3.52 4.15 -15.53
CA VAL A 117 -3.93 3.41 -16.74
C VAL A 117 -5.17 3.98 -17.44
N LYS A 118 -6.01 4.78 -16.77
CA LYS A 118 -7.09 5.55 -17.42
C LYS A 118 -6.56 6.72 -18.25
N LEU A 119 -5.42 7.31 -17.86
CA LEU A 119 -4.69 8.30 -18.65
C LEU A 119 -3.92 7.65 -19.81
N VAL A 120 -3.01 6.71 -19.52
CA VAL A 120 -2.07 6.17 -20.51
C VAL A 120 -2.75 5.30 -21.59
N GLU A 121 -3.98 4.82 -21.36
CA GLU A 121 -4.77 4.18 -22.42
C GLU A 121 -5.17 5.17 -23.52
N GLU A 122 -5.36 6.47 -23.22
CA GLU A 122 -5.57 7.54 -24.20
C GLU A 122 -4.28 7.96 -24.93
N ALA A 123 -3.11 7.62 -24.36
CA ALA A 123 -1.79 7.87 -24.93
C ALA A 123 -1.36 6.88 -26.04
N GLN A 124 -2.14 5.81 -26.30
CA GLN A 124 -1.85 4.82 -27.36
C GLN A 124 -2.08 5.31 -28.78
N SER A 6 2.59 -0.19 -24.22
CA SER A 6 1.26 -0.80 -24.28
C SER A 6 1.23 -2.16 -23.59
N GLU A 7 2.29 -2.96 -23.69
CA GLU A 7 2.42 -4.19 -22.88
C GLU A 7 2.79 -3.91 -21.42
N ALA A 8 3.42 -2.77 -21.12
CA ALA A 8 3.67 -2.29 -19.74
C ALA A 8 2.39 -1.87 -18.99
N LEU A 9 1.23 -1.81 -19.66
CA LEU A 9 -0.04 -1.37 -19.08
C LEU A 9 -0.40 -2.21 -17.84
N ALA A 10 -0.44 -3.54 -17.95
CA ALA A 10 -0.72 -4.41 -16.82
C ALA A 10 0.39 -4.51 -15.76
N LYS A 11 1.60 -3.94 -15.96
CA LYS A 11 2.66 -4.02 -14.94
C LYS A 11 2.26 -3.26 -13.67
N LEU A 12 1.69 -2.06 -13.83
CA LEU A 12 1.08 -1.27 -12.76
C LEU A 12 0.11 -2.12 -11.92
N ILE A 13 -0.78 -2.85 -12.59
CA ILE A 13 -1.79 -3.72 -11.97
C ILE A 13 -1.16 -4.97 -11.32
N SER A 14 -0.08 -5.49 -11.90
CA SER A 14 0.62 -6.70 -11.45
C SER A 14 1.50 -6.45 -10.23
N LEU A 15 1.96 -5.22 -10.00
CA LEU A 15 2.66 -4.85 -8.75
C LEU A 15 1.73 -4.86 -7.53
N GLN A 16 0.42 -4.66 -7.68
CA GLN A 16 -0.52 -4.56 -6.56
C GLN A 16 -0.76 -5.91 -5.86
N ALA A 17 -0.83 -5.87 -4.53
CA ALA A 17 -1.22 -7.02 -3.72
C ALA A 17 -2.72 -7.34 -3.92
N THR A 18 -3.09 -8.61 -3.73
CA THR A 18 -4.46 -9.14 -3.88
C THR A 18 -5.12 -9.44 -2.53
N GLU A 19 -4.38 -9.26 -1.45
CA GLU A 19 -4.74 -9.58 -0.07
C GLU A 19 -4.21 -8.53 0.93
N ALA A 20 -4.87 -8.37 2.08
CA ALA A 20 -4.51 -7.43 3.15
C ALA A 20 -4.76 -8.00 4.56
N THR A 21 -4.13 -7.40 5.58
CA THR A 21 -4.36 -7.70 7.02
C THR A 21 -4.97 -6.49 7.75
N ILE A 22 -6.25 -6.58 8.12
CA ILE A 22 -6.92 -5.57 8.93
C ILE A 22 -6.63 -5.82 10.42
N VAL A 23 -6.21 -4.78 11.15
CA VAL A 23 -5.82 -4.88 12.57
C VAL A 23 -6.66 -3.97 13.46
N THR A 24 -7.07 -4.46 14.63
CA THR A 24 -8.05 -3.80 15.50
C THR A 24 -7.67 -3.93 16.98
N LEU A 25 -7.86 -2.84 17.74
CA LEU A 25 -7.78 -2.82 19.21
C LEU A 25 -9.21 -2.75 19.79
N ASP A 26 -9.52 -3.44 20.89
CA ASP A 26 -10.90 -3.42 21.45
C ASP A 26 -11.02 -3.54 23.00
N SER A 27 -9.94 -3.24 23.73
CA SER A 27 -9.96 -3.17 25.22
C SER A 27 -9.09 -2.02 25.76
N ASP A 28 -7.77 -2.20 25.70
CA ASP A 28 -6.75 -1.24 26.16
C ASP A 28 -5.40 -1.60 25.49
N ASN A 29 -5.41 -1.79 24.17
CA ASN A 29 -4.36 -2.38 23.33
C ASN A 29 -4.07 -3.88 23.61
N ILE A 30 -4.47 -4.41 24.77
CA ILE A 30 -4.31 -5.83 25.16
C ILE A 30 -5.20 -6.79 24.35
N LEU A 31 -6.39 -6.33 23.96
CA LEU A 31 -7.24 -7.01 22.98
C LEU A 31 -6.84 -6.55 21.58
N LEU A 32 -5.95 -7.33 21.00
CA LEU A 32 -5.39 -7.18 19.65
C LEU A 32 -5.98 -8.26 18.73
N SER A 33 -6.56 -7.86 17.60
CA SER A 33 -7.36 -8.73 16.72
C SER A 33 -6.99 -8.50 15.26
N GLU A 34 -6.70 -9.58 14.50
CA GLU A 34 -6.12 -9.52 13.15
C GLU A 34 -6.90 -10.40 12.15
N GLU A 35 -7.27 -9.82 11.01
CA GLU A 35 -8.10 -10.43 9.96
C GLU A 35 -7.31 -10.50 8.64
N GLN A 36 -7.06 -11.68 8.07
CA GLN A 36 -6.49 -11.81 6.72
C GLN A 36 -7.64 -11.87 5.69
N VAL A 37 -7.63 -10.93 4.73
CA VAL A 37 -8.72 -10.67 3.79
C VAL A 37 -8.24 -10.50 2.35
N ASP A 38 -9.18 -10.45 1.41
CA ASP A 38 -8.96 -10.05 0.02
C ASP A 38 -8.89 -8.51 -0.10
N VAL A 39 -8.06 -8.00 -1.01
CA VAL A 39 -7.91 -6.54 -1.24
C VAL A 39 -9.22 -5.83 -1.60
N GLU A 40 -10.21 -6.55 -2.15
CA GLU A 40 -11.53 -5.99 -2.44
C GLU A 40 -12.38 -5.74 -1.18
N LEU A 41 -12.07 -6.42 -0.07
CA LEU A 41 -12.79 -6.31 1.20
C LEU A 41 -12.30 -5.16 2.08
N VAL A 42 -11.12 -4.59 1.80
CA VAL A 42 -10.62 -3.38 2.48
C VAL A 42 -11.15 -2.13 1.78
N GLN A 43 -12.28 -1.64 2.30
CA GLN A 43 -12.91 -0.37 1.99
C GLN A 43 -12.17 0.76 2.73
N ARG A 44 -12.27 2.01 2.28
CA ARG A 44 -11.48 3.11 2.86
C ARG A 44 -11.93 3.48 4.29
N GLY A 45 -10.98 3.64 5.21
CA GLY A 45 -11.22 4.08 6.60
C GLY A 45 -10.68 3.15 7.69
N ASP A 46 -9.84 2.16 7.39
CA ASP A 46 -9.20 1.28 8.40
C ASP A 46 -7.66 1.40 8.44
N ILE A 47 -7.06 0.80 9.48
CA ILE A 47 -5.61 0.67 9.68
C ILE A 47 -5.18 -0.77 9.32
N ILE A 48 -4.15 -0.89 8.47
CA ILE A 48 -3.68 -2.15 7.87
C ILE A 48 -2.20 -2.39 8.20
N LYS A 49 -1.85 -3.58 8.71
CA LYS A 49 -0.48 -4.00 9.02
C LYS A 49 0.27 -4.52 7.78
N VAL A 50 1.53 -4.11 7.59
CA VAL A 50 2.46 -4.66 6.59
C VAL A 50 3.61 -5.46 7.25
N VAL A 51 3.95 -6.62 6.69
CA VAL A 51 5.05 -7.48 7.16
C VAL A 51 6.43 -7.03 6.61
N PRO A 52 7.55 -7.41 7.26
CA PRO A 52 8.89 -7.21 6.69
C PRO A 52 9.03 -7.96 5.37
N GLY A 53 9.63 -7.33 4.34
CA GLY A 53 9.64 -7.84 2.96
C GLY A 53 8.29 -7.75 2.22
N GLY A 54 7.25 -7.16 2.85
CA GLY A 54 5.89 -7.10 2.32
C GLY A 54 5.65 -6.08 1.19
N LYS A 55 4.40 -6.05 0.69
CA LYS A 55 3.93 -5.21 -0.42
C LYS A 55 2.67 -4.42 -0.03
N PHE A 56 2.52 -3.20 -0.54
CA PHE A 56 1.39 -2.31 -0.18
C PHE A 56 0.15 -2.52 -1.08
N PRO A 57 -1.07 -2.71 -0.54
CA PRO A 57 -2.27 -3.02 -1.32
C PRO A 57 -3.04 -1.79 -1.88
N VAL A 58 -2.86 -0.61 -1.27
CA VAL A 58 -3.53 0.68 -1.57
C VAL A 58 -2.58 1.83 -1.19
N ASP A 59 -2.96 3.10 -1.46
CA ASP A 59 -2.16 4.28 -1.08
C ASP A 59 -2.68 4.98 0.20
N GLY A 60 -1.75 5.45 1.05
CA GLY A 60 -2.06 5.93 2.40
C GLY A 60 -0.85 6.47 3.17
N ARG A 61 -1.07 6.90 4.43
CA ARG A 61 -0.03 7.36 5.36
C ARG A 61 0.32 6.30 6.41
N VAL A 62 1.61 6.15 6.71
CA VAL A 62 2.20 5.32 7.77
C VAL A 62 2.15 6.09 9.09
N ILE A 63 1.65 5.49 10.16
CA ILE A 63 1.62 6.10 11.51
C ILE A 63 1.94 5.07 12.63
N GLU A 64 2.82 4.13 12.29
CA GLU A 64 3.48 3.19 13.19
C GLU A 64 4.63 2.53 12.42
N GLY A 65 5.84 2.51 12.99
CA GLY A 65 7.02 1.86 12.40
C GLY A 65 7.80 2.71 11.40
N HIS A 66 8.92 2.15 10.94
CA HIS A 66 9.87 2.78 10.02
C HIS A 66 10.65 1.75 9.17
N SER A 67 10.52 1.85 7.85
CA SER A 67 11.13 0.94 6.85
C SER A 67 11.62 1.69 5.62
N MET A 68 12.53 1.08 4.85
CA MET A 68 12.93 1.60 3.54
C MET A 68 12.04 0.99 2.44
N VAL A 69 11.49 1.83 1.57
CA VAL A 69 10.52 1.45 0.53
C VAL A 69 11.09 1.62 -0.87
N ASP A 70 10.76 0.66 -1.75
CA ASP A 70 11.14 0.63 -3.16
C ASP A 70 9.94 0.91 -4.08
N GLU A 71 9.88 2.15 -4.58
CA GLU A 71 8.86 2.66 -5.51
C GLU A 71 9.43 2.96 -6.92
N SER A 72 10.59 2.38 -7.26
CA SER A 72 11.35 2.67 -8.50
C SER A 72 10.55 2.51 -9.80
N LEU A 73 9.53 1.63 -9.86
CA LEU A 73 8.68 1.47 -11.04
C LEU A 73 7.55 2.51 -11.07
N ILE A 74 7.08 2.95 -9.91
CA ILE A 74 5.98 3.90 -9.72
C ILE A 74 6.43 5.32 -10.11
N THR A 75 7.53 5.77 -9.51
CA THR A 75 8.07 7.14 -9.59
C THR A 75 9.27 7.28 -10.54
N GLY A 76 9.97 6.19 -10.82
CA GLY A 76 11.25 6.17 -11.54
C GLY A 76 12.48 6.43 -10.65
N GLU A 77 12.30 6.71 -9.35
CA GLU A 77 13.41 6.94 -8.42
C GLU A 77 14.27 5.66 -8.26
N ALA A 78 15.51 5.66 -8.78
CA ALA A 78 16.40 4.49 -8.74
C ALA A 78 17.19 4.40 -7.41
N MET A 79 17.00 5.42 -6.57
CA MET A 79 17.40 5.51 -5.16
C MET A 79 16.21 5.10 -4.28
N PRO A 80 16.39 4.33 -3.19
CA PRO A 80 15.30 3.94 -2.29
C PRO A 80 14.94 5.05 -1.29
N VAL A 81 13.74 4.97 -0.70
CA VAL A 81 13.15 6.06 0.08
C VAL A 81 12.79 5.59 1.50
N ALA A 82 13.38 6.22 2.51
CA ALA A 82 13.20 5.86 3.92
C ALA A 82 11.91 6.45 4.51
N LYS A 83 11.11 5.62 5.19
CA LYS A 83 9.81 5.96 5.80
C LYS A 83 9.89 6.00 7.32
N LYS A 84 8.95 6.73 7.92
CA LYS A 84 8.83 7.05 9.36
C LYS A 84 7.36 7.16 9.80
N PRO A 85 7.04 7.21 11.11
CA PRO A 85 5.70 7.61 11.56
C PRO A 85 5.39 9.02 11.04
N GLY A 86 4.28 9.17 10.29
CA GLY A 86 3.95 10.37 9.51
C GLY A 86 4.70 10.41 8.17
N SER A 87 4.53 9.37 7.34
CA SER A 87 5.15 9.24 6.00
C SER A 87 4.19 8.60 4.97
N THR A 88 4.28 8.91 3.67
CA THR A 88 3.32 8.42 2.66
C THR A 88 3.84 7.24 1.84
N VAL A 89 2.92 6.37 1.37
CA VAL A 89 3.18 5.24 0.47
C VAL A 89 2.14 5.13 -0.64
N ILE A 90 2.46 4.38 -1.68
CA ILE A 90 1.61 4.05 -2.84
C ILE A 90 1.55 2.54 -3.08
N ALA A 91 0.42 2.10 -3.62
CA ALA A 91 0.13 0.69 -3.88
C ALA A 91 1.17 0.03 -4.81
N GLY A 92 1.51 -1.23 -4.52
CA GLY A 92 2.41 -2.05 -5.32
C GLY A 92 3.92 -1.85 -5.08
N SER A 93 4.31 -0.87 -4.25
CA SER A 93 5.69 -0.71 -3.78
C SER A 93 6.07 -1.76 -2.73
N ILE A 94 7.37 -1.96 -2.49
CA ILE A 94 7.92 -3.03 -1.63
C ILE A 94 8.53 -2.46 -0.34
N ASN A 95 8.39 -3.15 0.79
CA ASN A 95 8.88 -2.77 2.12
C ASN A 95 10.13 -3.58 2.55
N GLN A 96 11.08 -2.96 3.24
CA GLN A 96 12.26 -3.63 3.84
C GLN A 96 11.95 -4.19 5.25
N ASN A 97 12.73 -3.85 6.29
CA ASN A 97 12.74 -4.51 7.59
C ASN A 97 11.60 -4.14 8.55
N GLY A 98 11.18 -2.88 8.60
CA GLY A 98 10.18 -2.43 9.56
C GLY A 98 8.78 -2.94 9.24
N SER A 99 8.11 -3.54 10.22
CA SER A 99 6.68 -3.85 10.11
C SER A 99 5.89 -2.59 10.52
N LEU A 100 5.06 -2.09 9.61
CA LEU A 100 4.40 -0.80 9.72
C LEU A 100 2.88 -0.94 9.76
N LEU A 101 2.17 0.06 10.30
CA LEU A 101 0.71 0.15 10.20
C LEU A 101 0.32 1.42 9.43
N ILE A 102 -0.48 1.22 8.37
CA ILE A 102 -0.82 2.22 7.36
C ILE A 102 -2.33 2.49 7.34
N CYS A 103 -2.75 3.76 7.22
CA CYS A 103 -4.15 4.11 7.05
C CYS A 103 -4.59 3.90 5.59
N ALA A 104 -5.38 2.85 5.35
CA ALA A 104 -6.04 2.60 4.07
C ALA A 104 -7.26 3.52 3.94
N THR A 105 -6.98 4.75 3.52
CA THR A 105 -7.94 5.87 3.38
C THR A 105 -8.36 6.09 1.92
N HIS A 106 -8.00 5.16 1.02
CA HIS A 106 -8.38 5.12 -0.39
C HIS A 106 -8.59 3.67 -0.88
N VAL A 107 -9.42 3.48 -1.90
CA VAL A 107 -9.57 2.22 -2.67
C VAL A 107 -8.96 2.34 -4.08
N GLY A 108 -8.85 1.23 -4.81
CA GLY A 108 -8.23 1.20 -6.16
C GLY A 108 -8.85 2.13 -7.20
N ALA A 109 -10.11 2.54 -7.07
CA ALA A 109 -10.71 3.56 -7.93
C ALA A 109 -10.02 4.94 -7.79
N ASP A 110 -9.72 5.36 -6.55
CA ASP A 110 -9.09 6.66 -6.25
C ASP A 110 -7.57 6.74 -6.57
N THR A 111 -6.88 5.60 -6.64
CA THR A 111 -5.41 5.61 -6.65
C THR A 111 -4.79 6.12 -7.96
N THR A 112 -3.67 6.86 -7.85
CA THR A 112 -2.91 7.31 -9.03
C THR A 112 -2.38 6.15 -9.87
N LEU A 113 -2.14 4.98 -9.27
CA LEU A 113 -1.73 3.77 -9.99
C LEU A 113 -2.74 3.36 -11.08
N SER A 114 -4.04 3.34 -10.74
CA SER A 114 -5.13 3.11 -11.70
C SER A 114 -5.38 4.32 -12.62
N GLN A 115 -5.05 5.54 -12.19
CA GLN A 115 -5.13 6.73 -13.04
C GLN A 115 -4.10 6.70 -14.19
N ILE A 116 -2.88 6.24 -13.92
CA ILE A 116 -1.81 6.05 -14.92
C ILE A 116 -2.30 5.19 -16.08
N VAL A 117 -2.87 4.00 -15.78
CA VAL A 117 -3.37 3.07 -16.81
C VAL A 117 -4.64 3.57 -17.52
N LYS A 118 -5.44 4.44 -16.90
CA LYS A 118 -6.57 5.12 -17.56
C LYS A 118 -6.09 6.15 -18.59
N LEU A 119 -5.15 7.02 -18.22
CA LEU A 119 -4.63 8.06 -19.11
C LEU A 119 -3.72 7.53 -20.23
N VAL A 120 -2.88 6.53 -19.97
CA VAL A 120 -1.99 5.95 -21.00
C VAL A 120 -2.74 5.14 -22.06
N GLU A 121 -3.97 4.72 -21.76
CA GLU A 121 -4.90 4.16 -22.74
C GLU A 121 -5.45 5.25 -23.68
N GLU A 122 -5.69 6.47 -23.19
CA GLU A 122 -6.13 7.61 -24.01
C GLU A 122 -5.02 8.18 -24.92
N ALA A 123 -3.76 7.77 -24.71
CA ALA A 123 -2.67 8.12 -25.61
C ALA A 123 -2.80 7.34 -26.93
N GLN A 124 -2.87 5.99 -26.85
CA GLN A 124 -3.11 5.10 -28.01
C GLN A 124 -4.40 5.39 -28.78
N SER A 6 4.78 0.08 -23.70
CA SER A 6 3.91 -1.10 -23.90
C SER A 6 4.18 -2.24 -22.91
N GLU A 7 5.24 -2.15 -22.10
CA GLU A 7 5.56 -3.08 -20.99
C GLU A 7 5.12 -2.48 -19.64
N ALA A 8 5.32 -1.18 -19.44
CA ALA A 8 4.83 -0.45 -18.26
C ALA A 8 3.29 -0.46 -18.19
N LEU A 9 2.61 -0.34 -19.35
CA LEU A 9 1.15 -0.45 -19.47
C LEU A 9 0.62 -1.78 -18.88
N ALA A 10 1.36 -2.88 -19.02
CA ALA A 10 1.06 -4.13 -18.33
C ALA A 10 1.41 -4.07 -16.83
N LYS A 11 2.61 -3.57 -16.50
CA LYS A 11 3.18 -3.58 -15.14
C LYS A 11 2.32 -2.82 -14.12
N LEU A 12 1.62 -1.75 -14.51
CA LEU A 12 0.71 -1.02 -13.59
C LEU A 12 -0.46 -1.91 -13.07
N ILE A 13 -0.98 -2.81 -13.90
CA ILE A 13 -1.93 -3.85 -13.45
C ILE A 13 -1.22 -4.96 -12.65
N SER A 14 -0.02 -5.37 -13.07
CA SER A 14 0.75 -6.44 -12.40
C SER A 14 1.23 -6.07 -11.00
N LEU A 15 1.50 -4.79 -10.75
CA LEU A 15 1.97 -4.21 -9.48
C LEU A 15 0.97 -4.37 -8.32
N GLN A 16 -0.30 -4.66 -8.61
CA GLN A 16 -1.39 -4.65 -7.64
C GLN A 16 -1.55 -5.99 -6.89
N ALA A 17 -1.96 -5.93 -5.63
CA ALA A 17 -2.03 -7.06 -4.69
C ALA A 17 -3.48 -7.50 -4.38
N THR A 18 -3.65 -8.77 -4.00
CA THR A 18 -4.96 -9.43 -3.83
C THR A 18 -5.40 -9.53 -2.36
N GLU A 19 -4.47 -9.56 -1.40
CA GLU A 19 -4.72 -9.85 0.02
C GLU A 19 -4.00 -8.88 0.99
N ALA A 20 -4.57 -8.65 2.17
CA ALA A 20 -4.06 -7.73 3.21
C ALA A 20 -4.29 -8.25 4.65
N THR A 21 -3.72 -7.56 5.64
CA THR A 21 -3.97 -7.76 7.09
C THR A 21 -4.54 -6.49 7.76
N ILE A 22 -5.84 -6.47 8.08
CA ILE A 22 -6.49 -5.37 8.83
C ILE A 22 -6.25 -5.56 10.33
N VAL A 23 -5.98 -4.49 11.07
CA VAL A 23 -5.90 -4.52 12.55
C VAL A 23 -7.19 -3.99 13.18
N THR A 24 -7.81 -4.80 14.05
CA THR A 24 -9.01 -4.44 14.82
C THR A 24 -8.80 -4.69 16.31
N LEU A 25 -9.37 -3.83 17.17
CA LEU A 25 -9.15 -3.85 18.62
C LEU A 25 -10.44 -4.25 19.37
N ASP A 26 -10.40 -5.30 20.20
CA ASP A 26 -11.61 -5.97 20.73
C ASP A 26 -11.98 -5.71 22.22
N SER A 27 -11.20 -4.88 22.93
CA SER A 27 -11.47 -4.47 24.32
C SER A 27 -11.43 -2.95 24.48
N ASP A 28 -10.27 -2.40 24.84
CA ASP A 28 -10.00 -0.98 25.09
C ASP A 28 -8.60 -0.63 24.55
N ASN A 29 -8.38 -0.86 23.26
CA ASN A 29 -7.11 -0.81 22.51
C ASN A 29 -5.95 -1.72 23.01
N ILE A 30 -6.08 -2.35 24.18
CA ILE A 30 -5.14 -3.34 24.77
C ILE A 30 -5.22 -4.75 24.17
N LEU A 31 -6.27 -5.05 23.39
CA LEU A 31 -6.56 -6.37 22.83
C LEU A 31 -6.53 -6.30 21.30
N LEU A 32 -5.46 -6.82 20.71
CA LEU A 32 -5.21 -6.83 19.28
C LEU A 32 -5.79 -8.09 18.62
N SER A 33 -6.58 -7.89 17.57
CA SER A 33 -7.32 -8.94 16.84
C SER A 33 -7.28 -8.63 15.34
N GLU A 34 -6.21 -9.06 14.66
CA GLU A 34 -6.02 -8.79 13.23
C GLU A 34 -6.80 -9.78 12.33
N GLU A 35 -7.14 -9.36 11.11
CA GLU A 35 -7.89 -10.13 10.11
C GLU A 35 -7.10 -10.26 8.81
N GLN A 36 -6.97 -11.48 8.27
CA GLN A 36 -6.46 -11.70 6.91
C GLN A 36 -7.62 -11.62 5.92
N VAL A 37 -7.56 -10.70 4.97
CA VAL A 37 -8.67 -10.35 4.09
C VAL A 37 -8.28 -10.23 2.63
N ASP A 38 -9.27 -10.34 1.75
CA ASP A 38 -9.12 -9.97 0.35
C ASP A 38 -9.21 -8.44 0.22
N VAL A 39 -8.43 -7.85 -0.69
CA VAL A 39 -8.35 -6.40 -0.92
C VAL A 39 -9.71 -5.75 -1.23
N GLU A 40 -10.70 -6.53 -1.68
CA GLU A 40 -12.07 -6.06 -1.92
C GLU A 40 -12.85 -5.72 -0.64
N LEU A 41 -12.43 -6.24 0.52
CA LEU A 41 -13.17 -6.14 1.79
C LEU A 41 -12.83 -4.90 2.63
N VAL A 42 -11.84 -4.09 2.23
CA VAL A 42 -11.42 -2.89 2.96
C VAL A 42 -12.11 -1.61 2.45
N GLN A 43 -12.39 -0.71 3.39
CA GLN A 43 -12.87 0.67 3.20
C GLN A 43 -11.89 1.67 3.83
N ARG A 44 -11.97 2.96 3.47
CA ARG A 44 -11.11 3.99 4.08
C ARG A 44 -11.56 4.29 5.52
N GLY A 45 -10.65 4.64 6.42
CA GLY A 45 -10.94 4.82 7.86
C GLY A 45 -10.53 3.62 8.73
N ASP A 46 -9.50 2.86 8.32
CA ASP A 46 -8.97 1.66 9.00
C ASP A 46 -7.44 1.55 8.85
N ILE A 47 -6.80 0.68 9.65
CA ILE A 47 -5.33 0.55 9.74
C ILE A 47 -4.86 -0.87 9.42
N ILE A 48 -3.84 -0.98 8.56
CA ILE A 48 -3.34 -2.22 7.95
C ILE A 48 -1.88 -2.47 8.35
N LYS A 49 -1.54 -3.68 8.82
CA LYS A 49 -0.14 -4.08 9.09
C LYS A 49 0.57 -4.60 7.83
N VAL A 50 1.76 -4.08 7.56
CA VAL A 50 2.69 -4.59 6.54
C VAL A 50 3.91 -5.24 7.20
N VAL A 51 4.34 -6.40 6.70
CA VAL A 51 5.53 -7.13 7.17
C VAL A 51 6.82 -6.71 6.45
N PRO A 52 8.03 -6.99 6.97
CA PRO A 52 9.26 -6.85 6.19
C PRO A 52 9.14 -7.74 4.93
N GLY A 53 9.50 -7.21 3.76
CA GLY A 53 9.31 -7.90 2.48
C GLY A 53 7.89 -7.86 1.91
N GLY A 54 6.89 -7.37 2.65
CA GLY A 54 5.49 -7.26 2.20
C GLY A 54 5.26 -6.15 1.17
N LYS A 55 4.01 -6.02 0.69
CA LYS A 55 3.58 -5.04 -0.31
C LYS A 55 2.50 -4.10 0.25
N PHE A 56 2.43 -2.88 -0.26
CA PHE A 56 1.36 -1.93 0.09
C PHE A 56 0.17 -2.08 -0.89
N PRO A 57 -1.04 -2.48 -0.44
CA PRO A 57 -2.15 -2.82 -1.35
C PRO A 57 -3.06 -1.63 -1.74
N VAL A 58 -2.91 -0.49 -1.06
CA VAL A 58 -3.64 0.78 -1.23
C VAL A 58 -2.70 1.95 -0.89
N ASP A 59 -3.09 3.21 -1.12
CA ASP A 59 -2.28 4.39 -0.79
C ASP A 59 -2.74 5.09 0.50
N GLY A 60 -1.80 5.54 1.34
CA GLY A 60 -2.13 6.08 2.68
C GLY A 60 -0.93 6.55 3.50
N ARG A 61 -1.12 6.62 4.83
CA ARG A 61 -0.16 7.23 5.77
C ARG A 61 0.37 6.22 6.80
N VAL A 62 1.69 6.14 6.97
CA VAL A 62 2.39 5.23 7.90
C VAL A 62 2.53 5.91 9.25
N ILE A 63 2.10 5.28 10.34
CA ILE A 63 2.09 5.89 11.69
C ILE A 63 2.49 4.90 12.82
N GLU A 64 3.35 3.95 12.48
CA GLU A 64 4.09 3.08 13.40
C GLU A 64 5.17 2.31 12.62
N GLY A 65 6.42 2.27 13.10
CA GLY A 65 7.52 1.51 12.50
C GLY A 65 8.34 2.25 11.42
N HIS A 66 9.43 1.60 10.96
CA HIS A 66 10.43 2.17 10.03
C HIS A 66 10.93 1.16 8.97
N SER A 67 10.87 1.53 7.68
CA SER A 67 11.42 0.74 6.56
C SER A 67 11.87 1.55 5.34
N MET A 68 12.52 0.88 4.37
CA MET A 68 12.82 1.43 3.04
C MET A 68 11.90 0.77 1.99
N VAL A 69 11.31 1.57 1.11
CA VAL A 69 10.22 1.17 0.20
C VAL A 69 10.54 1.40 -1.28
N ASP A 70 10.27 0.38 -2.11
CA ASP A 70 10.61 0.32 -3.54
C ASP A 70 9.46 0.85 -4.41
N GLU A 71 9.57 2.11 -4.84
CA GLU A 71 8.54 2.90 -5.55
C GLU A 71 9.00 3.58 -6.85
N SER A 72 10.21 3.28 -7.35
CA SER A 72 10.81 3.89 -8.56
C SER A 72 10.02 3.70 -9.87
N LEU A 73 8.92 2.94 -9.90
CA LEU A 73 7.97 2.87 -11.02
C LEU A 73 6.79 3.84 -10.81
N ILE A 74 6.32 4.03 -9.56
CA ILE A 74 5.12 4.80 -9.21
C ILE A 74 5.40 6.31 -9.21
N THR A 75 6.29 6.77 -8.33
CA THR A 75 6.67 8.19 -8.16
C THR A 75 7.77 8.63 -9.14
N GLY A 76 8.35 7.68 -9.88
CA GLY A 76 9.38 7.92 -10.90
C GLY A 76 10.74 8.27 -10.31
N GLU A 77 11.01 7.81 -9.09
CA GLU A 77 12.32 7.85 -8.42
C GLU A 77 13.34 6.96 -9.17
N ALA A 78 14.56 6.84 -8.65
CA ALA A 78 15.60 5.95 -9.19
C ALA A 78 16.21 5.01 -8.14
N MET A 79 15.93 5.21 -6.85
CA MET A 79 16.26 4.29 -5.77
C MET A 79 15.20 4.37 -4.63
N PRO A 80 14.98 3.27 -3.88
CA PRO A 80 13.99 3.18 -2.80
C PRO A 80 13.99 4.33 -1.76
N VAL A 81 12.85 4.57 -1.13
CA VAL A 81 12.56 5.73 -0.27
C VAL A 81 12.37 5.31 1.20
N ALA A 82 13.00 6.01 2.14
CA ALA A 82 12.87 5.74 3.56
C ALA A 82 11.54 6.26 4.15
N LYS A 83 10.92 5.44 5.00
CA LYS A 83 9.61 5.65 5.64
C LYS A 83 9.71 5.41 7.15
N LYS A 84 8.97 6.20 7.92
CA LYS A 84 8.88 6.16 9.40
C LYS A 84 7.46 6.60 9.86
N PRO A 85 7.12 6.80 11.14
CA PRO A 85 5.80 7.32 11.49
C PRO A 85 5.61 8.76 10.98
N GLY A 86 4.40 9.08 10.53
CA GLY A 86 4.06 10.31 9.81
C GLY A 86 4.42 10.32 8.32
N SER A 87 4.86 9.19 7.73
CA SER A 87 5.28 9.11 6.31
C SER A 87 4.10 8.78 5.38
N THR A 88 4.25 8.98 4.07
CA THR A 88 3.22 8.67 3.06
C THR A 88 3.66 7.52 2.15
N VAL A 89 2.72 6.70 1.69
CA VAL A 89 2.98 5.53 0.82
C VAL A 89 1.94 5.37 -0.29
N ILE A 90 2.35 4.68 -1.37
CA ILE A 90 1.53 4.35 -2.54
C ILE A 90 1.49 2.84 -2.85
N ALA A 91 0.38 2.41 -3.44
CA ALA A 91 0.09 1.01 -3.71
C ALA A 91 1.07 0.38 -4.72
N GLY A 92 1.30 -0.92 -4.58
CA GLY A 92 2.22 -1.70 -5.42
C GLY A 92 3.71 -1.50 -5.12
N SER A 93 4.06 -0.61 -4.18
CA SER A 93 5.42 -0.51 -3.66
C SER A 93 5.74 -1.65 -2.67
N ILE A 94 7.04 -1.98 -2.52
CA ILE A 94 7.51 -3.16 -1.75
C ILE A 94 8.28 -2.71 -0.50
N ASN A 95 8.05 -3.35 0.64
CA ASN A 95 8.64 -3.01 1.95
C ASN A 95 9.93 -3.79 2.27
N GLN A 96 10.86 -3.20 3.03
CA GLN A 96 12.10 -3.86 3.46
C GLN A 96 12.73 -3.17 4.70
N ASN A 97 12.79 -3.87 5.83
CA ASN A 97 13.53 -3.65 7.10
C ASN A 97 12.74 -4.20 8.31
N GLY A 98 11.44 -3.91 8.39
CA GLY A 98 10.58 -4.31 9.52
C GLY A 98 9.08 -4.08 9.31
N SER A 99 8.30 -4.43 10.33
CA SER A 99 6.83 -4.38 10.30
C SER A 99 6.29 -2.99 10.66
N LEU A 100 5.34 -2.47 9.87
CA LEU A 100 4.76 -1.11 9.99
C LEU A 100 3.22 -1.14 10.03
N LEU A 101 2.61 -0.04 10.48
CA LEU A 101 1.16 0.18 10.42
C LEU A 101 0.79 1.39 9.56
N ILE A 102 -0.11 1.17 8.60
CA ILE A 102 -0.57 2.18 7.62
C ILE A 102 -2.08 2.43 7.76
N CYS A 103 -2.48 3.69 7.90
CA CYS A 103 -3.89 4.08 7.82
C CYS A 103 -4.29 4.28 6.35
N ALA A 104 -5.36 3.59 5.95
CA ALA A 104 -5.96 3.72 4.62
C ALA A 104 -6.97 4.88 4.63
N THR A 105 -6.57 6.02 4.04
CA THR A 105 -7.47 7.17 3.76
C THR A 105 -8.04 7.11 2.34
N HIS A 106 -7.62 6.11 1.55
CA HIS A 106 -8.01 5.89 0.17
C HIS A 106 -8.29 4.39 -0.06
N VAL A 107 -9.37 4.08 -0.77
CA VAL A 107 -9.69 2.73 -1.24
C VAL A 107 -9.04 2.46 -2.61
N GLY A 108 -9.06 1.23 -3.12
CA GLY A 108 -8.31 0.86 -4.33
C GLY A 108 -8.68 1.66 -5.58
N ALA A 109 -9.96 2.02 -5.77
CA ALA A 109 -10.38 2.86 -6.90
C ALA A 109 -9.79 4.28 -6.87
N ASP A 110 -9.54 4.83 -5.67
CA ASP A 110 -8.83 6.10 -5.45
C ASP A 110 -7.30 6.00 -5.67
N THR A 111 -6.74 4.81 -5.92
CA THR A 111 -5.30 4.65 -6.25
C THR A 111 -5.00 4.96 -7.71
N THR A 112 -3.81 5.50 -8.00
CA THR A 112 -3.42 5.93 -9.35
C THR A 112 -3.16 4.76 -10.33
N LEU A 113 -2.84 3.55 -9.87
CA LEU A 113 -2.33 2.47 -10.73
C LEU A 113 -3.27 2.02 -11.87
N SER A 114 -4.49 1.58 -11.57
CA SER A 114 -5.48 1.21 -12.61
C SER A 114 -6.06 2.42 -13.34
N GLN A 115 -5.88 3.62 -12.79
CA GLN A 115 -6.24 4.89 -13.45
C GLN A 115 -5.26 5.23 -14.60
N ILE A 116 -3.94 5.03 -14.39
CA ILE A 116 -2.87 5.36 -15.35
C ILE A 116 -3.04 4.64 -16.69
N VAL A 117 -3.35 3.34 -16.69
CA VAL A 117 -3.37 2.53 -17.93
C VAL A 117 -4.45 2.93 -18.93
N LYS A 118 -5.48 3.68 -18.50
CA LYS A 118 -6.49 4.25 -19.40
C LYS A 118 -5.96 5.43 -20.20
N LEU A 119 -5.01 6.19 -19.63
CA LEU A 119 -4.26 7.27 -20.29
C LEU A 119 -3.18 6.71 -21.24
N VAL A 120 -2.29 5.86 -20.73
CA VAL A 120 -1.08 5.39 -21.45
C VAL A 120 -1.44 4.55 -22.68
N GLU A 121 -2.59 3.88 -22.68
CA GLU A 121 -3.11 3.15 -23.84
C GLU A 121 -3.43 4.07 -25.04
N GLU A 122 -3.82 5.33 -24.81
CA GLU A 122 -4.05 6.32 -25.87
C GLU A 122 -2.74 6.90 -26.45
N ALA A 123 -1.63 6.76 -25.71
CA ALA A 123 -0.35 7.41 -25.99
C ALA A 123 0.46 6.79 -27.14
N GLN A 124 0.31 5.48 -27.37
CA GLN A 124 0.93 4.75 -28.49
C GLN A 124 0.22 5.05 -29.81
N SER A 6 4.40 -1.31 -24.18
CA SER A 6 2.96 -1.67 -24.19
C SER A 6 2.66 -2.95 -23.40
N GLU A 7 3.62 -3.89 -23.34
CA GLU A 7 3.56 -5.06 -22.46
C GLU A 7 3.82 -4.67 -20.99
N ALA A 8 4.71 -3.70 -20.75
CA ALA A 8 4.96 -3.09 -19.44
C ALA A 8 3.80 -2.20 -18.94
N LEU A 9 2.93 -1.72 -19.83
CA LEU A 9 1.69 -1.01 -19.46
C LEU A 9 0.72 -1.94 -18.71
N ALA A 10 0.71 -3.25 -19.03
CA ALA A 10 -0.06 -4.24 -18.28
C ALA A 10 0.52 -4.55 -16.88
N LYS A 11 1.79 -4.21 -16.62
CA LYS A 11 2.47 -4.48 -15.34
C LYS A 11 1.87 -3.69 -14.18
N LEU A 12 1.30 -2.50 -14.45
CA LEU A 12 0.56 -1.71 -13.46
C LEU A 12 -0.65 -2.50 -12.90
N ILE A 13 -1.35 -3.25 -13.74
CA ILE A 13 -2.47 -4.11 -13.32
C ILE A 13 -1.96 -5.31 -12.49
N SER A 14 -0.85 -5.93 -12.91
CA SER A 14 -0.21 -7.05 -12.19
C SER A 14 0.40 -6.63 -10.85
N LEU A 15 0.74 -5.35 -10.69
CA LEU A 15 1.24 -4.74 -9.45
C LEU A 15 0.17 -4.54 -8.37
N GLN A 16 -1.11 -4.38 -8.76
CA GLN A 16 -2.21 -4.19 -7.80
C GLN A 16 -2.39 -5.44 -6.92
N ALA A 17 -2.68 -5.24 -5.63
CA ALA A 17 -2.73 -6.30 -4.63
C ALA A 17 -4.09 -7.03 -4.56
N THR A 18 -4.10 -8.17 -3.90
CA THR A 18 -5.22 -9.13 -3.86
C THR A 18 -5.74 -9.37 -2.42
N GLU A 19 -4.87 -9.26 -1.41
CA GLU A 19 -5.21 -9.41 0.02
C GLU A 19 -4.48 -8.39 0.93
N ALA A 20 -5.08 -7.98 2.05
CA ALA A 20 -4.55 -6.96 2.97
C ALA A 20 -4.77 -7.32 4.44
N THR A 21 -3.83 -6.94 5.32
CA THR A 21 -3.82 -7.32 6.76
C THR A 21 -4.39 -6.21 7.65
N ILE A 22 -5.65 -6.35 8.08
CA ILE A 22 -6.29 -5.42 9.03
C ILE A 22 -5.76 -5.73 10.44
N VAL A 23 -5.49 -4.70 11.25
CA VAL A 23 -5.20 -4.85 12.68
C VAL A 23 -6.27 -4.18 13.57
N THR A 24 -6.82 -5.00 14.48
CA THR A 24 -8.02 -4.71 15.27
C THR A 24 -7.86 -5.18 16.72
N LEU A 25 -8.38 -4.40 17.67
CA LEU A 25 -8.43 -4.76 19.08
C LEU A 25 -9.79 -5.41 19.38
N ASP A 26 -9.79 -6.70 19.71
CA ASP A 26 -11.01 -7.44 20.06
C ASP A 26 -11.28 -7.51 21.58
N SER A 27 -10.34 -6.96 22.36
CA SER A 27 -10.37 -6.65 23.79
C SER A 27 -9.27 -5.62 24.16
N ASP A 28 -9.59 -4.77 25.14
CA ASP A 28 -8.96 -3.53 25.66
C ASP A 28 -7.44 -3.32 25.44
N ASN A 29 -7.01 -3.24 24.18
CA ASN A 29 -5.60 -3.32 23.71
C ASN A 29 -4.91 -4.68 23.99
N ILE A 30 -5.35 -5.40 25.01
CA ILE A 30 -4.94 -6.74 25.44
C ILE A 30 -5.19 -7.87 24.42
N LEU A 31 -5.99 -7.62 23.37
CA LEU A 31 -6.29 -8.57 22.30
C LEU A 31 -6.10 -7.91 20.92
N LEU A 32 -4.89 -7.40 20.73
CA LEU A 32 -4.37 -6.95 19.44
C LEU A 32 -4.24 -8.16 18.50
N SER A 33 -5.01 -8.12 17.43
CA SER A 33 -5.24 -9.25 16.53
C SER A 33 -5.16 -8.82 15.06
N GLU A 34 -4.78 -9.74 14.18
CA GLU A 34 -4.61 -9.48 12.74
C GLU A 34 -5.60 -10.30 11.90
N GLU A 35 -6.02 -9.77 10.76
CA GLU A 35 -6.89 -10.44 9.78
C GLU A 35 -6.45 -10.15 8.34
N GLN A 36 -5.98 -11.16 7.59
CA GLN A 36 -5.79 -11.01 6.13
C GLN A 36 -7.13 -11.18 5.43
N VAL A 37 -7.63 -10.12 4.78
CA VAL A 37 -8.91 -10.09 4.06
C VAL A 37 -8.70 -9.88 2.56
N ASP A 38 -9.74 -10.12 1.77
CA ASP A 38 -9.71 -9.85 0.32
C ASP A 38 -9.85 -8.34 0.06
N VAL A 39 -9.14 -7.81 -0.94
CA VAL A 39 -9.04 -6.35 -1.17
C VAL A 39 -10.39 -5.66 -1.46
N GLU A 40 -11.40 -6.40 -1.94
CA GLU A 40 -12.79 -5.95 -2.06
C GLU A 40 -13.43 -5.57 -0.70
N LEU A 41 -12.95 -6.16 0.40
CA LEU A 41 -13.57 -6.15 1.74
C LEU A 41 -12.93 -5.17 2.75
N VAL A 42 -11.81 -4.54 2.43
CA VAL A 42 -11.17 -3.50 3.27
C VAL A 42 -11.71 -2.10 2.93
N GLN A 43 -11.84 -1.25 3.95
CA GLN A 43 -12.51 0.07 3.89
C GLN A 43 -11.58 1.23 4.28
N ARG A 44 -11.89 2.43 3.79
CA ARG A 44 -11.02 3.64 3.94
C ARG A 44 -11.04 4.35 5.31
N GLY A 45 -11.41 3.62 6.35
CA GLY A 45 -11.45 4.07 7.75
C GLY A 45 -10.55 3.29 8.72
N ASP A 46 -9.70 2.37 8.26
CA ASP A 46 -8.97 1.41 9.10
C ASP A 46 -7.44 1.42 8.94
N ILE A 47 -6.74 0.66 9.80
CA ILE A 47 -5.27 0.59 9.91
C ILE A 47 -4.77 -0.80 9.50
N ILE A 48 -3.82 -0.81 8.56
CA ILE A 48 -3.28 -1.99 7.88
C ILE A 48 -1.79 -2.15 8.22
N LYS A 49 -1.39 -3.31 8.75
CA LYS A 49 0.00 -3.65 9.05
C LYS A 49 0.72 -4.28 7.84
N VAL A 50 1.99 -3.94 7.62
CA VAL A 50 2.79 -4.47 6.49
C VAL A 50 3.98 -5.31 6.96
N VAL A 51 4.23 -6.45 6.30
CA VAL A 51 5.31 -7.40 6.65
C VAL A 51 6.66 -7.06 6.02
N PRO A 52 7.79 -7.56 6.55
CA PRO A 52 9.07 -7.49 5.86
C PRO A 52 8.99 -8.27 4.53
N GLY A 53 9.53 -7.71 3.44
CA GLY A 53 9.38 -8.23 2.08
C GLY A 53 7.98 -8.05 1.45
N GLY A 54 7.02 -7.48 2.18
CA GLY A 54 5.62 -7.33 1.74
C GLY A 54 5.38 -6.20 0.72
N LYS A 55 4.11 -5.99 0.35
CA LYS A 55 3.67 -4.94 -0.59
C LYS A 55 2.61 -4.03 0.03
N PHE A 56 2.50 -2.80 -0.46
CA PHE A 56 1.44 -1.86 -0.03
C PHE A 56 0.19 -2.04 -0.93
N PRO A 57 -1.01 -2.35 -0.38
CA PRO A 57 -2.17 -2.75 -1.19
C PRO A 57 -3.09 -1.59 -1.63
N VAL A 58 -3.02 -0.44 -0.97
CA VAL A 58 -3.76 0.81 -1.23
C VAL A 58 -2.88 1.99 -0.80
N ASP A 59 -3.21 3.21 -1.21
CA ASP A 59 -2.51 4.43 -0.74
C ASP A 59 -3.00 4.91 0.64
N GLY A 60 -2.08 5.52 1.39
CA GLY A 60 -2.38 6.03 2.73
C GLY A 60 -1.16 6.60 3.45
N ARG A 61 -1.32 6.83 4.76
CA ARG A 61 -0.27 7.42 5.62
C ARG A 61 0.22 6.46 6.70
N VAL A 62 1.54 6.35 6.83
CA VAL A 62 2.26 5.56 7.82
C VAL A 62 2.25 6.34 9.13
N ILE A 63 1.91 5.71 10.25
CA ILE A 63 1.91 6.36 11.58
C ILE A 63 2.45 5.45 12.69
N GLU A 64 3.37 4.57 12.31
CA GLU A 64 4.21 3.74 13.18
C GLU A 64 5.32 3.08 12.34
N GLY A 65 6.51 2.86 12.89
CA GLY A 65 7.57 2.05 12.27
C GLY A 65 8.64 2.85 11.51
N HIS A 66 9.60 2.12 10.94
CA HIS A 66 10.86 2.70 10.39
C HIS A 66 11.39 2.03 9.10
N SER A 67 10.50 1.53 8.23
CA SER A 67 10.86 0.68 7.10
C SER A 67 11.34 1.41 5.84
N MET A 68 11.94 0.67 4.90
CA MET A 68 12.38 1.21 3.60
C MET A 68 11.52 0.63 2.46
N VAL A 69 11.14 1.48 1.50
CA VAL A 69 10.14 1.20 0.46
C VAL A 69 10.64 1.51 -0.95
N ASP A 70 10.40 0.60 -1.89
CA ASP A 70 10.69 0.76 -3.32
C ASP A 70 9.53 1.48 -4.05
N GLU A 71 9.72 2.73 -4.45
CA GLU A 71 8.71 3.57 -5.13
C GLU A 71 8.93 3.72 -6.65
N SER A 72 10.11 3.28 -7.15
CA SER A 72 10.66 3.55 -8.49
C SER A 72 9.71 3.45 -9.69
N LEU A 73 8.74 2.52 -9.69
CA LEU A 73 7.81 2.32 -10.81
C LEU A 73 6.61 3.28 -10.75
N ILE A 74 6.21 3.73 -9.57
CA ILE A 74 5.06 4.62 -9.35
C ILE A 74 5.48 6.09 -9.45
N THR A 75 6.45 6.50 -8.62
CA THR A 75 6.94 7.90 -8.53
C THR A 75 8.01 8.24 -9.57
N GLY A 76 8.65 7.22 -10.15
CA GLY A 76 9.75 7.35 -11.10
C GLY A 76 11.14 7.49 -10.45
N GLU A 77 11.23 7.30 -9.14
CA GLU A 77 12.49 7.22 -8.37
C GLU A 77 13.41 6.07 -8.85
N ALA A 78 14.55 5.88 -8.18
CA ALA A 78 15.58 4.91 -8.53
C ALA A 78 16.28 4.25 -7.33
N MET A 79 16.24 4.89 -6.14
CA MET A 79 16.72 4.31 -4.87
C MET A 79 15.58 4.19 -3.84
N PRO A 80 15.50 3.11 -3.04
CA PRO A 80 14.46 2.91 -2.02
C PRO A 80 14.43 4.01 -0.95
N VAL A 81 13.23 4.34 -0.48
CA VAL A 81 12.89 5.51 0.36
C VAL A 81 12.59 5.10 1.80
N ALA A 82 13.18 5.79 2.78
CA ALA A 82 12.93 5.55 4.19
C ALA A 82 11.60 6.17 4.66
N LYS A 83 10.80 5.42 5.43
CA LYS A 83 9.53 5.82 6.03
C LYS A 83 9.64 5.95 7.55
N LYS A 84 8.76 6.76 8.14
CA LYS A 84 8.62 7.05 9.58
C LYS A 84 7.16 7.42 9.86
N PRO A 85 6.68 7.58 11.11
CA PRO A 85 5.34 8.12 11.35
C PRO A 85 5.12 9.48 10.66
N GLY A 86 3.92 9.68 10.14
CA GLY A 86 3.54 10.84 9.32
C GLY A 86 3.97 10.79 7.85
N SER A 87 4.42 9.65 7.29
CA SER A 87 4.86 9.56 5.87
C SER A 87 3.75 9.05 4.97
N THR A 88 3.60 9.50 3.71
CA THR A 88 2.63 8.89 2.77
C THR A 88 3.24 7.75 1.94
N VAL A 89 2.38 6.85 1.45
CA VAL A 89 2.70 5.72 0.56
C VAL A 89 1.64 5.52 -0.53
N ILE A 90 2.05 4.88 -1.63
CA ILE A 90 1.24 4.44 -2.77
C ILE A 90 1.17 2.92 -2.87
N ALA A 91 0.07 2.41 -3.43
CA ALA A 91 -0.10 0.98 -3.70
C ALA A 91 0.94 0.45 -4.71
N GLY A 92 1.22 -0.86 -4.67
CA GLY A 92 2.17 -1.52 -5.59
C GLY A 92 3.66 -1.23 -5.29
N SER A 93 3.96 -0.43 -4.26
CA SER A 93 5.32 -0.29 -3.74
C SER A 93 5.70 -1.49 -2.85
N ILE A 94 7.00 -1.78 -2.75
CA ILE A 94 7.52 -3.00 -2.09
C ILE A 94 8.30 -2.64 -0.81
N ASN A 95 8.02 -3.31 0.30
CA ASN A 95 8.59 -3.06 1.63
C ASN A 95 9.82 -3.94 1.92
N GLN A 96 10.77 -3.41 2.70
CA GLN A 96 12.01 -4.09 3.07
C GLN A 96 11.92 -4.79 4.45
N ASN A 97 12.25 -4.06 5.52
CA ASN A 97 12.29 -4.47 6.93
C ASN A 97 12.07 -3.22 7.80
N GLY A 98 11.43 -3.30 8.96
CA GLY A 98 11.12 -2.15 9.83
C GLY A 98 9.62 -1.92 10.11
N SER A 99 8.81 -2.99 10.00
CA SER A 99 7.39 -3.16 10.39
C SER A 99 6.58 -1.86 10.61
N LEU A 100 5.82 -1.45 9.59
CA LEU A 100 4.97 -0.25 9.60
C LEU A 100 3.48 -0.56 9.81
N LEU A 101 2.75 0.42 10.36
CA LEU A 101 1.29 0.44 10.40
C LEU A 101 0.79 1.67 9.60
N ILE A 102 -0.08 1.42 8.63
CA ILE A 102 -0.56 2.42 7.66
C ILE A 102 -2.07 2.63 7.81
N CYS A 103 -2.52 3.87 8.00
CA CYS A 103 -3.94 4.21 7.94
C CYS A 103 -4.37 4.36 6.47
N ALA A 104 -5.33 3.54 6.03
CA ALA A 104 -5.86 3.60 4.67
C ALA A 104 -6.90 4.71 4.56
N THR A 105 -6.78 5.56 3.55
CA THR A 105 -7.73 6.66 3.29
C THR A 105 -8.38 6.62 1.90
N HIS A 106 -8.07 5.59 1.10
CA HIS A 106 -8.75 5.27 -0.15
C HIS A 106 -8.93 3.75 -0.34
N VAL A 107 -9.99 3.37 -1.07
CA VAL A 107 -10.26 1.99 -1.53
C VAL A 107 -9.61 1.73 -2.91
N GLY A 108 -9.65 0.49 -3.41
CA GLY A 108 -8.89 0.07 -4.59
C GLY A 108 -9.21 0.87 -5.86
N ALA A 109 -10.47 1.25 -6.08
CA ALA A 109 -10.91 1.99 -7.27
C ALA A 109 -10.23 3.38 -7.45
N ASP A 110 -9.81 4.02 -6.35
CA ASP A 110 -9.04 5.27 -6.39
C ASP A 110 -7.53 5.10 -6.70
N THR A 111 -7.00 3.88 -6.64
CA THR A 111 -5.54 3.65 -6.66
C THR A 111 -4.91 4.03 -8.00
N THR A 112 -3.80 4.78 -7.94
CA THR A 112 -3.21 5.44 -9.12
C THR A 112 -2.75 4.50 -10.22
N LEU A 113 -2.43 3.24 -9.90
CA LEU A 113 -2.07 2.21 -10.88
C LEU A 113 -3.17 2.01 -11.94
N SER A 114 -4.43 1.97 -11.49
CA SER A 114 -5.61 1.87 -12.36
C SER A 114 -5.84 3.14 -13.20
N GLN A 115 -5.39 4.28 -12.67
CA GLN A 115 -5.47 5.60 -13.33
C GLN A 115 -4.42 5.75 -14.44
N ILE A 116 -3.17 5.41 -14.14
CA ILE A 116 -2.00 5.57 -15.02
C ILE A 116 -2.26 4.89 -16.37
N VAL A 117 -2.72 3.64 -16.38
CA VAL A 117 -2.95 2.88 -17.62
C VAL A 117 -4.03 3.47 -18.54
N LYS A 118 -4.95 4.31 -18.03
CA LYS A 118 -5.90 5.06 -18.88
C LYS A 118 -5.23 6.25 -19.60
N LEU A 119 -4.32 6.93 -18.90
CA LEU A 119 -3.58 8.12 -19.35
C LEU A 119 -2.41 7.78 -20.29
N VAL A 120 -1.54 6.86 -19.88
CA VAL A 120 -0.33 6.46 -20.62
C VAL A 120 -0.67 5.64 -21.87
N GLU A 121 -1.84 5.03 -21.94
CA GLU A 121 -2.35 4.41 -23.18
C GLU A 121 -2.47 5.42 -24.32
N GLU A 122 -2.81 6.68 -24.04
CA GLU A 122 -2.85 7.77 -25.03
C GLU A 122 -1.45 8.30 -25.41
N ALA A 123 -0.42 8.02 -24.60
CA ALA A 123 0.98 8.43 -24.83
C ALA A 123 1.74 7.58 -25.88
N GLN A 124 1.32 6.33 -26.07
CA GLN A 124 1.87 5.34 -27.01
C GLN A 124 1.76 5.77 -28.48
N SER A 6 2.06 -0.10 -24.31
CA SER A 6 0.83 -0.84 -23.95
C SER A 6 1.16 -2.11 -23.16
N GLU A 7 2.36 -2.68 -23.34
CA GLU A 7 2.88 -3.79 -22.54
C GLU A 7 3.37 -3.31 -21.16
N ALA A 8 3.86 -2.08 -21.06
CA ALA A 8 4.18 -1.42 -19.79
C ALA A 8 2.92 -1.02 -19.00
N LEU A 9 1.78 -0.84 -19.68
CA LEU A 9 0.48 -0.49 -19.08
C LEU A 9 0.04 -1.54 -18.07
N ALA A 10 0.24 -2.83 -18.38
CA ALA A 10 -0.18 -3.93 -17.53
C ALA A 10 0.68 -4.10 -16.27
N LYS A 11 1.87 -3.47 -16.19
CA LYS A 11 2.74 -3.60 -15.00
C LYS A 11 2.11 -2.93 -13.78
N LEU A 12 1.36 -1.83 -13.98
CA LEU A 12 0.55 -1.18 -12.94
C LEU A 12 -0.57 -2.11 -12.41
N ILE A 13 -1.05 -3.05 -13.24
CA ILE A 13 -1.93 -4.15 -12.81
C ILE A 13 -1.16 -5.22 -12.01
N SER A 14 0.06 -5.57 -12.41
CA SER A 14 0.89 -6.56 -11.68
C SER A 14 1.29 -6.05 -10.29
N LEU A 15 1.46 -4.73 -10.14
CA LEU A 15 1.82 -4.03 -8.90
C LEU A 15 0.68 -4.00 -7.86
N GLN A 16 -0.54 -4.37 -8.25
CA GLN A 16 -1.70 -4.46 -7.35
C GLN A 16 -1.81 -5.83 -6.65
N ALA A 17 -2.53 -5.87 -5.53
CA ALA A 17 -2.59 -7.00 -4.60
C ALA A 17 -3.90 -7.80 -4.64
N THR A 18 -3.86 -9.02 -4.11
CA THR A 18 -5.02 -9.92 -3.92
C THR A 18 -5.68 -9.76 -2.55
N GLU A 19 -4.88 -9.74 -1.47
CA GLU A 19 -5.35 -9.70 -0.08
C GLU A 19 -4.46 -8.82 0.82
N ALA A 20 -5.01 -8.34 1.94
CA ALA A 20 -4.33 -7.48 2.91
C ALA A 20 -4.73 -7.81 4.37
N THR A 21 -3.88 -7.45 5.33
CA THR A 21 -4.12 -7.68 6.78
C THR A 21 -4.62 -6.41 7.48
N ILE A 22 -5.91 -6.36 7.82
CA ILE A 22 -6.52 -5.32 8.66
C ILE A 22 -6.18 -5.61 10.13
N VAL A 23 -5.90 -4.58 10.94
CA VAL A 23 -5.68 -4.74 12.39
C VAL A 23 -6.64 -3.85 13.22
N THR A 24 -7.20 -4.45 14.27
CA THR A 24 -8.29 -3.96 15.12
C THR A 24 -7.91 -4.02 16.61
N LEU A 25 -8.30 -3.02 17.39
CA LEU A 25 -8.23 -3.05 18.86
C LEU A 25 -9.62 -3.38 19.44
N ASP A 26 -9.71 -4.35 20.37
CA ASP A 26 -10.99 -4.92 20.85
C ASP A 26 -11.12 -4.90 22.40
N SER A 27 -10.41 -4.01 23.10
CA SER A 27 -10.55 -3.87 24.57
C SER A 27 -10.25 -2.46 25.12
N ASP A 28 -8.96 -2.14 25.31
CA ASP A 28 -8.48 -0.84 25.83
C ASP A 28 -6.99 -0.68 25.46
N ASN A 29 -6.68 -0.80 24.16
CA ASN A 29 -5.33 -0.91 23.57
C ASN A 29 -4.52 -2.17 23.96
N ILE A 30 -4.78 -2.77 25.12
CA ILE A 30 -4.14 -4.00 25.64
C ILE A 30 -4.38 -5.27 24.81
N LEU A 31 -5.22 -5.19 23.77
CA LEU A 31 -5.64 -6.32 22.93
C LEU A 31 -5.64 -5.95 21.45
N LEU A 32 -4.93 -6.79 20.68
CA LEU A 32 -4.78 -6.72 19.22
C LEU A 32 -5.43 -7.96 18.55
N SER A 33 -6.13 -7.71 17.45
CA SER A 33 -6.86 -8.70 16.63
C SER A 33 -6.68 -8.36 15.14
N GLU A 34 -6.48 -9.35 14.27
CA GLU A 34 -6.18 -9.12 12.84
C GLU A 34 -7.15 -9.86 11.91
N GLU A 35 -7.39 -9.35 10.70
CA GLU A 35 -8.19 -9.99 9.64
C GLU A 35 -7.43 -10.01 8.31
N GLN A 36 -7.31 -11.17 7.66
CA GLN A 36 -6.78 -11.28 6.29
C GLN A 36 -7.94 -11.25 5.28
N VAL A 37 -8.08 -10.15 4.53
CA VAL A 37 -9.25 -9.89 3.65
C VAL A 37 -8.84 -9.76 2.19
N ASP A 38 -9.76 -10.05 1.26
CA ASP A 38 -9.54 -9.77 -0.16
C ASP A 38 -9.63 -8.25 -0.42
N VAL A 39 -8.87 -7.73 -1.39
CA VAL A 39 -8.66 -6.28 -1.61
C VAL A 39 -9.93 -5.47 -1.92
N GLU A 40 -11.02 -6.11 -2.33
CA GLU A 40 -12.35 -5.47 -2.46
C GLU A 40 -13.00 -5.14 -1.10
N LEU A 41 -12.58 -5.79 -0.02
CA LEU A 41 -13.23 -5.78 1.30
C LEU A 41 -12.61 -4.79 2.30
N VAL A 42 -11.53 -4.11 1.91
CA VAL A 42 -10.92 -2.97 2.63
C VAL A 42 -11.56 -1.66 2.15
N GLN A 43 -11.82 -0.73 3.07
CA GLN A 43 -12.41 0.58 2.80
C GLN A 43 -11.37 1.70 2.99
N ARG A 44 -11.65 2.91 2.48
CA ARG A 44 -10.83 4.13 2.66
C ARG A 44 -10.84 4.72 4.09
N GLY A 45 -10.86 3.84 5.09
CA GLY A 45 -10.98 4.11 6.53
C GLY A 45 -10.51 2.95 7.43
N ASP A 46 -9.84 1.92 6.90
CA ASP A 46 -9.21 0.84 7.68
C ASP A 46 -7.69 1.07 7.91
N ILE A 47 -7.10 0.33 8.85
CA ILE A 47 -5.66 0.34 9.18
C ILE A 47 -5.01 -1.01 8.81
N ILE A 48 -3.98 -1.00 7.96
CA ILE A 48 -3.37 -2.20 7.35
C ILE A 48 -1.92 -2.40 7.79
N LYS A 49 -1.55 -3.59 8.27
CA LYS A 49 -0.17 -3.97 8.60
C LYS A 49 0.62 -4.51 7.40
N VAL A 50 1.90 -4.14 7.27
CA VAL A 50 2.82 -4.66 6.23
C VAL A 50 4.08 -5.28 6.84
N VAL A 51 4.52 -6.44 6.32
CA VAL A 51 5.62 -7.26 6.88
C VAL A 51 6.99 -6.98 6.23
N PRO A 52 8.13 -7.35 6.87
CA PRO A 52 9.44 -7.31 6.22
C PRO A 52 9.48 -8.25 5.00
N GLY A 53 9.83 -7.68 3.85
CA GLY A 53 9.83 -8.30 2.52
C GLY A 53 8.48 -8.31 1.79
N GLY A 54 7.40 -7.81 2.40
CA GLY A 54 6.08 -7.69 1.80
C GLY A 54 5.92 -6.47 0.87
N LYS A 55 4.79 -6.41 0.15
CA LYS A 55 4.42 -5.30 -0.76
C LYS A 55 3.25 -4.47 -0.23
N PHE A 56 3.18 -3.20 -0.61
CA PHE A 56 2.06 -2.31 -0.28
C PHE A 56 0.82 -2.60 -1.17
N PRO A 57 -0.40 -2.75 -0.62
CA PRO A 57 -1.60 -3.15 -1.39
C PRO A 57 -2.50 -2.01 -1.88
N VAL A 58 -2.38 -0.80 -1.32
CA VAL A 58 -3.11 0.44 -1.68
C VAL A 58 -2.20 1.66 -1.42
N ASP A 59 -2.60 2.86 -1.85
CA ASP A 59 -1.83 4.10 -1.61
C ASP A 59 -2.42 4.95 -0.48
N GLY A 60 -1.56 5.48 0.40
CA GLY A 60 -1.97 6.17 1.62
C GLY A 60 -0.83 6.64 2.51
N ARG A 61 -1.10 6.83 3.81
CA ARG A 61 -0.12 7.36 4.80
C ARG A 61 0.25 6.32 5.88
N VAL A 62 1.52 6.28 6.26
CA VAL A 62 2.09 5.47 7.35
C VAL A 62 2.01 6.27 8.65
N ILE A 63 1.53 5.63 9.72
CA ILE A 63 1.38 6.26 11.06
C ILE A 63 1.75 5.29 12.21
N GLU A 64 2.72 4.41 11.95
CA GLU A 64 3.39 3.55 12.92
C GLU A 64 4.67 2.95 12.29
N GLY A 65 5.78 2.92 13.05
CA GLY A 65 7.01 2.23 12.64
C GLY A 65 7.95 3.04 11.74
N HIS A 66 9.03 2.41 11.30
CA HIS A 66 10.16 3.09 10.62
C HIS A 66 10.97 2.12 9.74
N SER A 67 10.62 2.02 8.45
CA SER A 67 11.11 1.00 7.49
C SER A 67 11.67 1.63 6.21
N MET A 68 12.39 0.84 5.41
CA MET A 68 13.01 1.27 4.15
C MET A 68 12.32 0.59 2.95
N VAL A 69 11.96 1.39 1.95
CA VAL A 69 11.06 1.01 0.84
C VAL A 69 11.70 1.22 -0.54
N ASP A 70 11.43 0.31 -1.47
CA ASP A 70 11.84 0.39 -2.88
C ASP A 70 10.67 0.79 -3.81
N GLU A 71 10.70 2.02 -4.32
CA GLU A 71 9.66 2.65 -5.16
C GLU A 71 10.03 2.70 -6.67
N SER A 72 10.85 1.77 -7.13
CA SER A 72 11.51 1.70 -8.45
C SER A 72 10.66 1.84 -9.73
N LEU A 73 9.33 1.83 -9.63
CA LEU A 73 8.40 2.01 -10.76
C LEU A 73 7.44 3.18 -10.50
N ILE A 74 6.79 3.26 -9.33
CA ILE A 74 5.72 4.27 -9.11
C ILE A 74 6.28 5.70 -9.10
N THR A 75 7.26 6.00 -8.23
CA THR A 75 7.95 7.29 -8.18
C THR A 75 9.26 7.27 -8.98
N GLY A 76 9.74 6.08 -9.38
CA GLY A 76 10.85 5.89 -10.32
C GLY A 76 12.24 6.15 -9.76
N GLU A 77 12.37 6.30 -8.44
CA GLU A 77 13.60 6.75 -7.78
C GLU A 77 14.83 5.86 -8.06
N ALA A 78 14.65 4.54 -8.09
CA ALA A 78 15.70 3.54 -8.33
C ALA A 78 16.82 3.58 -7.26
N MET A 79 16.35 3.69 -6.02
CA MET A 79 17.10 3.75 -4.76
C MET A 79 16.16 3.40 -3.58
N PRO A 80 16.68 3.00 -2.41
CA PRO A 80 15.86 2.82 -1.21
C PRO A 80 15.51 4.15 -0.51
N VAL A 81 14.27 4.27 -0.04
CA VAL A 81 13.70 5.49 0.58
C VAL A 81 13.17 5.17 1.98
N ALA A 82 13.38 6.07 2.96
CA ALA A 82 12.98 5.84 4.35
C ALA A 82 11.55 6.33 4.64
N LYS A 83 10.76 5.53 5.38
CA LYS A 83 9.39 5.86 5.84
C LYS A 83 9.34 5.91 7.38
N LYS A 84 8.35 6.62 7.93
CA LYS A 84 8.12 6.90 9.37
C LYS A 84 6.66 7.32 9.61
N PRO A 85 6.16 7.49 10.85
CA PRO A 85 4.86 8.14 11.07
C PRO A 85 4.78 9.51 10.38
N GLY A 86 3.67 9.79 9.70
CA GLY A 86 3.50 10.97 8.85
C GLY A 86 4.27 10.88 7.53
N SER A 87 4.30 9.70 6.90
CA SER A 87 4.98 9.47 5.60
C SER A 87 4.03 8.87 4.57
N THR A 88 4.06 9.28 3.31
CA THR A 88 3.18 8.73 2.25
C THR A 88 3.83 7.55 1.52
N VAL A 89 2.99 6.58 1.14
CA VAL A 89 3.36 5.33 0.47
C VAL A 89 2.44 4.99 -0.70
N ILE A 90 2.94 4.21 -1.64
CA ILE A 90 2.25 3.80 -2.87
C ILE A 90 2.31 2.28 -3.12
N ALA A 91 1.21 1.74 -3.67
CA ALA A 91 1.03 0.31 -3.88
C ALA A 91 2.07 -0.29 -4.84
N GLY A 92 2.43 -1.55 -4.62
CA GLY A 92 3.41 -2.28 -5.44
C GLY A 92 4.88 -2.00 -5.13
N SER A 93 5.17 -1.03 -4.26
CA SER A 93 6.51 -0.85 -3.68
C SER A 93 6.77 -1.91 -2.60
N ILE A 94 8.06 -2.18 -2.30
CA ILE A 94 8.49 -3.29 -1.41
C ILE A 94 9.01 -2.76 -0.08
N ASN A 95 8.70 -3.41 1.04
CA ASN A 95 9.08 -2.99 2.40
C ASN A 95 10.16 -3.87 3.05
N GLN A 96 11.05 -3.30 3.90
CA GLN A 96 12.10 -4.03 4.62
C GLN A 96 12.45 -3.35 5.96
N ASN A 97 12.69 -4.14 7.02
CA ASN A 97 13.24 -3.78 8.33
C ASN A 97 12.66 -2.49 8.90
N GLY A 98 11.55 -2.59 9.64
CA GLY A 98 10.93 -1.45 10.29
C GLY A 98 9.46 -1.58 10.73
N SER A 99 8.77 -2.65 10.29
CA SER A 99 7.42 -3.10 10.73
C SER A 99 6.35 -1.99 10.85
N LEU A 100 5.67 -1.67 9.73
CA LEU A 100 4.78 -0.50 9.60
C LEU A 100 3.27 -0.83 9.56
N LEU A 101 2.45 0.19 9.84
CA LEU A 101 1.01 0.19 9.58
C LEU A 101 0.61 1.43 8.76
N ILE A 102 -0.23 1.21 7.75
CA ILE A 102 -0.74 2.22 6.80
C ILE A 102 -2.23 2.47 7.02
N CYS A 103 -2.65 3.73 7.15
CA CYS A 103 -4.06 4.07 7.11
C CYS A 103 -4.51 4.20 5.64
N ALA A 104 -5.46 3.37 5.21
CA ALA A 104 -5.94 3.37 3.84
C ALA A 104 -6.89 4.56 3.60
N THR A 105 -6.57 5.38 2.60
CA THR A 105 -7.31 6.60 2.20
C THR A 105 -7.87 6.52 0.78
N HIS A 106 -7.63 5.41 0.09
CA HIS A 106 -8.09 5.10 -1.27
C HIS A 106 -8.44 3.61 -1.37
N VAL A 107 -9.57 3.26 -2.01
CA VAL A 107 -9.81 1.87 -2.44
C VAL A 107 -8.98 1.60 -3.70
N GLY A 108 -8.76 0.35 -4.10
CA GLY A 108 -7.78 0.04 -5.16
C GLY A 108 -8.07 0.71 -6.51
N ALA A 109 -9.36 0.83 -6.87
CA ALA A 109 -9.83 1.56 -8.04
C ALA A 109 -9.57 3.08 -7.99
N ASP A 110 -9.59 3.68 -6.79
CA ASP A 110 -9.22 5.07 -6.50
C ASP A 110 -7.70 5.36 -6.40
N THR A 111 -6.84 4.33 -6.38
CA THR A 111 -5.38 4.54 -6.20
C THR A 111 -4.72 5.21 -7.41
N THR A 112 -3.59 5.90 -7.20
CA THR A 112 -2.84 6.55 -8.30
C THR A 112 -2.40 5.56 -9.39
N LEU A 113 -2.15 4.28 -9.07
CA LEU A 113 -1.87 3.23 -10.06
C LEU A 113 -3.02 3.06 -11.06
N SER A 114 -4.25 2.94 -10.53
CA SER A 114 -5.47 2.85 -11.34
C SER A 114 -5.70 4.14 -12.12
N GLN A 115 -5.33 5.29 -11.56
CA GLN A 115 -5.50 6.60 -12.22
C GLN A 115 -4.59 6.74 -13.44
N ILE A 116 -3.34 6.28 -13.35
CA ILE A 116 -2.38 6.23 -14.45
C ILE A 116 -2.94 5.39 -15.62
N VAL A 117 -3.34 4.14 -15.37
CA VAL A 117 -3.80 3.23 -16.45
C VAL A 117 -5.15 3.62 -17.06
N LYS A 118 -5.99 4.38 -16.34
CA LYS A 118 -7.23 4.96 -16.89
C LYS A 118 -6.96 6.10 -17.87
N LEU A 119 -6.07 7.03 -17.51
CA LEU A 119 -5.72 8.19 -18.36
C LEU A 119 -4.87 7.78 -19.58
N VAL A 120 -3.88 6.90 -19.41
CA VAL A 120 -2.97 6.51 -20.52
C VAL A 120 -3.64 5.64 -21.60
N GLU A 121 -4.79 5.03 -21.28
CA GLU A 121 -5.64 4.31 -22.23
C GLU A 121 -6.30 5.24 -23.25
N GLU A 122 -6.54 6.51 -22.87
CA GLU A 122 -7.26 7.49 -23.69
C GLU A 122 -6.48 7.95 -24.93
N ALA A 123 -5.16 7.77 -24.94
CA ALA A 123 -4.27 8.13 -26.03
C ALA A 123 -4.41 7.15 -27.22
N GLN A 124 -4.17 5.86 -26.98
CA GLN A 124 -4.27 4.78 -27.98
C GLN A 124 -5.62 4.71 -28.70
N SER A 6 5.41 0.70 -22.86
CA SER A 6 4.80 -0.46 -23.51
C SER A 6 4.85 -1.75 -22.69
N GLU A 7 5.85 -1.90 -21.80
CA GLU A 7 5.96 -3.03 -20.87
C GLU A 7 5.46 -2.69 -19.45
N ALA A 8 5.20 -1.42 -19.13
CA ALA A 8 4.52 -1.00 -17.89
C ALA A 8 2.98 -1.15 -17.92
N LEU A 9 2.35 -0.88 -19.07
CA LEU A 9 0.91 -0.68 -19.21
C LEU A 9 -0.02 -1.80 -18.68
N ALA A 10 0.25 -3.08 -18.97
CA ALA A 10 -0.48 -4.20 -18.37
C ALA A 10 -0.07 -4.48 -16.91
N LYS A 11 1.20 -4.22 -16.57
CA LYS A 11 1.81 -4.46 -15.24
C LYS A 11 1.28 -3.54 -14.15
N LEU A 12 0.88 -2.30 -14.47
CA LEU A 12 0.19 -1.41 -13.53
C LEU A 12 -1.09 -2.05 -12.96
N ILE A 13 -1.87 -2.75 -13.80
CA ILE A 13 -3.05 -3.49 -13.34
C ILE A 13 -2.65 -4.74 -12.53
N SER A 14 -1.58 -5.44 -12.89
CA SER A 14 -1.07 -6.60 -12.13
C SER A 14 -0.51 -6.22 -10.75
N LEU A 15 -0.07 -4.98 -10.55
CA LEU A 15 0.41 -4.43 -9.28
C LEU A 15 -0.72 -4.20 -8.25
N GLN A 16 -1.99 -4.19 -8.66
CA GLN A 16 -3.13 -4.15 -7.74
C GLN A 16 -3.28 -5.51 -7.03
N ALA A 17 -3.15 -5.50 -5.71
CA ALA A 17 -3.02 -6.67 -4.84
C ALA A 17 -4.29 -7.54 -4.71
N THR A 18 -4.17 -8.64 -3.95
CA THR A 18 -5.23 -9.63 -3.69
C THR A 18 -5.69 -9.63 -2.22
N GLU A 19 -4.80 -9.48 -1.24
CA GLU A 19 -5.12 -9.70 0.19
C GLU A 19 -4.46 -8.69 1.15
N ALA A 20 -5.05 -8.53 2.34
CA ALA A 20 -4.57 -7.66 3.42
C ALA A 20 -4.79 -8.26 4.83
N THR A 21 -4.22 -7.61 5.84
CA THR A 21 -4.41 -7.92 7.28
C THR A 21 -4.73 -6.66 8.09
N ILE A 22 -5.95 -6.58 8.60
CA ILE A 22 -6.48 -5.46 9.40
C ILE A 22 -6.08 -5.64 10.87
N VAL A 23 -5.74 -4.56 11.57
CA VAL A 23 -5.56 -4.57 13.03
C VAL A 23 -6.77 -3.98 13.75
N THR A 24 -7.38 -4.78 14.63
CA THR A 24 -8.59 -4.46 15.39
C THR A 24 -8.32 -4.56 16.89
N LEU A 25 -8.92 -3.68 17.70
CA LEU A 25 -8.62 -3.48 19.12
C LEU A 25 -9.73 -3.99 20.05
N ASP A 26 -9.36 -4.41 21.27
CA ASP A 26 -10.29 -5.03 22.24
C ASP A 26 -10.09 -4.62 23.72
N SER A 27 -8.90 -4.15 24.14
CA SER A 27 -8.64 -3.63 25.50
C SER A 27 -8.41 -2.10 25.56
N ASP A 28 -8.57 -1.45 24.40
CA ASP A 28 -8.44 0.00 24.12
C ASP A 28 -6.99 0.39 23.75
N ASN A 29 -6.63 0.09 22.49
CA ASN A 29 -5.28 0.13 21.89
C ASN A 29 -4.14 -0.68 22.57
N ILE A 30 -4.40 -1.27 23.74
CA ILE A 30 -3.46 -2.17 24.47
C ILE A 30 -3.59 -3.67 24.14
N LEU A 31 -4.61 -4.05 23.39
CA LEU A 31 -4.76 -5.40 22.81
C LEU A 31 -5.06 -5.31 21.31
N LEU A 32 -4.41 -6.19 20.54
CA LEU A 32 -4.60 -6.37 19.09
C LEU A 32 -5.13 -7.79 18.78
N SER A 33 -6.10 -7.85 17.87
CA SER A 33 -6.64 -9.08 17.27
C SER A 33 -6.78 -8.85 15.76
N GLU A 34 -5.97 -9.52 14.94
CA GLU A 34 -5.86 -9.23 13.51
C GLU A 34 -6.82 -10.05 12.63
N GLU A 35 -7.34 -9.42 11.56
CA GLU A 35 -8.32 -10.00 10.63
C GLU A 35 -7.69 -10.17 9.24
N GLN A 36 -7.73 -11.36 8.64
CA GLN A 36 -7.17 -11.62 7.29
C GLN A 36 -8.27 -11.61 6.23
N VAL A 37 -8.11 -10.73 5.23
CA VAL A 37 -9.16 -10.40 4.26
C VAL A 37 -8.66 -10.31 2.82
N ASP A 38 -9.59 -10.47 1.88
CA ASP A 38 -9.36 -10.14 0.47
C ASP A 38 -9.47 -8.61 0.29
N VAL A 39 -8.66 -8.02 -0.60
CA VAL A 39 -8.50 -6.55 -0.68
C VAL A 39 -9.79 -5.78 -1.04
N GLU A 40 -10.82 -6.44 -1.59
CA GLU A 40 -12.16 -5.87 -1.78
C GLU A 40 -12.85 -5.47 -0.47
N LEU A 41 -12.51 -6.13 0.65
CA LEU A 41 -13.20 -6.06 1.95
C LEU A 41 -12.62 -5.02 2.93
N VAL A 42 -11.50 -4.38 2.58
CA VAL A 42 -10.90 -3.24 3.30
C VAL A 42 -11.34 -1.93 2.65
N GLN A 43 -11.61 -0.91 3.46
CA GLN A 43 -12.10 0.41 3.03
C GLN A 43 -11.09 1.52 3.32
N ARG A 44 -11.22 2.67 2.65
CA ARG A 44 -10.45 3.86 3.06
C ARG A 44 -10.99 4.31 4.43
N GLY A 45 -10.10 4.68 5.35
CA GLY A 45 -10.41 4.92 6.77
C GLY A 45 -10.03 3.74 7.69
N ASP A 46 -9.55 2.62 7.15
CA ASP A 46 -9.06 1.44 7.89
C ASP A 46 -7.54 1.48 8.14
N ILE A 47 -7.06 0.74 9.15
CA ILE A 47 -5.64 0.64 9.54
C ILE A 47 -5.11 -0.78 9.31
N ILE A 48 -4.09 -0.90 8.45
CA ILE A 48 -3.59 -2.16 7.89
C ILE A 48 -2.11 -2.37 8.22
N LYS A 49 -1.73 -3.56 8.69
CA LYS A 49 -0.34 -3.91 9.00
C LYS A 49 0.41 -4.46 7.79
N VAL A 50 1.60 -3.92 7.52
CA VAL A 50 2.51 -4.35 6.45
C VAL A 50 3.83 -4.89 7.01
N VAL A 51 4.28 -6.05 6.52
CA VAL A 51 5.49 -6.77 6.97
C VAL A 51 6.77 -6.32 6.22
N PRO A 52 7.97 -6.59 6.76
CA PRO A 52 9.21 -6.45 5.98
C PRO A 52 9.20 -7.45 4.80
N GLY A 53 9.67 -6.98 3.65
CA GLY A 53 9.69 -7.71 2.37
C GLY A 53 8.40 -7.64 1.55
N GLY A 54 7.27 -7.22 2.13
CA GLY A 54 5.96 -7.21 1.46
C GLY A 54 5.74 -6.02 0.52
N LYS A 55 4.78 -6.17 -0.40
CA LYS A 55 4.28 -5.09 -1.27
C LYS A 55 3.04 -4.40 -0.66
N PHE A 56 2.95 -3.08 -0.77
CA PHE A 56 1.78 -2.33 -0.28
C PHE A 56 0.51 -2.66 -1.11
N PRO A 57 -0.64 -2.99 -0.49
CA PRO A 57 -1.86 -3.36 -1.22
C PRO A 57 -2.79 -2.18 -1.57
N VAL A 58 -2.57 -1.01 -0.97
CA VAL A 58 -3.38 0.23 -1.08
C VAL A 58 -2.46 1.47 -0.99
N ASP A 59 -2.99 2.68 -1.17
CA ASP A 59 -2.24 3.93 -0.93
C ASP A 59 -2.77 4.73 0.27
N GLY A 60 -1.86 5.43 0.97
CA GLY A 60 -2.15 6.08 2.25
C GLY A 60 -0.91 6.52 3.05
N ARG A 61 -1.10 6.72 4.36
CA ARG A 61 -0.08 7.26 5.30
C ARG A 61 0.41 6.21 6.31
N VAL A 62 1.70 6.22 6.60
CA VAL A 62 2.39 5.44 7.64
C VAL A 62 2.28 6.19 8.96
N ILE A 63 1.83 5.53 10.04
CA ILE A 63 1.76 6.14 11.38
C ILE A 63 2.15 5.18 12.52
N GLU A 64 3.09 4.26 12.23
CA GLU A 64 3.79 3.43 13.21
C GLU A 64 4.97 2.74 12.49
N GLY A 65 6.16 2.75 13.11
CA GLY A 65 7.33 2.03 12.59
C GLY A 65 8.11 2.78 11.50
N HIS A 66 9.20 2.16 11.03
CA HIS A 66 10.16 2.78 10.11
C HIS A 66 10.81 1.76 9.16
N SER A 67 10.69 2.02 7.86
CA SER A 67 11.22 1.17 6.77
C SER A 67 11.69 1.98 5.56
N MET A 68 12.37 1.30 4.64
CA MET A 68 12.82 1.84 3.36
C MET A 68 12.04 1.19 2.20
N VAL A 69 11.55 2.03 1.29
CA VAL A 69 10.59 1.66 0.24
C VAL A 69 11.15 1.88 -1.16
N ASP A 70 10.86 0.96 -2.06
CA ASP A 70 11.31 0.99 -3.46
C ASP A 70 10.14 1.33 -4.40
N GLU A 71 9.98 2.62 -4.71
CA GLU A 71 8.89 3.19 -5.54
C GLU A 71 9.18 3.20 -7.06
N SER A 72 10.09 2.32 -7.50
CA SER A 72 10.72 2.25 -8.84
C SER A 72 9.82 2.15 -10.09
N LEU A 73 8.51 1.96 -9.92
CA LEU A 73 7.53 1.74 -11.01
C LEU A 73 6.36 2.74 -10.93
N ILE A 74 5.90 3.07 -9.72
CA ILE A 74 4.81 4.05 -9.51
C ILE A 74 5.33 5.49 -9.66
N THR A 75 6.28 5.92 -8.82
CA THR A 75 6.81 7.30 -8.81
C THR A 75 8.13 7.43 -9.57
N GLY A 76 8.77 6.31 -9.92
CA GLY A 76 9.92 6.24 -10.84
C GLY A 76 11.27 6.65 -10.26
N GLU A 77 11.35 6.86 -8.94
CA GLU A 77 12.59 7.27 -8.24
C GLU A 77 13.76 6.29 -8.51
N ALA A 78 13.49 4.98 -8.43
CA ALA A 78 14.41 3.85 -8.66
C ALA A 78 15.50 3.67 -7.57
N MET A 79 15.69 4.69 -6.76
CA MET A 79 16.48 4.68 -5.53
C MET A 79 15.59 4.24 -4.34
N PRO A 80 16.15 3.57 -3.30
CA PRO A 80 15.45 3.32 -2.05
C PRO A 80 15.15 4.61 -1.26
N VAL A 81 13.92 4.75 -0.75
CA VAL A 81 13.38 5.97 -0.10
C VAL A 81 12.97 5.71 1.35
N ALA A 82 13.33 6.60 2.28
CA ALA A 82 13.07 6.44 3.72
C ALA A 82 11.62 6.80 4.12
N LYS A 83 10.99 5.96 4.96
CA LYS A 83 9.65 6.15 5.54
C LYS A 83 9.67 5.99 7.06
N LYS A 84 8.84 6.78 7.76
CA LYS A 84 8.71 6.93 9.23
C LYS A 84 7.22 7.22 9.57
N PRO A 85 6.78 7.29 10.85
CA PRO A 85 5.45 7.79 11.16
C PRO A 85 5.28 9.24 10.66
N GLY A 86 4.17 9.52 9.98
CA GLY A 86 3.92 10.76 9.24
C GLY A 86 4.52 10.79 7.83
N SER A 87 4.57 9.64 7.14
CA SER A 87 5.07 9.51 5.74
C SER A 87 4.01 8.90 4.83
N THR A 88 4.02 9.19 3.52
CA THR A 88 3.06 8.59 2.55
C THR A 88 3.65 7.47 1.69
N VAL A 89 2.80 6.55 1.25
CA VAL A 89 3.14 5.35 0.43
C VAL A 89 2.07 5.07 -0.64
N ILE A 90 2.43 4.28 -1.66
CA ILE A 90 1.59 3.84 -2.79
C ILE A 90 1.70 2.34 -3.06
N ALA A 91 0.62 1.75 -3.56
CA ALA A 91 0.47 0.31 -3.79
C ALA A 91 1.46 -0.27 -4.82
N GLY A 92 1.76 -1.56 -4.71
CA GLY A 92 2.64 -2.31 -5.64
C GLY A 92 4.14 -2.06 -5.45
N SER A 93 4.51 -1.05 -4.66
CA SER A 93 5.90 -0.81 -4.22
C SER A 93 6.26 -1.69 -3.03
N ILE A 94 7.55 -1.90 -2.76
CA ILE A 94 8.06 -2.86 -1.76
C ILE A 94 8.47 -2.18 -0.45
N ASN A 95 8.26 -2.83 0.69
CA ASN A 95 8.68 -2.42 2.03
C ASN A 95 9.85 -3.28 2.55
N GLN A 96 10.85 -2.71 3.22
CA GLN A 96 11.94 -3.46 3.85
C GLN A 96 12.53 -2.72 5.07
N ASN A 97 12.94 -3.48 6.10
CA ASN A 97 13.57 -3.13 7.40
C ASN A 97 12.73 -3.67 8.58
N GLY A 98 11.44 -3.31 8.65
CA GLY A 98 10.52 -3.73 9.71
C GLY A 98 9.03 -3.49 9.41
N SER A 99 8.17 -3.96 10.31
CA SER A 99 6.71 -3.90 10.20
C SER A 99 6.16 -2.50 10.52
N LEU A 100 5.19 -2.03 9.73
CA LEU A 100 4.56 -0.72 9.89
C LEU A 100 3.02 -0.81 9.95
N LEU A 101 2.37 0.25 10.46
CA LEU A 101 0.90 0.42 10.35
C LEU A 101 0.56 1.55 9.37
N ILE A 102 -0.30 1.24 8.41
CA ILE A 102 -0.72 2.14 7.32
C ILE A 102 -2.21 2.48 7.48
N CYS A 103 -2.58 3.75 7.54
CA CYS A 103 -3.99 4.17 7.44
C CYS A 103 -4.32 4.47 5.97
N ALA A 104 -5.32 3.76 5.43
CA ALA A 104 -5.67 3.81 4.02
C ALA A 104 -6.49 5.06 3.68
N THR A 105 -6.19 5.70 2.54
CA THR A 105 -6.99 6.81 1.98
C THR A 105 -7.68 6.44 0.67
N HIS A 106 -7.34 5.32 0.05
CA HIS A 106 -7.96 4.80 -1.17
C HIS A 106 -8.05 3.27 -1.13
N VAL A 107 -9.16 2.72 -1.63
CA VAL A 107 -9.34 1.27 -1.86
C VAL A 107 -8.51 0.79 -3.06
N GLY A 108 -8.27 -0.53 -3.18
CA GLY A 108 -7.29 -1.04 -4.14
C GLY A 108 -7.68 -0.81 -5.61
N ALA A 109 -8.97 -0.89 -5.94
CA ALA A 109 -9.50 -0.51 -7.25
C ALA A 109 -9.25 0.99 -7.55
N ASP A 110 -9.56 1.87 -6.59
CA ASP A 110 -9.36 3.33 -6.69
C ASP A 110 -7.90 3.81 -6.61
N THR A 111 -6.93 2.92 -6.36
CA THR A 111 -5.50 3.31 -6.30
C THR A 111 -5.02 3.93 -7.63
N THR A 112 -4.07 4.86 -7.54
CA THR A 112 -3.58 5.65 -8.69
C THR A 112 -3.01 4.80 -9.84
N LEU A 113 -2.63 3.54 -9.59
CA LEU A 113 -2.25 2.54 -10.61
C LEU A 113 -3.29 2.46 -11.75
N SER A 114 -4.58 2.41 -11.39
CA SER A 114 -5.69 2.37 -12.34
C SER A 114 -5.87 3.68 -13.11
N GLN A 115 -5.48 4.82 -12.49
CA GLN A 115 -5.50 6.15 -13.11
C GLN A 115 -4.35 6.33 -14.12
N ILE A 116 -3.14 5.86 -13.78
CA ILE A 116 -1.95 5.94 -14.64
C ILE A 116 -2.21 5.33 -16.02
N VAL A 117 -2.82 4.15 -16.11
CA VAL A 117 -3.13 3.52 -17.41
C VAL A 117 -4.24 4.24 -18.21
N LYS A 118 -5.09 5.03 -17.56
CA LYS A 118 -6.06 5.93 -18.21
C LYS A 118 -5.40 7.19 -18.80
N LEU A 119 -4.29 7.66 -18.22
CA LEU A 119 -3.42 8.70 -18.77
C LEU A 119 -2.58 8.15 -19.93
N VAL A 120 -1.78 7.11 -19.68
CA VAL A 120 -0.75 6.60 -20.60
C VAL A 120 -1.35 6.02 -21.89
N GLU A 121 -2.61 5.60 -21.91
CA GLU A 121 -3.23 5.15 -23.17
C GLU A 121 -3.44 6.30 -24.18
N GLU A 122 -3.72 7.54 -23.75
CA GLU A 122 -3.74 8.71 -24.64
C GLU A 122 -2.35 9.21 -25.03
N ALA A 123 -1.30 8.75 -24.32
CA ALA A 123 0.08 9.22 -24.50
C ALA A 123 0.73 8.67 -25.79
N GLN A 124 0.41 7.41 -26.15
CA GLN A 124 0.75 6.81 -27.44
C GLN A 124 -0.17 7.33 -28.54
N SER A 6 3.67 -0.75 -23.70
CA SER A 6 2.32 -1.34 -23.60
C SER A 6 2.29 -2.58 -22.68
N GLU A 7 3.44 -3.25 -22.50
CA GLU A 7 3.60 -4.29 -21.47
C GLU A 7 3.61 -3.66 -20.07
N ALA A 8 4.33 -2.54 -19.91
CA ALA A 8 4.44 -1.79 -18.66
C ALA A 8 3.10 -1.17 -18.22
N LEU A 9 2.26 -0.78 -19.20
CA LEU A 9 0.92 -0.26 -18.94
C LEU A 9 0.03 -1.30 -18.24
N ALA A 10 0.21 -2.60 -18.53
CA ALA A 10 -0.40 -3.67 -17.74
C ALA A 10 0.34 -3.88 -16.41
N LYS A 11 1.68 -3.96 -16.46
CA LYS A 11 2.59 -4.28 -15.34
C LYS A 11 2.38 -3.39 -14.11
N LEU A 12 2.14 -2.09 -14.28
CA LEU A 12 1.81 -1.14 -13.21
C LEU A 12 0.79 -1.75 -12.21
N ILE A 13 -0.33 -2.26 -12.74
CA ILE A 13 -1.41 -2.88 -11.95
C ILE A 13 -1.04 -4.26 -11.39
N SER A 14 -0.14 -4.98 -12.05
CA SER A 14 0.28 -6.33 -11.65
C SER A 14 1.22 -6.33 -10.44
N LEU A 15 1.92 -5.21 -10.17
CA LEU A 15 2.73 -5.03 -8.95
C LEU A 15 1.90 -5.04 -7.65
N GLN A 16 0.58 -4.86 -7.72
CA GLN A 16 -0.28 -4.85 -6.55
C GLN A 16 -0.42 -6.23 -5.88
N ALA A 17 -0.72 -6.19 -4.57
CA ALA A 17 -1.12 -7.35 -3.79
C ALA A 17 -2.61 -7.68 -4.02
N THR A 18 -3.01 -8.90 -3.69
CA THR A 18 -4.40 -9.40 -3.79
C THR A 18 -5.06 -9.58 -2.40
N GLU A 19 -4.29 -9.42 -1.32
CA GLU A 19 -4.74 -9.55 0.07
C GLU A 19 -4.23 -8.41 0.97
N ALA A 20 -4.89 -8.18 2.12
CA ALA A 20 -4.49 -7.20 3.14
C ALA A 20 -4.77 -7.68 4.59
N THR A 21 -4.06 -7.13 5.58
CA THR A 21 -4.33 -7.36 7.03
C THR A 21 -4.90 -6.13 7.74
N ILE A 22 -6.19 -6.15 8.11
CA ILE A 22 -6.87 -5.08 8.88
C ILE A 22 -6.68 -5.33 10.38
N VAL A 23 -6.16 -4.35 11.15
CA VAL A 23 -5.84 -4.56 12.59
C VAL A 23 -6.54 -3.52 13.48
N THR A 24 -7.30 -3.99 14.48
CA THR A 24 -8.17 -3.15 15.34
C THR A 24 -8.20 -3.60 16.81
N LEU A 25 -8.38 -2.65 17.75
CA LEU A 25 -8.46 -2.88 19.21
C LEU A 25 -9.74 -2.29 19.85
N ASP A 26 -10.24 -2.91 20.92
CA ASP A 26 -11.53 -2.57 21.57
C ASP A 26 -11.57 -2.81 23.10
N SER A 27 -10.40 -2.95 23.72
CA SER A 27 -10.22 -3.27 25.14
C SER A 27 -9.23 -2.28 25.78
N ASP A 28 -8.12 -2.75 26.33
CA ASP A 28 -6.99 -1.96 26.82
C ASP A 28 -5.73 -2.31 26.00
N ASN A 29 -5.78 -2.09 24.69
CA ASN A 29 -4.84 -2.51 23.64
C ASN A 29 -4.76 -4.04 23.40
N ILE A 30 -4.80 -4.84 24.48
CA ILE A 30 -4.65 -6.31 24.53
C ILE A 30 -5.41 -7.13 23.47
N LEU A 31 -6.59 -6.68 23.01
CA LEU A 31 -7.42 -7.36 21.99
C LEU A 31 -6.67 -7.59 20.65
N LEU A 32 -5.88 -6.59 20.26
CA LEU A 32 -5.15 -6.43 18.99
C LEU A 32 -5.56 -7.43 17.87
N SER A 33 -6.81 -7.37 17.42
CA SER A 33 -7.42 -8.32 16.49
C SER A 33 -6.97 -8.06 15.05
N GLU A 34 -6.63 -9.13 14.31
CA GLU A 34 -6.09 -9.04 12.95
C GLU A 34 -6.97 -9.82 11.96
N GLU A 35 -7.41 -9.19 10.87
CA GLU A 35 -8.27 -9.78 9.85
C GLU A 35 -7.49 -9.87 8.54
N GLN A 36 -7.30 -11.07 7.98
CA GLN A 36 -6.71 -11.25 6.65
C GLN A 36 -7.84 -11.35 5.62
N VAL A 37 -7.82 -10.48 4.61
CA VAL A 37 -8.93 -10.27 3.66
C VAL A 37 -8.43 -10.14 2.22
N ASP A 38 -9.36 -10.13 1.27
CA ASP A 38 -9.09 -9.79 -0.13
C ASP A 38 -8.96 -8.25 -0.31
N VAL A 39 -8.12 -7.80 -1.24
CA VAL A 39 -7.94 -6.38 -1.57
C VAL A 39 -9.23 -5.69 -2.05
N GLU A 40 -10.26 -6.42 -2.48
CA GLU A 40 -11.61 -5.89 -2.76
C GLU A 40 -12.56 -5.92 -1.53
N LEU A 41 -12.25 -6.72 -0.50
CA LEU A 41 -13.03 -6.84 0.75
C LEU A 41 -12.58 -5.86 1.85
N VAL A 42 -11.39 -5.27 1.73
CA VAL A 42 -10.96 -4.15 2.59
C VAL A 42 -11.63 -2.84 2.14
N GLN A 43 -11.91 -1.94 3.07
CA GLN A 43 -12.47 -0.61 2.83
C GLN A 43 -11.56 0.49 3.37
N ARG A 44 -11.77 1.72 2.89
CA ARG A 44 -11.15 2.93 3.44
C ARG A 44 -11.78 3.27 4.79
N GLY A 45 -10.99 3.68 5.78
CA GLY A 45 -11.45 4.00 7.15
C GLY A 45 -10.78 3.20 8.27
N ASP A 46 -9.89 2.25 7.98
CA ASP A 46 -9.16 1.43 8.97
C ASP A 46 -7.62 1.60 8.89
N ILE A 47 -6.88 0.81 9.66
CA ILE A 47 -5.40 0.76 9.67
C ILE A 47 -4.93 -0.67 9.31
N ILE A 48 -4.00 -0.75 8.36
CA ILE A 48 -3.49 -1.98 7.72
C ILE A 48 -2.01 -2.18 8.06
N LYS A 49 -1.61 -3.36 8.53
CA LYS A 49 -0.20 -3.67 8.86
C LYS A 49 0.54 -4.31 7.68
N VAL A 50 1.76 -3.83 7.39
CA VAL A 50 2.63 -4.31 6.29
C VAL A 50 3.92 -4.93 6.83
N VAL A 51 4.31 -6.11 6.33
CA VAL A 51 5.46 -6.91 6.84
C VAL A 51 6.74 -6.76 5.98
N PRO A 52 7.94 -7.11 6.50
CA PRO A 52 9.17 -7.14 5.71
C PRO A 52 9.03 -8.01 4.45
N GLY A 53 9.55 -7.55 3.30
CA GLY A 53 9.41 -8.23 2.01
C GLY A 53 7.99 -8.21 1.41
N GLY A 54 6.98 -7.72 2.14
CA GLY A 54 5.59 -7.60 1.66
C GLY A 54 5.38 -6.40 0.73
N LYS A 55 4.29 -6.43 -0.03
CA LYS A 55 3.88 -5.37 -0.98
C LYS A 55 2.80 -4.46 -0.37
N PHE A 56 2.75 -3.20 -0.82
CA PHE A 56 1.72 -2.24 -0.44
C PHE A 56 0.43 -2.45 -1.29
N PRO A 57 -0.76 -2.65 -0.69
CA PRO A 57 -1.97 -3.05 -1.42
C PRO A 57 -2.80 -1.89 -2.03
N VAL A 58 -2.64 -0.67 -1.53
CA VAL A 58 -3.31 0.58 -1.95
C VAL A 58 -2.38 1.77 -1.66
N ASP A 59 -2.68 2.97 -2.16
CA ASP A 59 -1.95 4.20 -1.79
C ASP A 59 -2.57 4.88 -0.56
N GLY A 60 -1.73 5.54 0.26
CA GLY A 60 -2.18 6.10 1.54
C GLY A 60 -1.05 6.72 2.38
N ARG A 61 -1.21 6.66 3.71
CA ARG A 61 -0.32 7.30 4.69
C ARG A 61 0.10 6.37 5.83
N VAL A 62 1.33 6.51 6.30
CA VAL A 62 1.97 5.73 7.37
C VAL A 62 2.07 6.56 8.64
N ILE A 63 1.68 5.99 9.79
CA ILE A 63 1.64 6.71 11.07
C ILE A 63 2.11 5.87 12.29
N GLU A 64 3.03 4.93 12.08
CA GLU A 64 3.74 4.23 13.17
C GLU A 64 4.91 3.43 12.59
N GLY A 65 6.05 3.42 13.29
CA GLY A 65 7.23 2.61 12.96
C GLY A 65 8.23 3.30 12.02
N HIS A 66 9.13 2.49 11.47
CA HIS A 66 10.23 2.91 10.60
C HIS A 66 10.61 1.81 9.59
N SER A 67 10.56 2.13 8.29
CA SER A 67 10.98 1.21 7.22
C SER A 67 11.58 1.89 6.00
N MET A 68 12.12 1.08 5.09
CA MET A 68 12.62 1.50 3.78
C MET A 68 11.86 0.76 2.66
N VAL A 69 11.41 1.50 1.66
CA VAL A 69 10.46 1.04 0.63
C VAL A 69 11.03 1.21 -0.79
N ASP A 70 10.87 0.17 -1.62
CA ASP A 70 11.33 0.10 -2.99
C ASP A 70 10.20 0.49 -3.98
N GLU A 71 10.38 1.62 -4.67
CA GLU A 71 9.42 2.23 -5.59
C GLU A 71 9.92 2.23 -7.07
N SER A 72 10.85 1.33 -7.43
CA SER A 72 11.61 1.38 -8.70
C SER A 72 10.82 1.38 -10.02
N LEU A 73 9.58 0.90 -10.05
CA LEU A 73 8.70 0.88 -11.21
C LEU A 73 7.60 1.95 -11.09
N ILE A 74 7.17 2.27 -9.87
CA ILE A 74 6.08 3.22 -9.58
C ILE A 74 6.53 4.66 -9.80
N THR A 75 7.46 5.15 -8.97
CA THR A 75 8.04 6.50 -9.02
C THR A 75 9.41 6.52 -9.72
N GLY A 76 9.93 5.36 -10.08
CA GLY A 76 11.17 5.20 -10.85
C GLY A 76 12.44 5.18 -10.02
N GLU A 77 12.32 5.25 -8.69
CA GLU A 77 13.44 5.38 -7.76
C GLU A 77 14.24 4.07 -7.61
N ALA A 78 15.46 4.03 -8.17
CA ALA A 78 16.36 2.89 -8.10
C ALA A 78 17.10 2.78 -6.75
N MET A 79 17.11 3.87 -5.98
CA MET A 79 17.55 3.92 -4.59
C MET A 79 16.31 4.13 -3.70
N PRO A 80 16.03 3.21 -2.75
CA PRO A 80 14.76 3.18 -2.02
C PRO A 80 14.57 4.36 -1.04
N VAL A 81 13.33 4.53 -0.58
CA VAL A 81 12.85 5.69 0.18
C VAL A 81 12.53 5.31 1.63
N ALA A 82 13.05 6.08 2.60
CA ALA A 82 12.73 5.89 4.02
C ALA A 82 11.33 6.46 4.37
N LYS A 83 10.57 5.71 5.17
CA LYS A 83 9.21 6.09 5.66
C LYS A 83 9.19 6.10 7.20
N LYS A 84 8.37 6.99 7.77
CA LYS A 84 8.28 7.34 9.20
C LYS A 84 6.82 7.68 9.58
N PRO A 85 6.45 7.86 10.85
CA PRO A 85 5.12 8.39 11.20
C PRO A 85 4.89 9.77 10.56
N GLY A 86 3.78 9.90 9.84
CA GLY A 86 3.46 11.06 9.00
C GLY A 86 4.09 11.01 7.61
N SER A 87 4.23 9.83 6.98
CA SER A 87 4.85 9.66 5.64
C SER A 87 3.85 9.08 4.62
N THR A 88 4.04 9.33 3.32
CA THR A 88 3.10 8.94 2.24
C THR A 88 3.63 7.76 1.41
N VAL A 89 2.72 6.87 0.97
CA VAL A 89 3.07 5.60 0.29
C VAL A 89 2.17 5.28 -0.90
N ILE A 90 2.68 4.51 -1.87
CA ILE A 90 1.95 4.06 -3.07
C ILE A 90 1.81 2.54 -3.19
N ALA A 91 0.68 2.12 -3.75
CA ALA A 91 0.36 0.74 -4.08
C ALA A 91 1.43 0.10 -4.99
N GLY A 92 1.69 -1.19 -4.78
CA GLY A 92 2.62 -1.99 -5.59
C GLY A 92 4.12 -1.80 -5.26
N SER A 93 4.47 -0.89 -4.35
CA SER A 93 5.84 -0.79 -3.81
C SER A 93 6.14 -1.93 -2.82
N ILE A 94 7.42 -2.22 -2.59
CA ILE A 94 7.90 -3.36 -1.77
C ILE A 94 8.59 -2.90 -0.49
N ASN A 95 8.36 -3.59 0.63
CA ASN A 95 9.07 -3.37 1.90
C ASN A 95 10.44 -4.07 1.92
N GLN A 96 11.49 -3.43 2.46
CA GLN A 96 12.76 -4.10 2.76
C GLN A 96 13.48 -3.55 4.01
N ASN A 97 12.82 -3.57 5.17
CA ASN A 97 13.47 -3.33 6.47
C ASN A 97 12.68 -3.87 7.68
N GLY A 98 11.45 -3.37 7.86
CA GLY A 98 10.64 -3.56 9.07
C GLY A 98 9.16 -3.23 8.88
N SER A 99 8.31 -3.57 9.85
CA SER A 99 6.85 -3.43 9.72
C SER A 99 6.33 -2.03 10.07
N LEU A 100 5.24 -1.61 9.40
CA LEU A 100 4.60 -0.28 9.53
C LEU A 100 3.08 -0.39 9.58
N LEU A 101 2.43 0.67 10.08
CA LEU A 101 0.96 0.82 10.12
C LEU A 101 0.51 1.88 9.09
N ILE A 102 -0.33 1.47 8.13
CA ILE A 102 -0.87 2.33 7.07
C ILE A 102 -2.35 2.63 7.32
N CYS A 103 -2.74 3.90 7.47
CA CYS A 103 -4.16 4.28 7.52
C CYS A 103 -4.74 4.35 6.09
N ALA A 104 -5.72 3.50 5.77
CA ALA A 104 -6.24 3.34 4.41
C ALA A 104 -7.32 4.37 4.06
N THR A 105 -7.06 5.15 3.00
CA THR A 105 -7.92 6.24 2.51
C THR A 105 -8.49 5.98 1.12
N HIS A 106 -8.03 4.93 0.43
CA HIS A 106 -8.39 4.59 -0.94
C HIS A 106 -8.60 3.08 -1.11
N VAL A 107 -9.54 2.71 -1.98
CA VAL A 107 -9.73 1.33 -2.49
C VAL A 107 -9.12 1.20 -3.89
N GLY A 108 -8.84 -0.02 -4.36
CA GLY A 108 -7.99 -0.27 -5.55
C GLY A 108 -8.38 0.49 -6.82
N ALA A 109 -9.68 0.62 -7.12
CA ALA A 109 -10.16 1.38 -8.27
C ALA A 109 -9.99 2.91 -8.13
N ASP A 110 -10.16 3.44 -6.92
CA ASP A 110 -9.90 4.86 -6.59
C ASP A 110 -8.40 5.22 -6.45
N THR A 111 -7.50 4.24 -6.46
CA THR A 111 -6.06 4.48 -6.28
C THR A 111 -5.48 5.42 -7.35
N THR A 112 -4.41 6.12 -6.97
CA THR A 112 -3.56 6.90 -7.87
C THR A 112 -3.00 6.03 -8.99
N LEU A 113 -2.62 4.78 -8.67
CA LEU A 113 -2.07 3.78 -9.58
C LEU A 113 -3.09 3.38 -10.67
N SER A 114 -4.35 3.19 -10.29
CA SER A 114 -5.44 2.88 -11.23
C SER A 114 -5.75 4.07 -12.15
N GLN A 115 -5.64 5.31 -11.65
CA GLN A 115 -5.88 6.51 -12.43
C GLN A 115 -4.77 6.73 -13.48
N ILE A 116 -3.50 6.56 -13.12
CA ILE A 116 -2.33 6.78 -14.01
C ILE A 116 -2.48 5.97 -15.31
N VAL A 117 -2.74 4.66 -15.25
CA VAL A 117 -2.89 3.84 -16.47
C VAL A 117 -4.13 4.23 -17.30
N LYS A 118 -5.21 4.67 -16.65
CA LYS A 118 -6.45 5.14 -17.31
C LYS A 118 -6.28 6.52 -17.97
N LEU A 119 -5.38 7.35 -17.46
CA LEU A 119 -4.95 8.60 -18.09
C LEU A 119 -4.11 8.30 -19.35
N VAL A 120 -3.06 7.48 -19.23
CA VAL A 120 -2.14 7.18 -20.35
C VAL A 120 -2.86 6.47 -21.50
N GLU A 121 -3.62 5.41 -21.23
CA GLU A 121 -4.31 4.61 -22.26
C GLU A 121 -5.23 5.45 -23.17
N GLU A 122 -5.96 6.42 -22.62
CA GLU A 122 -6.80 7.36 -23.36
C GLU A 122 -6.01 8.49 -24.06
N ALA A 123 -4.88 8.92 -23.48
CA ALA A 123 -4.13 10.12 -23.90
C ALA A 123 -3.39 10.00 -25.25
N GLN A 124 -3.05 8.78 -25.66
CA GLN A 124 -2.45 8.45 -26.96
C GLN A 124 -3.45 8.58 -28.11
N SER A 6 3.67 0.19 -23.33
CA SER A 6 2.72 -0.93 -23.44
C SER A 6 3.07 -2.14 -22.56
N GLU A 7 4.34 -2.28 -22.13
CA GLU A 7 4.74 -3.25 -21.11
C GLU A 7 4.40 -2.72 -19.71
N ALA A 8 4.66 -1.43 -19.44
CA ALA A 8 4.22 -0.76 -18.23
C ALA A 8 2.69 -0.83 -18.05
N LEU A 9 1.92 -0.62 -19.12
CA LEU A 9 0.46 -0.73 -19.14
C LEU A 9 -0.05 -2.10 -18.65
N ALA A 10 0.68 -3.19 -18.92
CA ALA A 10 0.40 -4.49 -18.32
C ALA A 10 0.87 -4.59 -16.86
N LYS A 11 2.10 -4.11 -16.56
CA LYS A 11 2.73 -4.24 -15.23
C LYS A 11 1.98 -3.47 -14.14
N LEU A 12 1.36 -2.33 -14.43
CA LEU A 12 0.53 -1.58 -13.47
C LEU A 12 -0.65 -2.41 -12.91
N ILE A 13 -1.27 -3.26 -13.74
CA ILE A 13 -2.32 -4.18 -13.26
C ILE A 13 -1.75 -5.25 -12.32
N SER A 14 -0.54 -5.74 -12.58
CA SER A 14 0.17 -6.70 -11.72
C SER A 14 0.68 -6.07 -10.40
N LEU A 15 0.90 -4.76 -10.38
CA LEU A 15 1.29 -4.00 -9.18
C LEU A 15 0.14 -3.83 -8.17
N GLN A 16 -1.13 -3.88 -8.59
CA GLN A 16 -2.28 -3.82 -7.67
C GLN A 16 -2.36 -5.10 -6.83
N ALA A 17 -2.01 -5.00 -5.54
CA ALA A 17 -1.91 -6.12 -4.60
C ALA A 17 -3.25 -6.82 -4.35
N THR A 18 -3.20 -8.10 -3.95
CA THR A 18 -4.34 -9.02 -3.86
C THR A 18 -4.97 -9.12 -2.47
N GLU A 19 -4.19 -8.94 -1.40
CA GLU A 19 -4.61 -9.22 -0.01
C GLU A 19 -4.09 -8.19 1.00
N ALA A 20 -4.74 -8.10 2.17
CA ALA A 20 -4.38 -7.22 3.28
C ALA A 20 -4.61 -7.86 4.67
N THR A 21 -4.00 -7.28 5.71
CA THR A 21 -4.17 -7.66 7.13
C THR A 21 -4.73 -6.49 7.94
N ILE A 22 -6.05 -6.43 8.18
CA ILE A 22 -6.74 -5.28 8.80
C ILE A 22 -6.67 -5.39 10.32
N VAL A 23 -6.33 -4.30 11.04
CA VAL A 23 -6.13 -4.28 12.49
C VAL A 23 -7.29 -3.56 13.20
N THR A 24 -7.90 -4.21 14.19
CA THR A 24 -9.02 -3.70 14.99
C THR A 24 -8.68 -3.67 16.48
N LEU A 25 -9.22 -2.67 17.21
CA LEU A 25 -9.13 -2.60 18.67
C LEU A 25 -10.14 -3.57 19.33
N ASP A 26 -9.65 -4.60 20.02
CA ASP A 26 -10.48 -5.72 20.51
C ASP A 26 -10.87 -5.61 22.01
N SER A 27 -10.35 -4.61 22.71
CA SER A 27 -10.77 -4.20 24.08
C SER A 27 -10.94 -2.68 24.16
N ASP A 28 -9.86 -1.96 23.87
CA ASP A 28 -9.75 -0.52 23.67
C ASP A 28 -8.39 -0.32 22.94
N ASN A 29 -7.79 0.86 22.99
CA ASN A 29 -6.48 1.19 22.41
C ASN A 29 -5.29 0.39 22.99
N ILE A 30 -5.57 -0.48 23.96
CA ILE A 30 -4.65 -1.37 24.67
C ILE A 30 -4.49 -2.77 24.03
N LEU A 31 -5.41 -3.17 23.14
CA LEU A 31 -5.46 -4.51 22.55
C LEU A 31 -5.71 -4.45 21.03
N LEU A 32 -4.79 -5.07 20.28
CA LEU A 32 -4.81 -5.18 18.83
C LEU A 32 -4.99 -6.63 18.38
N SER A 33 -5.91 -6.85 17.44
CA SER A 33 -6.17 -8.13 16.78
C SER A 33 -6.50 -7.94 15.31
N GLU A 34 -6.10 -8.88 14.44
CA GLU A 34 -6.14 -8.68 12.99
C GLU A 34 -7.04 -9.66 12.20
N GLU A 35 -7.61 -9.20 11.08
CA GLU A 35 -8.32 -9.99 10.06
C GLU A 35 -7.43 -10.17 8.83
N GLN A 36 -7.41 -11.36 8.22
CA GLN A 36 -6.73 -11.62 6.95
C GLN A 36 -7.75 -11.58 5.80
N VAL A 37 -7.57 -10.70 4.82
CA VAL A 37 -8.61 -10.39 3.81
C VAL A 37 -8.10 -10.23 2.37
N ASP A 38 -9.02 -10.37 1.40
CA ASP A 38 -8.82 -9.99 0.01
C ASP A 38 -9.00 -8.46 -0.16
N VAL A 39 -8.32 -7.84 -1.11
CA VAL A 39 -8.46 -6.41 -1.45
C VAL A 39 -9.90 -5.99 -1.81
N GLU A 40 -10.77 -6.92 -2.21
CA GLU A 40 -12.22 -6.68 -2.38
C GLU A 40 -12.92 -6.27 -1.06
N LEU A 41 -12.32 -6.55 0.11
CA LEU A 41 -12.95 -6.43 1.42
C LEU A 41 -12.45 -5.25 2.28
N VAL A 42 -11.40 -4.55 1.87
CA VAL A 42 -10.86 -3.36 2.57
C VAL A 42 -11.51 -2.07 2.04
N GLN A 43 -11.65 -1.06 2.91
CA GLN A 43 -12.13 0.29 2.55
C GLN A 43 -11.14 1.41 2.90
N ARG A 44 -11.38 2.61 2.34
CA ARG A 44 -10.57 3.85 2.49
C ARG A 44 -10.60 4.51 3.87
N GLY A 45 -10.85 3.74 4.93
CA GLY A 45 -10.85 4.16 6.33
C GLY A 45 -10.28 3.10 7.30
N ASP A 46 -9.69 2.02 6.77
CA ASP A 46 -9.08 0.92 7.56
C ASP A 46 -7.59 1.18 7.87
N ILE A 47 -7.03 0.42 8.83
CA ILE A 47 -5.60 0.41 9.19
C ILE A 47 -5.01 -0.99 9.03
N ILE A 48 -3.90 -1.12 8.29
CA ILE A 48 -3.34 -2.38 7.80
C ILE A 48 -1.93 -2.68 8.35
N LYS A 49 -1.69 -3.89 8.88
CA LYS A 49 -0.35 -4.36 9.31
C LYS A 49 0.47 -4.92 8.13
N VAL A 50 1.71 -4.43 7.96
CA VAL A 50 2.65 -4.87 6.91
C VAL A 50 3.95 -5.44 7.49
N VAL A 51 4.28 -6.68 7.09
CA VAL A 51 5.42 -7.46 7.60
C VAL A 51 6.72 -7.25 6.78
N PRO A 52 7.91 -7.53 7.35
CA PRO A 52 9.18 -7.56 6.63
C PRO A 52 9.13 -8.38 5.33
N GLY A 53 9.48 -7.75 4.21
CA GLY A 53 9.44 -8.35 2.87
C GLY A 53 8.08 -8.28 2.15
N GLY A 54 7.05 -7.71 2.79
CA GLY A 54 5.73 -7.51 2.20
C GLY A 54 5.66 -6.32 1.22
N LYS A 55 4.44 -5.96 0.84
CA LYS A 55 4.10 -4.83 -0.06
C LYS A 55 3.01 -3.94 0.55
N PHE A 56 2.94 -2.70 0.07
CA PHE A 56 1.88 -1.76 0.45
C PHE A 56 0.66 -1.96 -0.48
N PRO A 57 -0.53 -2.33 0.02
CA PRO A 57 -1.64 -2.78 -0.83
C PRO A 57 -2.59 -1.66 -1.32
N VAL A 58 -2.52 -0.47 -0.73
CA VAL A 58 -3.32 0.75 -1.00
C VAL A 58 -2.50 1.97 -0.54
N ASP A 59 -2.79 3.17 -1.02
CA ASP A 59 -2.04 4.39 -0.64
C ASP A 59 -2.55 5.06 0.64
N GLY A 60 -1.63 5.67 1.41
CA GLY A 60 -1.94 6.26 2.72
C GLY A 60 -0.71 6.56 3.59
N ARG A 61 -0.93 6.68 4.90
CA ARG A 61 0.03 7.18 5.90
C ARG A 61 0.57 6.09 6.84
N VAL A 62 1.83 6.20 7.23
CA VAL A 62 2.56 5.31 8.16
C VAL A 62 2.73 6.04 9.49
N ILE A 63 2.21 5.50 10.60
CA ILE A 63 2.35 6.12 11.95
C ILE A 63 2.68 5.11 13.05
N GLU A 64 3.46 4.09 12.69
CA GLU A 64 4.11 3.14 13.60
C GLU A 64 5.19 2.40 12.79
N GLY A 65 6.42 2.37 13.29
CA GLY A 65 7.55 1.66 12.68
C GLY A 65 8.41 2.49 11.72
N HIS A 66 9.44 1.83 11.21
CA HIS A 66 10.56 2.46 10.50
C HIS A 66 11.27 1.51 9.52
N SER A 67 11.10 1.75 8.22
CA SER A 67 11.47 0.88 7.11
C SER A 67 12.13 1.61 5.93
N MET A 68 12.57 0.83 4.95
CA MET A 68 12.96 1.33 3.62
C MET A 68 11.99 0.77 2.56
N VAL A 69 11.70 1.56 1.53
CA VAL A 69 10.67 1.27 0.51
C VAL A 69 11.24 1.37 -0.91
N ASP A 70 10.78 0.49 -1.80
CA ASP A 70 11.14 0.42 -3.22
C ASP A 70 9.93 0.76 -4.11
N GLU A 71 10.01 1.90 -4.82
CA GLU A 71 8.91 2.53 -5.58
C GLU A 71 9.31 2.99 -7.00
N SER A 72 10.47 2.53 -7.48
CA SER A 72 11.16 3.03 -8.68
C SER A 72 10.40 2.95 -10.02
N LEU A 73 9.28 2.21 -10.10
CA LEU A 73 8.40 2.14 -11.27
C LEU A 73 7.24 3.15 -11.17
N ILE A 74 6.74 3.42 -9.97
CA ILE A 74 5.58 4.31 -9.75
C ILE A 74 5.99 5.78 -9.96
N THR A 75 6.92 6.26 -9.14
CA THR A 75 7.33 7.68 -9.06
C THR A 75 8.54 8.02 -9.94
N GLY A 76 9.23 6.98 -10.41
CA GLY A 76 10.50 7.04 -11.12
C GLY A 76 11.70 7.37 -10.22
N GLU A 77 11.54 7.35 -8.88
CA GLU A 77 12.68 7.44 -7.93
C GLU A 77 13.54 6.18 -8.06
N ALA A 78 14.66 6.23 -8.79
CA ALA A 78 15.48 5.08 -9.15
C ALA A 78 16.41 4.64 -8.01
N MET A 79 15.99 4.90 -6.77
CA MET A 79 16.71 4.67 -5.53
C MET A 79 15.70 4.51 -4.38
N PRO A 80 15.96 3.65 -3.37
CA PRO A 80 14.98 3.32 -2.33
C PRO A 80 14.89 4.41 -1.25
N VAL A 81 13.70 4.58 -0.66
CA VAL A 81 13.35 5.72 0.22
C VAL A 81 13.00 5.27 1.64
N ALA A 82 13.50 6.00 2.65
CA ALA A 82 13.27 5.71 4.05
C ALA A 82 11.91 6.23 4.57
N LYS A 83 11.34 5.55 5.56
CA LYS A 83 10.07 5.87 6.23
C LYS A 83 10.19 5.82 7.75
N LYS A 84 9.38 6.63 8.44
CA LYS A 84 9.23 6.79 9.89
C LYS A 84 7.74 7.05 10.21
N PRO A 85 7.31 7.12 11.49
CA PRO A 85 5.96 7.60 11.79
C PRO A 85 5.76 9.03 11.25
N GLY A 86 4.59 9.31 10.68
CA GLY A 86 4.27 10.54 9.95
C GLY A 86 4.71 10.55 8.48
N SER A 87 5.06 9.40 7.88
CA SER A 87 5.46 9.27 6.46
C SER A 87 4.28 8.80 5.61
N THR A 88 4.33 8.92 4.27
CA THR A 88 3.30 8.37 3.37
C THR A 88 3.86 7.42 2.31
N VAL A 89 2.97 6.59 1.75
CA VAL A 89 3.28 5.47 0.83
C VAL A 89 2.26 5.38 -0.32
N ILE A 90 2.64 4.68 -1.39
CA ILE A 90 1.80 4.30 -2.55
C ILE A 90 1.66 2.79 -2.69
N ALA A 91 0.57 2.35 -3.32
CA ALA A 91 0.30 0.93 -3.53
C ALA A 91 1.28 0.27 -4.53
N GLY A 92 1.53 -1.03 -4.35
CA GLY A 92 2.39 -1.85 -5.23
C GLY A 92 3.89 -1.70 -4.97
N SER A 93 4.30 -0.79 -4.08
CA SER A 93 5.68 -0.63 -3.61
C SER A 93 6.05 -1.71 -2.57
N ILE A 94 7.36 -1.98 -2.40
CA ILE A 94 7.87 -3.11 -1.60
C ILE A 94 8.50 -2.63 -0.29
N ASN A 95 8.24 -3.31 0.83
CA ASN A 95 8.78 -3.02 2.16
C ASN A 95 10.15 -3.68 2.41
N GLN A 96 10.92 -3.08 3.33
CA GLN A 96 12.11 -3.65 3.95
C GLN A 96 12.00 -3.50 5.48
N ASN A 97 12.11 -4.64 6.18
CA ASN A 97 12.04 -4.79 7.64
C ASN A 97 10.83 -4.00 8.19
N GLY A 98 10.98 -3.20 9.25
CA GLY A 98 9.99 -2.22 9.63
C GLY A 98 8.90 -2.70 10.59
N SER A 99 8.10 -3.70 10.20
CA SER A 99 6.87 -4.13 10.89
C SER A 99 5.97 -2.94 11.24
N LEU A 100 5.26 -2.42 10.23
CA LEU A 100 4.56 -1.14 10.27
C LEU A 100 3.02 -1.27 10.28
N LEU A 101 2.33 -0.19 10.65
CA LEU A 101 0.87 -0.05 10.49
C LEU A 101 0.54 1.14 9.57
N ILE A 102 -0.30 0.89 8.55
CA ILE A 102 -0.61 1.80 7.44
C ILE A 102 -2.09 2.22 7.47
N CYS A 103 -2.38 3.52 7.54
CA CYS A 103 -3.73 4.07 7.51
C CYS A 103 -4.15 4.36 6.05
N ALA A 104 -4.99 3.49 5.50
CA ALA A 104 -5.40 3.53 4.09
C ALA A 104 -6.49 4.60 3.84
N THR A 105 -6.29 5.42 2.81
CA THR A 105 -7.19 6.56 2.49
C THR A 105 -7.72 6.58 1.06
N HIS A 106 -7.45 5.55 0.26
CA HIS A 106 -8.05 5.34 -1.06
C HIS A 106 -8.33 3.86 -1.33
N VAL A 107 -9.40 3.57 -2.08
CA VAL A 107 -9.71 2.22 -2.61
C VAL A 107 -8.99 2.00 -3.95
N GLY A 108 -8.86 0.76 -4.44
CA GLY A 108 -8.01 0.44 -5.61
C GLY A 108 -8.42 1.15 -6.91
N ALA A 109 -9.73 1.29 -7.15
CA ALA A 109 -10.28 2.03 -8.28
C ALA A 109 -9.87 3.51 -8.28
N ASP A 110 -9.70 4.11 -7.10
CA ASP A 110 -9.20 5.48 -6.93
C ASP A 110 -7.70 5.64 -7.17
N THR A 111 -6.90 4.56 -7.16
CA THR A 111 -5.44 4.67 -7.15
C THR A 111 -4.84 5.25 -8.44
N THR A 112 -3.62 5.76 -8.34
CA THR A 112 -2.86 6.24 -9.49
C THR A 112 -2.49 5.10 -10.44
N LEU A 113 -2.28 3.87 -9.95
CA LEU A 113 -1.97 2.69 -10.77
C LEU A 113 -3.04 2.42 -11.84
N SER A 114 -4.29 2.33 -11.39
CA SER A 114 -5.45 2.08 -12.23
C SER A 114 -5.79 3.28 -13.12
N GLN A 115 -5.39 4.49 -12.73
CA GLN A 115 -5.47 5.69 -13.57
C GLN A 115 -4.42 5.71 -14.70
N ILE A 116 -3.16 5.33 -14.44
CA ILE A 116 -2.08 5.39 -15.44
C ILE A 116 -2.47 4.56 -16.68
N VAL A 117 -2.94 3.33 -16.49
CA VAL A 117 -3.36 2.46 -17.60
C VAL A 117 -4.60 2.97 -18.33
N LYS A 118 -5.46 3.78 -17.67
CA LYS A 118 -6.56 4.51 -18.31
C LYS A 118 -6.05 5.67 -19.17
N LEU A 119 -5.13 6.49 -18.66
CA LEU A 119 -4.64 7.72 -19.30
C LEU A 119 -3.77 7.46 -20.54
N VAL A 120 -2.96 6.40 -20.53
CA VAL A 120 -2.16 6.00 -21.70
C VAL A 120 -3.09 5.54 -22.82
N GLU A 121 -4.01 4.61 -22.53
CA GLU A 121 -4.93 4.04 -23.54
C GLU A 121 -5.99 5.03 -24.06
N GLU A 122 -6.34 6.09 -23.30
CA GLU A 122 -7.16 7.18 -23.82
C GLU A 122 -6.39 8.12 -24.77
N ALA A 123 -5.07 8.23 -24.65
CA ALA A 123 -4.26 9.08 -25.53
C ALA A 123 -4.12 8.50 -26.95
N GLN A 124 -3.74 7.22 -27.07
CA GLN A 124 -3.71 6.47 -28.34
C GLN A 124 -5.10 6.11 -28.88
N SER A 6 2.52 0.40 -24.30
CA SER A 6 1.73 -0.80 -24.64
C SER A 6 2.25 -2.05 -23.92
N GLU A 7 3.53 -2.09 -23.55
CA GLU A 7 4.08 -3.11 -22.64
C GLU A 7 3.67 -2.80 -21.19
N ALA A 8 3.87 -1.56 -20.75
CA ALA A 8 3.73 -1.15 -19.35
C ALA A 8 2.28 -1.13 -18.81
N LEU A 9 1.26 -1.17 -19.66
CA LEU A 9 -0.14 -0.94 -19.28
C LEU A 9 -0.73 -2.04 -18.39
N ALA A 10 -0.30 -3.30 -18.52
CA ALA A 10 -0.65 -4.36 -17.58
C ALA A 10 0.17 -4.30 -16.27
N LYS A 11 1.34 -3.64 -16.26
CA LYS A 11 2.29 -3.70 -15.14
C LYS A 11 1.76 -2.99 -13.90
N LEU A 12 1.12 -1.83 -14.10
CA LEU A 12 0.50 -1.04 -13.03
C LEU A 12 -0.56 -1.85 -12.26
N ILE A 13 -1.42 -2.62 -12.95
CA ILE A 13 -2.40 -3.49 -12.27
C ILE A 13 -1.72 -4.71 -11.62
N SER A 14 -0.65 -5.24 -12.23
CA SER A 14 0.10 -6.41 -11.74
C SER A 14 1.00 -6.10 -10.53
N LEU A 15 1.32 -4.82 -10.33
CA LEU A 15 2.06 -4.27 -9.20
C LEU A 15 1.27 -4.34 -7.88
N GLN A 16 -0.07 -4.23 -7.90
CA GLN A 16 -0.86 -4.36 -6.67
C GLN A 16 -0.61 -5.71 -5.97
N ALA A 17 -0.36 -5.64 -4.66
CA ALA A 17 -0.35 -6.82 -3.81
C ALA A 17 -1.79 -7.38 -3.68
N THR A 18 -1.91 -8.70 -3.60
CA THR A 18 -3.22 -9.38 -3.60
C THR A 18 -3.96 -9.34 -2.25
N GLU A 19 -3.22 -9.10 -1.16
CA GLU A 19 -3.72 -9.24 0.21
C GLU A 19 -3.27 -8.11 1.17
N ALA A 20 -4.02 -7.94 2.27
CA ALA A 20 -3.80 -6.96 3.34
C ALA A 20 -4.12 -7.53 4.74
N THR A 21 -3.82 -6.76 5.78
CA THR A 21 -4.07 -7.07 7.21
C THR A 21 -4.73 -5.89 7.92
N ILE A 22 -6.04 -5.94 8.15
CA ILE A 22 -6.82 -4.90 8.84
C ILE A 22 -6.64 -5.05 10.36
N VAL A 23 -6.29 -3.98 11.09
CA VAL A 23 -6.01 -4.02 12.53
C VAL A 23 -6.88 -3.04 13.33
N THR A 24 -7.46 -3.53 14.43
CA THR A 24 -8.51 -2.84 15.21
C THR A 24 -8.35 -3.00 16.72
N LEU A 25 -8.81 -2.01 17.50
CA LEU A 25 -8.99 -2.13 18.96
C LEU A 25 -10.49 -2.29 19.26
N ASP A 26 -10.83 -3.26 20.09
CA ASP A 26 -12.20 -3.73 20.33
C ASP A 26 -12.54 -3.84 21.84
N SER A 27 -13.81 -4.15 22.09
CA SER A 27 -14.46 -4.33 23.41
C SER A 27 -14.58 -3.02 24.22
N ASP A 28 -13.42 -2.43 24.55
CA ASP A 28 -13.19 -1.14 25.21
C ASP A 28 -11.70 -0.77 24.98
N ASN A 29 -11.24 -0.91 23.73
CA ASN A 29 -9.85 -0.92 23.26
C ASN A 29 -8.93 -2.02 23.87
N ILE A 30 -9.38 -2.78 24.88
CA ILE A 30 -8.67 -3.89 25.52
C ILE A 30 -8.46 -5.15 24.65
N LEU A 31 -9.24 -5.31 23.59
CA LEU A 31 -9.24 -6.49 22.72
C LEU A 31 -8.59 -6.12 21.38
N LEU A 32 -7.31 -6.44 21.18
CA LEU A 32 -6.63 -6.19 19.91
C LEU A 32 -6.98 -7.30 18.91
N SER A 33 -7.55 -6.94 17.76
CA SER A 33 -8.05 -7.86 16.73
C SER A 33 -7.42 -7.55 15.37
N GLU A 34 -7.15 -8.60 14.56
CA GLU A 34 -6.39 -8.51 13.31
C GLU A 34 -7.01 -9.45 12.26
N GLU A 35 -7.33 -8.97 11.05
CA GLU A 35 -8.00 -9.76 9.98
C GLU A 35 -7.18 -9.72 8.68
N GLN A 36 -6.97 -10.87 8.03
CA GLN A 36 -6.26 -10.94 6.74
C GLN A 36 -7.26 -11.06 5.58
N VAL A 37 -7.17 -10.12 4.64
CA VAL A 37 -8.16 -9.89 3.57
C VAL A 37 -7.53 -9.82 2.17
N ASP A 38 -8.37 -9.92 1.15
CA ASP A 38 -8.03 -9.64 -0.25
C ASP A 38 -8.04 -8.12 -0.53
N VAL A 39 -7.24 -7.63 -1.48
CA VAL A 39 -7.23 -6.22 -1.92
C VAL A 39 -8.61 -5.73 -2.42
N GLU A 40 -9.48 -6.65 -2.85
CA GLU A 40 -10.87 -6.37 -3.22
C GLU A 40 -11.77 -6.03 -2.00
N LEU A 41 -11.36 -6.36 -0.76
CA LEU A 41 -12.18 -6.31 0.46
C LEU A 41 -11.78 -5.21 1.47
N VAL A 42 -10.72 -4.47 1.19
CA VAL A 42 -10.25 -3.30 1.97
C VAL A 42 -10.81 -1.99 1.38
N GLN A 43 -11.11 -1.01 2.24
CA GLN A 43 -11.72 0.29 1.95
C GLN A 43 -10.89 1.50 2.40
N ARG A 44 -11.27 2.69 1.91
CA ARG A 44 -10.49 3.96 2.02
C ARG A 44 -10.47 4.65 3.41
N GLY A 45 -10.83 3.90 4.44
CA GLY A 45 -10.74 4.28 5.86
C GLY A 45 -10.24 3.16 6.77
N ASP A 46 -9.71 2.05 6.23
CA ASP A 46 -9.13 0.96 7.04
C ASP A 46 -7.70 1.29 7.51
N ILE A 47 -7.29 0.70 8.65
CA ILE A 47 -5.92 0.75 9.19
C ILE A 47 -5.23 -0.58 8.94
N ILE A 48 -4.11 -0.57 8.20
CA ILE A 48 -3.46 -1.78 7.67
C ILE A 48 -2.04 -1.97 8.20
N LYS A 49 -1.74 -3.13 8.79
CA LYS A 49 -0.36 -3.56 9.11
C LYS A 49 0.33 -4.12 7.86
N VAL A 50 1.53 -3.63 7.53
CA VAL A 50 2.40 -4.21 6.50
C VAL A 50 3.55 -5.02 7.12
N VAL A 51 3.84 -6.19 6.56
CA VAL A 51 4.88 -7.11 7.09
C VAL A 51 6.28 -6.84 6.51
N PRO A 52 7.36 -7.32 7.17
CA PRO A 52 8.70 -7.30 6.59
C PRO A 52 8.74 -8.14 5.31
N GLY A 53 9.40 -7.64 4.26
CA GLY A 53 9.48 -8.24 2.92
C GLY A 53 8.19 -8.20 2.07
N GLY A 54 7.09 -7.68 2.62
CA GLY A 54 5.78 -7.60 1.97
C GLY A 54 5.62 -6.44 0.98
N LYS A 55 4.45 -6.36 0.34
CA LYS A 55 4.11 -5.39 -0.71
C LYS A 55 2.81 -4.63 -0.41
N PHE A 56 2.74 -3.38 -0.86
CA PHE A 56 1.59 -2.49 -0.63
C PHE A 56 0.45 -2.73 -1.64
N PRO A 57 -0.80 -2.98 -1.21
CA PRO A 57 -1.96 -3.24 -2.08
C PRO A 57 -2.75 -1.98 -2.49
N VAL A 58 -2.66 -0.91 -1.70
CA VAL A 58 -3.34 0.40 -1.82
C VAL A 58 -2.41 1.50 -1.28
N ASP A 59 -2.75 2.78 -1.47
CA ASP A 59 -1.95 3.92 -0.98
C ASP A 59 -2.47 4.54 0.33
N GLY A 60 -1.58 5.21 1.07
CA GLY A 60 -1.92 5.83 2.36
C GLY A 60 -0.75 6.49 3.10
N ARG A 61 -1.01 6.82 4.38
CA ARG A 61 -0.09 7.49 5.31
C ARG A 61 0.33 6.56 6.45
N VAL A 62 1.61 6.61 6.82
CA VAL A 62 2.28 5.74 7.80
C VAL A 62 2.31 6.43 9.16
N ILE A 63 1.84 5.76 10.23
CA ILE A 63 1.76 6.35 11.58
C ILE A 63 2.13 5.34 12.68
N GLU A 64 3.05 4.41 12.37
CA GLU A 64 3.70 3.52 13.31
C GLU A 64 4.90 2.82 12.64
N GLY A 65 6.05 2.78 13.31
CA GLY A 65 7.21 1.98 12.91
C GLY A 65 8.16 2.64 11.91
N HIS A 66 9.19 1.88 11.52
CA HIS A 66 10.33 2.36 10.74
C HIS A 66 10.90 1.26 9.80
N SER A 67 10.76 1.48 8.48
CA SER A 67 11.22 0.55 7.44
C SER A 67 11.77 1.31 6.24
N MET A 68 12.45 0.61 5.34
CA MET A 68 12.84 1.12 4.02
C MET A 68 11.95 0.50 2.93
N VAL A 69 11.66 1.29 1.89
CA VAL A 69 10.67 0.95 0.86
C VAL A 69 11.19 1.26 -0.55
N ASP A 70 10.98 0.33 -1.49
CA ASP A 70 11.38 0.44 -2.89
C ASP A 70 10.21 0.85 -3.80
N GLU A 71 10.40 1.83 -4.69
CA GLU A 71 9.33 2.50 -5.47
C GLU A 71 9.62 2.67 -6.98
N SER A 72 10.61 1.94 -7.50
CA SER A 72 11.25 2.11 -8.83
C SER A 72 10.38 2.36 -10.07
N LEU A 73 9.16 1.84 -10.15
CA LEU A 73 8.21 2.05 -11.26
C LEU A 73 7.24 3.19 -10.95
N ILE A 74 6.73 3.24 -9.71
CA ILE A 74 5.62 4.12 -9.30
C ILE A 74 6.05 5.59 -9.29
N THR A 75 7.00 5.96 -8.42
CA THR A 75 7.56 7.33 -8.30
C THR A 75 8.83 7.51 -9.14
N GLY A 76 9.38 6.42 -9.67
CA GLY A 76 10.54 6.41 -10.57
C GLY A 76 11.91 6.43 -9.88
N GLU A 77 11.94 6.40 -8.54
CA GLU A 77 13.16 6.63 -7.75
C GLU A 77 14.31 5.69 -8.12
N ALA A 78 14.02 4.39 -8.24
CA ALA A 78 14.97 3.32 -8.59
C ALA A 78 16.18 3.26 -7.62
N MET A 79 15.94 3.71 -6.39
CA MET A 79 16.78 3.75 -5.20
C MET A 79 15.79 3.72 -4.01
N PRO A 80 16.04 2.95 -2.94
CA PRO A 80 15.06 2.75 -1.87
C PRO A 80 14.97 3.95 -0.91
N VAL A 81 13.81 4.14 -0.27
CA VAL A 81 13.44 5.33 0.52
C VAL A 81 12.95 4.98 1.93
N ALA A 82 13.43 5.69 2.94
CA ALA A 82 13.10 5.47 4.34
C ALA A 82 11.73 6.06 4.75
N LYS A 83 10.93 5.27 5.48
CA LYS A 83 9.61 5.62 6.03
C LYS A 83 9.64 5.56 7.57
N LYS A 84 8.93 6.46 8.24
CA LYS A 84 8.79 6.60 9.70
C LYS A 84 7.34 7.03 10.05
N PRO A 85 6.91 7.15 11.33
CA PRO A 85 5.61 7.74 11.66
C PRO A 85 5.51 9.18 11.15
N GLY A 86 4.45 9.50 10.40
CA GLY A 86 4.29 10.75 9.66
C GLY A 86 4.90 10.74 8.25
N SER A 87 4.87 9.61 7.54
CA SER A 87 5.38 9.45 6.15
C SER A 87 4.26 8.97 5.22
N THR A 88 4.46 8.94 3.90
CA THR A 88 3.46 8.42 2.93
C THR A 88 3.99 7.28 2.05
N VAL A 89 3.11 6.39 1.61
CA VAL A 89 3.39 5.21 0.77
C VAL A 89 2.33 4.99 -0.31
N ILE A 90 2.72 4.29 -1.38
CA ILE A 90 1.89 3.93 -2.54
C ILE A 90 1.86 2.41 -2.79
N ALA A 91 0.82 1.94 -3.50
CA ALA A 91 0.70 0.54 -3.90
C ALA A 91 1.80 0.10 -4.88
N GLY A 92 2.18 -1.18 -4.85
CA GLY A 92 3.23 -1.74 -5.71
C GLY A 92 4.67 -1.51 -5.22
N SER A 93 4.84 -0.79 -4.12
CA SER A 93 6.12 -0.69 -3.42
C SER A 93 6.41 -1.94 -2.57
N ILE A 94 7.70 -2.23 -2.35
CA ILE A 94 8.18 -3.37 -1.53
C ILE A 94 8.79 -2.86 -0.21
N ASN A 95 8.38 -3.42 0.93
CA ASN A 95 8.81 -3.06 2.29
C ASN A 95 9.97 -3.95 2.77
N GLN A 96 10.95 -3.40 3.51
CA GLN A 96 12.17 -4.12 3.92
C GLN A 96 12.06 -4.81 5.30
N ASN A 97 12.61 -4.25 6.38
CA ASN A 97 12.78 -4.95 7.67
C ASN A 97 11.69 -4.67 8.72
N GLY A 98 11.25 -3.42 8.88
CA GLY A 98 10.27 -3.06 9.91
C GLY A 98 8.81 -3.26 9.48
N SER A 99 7.97 -3.75 10.39
CA SER A 99 6.51 -3.79 10.22
C SER A 99 5.89 -2.45 10.65
N LEU A 100 5.06 -1.88 9.77
CA LEU A 100 4.47 -0.54 9.91
C LEU A 100 2.93 -0.63 9.93
N LEU A 101 2.26 0.40 10.47
CA LEU A 101 0.80 0.56 10.33
C LEU A 101 0.49 1.80 9.48
N ILE A 102 -0.36 1.60 8.48
CA ILE A 102 -0.72 2.58 7.45
C ILE A 102 -2.24 2.81 7.44
N CYS A 103 -2.68 4.06 7.52
CA CYS A 103 -4.08 4.41 7.26
C CYS A 103 -4.29 4.51 5.74
N ALA A 104 -5.05 3.57 5.18
CA ALA A 104 -5.30 3.48 3.74
C ALA A 104 -6.37 4.50 3.31
N THR A 105 -6.21 5.09 2.13
CA THR A 105 -7.03 6.24 1.69
C THR A 105 -7.62 6.15 0.28
N HIS A 106 -7.42 5.03 -0.42
CA HIS A 106 -8.08 4.71 -1.69
C HIS A 106 -8.36 3.20 -1.82
N VAL A 107 -9.42 2.84 -2.55
CA VAL A 107 -9.70 1.46 -2.99
C VAL A 107 -8.88 1.11 -4.24
N GLY A 108 -8.88 -0.15 -4.68
CA GLY A 108 -8.04 -0.62 -5.80
C GLY A 108 -8.39 0.02 -7.15
N ALA A 109 -9.63 0.43 -7.38
CA ALA A 109 -10.03 1.24 -8.53
C ALA A 109 -9.59 2.72 -8.42
N ASP A 110 -9.75 3.32 -7.23
CA ASP A 110 -9.51 4.76 -6.96
C ASP A 110 -8.05 5.19 -6.79
N THR A 111 -7.10 4.25 -6.69
CA THR A 111 -5.68 4.48 -6.43
C THR A 111 -4.88 4.80 -7.70
N THR A 112 -3.73 5.49 -7.54
CA THR A 112 -2.78 5.91 -8.60
C THR A 112 -2.57 4.86 -9.70
N LEU A 113 -2.39 3.58 -9.37
CA LEU A 113 -2.08 2.52 -10.36
C LEU A 113 -3.21 2.35 -11.39
N SER A 114 -4.45 2.27 -10.90
CA SER A 114 -5.65 2.25 -11.74
C SER A 114 -5.90 3.60 -12.40
N GLN A 115 -5.58 4.70 -11.69
CA GLN A 115 -5.77 6.07 -12.18
C GLN A 115 -4.88 6.37 -13.42
N ILE A 116 -3.66 5.82 -13.45
CA ILE A 116 -2.74 5.87 -14.59
C ILE A 116 -3.31 5.11 -15.79
N VAL A 117 -3.61 3.81 -15.66
CA VAL A 117 -4.00 2.98 -16.83
C VAL A 117 -5.33 3.39 -17.46
N LYS A 118 -6.18 4.11 -16.72
CA LYS A 118 -7.38 4.77 -17.25
C LYS A 118 -7.02 5.96 -18.15
N LEU A 119 -6.24 6.92 -17.64
CA LEU A 119 -5.92 8.18 -18.32
C LEU A 119 -4.87 8.09 -19.44
N VAL A 120 -3.92 7.14 -19.34
CA VAL A 120 -2.99 6.83 -20.44
C VAL A 120 -3.79 6.42 -21.68
N GLU A 121 -4.66 5.42 -21.52
CA GLU A 121 -5.52 4.90 -22.60
C GLU A 121 -6.50 5.90 -23.23
N GLU A 122 -6.76 7.07 -22.63
CA GLU A 122 -7.50 8.15 -23.30
C GLU A 122 -6.69 8.85 -24.41
N ALA A 123 -5.38 9.03 -24.21
CA ALA A 123 -4.46 9.47 -25.26
C ALA A 123 -4.03 8.29 -26.16
N GLN A 124 -3.30 7.35 -25.54
CA GLN A 124 -2.80 6.08 -26.09
C GLN A 124 -3.91 5.04 -26.28
N SER A 6 3.82 -0.35 -23.98
CA SER A 6 2.46 -0.80 -23.61
C SER A 6 2.48 -2.09 -22.78
N GLU A 7 3.55 -2.88 -22.87
CA GLU A 7 3.80 -4.08 -22.04
C GLU A 7 3.80 -3.78 -20.53
N ALA A 8 4.27 -2.59 -20.14
CA ALA A 8 4.19 -2.10 -18.76
C ALA A 8 2.78 -1.62 -18.33
N LEU A 9 1.85 -1.35 -19.25
CA LEU A 9 0.58 -0.67 -18.93
C LEU A 9 -0.32 -1.48 -17.98
N ALA A 10 -0.46 -2.79 -18.17
CA ALA A 10 -1.12 -3.65 -17.19
C ALA A 10 -0.24 -3.95 -15.95
N LYS A 11 1.10 -3.82 -16.04
CA LYS A 11 2.04 -4.26 -15.00
C LYS A 11 1.91 -3.44 -13.73
N LEU A 12 1.70 -2.13 -13.86
CA LEU A 12 1.36 -1.25 -12.72
C LEU A 12 0.19 -1.83 -11.90
N ILE A 13 -0.87 -2.30 -12.56
CA ILE A 13 -2.02 -2.97 -11.93
C ILE A 13 -1.70 -4.39 -11.41
N SER A 14 -0.75 -5.09 -12.02
CA SER A 14 -0.33 -6.44 -11.62
C SER A 14 0.43 -6.46 -10.29
N LEU A 15 1.26 -5.45 -10.03
CA LEU A 15 2.12 -5.35 -8.83
C LEU A 15 1.34 -5.32 -7.50
N GLN A 16 0.04 -5.02 -7.55
CA GLN A 16 -0.84 -4.85 -6.39
C GLN A 16 -1.04 -6.14 -5.58
N ALA A 17 -0.96 -6.03 -4.25
CA ALA A 17 -1.21 -7.15 -3.34
C ALA A 17 -2.68 -7.62 -3.40
N THR A 18 -2.90 -8.91 -3.13
CA THR A 18 -4.22 -9.58 -3.27
C THR A 18 -4.93 -9.75 -1.92
N GLU A 19 -4.17 -9.84 -0.83
CA GLU A 19 -4.67 -9.90 0.55
C GLU A 19 -3.80 -9.09 1.52
N ALA A 20 -4.39 -8.60 2.62
CA ALA A 20 -3.80 -7.64 3.56
C ALA A 20 -4.17 -7.90 5.04
N THR A 21 -3.38 -7.42 5.99
CA THR A 21 -3.64 -7.56 7.44
C THR A 21 -4.38 -6.34 8.03
N ILE A 22 -5.66 -6.49 8.41
CA ILE A 22 -6.42 -5.48 9.18
C ILE A 22 -6.13 -5.66 10.68
N VAL A 23 -5.69 -4.60 11.35
CA VAL A 23 -5.33 -4.63 12.78
C VAL A 23 -6.33 -3.82 13.61
N THR A 24 -6.85 -4.41 14.69
CA THR A 24 -7.87 -3.80 15.56
C THR A 24 -7.59 -4.12 17.03
N LEU A 25 -7.71 -3.11 17.91
CA LEU A 25 -7.70 -3.30 19.36
C LEU A 25 -9.10 -3.75 19.80
N ASP A 26 -9.31 -5.06 19.87
CA ASP A 26 -10.64 -5.67 20.14
C ASP A 26 -11.07 -5.54 21.63
N SER A 27 -10.18 -5.01 22.47
CA SER A 27 -10.44 -4.55 23.83
C SER A 27 -9.36 -3.55 24.31
N ASP A 28 -9.82 -2.54 25.06
CA ASP A 28 -9.19 -1.37 25.73
C ASP A 28 -7.65 -1.23 25.64
N ASN A 29 -7.08 -1.33 24.43
CA ASN A 29 -5.65 -1.51 24.14
C ASN A 29 -5.07 -2.83 24.70
N ILE A 30 -5.69 -3.43 25.71
CA ILE A 30 -5.38 -4.72 26.35
C ILE A 30 -5.49 -5.97 25.46
N LEU A 31 -6.05 -5.85 24.25
CA LEU A 31 -6.25 -6.95 23.31
C LEU A 31 -5.87 -6.55 21.88
N LEU A 32 -4.70 -7.03 21.45
CA LEU A 32 -4.23 -6.90 20.07
C LEU A 32 -4.84 -8.02 19.21
N SER A 33 -5.47 -7.68 18.08
CA SER A 33 -6.10 -8.65 17.18
C SER A 33 -5.87 -8.27 15.71
N GLU A 34 -5.57 -9.25 14.86
CA GLU A 34 -5.20 -9.05 13.45
C GLU A 34 -5.89 -10.07 12.54
N GLU A 35 -6.51 -9.63 11.43
CA GLU A 35 -7.18 -10.49 10.44
C GLU A 35 -6.42 -10.41 9.10
N GLN A 36 -6.27 -11.51 8.37
CA GLN A 36 -5.78 -11.49 6.99
C GLN A 36 -6.97 -11.62 6.03
N VAL A 37 -7.20 -10.60 5.19
CA VAL A 37 -8.42 -10.44 4.38
C VAL A 37 -8.09 -10.18 2.90
N ASP A 38 -9.01 -10.47 1.99
CA ASP A 38 -8.81 -10.17 0.56
C ASP A 38 -9.02 -8.67 0.26
N VAL A 39 -8.34 -8.15 -0.76
CA VAL A 39 -8.28 -6.71 -1.08
C VAL A 39 -9.66 -6.05 -1.36
N GLU A 40 -10.70 -6.82 -1.69
CA GLU A 40 -12.08 -6.31 -1.84
C GLU A 40 -12.81 -6.10 -0.49
N LEU A 41 -12.34 -6.74 0.60
CA LEU A 41 -12.97 -6.76 1.94
C LEU A 41 -12.47 -5.63 2.87
N VAL A 42 -11.46 -4.88 2.43
CA VAL A 42 -10.97 -3.64 3.05
C VAL A 42 -11.63 -2.42 2.39
N GLN A 43 -11.94 -1.39 3.18
CA GLN A 43 -12.53 -0.13 2.71
C GLN A 43 -11.75 1.11 3.19
N ARG A 44 -12.11 2.30 2.69
CA ARG A 44 -11.38 3.58 2.90
C ARG A 44 -11.33 4.15 4.34
N GLY A 45 -11.52 3.33 5.36
CA GLY A 45 -11.51 3.68 6.77
C GLY A 45 -11.01 2.53 7.65
N ASP A 46 -9.94 1.85 7.21
CA ASP A 46 -9.27 0.76 7.92
C ASP A 46 -7.77 1.09 8.12
N ILE A 47 -7.10 0.44 9.09
CA ILE A 47 -5.64 0.54 9.30
C ILE A 47 -4.99 -0.82 9.06
N ILE A 48 -3.98 -0.84 8.18
CA ILE A 48 -3.38 -2.05 7.62
C ILE A 48 -1.91 -2.20 8.01
N LYS A 49 -1.51 -3.34 8.56
CA LYS A 49 -0.10 -3.72 8.77
C LYS A 49 0.47 -4.24 7.44
N VAL A 50 1.54 -3.60 6.95
CA VAL A 50 2.34 -4.08 5.81
C VAL A 50 3.60 -4.78 6.35
N VAL A 51 3.81 -6.04 5.94
CA VAL A 51 4.84 -6.91 6.53
C VAL A 51 6.22 -6.73 5.87
N PRO A 52 7.34 -7.06 6.54
CA PRO A 52 8.66 -7.09 5.90
C PRO A 52 8.71 -8.08 4.73
N GLY A 53 9.23 -7.64 3.57
CA GLY A 53 9.18 -8.37 2.30
C GLY A 53 7.82 -8.38 1.58
N GLY A 54 6.77 -7.87 2.23
CA GLY A 54 5.42 -7.77 1.69
C GLY A 54 5.20 -6.60 0.73
N LYS A 55 3.96 -6.45 0.25
CA LYS A 55 3.55 -5.46 -0.76
C LYS A 55 2.37 -4.60 -0.27
N PHE A 56 2.21 -3.41 -0.87
CA PHE A 56 1.12 -2.48 -0.58
C PHE A 56 -0.13 -2.76 -1.45
N PRO A 57 -1.35 -2.89 -0.87
CA PRO A 57 -2.57 -3.23 -1.61
C PRO A 57 -3.32 -2.04 -2.23
N VAL A 58 -3.16 -0.84 -1.68
CA VAL A 58 -3.78 0.45 -2.07
C VAL A 58 -2.80 1.59 -1.75
N ASP A 59 -3.04 2.80 -2.26
CA ASP A 59 -2.21 3.98 -1.92
C ASP A 59 -2.71 4.68 -0.65
N GLY A 60 -1.82 5.29 0.13
CA GLY A 60 -2.19 5.94 1.39
C GLY A 60 -1.00 6.50 2.18
N ARG A 61 -1.25 6.81 3.45
CA ARG A 61 -0.28 7.39 4.39
C ARG A 61 0.09 6.41 5.52
N VAL A 62 1.35 6.47 5.93
CA VAL A 62 1.97 5.74 7.04
C VAL A 62 1.78 6.53 8.32
N ILE A 63 1.36 5.90 9.42
CA ILE A 63 1.26 6.56 10.74
C ILE A 63 1.77 5.66 11.89
N GLU A 64 2.73 4.79 11.56
CA GLU A 64 3.55 4.02 12.50
C GLU A 64 4.72 3.37 11.73
N GLY A 65 5.90 3.26 12.35
CA GLY A 65 7.02 2.45 11.86
C GLY A 65 8.09 3.16 11.00
N HIS A 66 9.12 2.39 10.64
CA HIS A 66 10.38 2.86 10.03
C HIS A 66 11.00 1.93 8.96
N SER A 67 10.18 1.27 8.11
CA SER A 67 10.70 0.38 7.07
C SER A 67 11.23 1.15 5.87
N MET A 68 12.11 0.49 5.11
CA MET A 68 12.53 0.99 3.79
C MET A 68 11.65 0.38 2.69
N VAL A 69 11.28 1.18 1.68
CA VAL A 69 10.31 0.83 0.63
C VAL A 69 10.89 1.04 -0.78
N ASP A 70 10.53 0.15 -1.70
CA ASP A 70 10.99 0.12 -3.10
C ASP A 70 9.89 0.60 -4.07
N GLU A 71 10.09 1.77 -4.68
CA GLU A 71 9.11 2.47 -5.53
C GLU A 71 9.66 2.96 -6.90
N SER A 72 10.82 2.42 -7.33
CA SER A 72 11.52 2.77 -8.59
C SER A 72 10.77 2.39 -9.88
N LEU A 73 9.91 1.37 -9.87
CA LEU A 73 9.01 1.05 -11.00
C LEU A 73 7.80 1.97 -11.00
N ILE A 74 7.15 2.14 -9.85
CA ILE A 74 5.87 2.85 -9.73
C ILE A 74 6.05 4.34 -10.06
N THR A 75 6.97 5.00 -9.35
CA THR A 75 7.22 6.46 -9.44
C THR A 75 8.34 6.83 -10.42
N GLY A 76 9.09 5.83 -10.89
CA GLY A 76 10.28 6.05 -11.74
C GLY A 76 11.53 6.48 -10.95
N GLU A 77 11.50 6.35 -9.61
CA GLU A 77 12.63 6.54 -8.69
C GLU A 77 13.88 5.72 -9.06
N ALA A 78 14.98 5.89 -8.31
CA ALA A 78 16.23 5.15 -8.56
C ALA A 78 17.02 4.75 -7.29
N MET A 79 16.46 4.96 -6.09
CA MET A 79 16.99 4.42 -4.83
C MET A 79 15.83 4.20 -3.85
N PRO A 80 15.89 3.20 -2.96
CA PRO A 80 14.80 2.90 -2.03
C PRO A 80 14.66 4.01 -0.97
N VAL A 81 13.46 4.09 -0.38
CA VAL A 81 13.01 5.23 0.44
C VAL A 81 12.74 4.82 1.89
N ALA A 82 13.32 5.52 2.86
CA ALA A 82 13.04 5.32 4.29
C ALA A 82 11.72 6.00 4.70
N LYS A 83 10.84 5.26 5.38
CA LYS A 83 9.52 5.73 5.82
C LYS A 83 9.51 6.06 7.33
N LYS A 84 8.50 6.82 7.75
CA LYS A 84 8.25 7.29 9.12
C LYS A 84 6.74 7.46 9.36
N PRO A 85 6.23 7.60 10.60
CA PRO A 85 4.86 8.07 10.82
C PRO A 85 4.74 9.48 10.21
N GLY A 86 3.70 9.71 9.40
CA GLY A 86 3.55 10.91 8.56
C GLY A 86 4.31 10.83 7.23
N SER A 87 4.24 9.70 6.52
CA SER A 87 4.91 9.44 5.24
C SER A 87 3.95 8.86 4.20
N THR A 88 4.14 9.08 2.89
CA THR A 88 3.23 8.58 1.83
C THR A 88 3.75 7.33 1.12
N VAL A 89 2.83 6.47 0.70
CA VAL A 89 3.10 5.20 -0.01
C VAL A 89 2.10 4.94 -1.15
N ILE A 90 2.56 4.21 -2.18
CA ILE A 90 1.73 3.74 -3.30
C ILE A 90 1.57 2.22 -3.32
N ALA A 91 0.40 1.78 -3.80
CA ALA A 91 0.10 0.38 -4.08
C ALA A 91 1.16 -0.25 -5.00
N GLY A 92 1.47 -1.53 -4.78
CA GLY A 92 2.40 -2.30 -5.60
C GLY A 92 3.89 -2.10 -5.30
N SER A 93 4.26 -1.14 -4.45
CA SER A 93 5.64 -1.04 -3.93
C SER A 93 5.95 -2.22 -2.97
N ILE A 94 7.23 -2.48 -2.74
CA ILE A 94 7.71 -3.59 -1.88
C ILE A 94 8.32 -3.05 -0.58
N ASN A 95 8.16 -3.78 0.53
CA ASN A 95 8.57 -3.35 1.87
C ASN A 95 9.80 -4.11 2.41
N GLN A 96 10.56 -3.48 3.30
CA GLN A 96 11.66 -4.06 4.10
C GLN A 96 11.29 -4.02 5.61
N ASN A 97 12.22 -4.27 6.52
CA ASN A 97 12.00 -4.38 7.96
C ASN A 97 11.83 -3.01 8.62
N GLY A 98 10.90 -2.89 9.57
CA GLY A 98 10.53 -1.64 10.23
C GLY A 98 9.02 -1.52 10.55
N SER A 99 8.25 -2.61 10.42
CA SER A 99 6.81 -2.80 10.69
C SER A 99 5.96 -1.52 10.63
N LEU A 100 5.50 -1.17 9.42
CA LEU A 100 4.65 0.00 9.18
C LEU A 100 3.16 -0.31 9.35
N LEU A 101 2.37 0.69 9.75
CA LEU A 101 0.91 0.65 9.71
C LEU A 101 0.37 1.82 8.88
N ILE A 102 -0.51 1.49 7.92
CA ILE A 102 -0.99 2.37 6.86
C ILE A 102 -2.48 2.68 7.06
N CYS A 103 -2.87 3.95 7.09
CA CYS A 103 -4.29 4.33 7.06
C CYS A 103 -4.81 4.26 5.62
N ALA A 104 -5.58 3.22 5.30
CA ALA A 104 -6.16 3.04 3.98
C ALA A 104 -7.36 3.98 3.82
N THR A 105 -7.23 4.96 2.92
CA THR A 105 -8.27 5.98 2.63
C THR A 105 -8.75 5.97 1.18
N HIS A 106 -8.47 4.87 0.46
CA HIS A 106 -8.79 4.67 -0.95
C HIS A 106 -9.04 3.19 -1.23
N VAL A 107 -9.94 2.89 -2.16
CA VAL A 107 -10.10 1.56 -2.76
C VAL A 107 -9.42 1.52 -4.13
N GLY A 108 -9.18 0.34 -4.69
CA GLY A 108 -8.33 0.16 -5.88
C GLY A 108 -8.71 1.05 -7.07
N ALA A 109 -10.01 1.16 -7.38
CA ALA A 109 -10.51 1.95 -8.50
C ALA A 109 -10.27 3.47 -8.36
N ASP A 110 -10.12 3.98 -7.13
CA ASP A 110 -9.69 5.36 -6.85
C ASP A 110 -8.17 5.60 -6.99
N THR A 111 -7.34 4.57 -6.82
CA THR A 111 -5.89 4.71 -6.60
C THR A 111 -5.14 5.57 -7.63
N THR A 112 -4.14 6.32 -7.15
CA THR A 112 -3.23 7.11 -8.01
C THR A 112 -2.45 6.22 -8.99
N LEU A 113 -2.16 4.98 -8.59
CA LEU A 113 -1.64 3.91 -9.45
C LEU A 113 -2.52 3.69 -10.69
N SER A 114 -3.85 3.65 -10.50
CA SER A 114 -4.81 3.54 -11.60
C SER A 114 -4.93 4.82 -12.43
N GLN A 115 -4.60 6.00 -11.88
CA GLN A 115 -4.59 7.26 -12.61
C GLN A 115 -3.44 7.34 -13.62
N ILE A 116 -2.26 6.85 -13.24
CA ILE A 116 -1.09 6.76 -14.14
C ILE A 116 -1.47 5.99 -15.42
N VAL A 117 -2.00 4.78 -15.28
CA VAL A 117 -2.44 3.95 -16.42
C VAL A 117 -3.70 4.47 -17.13
N LYS A 118 -4.51 5.33 -16.50
CA LYS A 118 -5.59 6.06 -17.20
C LYS A 118 -5.00 7.12 -18.12
N LEU A 119 -3.97 7.86 -17.69
CA LEU A 119 -3.30 8.89 -18.48
C LEU A 119 -2.45 8.34 -19.63
N VAL A 120 -1.71 7.23 -19.44
CA VAL A 120 -0.96 6.58 -20.54
C VAL A 120 -1.92 6.01 -21.60
N GLU A 121 -3.12 5.61 -21.20
CA GLU A 121 -4.20 5.18 -22.10
C GLU A 121 -4.85 6.35 -22.87
N GLU A 122 -4.91 7.56 -22.29
CA GLU A 122 -5.41 8.78 -22.95
C GLU A 122 -4.47 9.34 -24.02
N ALA A 123 -3.15 9.14 -23.90
CA ALA A 123 -2.16 9.74 -24.78
C ALA A 123 -2.28 9.19 -26.21
N GLN A 124 -2.27 7.85 -26.34
CA GLN A 124 -2.57 7.08 -27.55
C GLN A 124 -4.01 7.29 -28.09
N SER A 6 3.48 -1.67 -23.24
CA SER A 6 2.17 -2.37 -23.29
C SER A 6 2.05 -3.50 -22.26
N GLU A 7 3.08 -4.31 -22.02
CA GLU A 7 3.05 -5.22 -20.85
C GLU A 7 3.18 -4.40 -19.56
N ALA A 8 4.04 -3.36 -19.59
CA ALA A 8 4.18 -2.40 -18.50
C ALA A 8 2.86 -1.71 -18.11
N LEU A 9 1.88 -1.57 -19.02
CA LEU A 9 0.55 -1.01 -18.71
C LEU A 9 -0.27 -1.93 -17.79
N ALA A 10 -0.13 -3.26 -17.94
CA ALA A 10 -0.69 -4.21 -16.99
C ALA A 10 0.14 -4.27 -15.69
N LYS A 11 1.47 -4.12 -15.81
CA LYS A 11 2.44 -4.33 -14.71
C LYS A 11 2.19 -3.46 -13.48
N LEU A 12 1.74 -2.21 -13.62
CA LEU A 12 1.33 -1.35 -12.48
C LEU A 12 0.38 -2.09 -11.53
N ILE A 13 -0.67 -2.71 -12.09
CA ILE A 13 -1.67 -3.47 -11.35
C ILE A 13 -1.11 -4.80 -10.81
N SER A 14 -0.13 -5.39 -11.50
CA SER A 14 0.53 -6.63 -11.07
C SER A 14 1.47 -6.41 -9.87
N LEU A 15 2.03 -5.21 -9.68
CA LEU A 15 2.86 -4.90 -8.50
C LEU A 15 2.03 -4.85 -7.20
N GLN A 16 0.76 -4.42 -7.25
CA GLN A 16 -0.08 -4.32 -6.06
C GLN A 16 -0.30 -5.70 -5.41
N ALA A 17 -0.43 -5.70 -4.07
CA ALA A 17 -0.39 -6.90 -3.24
C ALA A 17 -1.48 -7.97 -3.47
N THR A 18 -2.63 -7.63 -4.07
CA THR A 18 -3.82 -8.51 -4.26
C THR A 18 -4.54 -8.90 -2.95
N GLU A 19 -3.83 -8.96 -1.82
CA GLU A 19 -4.33 -9.26 -0.48
C GLU A 19 -3.72 -8.36 0.61
N ALA A 20 -4.41 -8.19 1.75
CA ALA A 20 -4.02 -7.31 2.87
C ALA A 20 -4.35 -7.91 4.27
N THR A 21 -3.76 -7.32 5.32
CA THR A 21 -4.07 -7.59 6.74
C THR A 21 -4.65 -6.35 7.44
N ILE A 22 -5.96 -6.34 7.76
CA ILE A 22 -6.63 -5.28 8.52
C ILE A 22 -6.48 -5.54 10.03
N VAL A 23 -6.27 -4.50 10.84
CA VAL A 23 -6.28 -4.59 12.32
C VAL A 23 -7.43 -3.80 12.97
N THR A 24 -8.14 -4.43 13.91
CA THR A 24 -9.35 -3.92 14.59
C THR A 24 -9.24 -4.14 16.09
N LEU A 25 -9.61 -3.13 16.89
CA LEU A 25 -9.46 -3.16 18.34
C LEU A 25 -10.72 -3.72 19.01
N ASP A 26 -10.81 -5.04 19.15
CA ASP A 26 -11.99 -5.75 19.71
C ASP A 26 -12.09 -5.63 21.26
N SER A 27 -11.08 -5.00 21.89
CA SER A 27 -11.05 -4.53 23.30
C SER A 27 -9.96 -3.46 23.49
N ASP A 28 -10.24 -2.44 24.32
CA ASP A 28 -9.58 -1.14 24.61
C ASP A 28 -8.08 -1.01 24.23
N ASN A 29 -7.77 -1.04 22.93
CA ASN A 29 -6.44 -1.20 22.32
C ASN A 29 -5.55 -2.36 22.87
N ILE A 30 -6.08 -3.17 23.79
CA ILE A 30 -5.52 -4.37 24.39
C ILE A 30 -5.70 -5.65 23.55
N LEU A 31 -6.54 -5.59 22.52
CA LEU A 31 -6.93 -6.73 21.68
C LEU A 31 -6.91 -6.38 20.18
N LEU A 32 -5.77 -6.72 19.56
CA LEU A 32 -5.48 -6.53 18.14
C LEU A 32 -5.94 -7.76 17.33
N SER A 33 -7.25 -7.84 17.08
CA SER A 33 -7.87 -8.85 16.21
C SER A 33 -7.67 -8.49 14.74
N GLU A 34 -7.11 -9.40 13.93
CA GLU A 34 -6.77 -9.13 12.52
C GLU A 34 -7.79 -9.75 11.53
N GLU A 35 -7.80 -9.27 10.28
CA GLU A 35 -8.51 -9.88 9.15
C GLU A 35 -7.55 -9.98 7.96
N GLN A 36 -7.37 -11.18 7.39
CA GLN A 36 -6.67 -11.37 6.12
C GLN A 36 -7.71 -11.32 5.00
N VAL A 37 -7.55 -10.39 4.05
CA VAL A 37 -8.58 -10.04 3.05
C VAL A 37 -8.03 -9.89 1.64
N ASP A 38 -8.91 -10.03 0.65
CA ASP A 38 -8.65 -9.67 -0.74
C ASP A 38 -8.80 -8.16 -0.94
N VAL A 39 -7.98 -7.56 -1.82
CA VAL A 39 -7.98 -6.11 -2.07
C VAL A 39 -9.34 -5.56 -2.52
N GLU A 40 -10.16 -6.37 -3.20
CA GLU A 40 -11.51 -6.03 -3.66
C GLU A 40 -12.56 -5.98 -2.53
N LEU A 41 -12.17 -6.34 -1.28
CA LEU A 41 -13.00 -6.42 -0.09
C LEU A 41 -12.66 -5.40 1.00
N VAL A 42 -11.51 -4.71 0.93
CA VAL A 42 -11.15 -3.65 1.89
C VAL A 42 -11.72 -2.29 1.46
N GLN A 43 -12.05 -1.45 2.44
CA GLN A 43 -12.68 -0.13 2.26
C GLN A 43 -11.89 1.03 2.90
N ARG A 44 -12.21 2.29 2.51
CA ARG A 44 -11.46 3.53 2.79
C ARG A 44 -11.47 4.07 4.25
N GLY A 45 -11.82 3.24 5.23
CA GLY A 45 -11.95 3.61 6.65
C GLY A 45 -11.20 2.71 7.64
N ASP A 46 -10.44 1.73 7.15
CA ASP A 46 -9.72 0.74 7.97
C ASP A 46 -8.18 0.92 7.92
N ILE A 47 -7.46 0.22 8.80
CA ILE A 47 -6.01 0.38 9.04
C ILE A 47 -5.27 -0.95 8.83
N ILE A 48 -4.18 -0.91 8.05
CA ILE A 48 -3.50 -2.09 7.48
C ILE A 48 -2.04 -2.26 7.96
N LYS A 49 -1.63 -3.49 8.32
CA LYS A 49 -0.21 -3.84 8.59
C LYS A 49 0.57 -4.24 7.34
N VAL A 50 1.84 -3.85 7.28
CA VAL A 50 2.81 -4.32 6.27
C VAL A 50 4.14 -4.74 6.92
N VAL A 51 4.69 -5.89 6.51
CA VAL A 51 5.84 -6.57 7.15
C VAL A 51 7.12 -6.52 6.28
N PRO A 52 8.31 -6.91 6.79
CA PRO A 52 9.50 -7.10 5.96
C PRO A 52 9.26 -8.07 4.80
N GLY A 53 9.69 -7.66 3.61
CA GLY A 53 9.48 -8.38 2.34
C GLY A 53 8.08 -8.24 1.73
N GLY A 54 7.11 -7.65 2.46
CA GLY A 54 5.76 -7.38 1.98
C GLY A 54 5.65 -6.20 1.00
N LYS A 55 4.51 -6.09 0.32
CA LYS A 55 4.19 -5.00 -0.62
C LYS A 55 2.95 -4.21 -0.18
N PHE A 56 2.86 -2.94 -0.58
CA PHE A 56 1.72 -2.07 -0.24
C PHE A 56 0.49 -2.32 -1.14
N PRO A 57 -0.75 -2.41 -0.59
CA PRO A 57 -1.95 -2.70 -1.39
C PRO A 57 -2.65 -1.48 -2.01
N VAL A 58 -2.60 -0.31 -1.36
CA VAL A 58 -3.28 0.95 -1.75
C VAL A 58 -2.40 2.15 -1.34
N ASP A 59 -2.74 3.37 -1.76
CA ASP A 59 -1.95 4.58 -1.40
C ASP A 59 -2.49 5.29 -0.15
N GLY A 60 -1.61 5.86 0.67
CA GLY A 60 -2.02 6.48 1.95
C GLY A 60 -0.89 6.98 2.85
N ARG A 61 -1.22 7.25 4.12
CA ARG A 61 -0.33 7.78 5.17
C ARG A 61 0.02 6.72 6.23
N VAL A 62 1.25 6.78 6.75
CA VAL A 62 1.87 5.85 7.70
C VAL A 62 2.13 6.54 9.05
N ILE A 63 1.79 5.89 10.17
CA ILE A 63 1.95 6.46 11.53
C ILE A 63 2.45 5.43 12.57
N GLU A 64 3.34 4.52 12.18
CA GLU A 64 4.09 3.63 13.08
C GLU A 64 5.26 2.99 12.34
N GLY A 65 6.43 2.94 12.98
CA GLY A 65 7.59 2.17 12.54
C GLY A 65 8.49 2.85 11.51
N HIS A 66 9.48 2.08 11.05
CA HIS A 66 10.58 2.56 10.21
C HIS A 66 11.10 1.47 9.25
N SER A 67 10.86 1.70 7.96
CA SER A 67 11.30 0.81 6.87
C SER A 67 11.76 1.58 5.64
N MET A 68 12.64 0.94 4.85
CA MET A 68 13.13 1.45 3.57
C MET A 68 12.43 0.71 2.42
N VAL A 69 11.88 1.47 1.48
CA VAL A 69 10.93 1.01 0.45
C VAL A 69 11.47 1.14 -0.96
N ASP A 70 11.28 0.13 -1.82
CA ASP A 70 11.66 0.18 -3.24
C ASP A 70 10.50 0.69 -4.11
N GLU A 71 10.57 1.97 -4.49
CA GLU A 71 9.58 2.66 -5.35
C GLU A 71 9.93 2.66 -6.85
N SER A 72 11.02 1.97 -7.24
CA SER A 72 11.67 1.99 -8.55
C SER A 72 10.77 2.06 -9.78
N LEU A 73 9.69 1.27 -9.85
CA LEU A 73 8.77 1.25 -10.99
C LEU A 73 7.73 2.38 -10.90
N ILE A 74 7.32 2.75 -9.68
CA ILE A 74 6.23 3.68 -9.39
C ILE A 74 6.65 5.15 -9.58
N THR A 75 7.69 5.57 -8.86
CA THR A 75 8.19 6.97 -8.83
C THR A 75 9.46 7.17 -9.67
N GLY A 76 10.01 6.07 -10.20
CA GLY A 76 11.17 6.07 -11.11
C GLY A 76 12.51 6.36 -10.43
N GLU A 77 12.58 6.21 -9.10
CA GLU A 77 13.78 6.51 -8.29
C GLU A 77 14.94 5.54 -8.61
N ALA A 78 14.69 4.23 -8.52
CA ALA A 78 15.67 3.14 -8.73
C ALA A 78 16.80 3.15 -7.68
N MET A 79 16.44 3.64 -6.50
CA MET A 79 17.18 3.75 -5.25
C MET A 79 16.13 3.85 -4.13
N PRO A 80 16.20 3.04 -3.05
CA PRO A 80 15.10 2.94 -2.10
C PRO A 80 14.93 4.16 -1.18
N VAL A 81 13.71 4.33 -0.66
CA VAL A 81 13.22 5.53 0.06
C VAL A 81 12.80 5.19 1.50
N ALA A 82 13.27 5.93 2.49
CA ALA A 82 12.96 5.70 3.89
C ALA A 82 11.58 6.26 4.30
N LYS A 83 10.80 5.47 5.05
CA LYS A 83 9.48 5.82 5.61
C LYS A 83 9.49 5.72 7.14
N LYS A 84 8.64 6.53 7.80
CA LYS A 84 8.60 6.81 9.25
C LYS A 84 7.16 7.11 9.73
N PRO A 85 6.86 7.29 11.04
CA PRO A 85 5.57 7.84 11.45
C PRO A 85 5.41 9.29 10.95
N GLY A 86 4.28 9.59 10.29
CA GLY A 86 4.05 10.82 9.54
C GLY A 86 4.76 10.80 8.18
N SER A 87 4.60 9.69 7.45
CA SER A 87 5.14 9.48 6.09
C SER A 87 4.04 9.06 5.12
N THR A 88 4.23 9.20 3.80
CA THR A 88 3.24 8.85 2.77
C THR A 88 3.78 7.81 1.78
N VAL A 89 2.90 6.92 1.30
CA VAL A 89 3.24 5.75 0.49
C VAL A 89 2.31 5.55 -0.71
N ILE A 90 2.83 4.87 -1.74
CA ILE A 90 2.10 4.37 -2.91
C ILE A 90 2.07 2.84 -2.98
N ALA A 91 0.97 2.32 -3.54
CA ALA A 91 0.73 0.89 -3.73
C ALA A 91 1.76 0.22 -4.65
N GLY A 92 2.00 -1.07 -4.45
CA GLY A 92 2.88 -1.91 -5.27
C GLY A 92 4.38 -1.78 -4.98
N SER A 93 4.79 -0.84 -4.12
CA SER A 93 6.18 -0.70 -3.66
C SER A 93 6.53 -1.77 -2.61
N ILE A 94 7.84 -2.05 -2.40
CA ILE A 94 8.33 -3.19 -1.60
C ILE A 94 8.97 -2.73 -0.28
N ASN A 95 8.52 -3.26 0.87
CA ASN A 95 8.94 -2.87 2.23
C ASN A 95 10.06 -3.79 2.78
N GLN A 96 11.20 -3.26 3.26
CA GLN A 96 12.36 -4.12 3.61
C GLN A 96 13.27 -3.60 4.74
N ASN A 97 12.83 -3.74 6.00
CA ASN A 97 13.62 -3.57 7.24
C ASN A 97 12.80 -4.02 8.47
N GLY A 98 11.66 -3.36 8.68
CA GLY A 98 10.71 -3.54 9.79
C GLY A 98 9.26 -3.36 9.34
N SER A 99 8.32 -3.62 10.26
CA SER A 99 6.88 -3.55 10.02
C SER A 99 6.31 -2.14 10.25
N LEU A 100 5.37 -1.73 9.40
CA LEU A 100 4.71 -0.41 9.41
C LEU A 100 3.17 -0.51 9.43
N LEU A 101 2.50 0.61 9.74
CA LEU A 101 1.04 0.74 9.89
C LEU A 101 0.47 1.83 8.96
N ILE A 102 -0.33 1.46 7.96
CA ILE A 102 -0.94 2.40 6.98
C ILE A 102 -2.43 2.64 7.24
N CYS A 103 -2.84 3.92 7.29
CA CYS A 103 -4.25 4.32 7.31
C CYS A 103 -4.79 4.43 5.88
N ALA A 104 -5.62 3.47 5.44
CA ALA A 104 -6.14 3.45 4.08
C ALA A 104 -7.33 4.43 3.93
N THR A 105 -7.16 5.46 3.08
CA THR A 105 -8.20 6.45 2.76
C THR A 105 -8.65 6.42 1.28
N HIS A 106 -8.21 5.39 0.54
CA HIS A 106 -8.55 5.16 -0.87
C HIS A 106 -8.76 3.66 -1.14
N VAL A 107 -9.78 3.31 -1.93
CA VAL A 107 -9.88 1.96 -2.52
C VAL A 107 -9.06 1.92 -3.82
N GLY A 108 -8.70 0.74 -4.33
CA GLY A 108 -7.74 0.61 -5.43
C GLY A 108 -8.07 1.45 -6.66
N ALA A 109 -9.34 1.47 -7.10
CA ALA A 109 -9.81 2.29 -8.22
C ALA A 109 -9.66 3.81 -7.99
N ASP A 110 -9.76 4.26 -6.74
CA ASP A 110 -9.56 5.65 -6.31
C ASP A 110 -8.09 6.08 -6.21
N THR A 111 -7.14 5.13 -6.18
CA THR A 111 -5.70 5.39 -5.98
C THR A 111 -5.05 6.11 -7.16
N THR A 112 -3.99 6.88 -6.89
CA THR A 112 -3.18 7.54 -7.93
C THR A 112 -2.63 6.52 -8.96
N LEU A 113 -2.23 5.32 -8.50
CA LEU A 113 -1.70 4.25 -9.35
C LEU A 113 -2.74 3.77 -10.40
N SER A 114 -3.97 3.49 -9.95
CA SER A 114 -5.06 3.04 -10.83
C SER A 114 -5.59 4.17 -11.74
N GLN A 115 -5.45 5.44 -11.30
CA GLN A 115 -5.78 6.63 -12.09
C GLN A 115 -4.81 6.86 -13.26
N ILE A 116 -3.51 6.65 -13.05
CA ILE A 116 -2.49 6.76 -14.11
C ILE A 116 -2.81 5.82 -15.28
N VAL A 117 -3.09 4.54 -15.01
CA VAL A 117 -3.45 3.57 -16.07
C VAL A 117 -4.83 3.82 -16.70
N LYS A 118 -5.73 4.58 -16.07
CA LYS A 118 -6.96 5.07 -16.72
C LYS A 118 -6.62 6.09 -17.80
N LEU A 119 -5.74 7.06 -17.50
CA LEU A 119 -5.33 8.15 -18.41
C LEU A 119 -4.64 7.63 -19.69
N VAL A 120 -3.75 6.64 -19.55
CA VAL A 120 -3.05 6.00 -20.69
C VAL A 120 -3.97 5.11 -21.54
N GLU A 121 -4.95 4.47 -20.92
CA GLU A 121 -5.94 3.62 -21.61
C GLU A 121 -6.93 4.44 -22.45
N GLU A 122 -7.20 5.69 -22.07
CA GLU A 122 -7.99 6.64 -22.86
C GLU A 122 -7.30 7.05 -24.17
N ALA A 123 -5.96 7.11 -24.20
CA ALA A 123 -5.16 7.34 -25.41
C ALA A 123 -5.06 6.09 -26.33
N GLN A 124 -4.84 4.92 -25.72
CA GLN A 124 -4.72 3.61 -26.38
C GLN A 124 -6.00 3.18 -27.12
N SER A 6 3.35 -0.27 -23.84
CA SER A 6 2.13 -1.04 -23.55
C SER A 6 2.40 -2.25 -22.63
N GLU A 7 3.65 -2.69 -22.53
CA GLU A 7 4.13 -3.68 -21.56
C GLU A 7 4.20 -3.04 -20.16
N ALA A 8 4.78 -1.84 -20.08
CA ALA A 8 4.83 -1.03 -18.87
C ALA A 8 3.43 -0.58 -18.38
N LEU A 9 2.49 -0.35 -19.30
CA LEU A 9 1.10 -0.02 -18.97
C LEU A 9 0.37 -1.17 -18.26
N ALA A 10 0.76 -2.42 -18.51
CA ALA A 10 0.33 -3.55 -17.68
C ALA A 10 1.06 -3.56 -16.34
N LYS A 11 2.39 -3.40 -16.35
CA LYS A 11 3.29 -3.58 -15.20
C LYS A 11 2.85 -2.88 -13.92
N LEU A 12 2.35 -1.64 -14.00
CA LEU A 12 1.82 -0.90 -12.84
C LEU A 12 0.74 -1.71 -12.09
N ILE A 13 -0.21 -2.32 -12.82
CA ILE A 13 -1.25 -3.21 -12.26
C ILE A 13 -0.69 -4.57 -11.81
N SER A 14 0.38 -5.04 -12.45
CA SER A 14 1.02 -6.33 -12.10
C SER A 14 1.85 -6.27 -10.81
N LEU A 15 2.32 -5.09 -10.40
CA LEU A 15 2.99 -4.91 -9.10
C LEU A 15 2.07 -5.15 -7.88
N GLN A 16 0.75 -5.11 -8.06
CA GLN A 16 -0.24 -5.12 -6.97
C GLN A 16 -0.35 -6.44 -6.20
N ALA A 17 -0.87 -6.35 -4.97
CA ALA A 17 -1.04 -7.46 -4.02
C ALA A 17 -2.46 -8.04 -4.04
N THR A 18 -2.59 -9.31 -3.66
CA THR A 18 -3.85 -10.07 -3.69
C THR A 18 -4.67 -9.92 -2.38
N GLU A 19 -4.01 -9.59 -1.28
CA GLU A 19 -4.57 -9.61 0.08
C GLU A 19 -4.10 -8.44 0.98
N ALA A 20 -4.76 -8.27 2.13
CA ALA A 20 -4.42 -7.29 3.16
C ALA A 20 -4.60 -7.84 4.59
N THR A 21 -3.96 -7.18 5.56
CA THR A 21 -4.04 -7.50 7.00
C THR A 21 -4.55 -6.28 7.80
N ILE A 22 -5.86 -6.23 8.09
CA ILE A 22 -6.54 -5.12 8.81
C ILE A 22 -6.30 -5.25 10.32
N VAL A 23 -6.17 -4.15 11.07
CA VAL A 23 -5.98 -4.16 12.53
C VAL A 23 -7.02 -3.29 13.27
N THR A 24 -7.80 -3.90 14.16
CA THR A 24 -8.82 -3.23 14.99
C THR A 24 -8.56 -3.45 16.48
N LEU A 25 -8.90 -2.46 17.32
CA LEU A 25 -8.55 -2.42 18.74
C LEU A 25 -9.81 -2.62 19.61
N ASP A 26 -10.12 -3.88 19.92
CA ASP A 26 -11.37 -4.32 20.55
C ASP A 26 -11.61 -3.85 22.00
N SER A 27 -10.61 -3.21 22.65
CA SER A 27 -10.68 -2.69 24.02
C SER A 27 -10.61 -1.15 24.04
N ASP A 28 -9.42 -0.59 24.26
CA ASP A 28 -9.15 0.85 24.40
C ASP A 28 -7.69 1.16 23.96
N ASN A 29 -7.36 0.78 22.72
CA ASN A 29 -6.03 0.78 22.07
C ASN A 29 -4.91 -0.07 22.69
N ILE A 30 -5.13 -0.65 23.87
CA ILE A 30 -4.21 -1.56 24.57
C ILE A 30 -4.23 -3.01 24.04
N LEU A 31 -5.19 -3.33 23.16
CA LEU A 31 -5.47 -4.64 22.59
C LEU A 31 -5.53 -4.58 21.06
N LEU A 32 -5.00 -5.60 20.39
CA LEU A 32 -4.89 -5.72 18.92
C LEU A 32 -5.55 -7.01 18.40
N SER A 33 -6.45 -6.88 17.43
CA SER A 33 -7.21 -7.98 16.79
C SER A 33 -7.17 -7.82 15.27
N GLU A 34 -6.46 -8.72 14.57
CA GLU A 34 -6.13 -8.57 13.14
C GLU A 34 -6.91 -9.53 12.21
N GLU A 35 -7.40 -9.00 11.09
CA GLU A 35 -8.15 -9.72 10.06
C GLU A 35 -7.28 -9.89 8.80
N GLN A 36 -7.21 -11.10 8.23
CA GLN A 36 -6.55 -11.35 6.94
C GLN A 36 -7.62 -11.53 5.87
N VAL A 37 -7.59 -10.72 4.80
CA VAL A 37 -8.67 -10.64 3.79
C VAL A 37 -8.14 -10.53 2.36
N ASP A 38 -8.96 -10.91 1.38
CA ASP A 38 -8.67 -10.64 -0.04
C ASP A 38 -8.92 -9.15 -0.34
N VAL A 39 -8.12 -8.57 -1.25
CA VAL A 39 -8.07 -7.12 -1.49
C VAL A 39 -9.41 -6.48 -1.87
N GLU A 40 -10.34 -7.21 -2.51
CA GLU A 40 -11.67 -6.70 -2.86
C GLU A 40 -12.62 -6.56 -1.66
N LEU A 41 -12.23 -7.04 -0.47
CA LEU A 41 -13.03 -7.05 0.78
C LEU A 41 -12.65 -5.95 1.80
N VAL A 42 -11.67 -5.12 1.47
CA VAL A 42 -11.29 -3.93 2.23
C VAL A 42 -11.65 -2.66 1.46
N GLN A 43 -11.98 -1.60 2.19
CA GLN A 43 -12.35 -0.27 1.69
C GLN A 43 -11.44 0.82 2.30
N ARG A 44 -11.60 2.08 1.87
CA ARG A 44 -10.94 3.23 2.55
C ARG A 44 -11.54 3.47 3.94
N GLY A 45 -10.81 4.10 4.86
CA GLY A 45 -11.27 4.35 6.23
C GLY A 45 -10.80 3.30 7.25
N ASP A 46 -9.71 2.58 6.95
CA ASP A 46 -9.15 1.51 7.77
C ASP A 46 -7.62 1.62 7.93
N ILE A 47 -7.04 0.85 8.86
CA ILE A 47 -5.59 0.75 9.09
C ILE A 47 -5.11 -0.69 8.89
N ILE A 48 -4.06 -0.85 8.09
CA ILE A 48 -3.54 -2.12 7.57
C ILE A 48 -2.08 -2.33 8.01
N LYS A 49 -1.74 -3.49 8.58
CA LYS A 49 -0.36 -3.87 8.89
C LYS A 49 0.38 -4.36 7.63
N VAL A 50 1.59 -3.87 7.41
CA VAL A 50 2.52 -4.34 6.37
C VAL A 50 3.81 -4.89 6.98
N VAL A 51 4.18 -6.11 6.59
CA VAL A 51 5.25 -6.92 7.23
C VAL A 51 6.57 -6.87 6.44
N PRO A 52 7.69 -7.40 6.97
CA PRO A 52 8.95 -7.50 6.23
C PRO A 52 8.81 -8.35 4.94
N GLY A 53 9.23 -7.80 3.81
CA GLY A 53 9.11 -8.41 2.48
C GLY A 53 7.72 -8.30 1.81
N GLY A 54 6.73 -7.71 2.48
CA GLY A 54 5.40 -7.43 1.91
C GLY A 54 5.34 -6.18 1.03
N LYS A 55 4.15 -5.85 0.54
CA LYS A 55 3.85 -4.69 -0.31
C LYS A 55 2.75 -3.80 0.28
N PHE A 56 2.70 -2.55 -0.17
CA PHE A 56 1.61 -1.62 0.12
C PHE A 56 0.44 -1.85 -0.87
N PRO A 57 -0.78 -2.22 -0.43
CA PRO A 57 -1.84 -2.66 -1.36
C PRO A 57 -2.66 -1.53 -2.01
N VAL A 58 -2.62 -0.32 -1.46
CA VAL A 58 -3.33 0.90 -1.92
C VAL A 58 -2.51 2.13 -1.46
N ASP A 59 -2.73 3.31 -2.06
CA ASP A 59 -1.94 4.52 -1.71
C ASP A 59 -2.47 5.23 -0.45
N GLY A 60 -1.56 5.74 0.39
CA GLY A 60 -1.92 6.28 1.72
C GLY A 60 -0.73 6.72 2.57
N ARG A 61 -0.87 6.60 3.89
CA ARG A 61 0.07 7.15 4.90
C ARG A 61 0.48 6.15 5.99
N VAL A 62 1.73 6.24 6.45
CA VAL A 62 2.39 5.42 7.48
C VAL A 62 2.30 6.14 8.82
N ILE A 63 1.76 5.51 9.87
CA ILE A 63 1.64 6.11 11.22
C ILE A 63 1.97 5.15 12.37
N GLU A 64 2.89 4.22 12.14
CA GLU A 64 3.57 3.38 13.13
C GLU A 64 4.75 2.68 12.45
N GLY A 65 5.92 2.63 13.10
CA GLY A 65 7.10 1.94 12.59
C GLY A 65 7.90 2.71 11.54
N HIS A 66 8.99 2.10 11.08
CA HIS A 66 10.01 2.75 10.23
C HIS A 66 10.78 1.75 9.36
N SER A 67 10.75 1.97 8.05
CA SER A 67 11.20 1.06 7.00
C SER A 67 12.01 1.74 5.89
N MET A 68 12.43 0.94 4.91
CA MET A 68 12.95 1.37 3.61
C MET A 68 12.18 0.63 2.49
N VAL A 69 11.79 1.38 1.46
CA VAL A 69 10.85 0.95 0.41
C VAL A 69 11.45 1.08 -1.00
N ASP A 70 11.20 0.09 -1.86
CA ASP A 70 11.63 0.05 -3.26
C ASP A 70 10.47 0.41 -4.22
N GLU A 71 10.56 1.57 -4.85
CA GLU A 71 9.56 2.14 -5.76
C GLU A 71 10.13 2.41 -7.18
N SER A 72 11.22 1.73 -7.57
CA SER A 72 11.94 1.93 -8.84
C SER A 72 11.09 1.87 -10.11
N LEU A 73 9.98 1.12 -10.12
CA LEU A 73 9.05 1.06 -11.26
C LEU A 73 7.96 2.15 -11.16
N ILE A 74 7.53 2.47 -9.94
CA ILE A 74 6.45 3.45 -9.71
C ILE A 74 6.94 4.88 -10.03
N THR A 75 8.11 5.26 -9.53
CA THR A 75 8.65 6.64 -9.60
C THR A 75 9.98 6.75 -10.34
N GLY A 76 10.57 5.63 -10.78
CA GLY A 76 11.80 5.59 -11.58
C GLY A 76 13.10 5.76 -10.79
N GLU A 77 13.05 5.86 -9.47
CA GLU A 77 14.19 6.24 -8.61
C GLU A 77 15.43 5.34 -8.77
N ALA A 78 15.25 4.02 -8.64
CA ALA A 78 16.37 3.07 -8.55
C ALA A 78 17.30 3.39 -7.35
N MET A 79 16.70 3.90 -6.27
CA MET A 79 17.28 4.28 -4.99
C MET A 79 16.14 4.18 -3.96
N PRO A 80 16.19 3.25 -2.98
CA PRO A 80 15.12 3.07 -2.00
C PRO A 80 14.87 4.29 -1.10
N VAL A 81 13.64 4.43 -0.60
CA VAL A 81 13.16 5.61 0.13
C VAL A 81 12.81 5.25 1.58
N ALA A 82 13.18 6.10 2.54
CA ALA A 82 12.95 5.86 3.96
C ALA A 82 11.58 6.39 4.44
N LYS A 83 10.93 5.63 5.33
CA LYS A 83 9.64 5.98 5.96
C LYS A 83 9.74 5.99 7.50
N LYS A 84 8.90 6.81 8.13
CA LYS A 84 8.69 6.98 9.59
C LYS A 84 7.20 7.29 9.82
N PRO A 85 6.66 7.31 11.06
CA PRO A 85 5.31 7.83 11.30
C PRO A 85 5.15 9.27 10.77
N GLY A 86 4.07 9.52 10.05
CA GLY A 86 3.80 10.78 9.32
C GLY A 86 4.33 10.82 7.89
N SER A 87 4.51 9.67 7.22
CA SER A 87 5.10 9.55 5.87
C SER A 87 4.09 8.97 4.86
N THR A 88 4.27 9.18 3.55
CA THR A 88 3.29 8.80 2.49
C THR A 88 3.82 7.75 1.53
N VAL A 89 2.94 6.88 1.04
CA VAL A 89 3.25 5.70 0.21
C VAL A 89 2.29 5.51 -0.98
N ILE A 90 2.79 4.81 -2.00
CA ILE A 90 2.05 4.39 -3.20
C ILE A 90 1.93 2.86 -3.30
N ALA A 91 0.81 2.42 -3.88
CA ALA A 91 0.46 1.01 -4.05
C ALA A 91 1.45 0.24 -4.93
N GLY A 92 1.64 -1.05 -4.65
CA GLY A 92 2.50 -1.95 -5.41
C GLY A 92 4.01 -1.81 -5.13
N SER A 93 4.44 -0.83 -4.32
CA SER A 93 5.84 -0.70 -3.89
C SER A 93 6.19 -1.77 -2.84
N ILE A 94 7.48 -2.14 -2.74
CA ILE A 94 7.93 -3.29 -1.94
C ILE A 94 8.61 -2.85 -0.64
N ASN A 95 8.13 -3.33 0.50
CA ASN A 95 8.68 -3.03 1.83
C ASN A 95 9.82 -3.99 2.20
N GLN A 96 10.90 -3.49 2.82
CA GLN A 96 11.98 -4.35 3.31
C GLN A 96 11.74 -4.87 4.74
N ASN A 97 11.81 -4.00 5.75
CA ASN A 97 11.53 -4.31 7.16
C ASN A 97 10.60 -3.22 7.74
N GLY A 98 10.51 -3.05 9.05
CA GLY A 98 9.84 -1.92 9.73
C GLY A 98 8.57 -2.27 10.50
N SER A 99 7.85 -3.33 10.11
CA SER A 99 6.59 -3.78 10.73
C SER A 99 5.62 -2.61 11.01
N LEU A 100 5.12 -2.03 9.90
CA LEU A 100 4.42 -0.75 9.89
C LEU A 100 2.89 -0.90 9.89
N LEU A 101 2.18 0.15 10.30
CA LEU A 101 0.73 0.25 10.12
C LEU A 101 0.38 1.47 9.24
N ILE A 102 -0.43 1.21 8.21
CA ILE A 102 -0.75 2.13 7.11
C ILE A 102 -2.24 2.51 7.17
N CYS A 103 -2.56 3.80 7.25
CA CYS A 103 -3.94 4.29 7.11
C CYS A 103 -4.29 4.42 5.62
N ALA A 104 -5.31 3.68 5.18
CA ALA A 104 -5.76 3.64 3.78
C ALA A 104 -6.96 4.58 3.56
N THR A 105 -6.75 5.62 2.75
CA THR A 105 -7.74 6.66 2.39
C THR A 105 -8.20 6.53 0.93
N HIS A 106 -7.75 5.50 0.21
CA HIS A 106 -8.13 5.19 -1.16
C HIS A 106 -8.37 3.69 -1.30
N VAL A 107 -9.45 3.31 -2.00
CA VAL A 107 -9.72 1.93 -2.44
C VAL A 107 -9.14 1.72 -3.85
N GLY A 108 -9.20 0.52 -4.45
CA GLY A 108 -8.59 0.27 -5.76
C GLY A 108 -9.13 1.19 -6.87
N ALA A 109 -10.39 1.60 -6.82
CA ALA A 109 -10.95 2.60 -7.72
C ALA A 109 -10.42 4.03 -7.45
N ASP A 110 -10.35 4.47 -6.20
CA ASP A 110 -9.88 5.83 -5.86
C ASP A 110 -8.35 6.05 -5.88
N THR A 111 -7.54 4.98 -5.92
CA THR A 111 -6.09 5.06 -5.75
C THR A 111 -5.37 5.55 -7.00
N THR A 112 -4.32 6.35 -6.82
CA THR A 112 -3.64 7.02 -7.94
C THR A 112 -3.01 6.02 -8.93
N LEU A 113 -2.54 4.85 -8.46
CA LEU A 113 -1.98 3.79 -9.30
C LEU A 113 -2.93 3.35 -10.42
N SER A 114 -4.19 3.03 -10.07
CA SER A 114 -5.21 2.65 -11.05
C SER A 114 -5.71 3.85 -11.87
N GLN A 115 -5.74 5.05 -11.29
CA GLN A 115 -6.12 6.27 -12.01
C GLN A 115 -5.13 6.59 -13.15
N ILE A 116 -3.83 6.44 -12.92
CA ILE A 116 -2.76 6.69 -13.91
C ILE A 116 -3.00 5.83 -15.16
N VAL A 117 -3.09 4.50 -15.00
CA VAL A 117 -3.26 3.59 -16.14
C VAL A 117 -4.63 3.67 -16.82
N LYS A 118 -5.67 4.16 -16.12
CA LYS A 118 -6.97 4.47 -16.73
C LYS A 118 -6.91 5.70 -17.63
N LEU A 119 -6.24 6.77 -17.18
CA LEU A 119 -6.07 8.00 -17.96
C LEU A 119 -5.11 7.78 -19.15
N VAL A 120 -4.09 6.92 -19.00
CA VAL A 120 -3.23 6.50 -20.13
C VAL A 120 -3.98 5.59 -21.12
N GLU A 121 -5.02 4.88 -20.68
CA GLU A 121 -5.90 4.10 -21.58
C GLU A 121 -6.77 5.02 -22.46
N GLU A 122 -7.09 6.24 -22.00
CA GLU A 122 -7.80 7.25 -22.79
C GLU A 122 -6.95 7.88 -23.91
N ALA A 123 -5.61 7.75 -23.87
CA ALA A 123 -4.75 8.29 -24.92
C ALA A 123 -4.90 7.48 -26.22
N GLN A 124 -4.58 6.18 -26.16
CA GLN A 124 -4.72 5.19 -27.26
C GLN A 124 -6.15 5.03 -27.79
N SER A 6 2.92 0.62 -23.05
CA SER A 6 1.89 -0.42 -23.18
C SER A 6 2.20 -1.66 -22.30
N GLU A 7 3.47 -1.96 -22.05
CA GLU A 7 3.92 -3.02 -21.15
C GLU A 7 3.67 -2.62 -19.67
N ALA A 8 3.90 -1.35 -19.35
CA ALA A 8 3.53 -0.71 -18.09
C ALA A 8 2.00 -0.71 -17.87
N LEU A 9 1.22 -0.36 -18.90
CA LEU A 9 -0.26 -0.35 -18.85
C LEU A 9 -0.83 -1.70 -18.38
N ALA A 10 -0.17 -2.81 -18.72
CA ALA A 10 -0.45 -4.13 -18.16
C ALA A 10 0.12 -4.30 -16.73
N LYS A 11 1.41 -3.98 -16.53
CA LYS A 11 2.15 -4.23 -15.27
C LYS A 11 1.54 -3.56 -14.04
N LEU A 12 0.93 -2.38 -14.19
CA LEU A 12 0.18 -1.71 -13.12
C LEU A 12 -0.96 -2.59 -12.53
N ILE A 13 -1.57 -3.47 -13.33
CA ILE A 13 -2.54 -4.47 -12.85
C ILE A 13 -1.84 -5.61 -12.08
N SER A 14 -0.70 -6.09 -12.56
CA SER A 14 0.08 -7.17 -11.93
C SER A 14 0.73 -6.74 -10.60
N LEU A 15 0.90 -5.43 -10.39
CA LEU A 15 1.32 -4.78 -9.14
C LEU A 15 0.26 -4.75 -8.02
N GLN A 16 -1.02 -5.04 -8.33
CA GLN A 16 -2.08 -5.15 -7.31
C GLN A 16 -2.19 -6.57 -6.70
N ALA A 17 -2.62 -6.61 -5.44
CA ALA A 17 -2.62 -7.78 -4.58
C ALA A 17 -3.81 -8.74 -4.79
N THR A 18 -3.76 -9.88 -4.10
CA THR A 18 -4.87 -10.85 -3.94
C THR A 18 -5.55 -10.66 -2.58
N GLU A 19 -4.76 -10.50 -1.51
CA GLU A 19 -5.23 -10.39 -0.12
C GLU A 19 -4.46 -9.33 0.69
N ALA A 20 -5.00 -8.96 1.85
CA ALA A 20 -4.46 -7.96 2.78
C ALA A 20 -4.62 -8.38 4.25
N THR A 21 -4.03 -7.60 5.16
CA THR A 21 -4.10 -7.80 6.62
C THR A 21 -4.48 -6.51 7.35
N ILE A 22 -5.68 -6.47 7.93
CA ILE A 22 -6.26 -5.35 8.69
C ILE A 22 -6.08 -5.59 10.20
N VAL A 23 -5.86 -4.53 10.99
CA VAL A 23 -5.83 -4.60 12.46
C VAL A 23 -7.02 -3.89 13.12
N THR A 24 -7.64 -4.56 14.08
CA THR A 24 -8.90 -4.13 14.73
C THR A 24 -8.70 -3.78 16.21
N LEU A 25 -9.30 -2.66 16.64
CA LEU A 25 -9.41 -2.27 18.05
C LEU A 25 -10.88 -1.94 18.33
N ASP A 26 -11.62 -2.95 18.78
CA ASP A 26 -13.07 -2.86 19.12
C ASP A 26 -13.28 -2.44 20.60
N SER A 27 -12.16 -2.14 21.25
CA SER A 27 -11.98 -1.64 22.61
C SER A 27 -10.70 -0.78 22.61
N ASP A 28 -10.82 0.45 23.10
CA ASP A 28 -9.93 1.65 23.08
C ASP A 28 -8.40 1.43 23.14
N ASN A 29 -7.86 0.86 22.06
CA ASN A 29 -6.48 0.43 21.88
C ASN A 29 -6.01 -0.63 22.91
N ILE A 30 -6.98 -1.44 23.34
CA ILE A 30 -6.85 -2.47 24.39
C ILE A 30 -7.23 -3.88 23.93
N LEU A 31 -8.05 -4.02 22.87
CA LEU A 31 -8.45 -5.33 22.33
C LEU A 31 -7.28 -6.14 21.74
N LEU A 32 -6.57 -5.63 20.71
CA LEU A 32 -5.57 -6.35 19.92
C LEU A 32 -6.16 -7.56 19.15
N SER A 33 -6.57 -7.28 17.91
CA SER A 33 -7.10 -8.27 16.94
C SER A 33 -6.57 -8.00 15.52
N GLU A 34 -6.50 -9.04 14.67
CA GLU A 34 -6.13 -8.93 13.25
C GLU A 34 -7.09 -9.73 12.35
N GLU A 35 -7.47 -9.18 11.20
CA GLU A 35 -8.35 -9.78 10.19
C GLU A 35 -7.61 -9.91 8.85
N GLN A 36 -7.59 -11.08 8.20
CA GLN A 36 -7.13 -11.21 6.82
C GLN A 36 -8.31 -11.16 5.84
N VAL A 37 -8.16 -10.37 4.78
CA VAL A 37 -9.23 -10.04 3.83
C VAL A 37 -8.78 -10.14 2.37
N ASP A 38 -9.74 -10.31 1.48
CA ASP A 38 -9.53 -10.27 0.01
C ASP A 38 -9.38 -8.79 -0.44
N VAL A 39 -8.61 -8.52 -1.50
CA VAL A 39 -8.21 -7.14 -1.85
C VAL A 39 -9.38 -6.17 -2.13
N GLU A 40 -10.52 -6.64 -2.64
CA GLU A 40 -11.71 -5.79 -2.87
C GLU A 40 -12.48 -5.44 -1.56
N LEU A 41 -12.10 -6.05 -0.43
CA LEU A 41 -12.72 -5.88 0.88
C LEU A 41 -11.93 -4.93 1.81
N VAL A 42 -10.74 -4.46 1.41
CA VAL A 42 -9.99 -3.39 2.08
C VAL A 42 -10.28 -2.06 1.38
N GLN A 43 -10.65 -1.02 2.14
CA GLN A 43 -11.18 0.24 1.63
C GLN A 43 -10.65 1.46 2.41
N ARG A 44 -11.15 2.67 2.09
CA ARG A 44 -10.63 3.99 2.51
C ARG A 44 -10.70 4.36 4.01
N GLY A 45 -10.92 3.41 4.91
CA GLY A 45 -10.98 3.61 6.37
C GLY A 45 -10.27 2.54 7.21
N ASP A 46 -9.50 1.63 6.60
CA ASP A 46 -8.83 0.51 7.29
C ASP A 46 -7.38 0.81 7.71
N ILE A 47 -6.93 0.22 8.82
CA ILE A 47 -5.52 0.26 9.26
C ILE A 47 -4.85 -1.09 8.99
N ILE A 48 -3.74 -1.07 8.26
CA ILE A 48 -2.94 -2.22 7.83
C ILE A 48 -1.70 -2.43 8.72
N LYS A 49 -1.10 -3.62 8.67
CA LYS A 49 0.20 -3.94 9.30
C LYS A 49 1.11 -4.67 8.30
N VAL A 50 2.35 -4.21 8.13
CA VAL A 50 3.30 -4.72 7.10
C VAL A 50 4.68 -5.04 7.69
N VAL A 51 5.31 -6.10 7.17
CA VAL A 51 6.59 -6.65 7.67
C VAL A 51 7.81 -6.19 6.83
N PRO A 52 9.05 -6.33 7.35
CA PRO A 52 10.26 -6.20 6.53
C PRO A 52 10.31 -7.36 5.51
N GLY A 53 10.06 -7.04 4.25
CA GLY A 53 9.82 -7.98 3.16
C GLY A 53 8.33 -8.29 3.04
N GLY A 54 7.56 -7.29 2.61
CA GLY A 54 6.12 -7.29 2.41
C GLY A 54 5.73 -6.15 1.44
N LYS A 55 4.51 -6.19 0.88
CA LYS A 55 4.07 -5.26 -0.18
C LYS A 55 2.77 -4.52 0.17
N PHE A 56 2.60 -3.34 -0.40
CA PHE A 56 1.42 -2.50 -0.20
C PHE A 56 0.27 -2.84 -1.19
N PRO A 57 -1.01 -2.92 -0.75
CA PRO A 57 -2.15 -3.26 -1.62
C PRO A 57 -2.99 -2.06 -2.15
N VAL A 58 -2.86 -0.89 -1.52
CA VAL A 58 -3.54 0.39 -1.86
C VAL A 58 -2.62 1.55 -1.45
N ASP A 59 -2.88 2.79 -1.89
CA ASP A 59 -2.05 3.96 -1.54
C ASP A 59 -2.59 4.76 -0.33
N GLY A 60 -1.69 5.26 0.52
CA GLY A 60 -2.04 5.89 1.81
C GLY A 60 -0.83 6.33 2.64
N ARG A 61 -1.04 6.52 3.95
CA ARG A 61 -0.05 7.11 4.88
C ARG A 61 0.39 6.12 5.97
N VAL A 62 1.69 6.08 6.24
CA VAL A 62 2.33 5.35 7.35
C VAL A 62 2.24 6.22 8.60
N ILE A 63 1.78 5.65 9.71
CA ILE A 63 1.65 6.36 11.00
C ILE A 63 2.07 5.48 12.20
N GLU A 64 3.08 4.62 12.01
CA GLU A 64 3.75 3.88 13.07
C GLU A 64 5.04 3.25 12.52
N GLY A 65 6.16 3.39 13.22
CA GLY A 65 7.41 2.70 12.90
C GLY A 65 8.29 3.37 11.83
N HIS A 66 9.32 2.63 11.40
CA HIS A 66 10.38 3.07 10.49
C HIS A 66 10.85 1.94 9.55
N SER A 67 10.78 2.18 8.24
CA SER A 67 11.24 1.23 7.20
C SER A 67 11.80 1.95 5.97
N MET A 68 12.31 1.19 5.01
CA MET A 68 12.83 1.66 3.72
C MET A 68 12.04 1.02 2.57
N VAL A 69 11.65 1.83 1.59
CA VAL A 69 10.72 1.47 0.51
C VAL A 69 11.39 1.56 -0.86
N ASP A 70 11.03 0.64 -1.75
CA ASP A 70 11.50 0.58 -3.15
C ASP A 70 10.36 1.00 -4.12
N GLU A 71 10.23 2.30 -4.36
CA GLU A 71 9.18 2.91 -5.22
C GLU A 71 9.59 3.00 -6.72
N SER A 72 10.35 2.02 -7.21
CA SER A 72 11.03 2.05 -8.51
C SER A 72 10.16 2.23 -9.76
N LEU A 73 8.93 1.70 -9.79
CA LEU A 73 8.05 1.71 -10.97
C LEU A 73 7.00 2.82 -10.89
N ILE A 74 6.32 2.92 -9.75
CA ILE A 74 5.20 3.86 -9.53
C ILE A 74 5.68 5.32 -9.54
N THR A 75 6.73 5.56 -8.76
CA THR A 75 7.23 6.89 -8.41
C THR A 75 8.46 7.23 -9.26
N GLY A 76 9.28 6.23 -9.61
CA GLY A 76 10.39 6.35 -10.57
C GLY A 76 11.76 6.61 -9.94
N GLU A 77 11.86 6.60 -8.61
CA GLU A 77 13.10 6.84 -7.85
C GLU A 77 14.20 5.82 -8.21
N ALA A 78 13.86 4.53 -8.17
CA ALA A 78 14.73 3.40 -8.55
C ALA A 78 16.00 3.30 -7.67
N MET A 79 15.78 3.64 -6.40
CA MET A 79 16.70 3.64 -5.27
C MET A 79 15.89 3.46 -3.95
N PRO A 80 16.48 2.94 -2.88
CA PRO A 80 15.84 2.85 -1.56
C PRO A 80 15.52 4.23 -0.93
N VAL A 81 14.32 4.41 -0.36
CA VAL A 81 13.86 5.66 0.32
C VAL A 81 13.28 5.39 1.71
N ALA A 82 13.73 6.12 2.74
CA ALA A 82 13.29 5.91 4.13
C ALA A 82 11.92 6.55 4.46
N LYS A 83 11.17 5.90 5.34
CA LYS A 83 9.87 6.33 5.89
C LYS A 83 9.88 6.35 7.42
N LYS A 84 9.06 7.21 8.02
CA LYS A 84 8.71 7.32 9.46
C LYS A 84 7.21 7.66 9.57
N PRO A 85 6.60 7.89 10.75
CA PRO A 85 5.20 8.32 10.83
C PRO A 85 4.91 9.65 10.14
N GLY A 86 3.68 9.75 9.63
CA GLY A 86 3.21 10.84 8.79
C GLY A 86 3.78 10.86 7.37
N SER A 87 4.19 9.70 6.83
CA SER A 87 4.87 9.58 5.52
C SER A 87 4.01 8.79 4.53
N THR A 88 4.06 9.08 3.22
CA THR A 88 3.16 8.47 2.23
C THR A 88 3.79 7.31 1.47
N VAL A 89 2.97 6.33 1.10
CA VAL A 89 3.33 5.11 0.35
C VAL A 89 2.29 4.79 -0.72
N ILE A 90 2.61 3.85 -1.61
CA ILE A 90 1.78 3.43 -2.75
C ILE A 90 1.82 1.91 -2.95
N ALA A 91 0.78 1.37 -3.60
CA ALA A 91 0.66 -0.07 -3.82
C ALA A 91 1.73 -0.65 -4.77
N GLY A 92 1.97 -1.96 -4.66
CA GLY A 92 2.89 -2.70 -5.54
C GLY A 92 4.38 -2.44 -5.30
N SER A 93 4.72 -1.48 -4.44
CA SER A 93 6.08 -1.21 -3.97
C SER A 93 6.38 -2.02 -2.70
N ILE A 94 7.66 -2.26 -2.42
CA ILE A 94 8.12 -3.20 -1.38
C ILE A 94 8.58 -2.44 -0.12
N ASN A 95 8.28 -2.99 1.06
CA ASN A 95 8.73 -2.52 2.38
C ASN A 95 9.88 -3.40 2.91
N GLN A 96 10.94 -2.81 3.47
CA GLN A 96 12.16 -3.50 3.90
C GLN A 96 12.86 -2.74 5.04
N ASN A 97 13.40 -3.45 6.04
CA ASN A 97 14.19 -2.98 7.20
C ASN A 97 13.40 -2.76 8.51
N GLY A 98 12.08 -2.65 8.51
CA GLY A 98 11.27 -2.61 9.74
C GLY A 98 9.75 -2.71 9.52
N SER A 99 9.01 -3.06 10.57
CA SER A 99 7.54 -3.23 10.54
C SER A 99 6.78 -1.93 10.80
N LEU A 100 5.76 -1.65 9.97
CA LEU A 100 4.96 -0.41 9.98
C LEU A 100 3.45 -0.69 10.00
N LEU A 101 2.66 0.33 10.37
CA LEU A 101 1.20 0.35 10.19
C LEU A 101 0.80 1.49 9.25
N ILE A 102 -0.07 1.19 8.26
CA ILE A 102 -0.52 2.12 7.22
C ILE A 102 -2.03 2.36 7.30
N CYS A 103 -2.48 3.62 7.27
CA CYS A 103 -3.89 3.95 7.09
C CYS A 103 -4.23 3.98 5.59
N ALA A 104 -5.08 3.06 5.13
CA ALA A 104 -5.60 3.04 3.77
C ALA A 104 -6.74 4.07 3.64
N THR A 105 -6.56 5.06 2.78
CA THR A 105 -7.49 6.20 2.59
C THR A 105 -8.07 6.29 1.19
N HIS A 106 -7.90 5.25 0.37
CA HIS A 106 -8.31 5.18 -1.04
C HIS A 106 -8.75 3.75 -1.42
N VAL A 107 -9.73 3.63 -2.33
CA VAL A 107 -10.25 2.35 -2.86
C VAL A 107 -9.90 2.16 -4.36
N GLY A 108 -10.36 1.10 -5.04
CA GLY A 108 -9.96 0.75 -6.41
C GLY A 108 -10.27 1.79 -7.50
N ALA A 109 -11.17 2.73 -7.24
CA ALA A 109 -11.41 3.90 -8.08
C ALA A 109 -10.26 4.92 -8.00
N ASP A 110 -9.96 5.41 -6.79
CA ASP A 110 -8.93 6.43 -6.53
C ASP A 110 -7.48 5.94 -6.65
N THR A 111 -7.22 4.67 -6.32
CA THR A 111 -5.85 4.11 -6.13
C THR A 111 -4.92 4.42 -7.30
N THR A 112 -3.76 5.00 -7.00
CA THR A 112 -2.87 5.59 -8.02
C THR A 112 -2.50 4.63 -9.16
N LEU A 113 -2.33 3.33 -8.88
CA LEU A 113 -2.02 2.31 -9.90
C LEU A 113 -3.12 2.22 -10.98
N SER A 114 -4.36 2.09 -10.53
CA SER A 114 -5.54 2.03 -11.39
C SER A 114 -5.87 3.38 -12.04
N GLN A 115 -5.41 4.48 -11.43
CA GLN A 115 -5.53 5.84 -11.96
C GLN A 115 -4.57 6.12 -13.12
N ILE A 116 -3.31 5.68 -13.00
CA ILE A 116 -2.26 5.79 -14.03
C ILE A 116 -2.72 5.13 -15.33
N VAL A 117 -3.24 3.89 -15.27
CA VAL A 117 -3.67 3.17 -16.49
C VAL A 117 -4.90 3.77 -17.18
N LYS A 118 -5.67 4.61 -16.49
CA LYS A 118 -6.70 5.44 -17.13
C LYS A 118 -6.09 6.59 -17.92
N LEU A 119 -5.06 7.25 -17.37
CA LEU A 119 -4.41 8.44 -17.94
C LEU A 119 -3.55 8.10 -19.17
N VAL A 120 -2.62 7.14 -19.02
CA VAL A 120 -1.61 6.79 -20.05
C VAL A 120 -2.25 6.18 -21.31
N GLU A 121 -3.45 5.64 -21.19
CA GLU A 121 -4.25 5.11 -22.29
C GLU A 121 -4.81 6.21 -23.21
N GLU A 122 -5.10 7.40 -22.68
CA GLU A 122 -5.64 8.52 -23.47
C GLU A 122 -4.59 9.24 -24.33
N ALA A 123 -3.29 8.96 -24.17
CA ALA A 123 -2.25 9.48 -25.05
C ALA A 123 -2.27 8.76 -26.40
N GLN A 124 -2.01 7.44 -26.40
CA GLN A 124 -1.94 6.57 -27.58
C GLN A 124 -3.24 6.51 -28.39
N SER A 6 1.55 -1.77 -24.24
CA SER A 6 0.42 -2.34 -23.52
C SER A 6 0.83 -3.35 -22.44
N GLU A 7 2.03 -3.93 -22.53
CA GLU A 7 2.58 -4.84 -21.50
C GLU A 7 3.25 -4.07 -20.35
N ALA A 8 3.76 -2.86 -20.60
CA ALA A 8 4.19 -1.97 -19.52
C ALA A 8 2.97 -1.39 -18.77
N LEU A 9 1.89 -1.11 -19.51
CA LEU A 9 0.59 -0.71 -18.97
C LEU A 9 -0.04 -1.81 -18.09
N ALA A 10 0.23 -3.09 -18.36
CA ALA A 10 -0.20 -4.20 -17.51
C ALA A 10 0.63 -4.33 -16.22
N LYS A 11 1.90 -3.89 -16.23
CA LYS A 11 2.87 -4.15 -15.16
C LYS A 11 2.50 -3.45 -13.86
N LEU A 12 2.02 -2.21 -13.93
CA LEU A 12 1.49 -1.44 -12.79
C LEU A 12 0.44 -2.25 -11.99
N ILE A 13 -0.47 -2.93 -12.69
CA ILE A 13 -1.48 -3.82 -12.08
C ILE A 13 -0.88 -5.13 -11.57
N SER A 14 0.14 -5.68 -12.25
CA SER A 14 0.84 -6.90 -11.84
C SER A 14 1.71 -6.71 -10.58
N LEU A 15 2.13 -5.48 -10.27
CA LEU A 15 2.80 -5.15 -9.00
C LEU A 15 1.90 -5.28 -7.75
N GLN A 16 0.57 -5.27 -7.89
CA GLN A 16 -0.39 -5.27 -6.77
C GLN A 16 -0.45 -6.61 -5.99
N ALA A 17 -1.12 -6.61 -4.85
CA ALA A 17 -1.19 -7.77 -3.92
C ALA A 17 -2.57 -8.44 -3.81
N THR A 18 -3.66 -7.71 -4.10
CA THR A 18 -5.06 -8.22 -4.14
C THR A 18 -5.66 -8.66 -2.78
N GLU A 19 -4.85 -8.79 -1.74
CA GLU A 19 -5.25 -9.13 -0.36
C GLU A 19 -4.66 -8.15 0.67
N ALA A 20 -5.28 -8.05 1.85
CA ALA A 20 -4.83 -7.17 2.93
C ALA A 20 -4.96 -7.81 4.33
N THR A 21 -4.26 -7.24 5.32
CA THR A 21 -4.31 -7.61 6.75
C THR A 21 -4.68 -6.39 7.60
N ILE A 22 -5.95 -6.30 8.01
CA ILE A 22 -6.52 -5.18 8.78
C ILE A 22 -6.28 -5.39 10.29
N VAL A 23 -6.08 -4.32 11.05
CA VAL A 23 -6.10 -4.34 12.53
C VAL A 23 -7.36 -3.64 13.05
N THR A 24 -8.10 -4.33 13.91
CA THR A 24 -9.45 -3.95 14.39
C THR A 24 -9.56 -4.11 15.91
N LEU A 25 -10.22 -3.17 16.60
CA LEU A 25 -10.60 -3.36 18.00
C LEU A 25 -11.97 -4.04 18.04
N ASP A 26 -11.99 -5.28 18.55
CA ASP A 26 -13.21 -6.06 18.82
C ASP A 26 -13.67 -5.89 20.29
N SER A 27 -12.83 -5.29 21.13
CA SER A 27 -13.14 -4.81 22.49
C SER A 27 -12.14 -3.71 22.88
N ASP A 28 -12.65 -2.68 23.56
CA ASP A 28 -12.07 -1.34 23.87
C ASP A 28 -10.59 -1.25 24.32
N ASN A 29 -9.67 -1.51 23.38
CA ASN A 29 -8.22 -1.63 23.58
C ASN A 29 -7.84 -2.80 24.52
N ILE A 30 -8.73 -3.79 24.59
CA ILE A 30 -8.64 -4.99 25.43
C ILE A 30 -8.77 -6.29 24.60
N LEU A 31 -9.27 -6.17 23.36
CA LEU A 31 -9.29 -7.21 22.32
C LEU A 31 -8.89 -6.57 20.97
N LEU A 32 -7.59 -6.38 20.78
CA LEU A 32 -7.00 -5.99 19.50
C LEU A 32 -6.78 -7.27 18.67
N SER A 33 -7.35 -7.31 17.47
CA SER A 33 -7.43 -8.51 16.63
C SER A 33 -7.16 -8.17 15.16
N GLU A 34 -6.66 -9.13 14.39
CA GLU A 34 -6.15 -8.90 13.02
C GLU A 34 -6.93 -9.77 12.02
N GLU A 35 -7.33 -9.19 10.89
CA GLU A 35 -8.27 -9.78 9.92
C GLU A 35 -7.65 -9.84 8.52
N GLN A 36 -7.67 -10.99 7.84
CA GLN A 36 -7.27 -11.05 6.42
C GLN A 36 -8.52 -11.05 5.52
N VAL A 37 -8.50 -10.17 4.51
CA VAL A 37 -9.60 -9.95 3.56
C VAL A 37 -9.11 -9.71 2.13
N ASP A 38 -10.05 -9.75 1.19
CA ASP A 38 -9.83 -9.31 -0.19
C ASP A 38 -9.88 -7.77 -0.26
N VAL A 39 -8.98 -7.14 -1.03
CA VAL A 39 -8.74 -5.68 -1.01
C VAL A 39 -9.95 -4.79 -1.35
N GLU A 40 -10.96 -5.30 -2.06
CA GLU A 40 -12.24 -4.60 -2.31
C GLU A 40 -13.05 -4.35 -1.01
N LEU A 41 -12.77 -5.12 0.04
CA LEU A 41 -13.54 -5.22 1.28
C LEU A 41 -12.98 -4.39 2.45
N VAL A 42 -11.81 -3.75 2.27
CA VAL A 42 -11.07 -3.07 3.36
C VAL A 42 -11.73 -1.75 3.77
N GLN A 43 -12.17 -0.95 2.80
CA GLN A 43 -12.66 0.42 2.90
C GLN A 43 -11.66 1.47 3.46
N ARG A 44 -11.78 2.71 2.96
CA ARG A 44 -10.78 3.79 3.14
C ARG A 44 -10.80 4.55 4.48
N GLY A 45 -11.31 3.91 5.53
CA GLY A 45 -11.23 4.37 6.91
C GLY A 45 -10.48 3.41 7.85
N ASP A 46 -9.83 2.37 7.32
CA ASP A 46 -9.11 1.34 8.09
C ASP A 46 -7.58 1.46 8.00
N ILE A 47 -6.90 0.68 8.85
CA ILE A 47 -5.43 0.60 9.02
C ILE A 47 -4.95 -0.83 8.76
N ILE A 48 -3.96 -0.96 7.89
CA ILE A 48 -3.46 -2.21 7.31
C ILE A 48 -2.00 -2.46 7.73
N LYS A 49 -1.69 -3.68 8.17
CA LYS A 49 -0.34 -4.13 8.53
C LYS A 49 0.51 -4.50 7.32
N VAL A 50 1.81 -4.18 7.38
CA VAL A 50 2.82 -4.67 6.42
C VAL A 50 4.07 -5.20 7.12
N VAL A 51 4.52 -6.40 6.73
CA VAL A 51 5.76 -7.04 7.19
C VAL A 51 7.01 -6.58 6.42
N PRO A 52 8.23 -6.80 6.96
CA PRO A 52 9.46 -6.66 6.18
C PRO A 52 9.46 -7.64 4.99
N GLY A 53 9.78 -7.12 3.80
CA GLY A 53 9.67 -7.79 2.51
C GLY A 53 8.25 -7.85 1.93
N GLY A 54 7.23 -7.37 2.67
CA GLY A 54 5.85 -7.31 2.24
C GLY A 54 5.57 -6.22 1.20
N LYS A 55 4.36 -6.26 0.62
CA LYS A 55 3.91 -5.29 -0.40
C LYS A 55 2.74 -4.47 0.11
N PHE A 56 2.67 -3.20 -0.28
CA PHE A 56 1.54 -2.32 0.06
C PHE A 56 0.35 -2.61 -0.88
N PRO A 57 -0.84 -3.01 -0.37
CA PRO A 57 -1.98 -3.38 -1.23
C PRO A 57 -2.85 -2.19 -1.68
N VAL A 58 -2.65 -1.01 -1.07
CA VAL A 58 -3.43 0.23 -1.21
C VAL A 58 -2.50 1.44 -1.00
N ASP A 59 -2.92 2.65 -1.38
CA ASP A 59 -2.15 3.89 -1.16
C ASP A 59 -2.68 4.74 0.01
N GLY A 60 -1.78 5.41 0.72
CA GLY A 60 -2.09 6.14 1.95
C GLY A 60 -0.87 6.52 2.80
N ARG A 61 -1.09 6.67 4.11
CA ARG A 61 -0.12 7.24 5.06
C ARG A 61 0.32 6.23 6.13
N VAL A 62 1.63 6.15 6.36
CA VAL A 62 2.29 5.34 7.40
C VAL A 62 2.25 6.10 8.72
N ILE A 63 1.76 5.49 9.80
CA ILE A 63 1.61 6.17 11.11
C ILE A 63 1.97 5.26 12.31
N GLU A 64 2.93 4.37 12.06
CA GLU A 64 3.66 3.56 13.04
C GLU A 64 4.84 2.92 12.28
N GLY A 65 6.06 3.09 12.78
CA GLY A 65 7.26 2.44 12.24
C GLY A 65 8.00 3.18 11.13
N HIS A 66 9.10 2.55 10.72
CA HIS A 66 10.06 3.11 9.75
C HIS A 66 10.71 2.01 8.89
N SER A 67 10.67 2.21 7.57
CA SER A 67 11.29 1.32 6.58
C SER A 67 11.78 2.05 5.33
N MET A 68 12.58 1.38 4.51
CA MET A 68 13.10 1.90 3.24
C MET A 68 12.46 1.14 2.06
N VAL A 69 11.56 1.82 1.35
CA VAL A 69 10.67 1.28 0.32
C VAL A 69 11.31 1.25 -1.06
N ASP A 70 10.77 0.39 -1.94
CA ASP A 70 11.15 0.23 -3.35
C ASP A 70 9.99 0.68 -4.26
N GLU A 71 9.99 1.95 -4.67
CA GLU A 71 8.99 2.58 -5.57
C GLU A 71 9.58 2.94 -6.95
N SER A 72 10.74 2.37 -7.29
CA SER A 72 11.50 2.62 -8.51
C SER A 72 10.73 2.40 -9.81
N LEU A 73 9.75 1.49 -9.87
CA LEU A 73 8.95 1.26 -11.08
C LEU A 73 7.83 2.30 -11.21
N ILE A 74 7.28 2.79 -10.09
CA ILE A 74 6.18 3.76 -10.06
C ILE A 74 6.67 5.17 -10.36
N THR A 75 7.78 5.55 -9.70
CA THR A 75 8.33 6.91 -9.65
C THR A 75 9.63 7.06 -10.46
N GLY A 76 10.27 5.98 -10.88
CA GLY A 76 11.45 5.98 -11.77
C GLY A 76 12.79 6.36 -11.11
N GLU A 77 12.79 6.54 -9.79
CA GLU A 77 13.91 7.13 -9.02
C GLU A 77 15.21 6.30 -9.09
N ALA A 78 15.13 4.96 -9.07
CA ALA A 78 16.23 3.98 -9.11
C ALA A 78 17.03 3.89 -7.79
N MET A 79 16.89 4.91 -6.94
CA MET A 79 17.32 4.93 -5.55
C MET A 79 16.17 4.49 -4.62
N PRO A 80 16.47 3.88 -3.47
CA PRO A 80 15.46 3.52 -2.47
C PRO A 80 15.02 4.74 -1.63
N VAL A 81 13.78 4.69 -1.10
CA VAL A 81 13.09 5.84 -0.47
C VAL A 81 12.73 5.55 0.99
N ALA A 82 13.16 6.40 1.92
CA ALA A 82 12.90 6.23 3.36
C ALA A 82 11.49 6.69 3.77
N LYS A 83 10.84 5.91 4.64
CA LYS A 83 9.50 6.14 5.21
C LYS A 83 9.55 6.08 6.75
N LYS A 84 8.72 6.90 7.38
CA LYS A 84 8.67 7.23 8.82
C LYS A 84 7.19 7.41 9.26
N PRO A 85 6.88 7.57 10.56
CA PRO A 85 5.54 7.99 10.97
C PRO A 85 5.17 9.35 10.33
N GLY A 86 3.93 9.45 9.85
CA GLY A 86 3.43 10.60 9.07
C GLY A 86 3.91 10.62 7.61
N SER A 87 4.41 9.51 7.04
CA SER A 87 4.96 9.46 5.67
C SER A 87 3.96 8.85 4.68
N THR A 88 4.11 9.07 3.37
CA THR A 88 3.16 8.57 2.36
C THR A 88 3.74 7.49 1.44
N VAL A 89 2.87 6.56 1.02
CA VAL A 89 3.19 5.36 0.22
C VAL A 89 2.14 5.11 -0.86
N ILE A 90 2.53 4.35 -1.89
CA ILE A 90 1.67 3.86 -2.97
C ILE A 90 1.59 2.32 -3.01
N ALA A 91 0.46 1.82 -3.52
CA ALA A 91 0.26 0.40 -3.74
C ALA A 91 1.27 -0.20 -4.73
N GLY A 92 1.61 -1.47 -4.56
CA GLY A 92 2.51 -2.23 -5.45
C GLY A 92 4.01 -2.03 -5.19
N SER A 93 4.39 -1.07 -4.35
CA SER A 93 5.77 -0.92 -3.88
C SER A 93 6.10 -1.95 -2.79
N ILE A 94 7.40 -2.19 -2.53
CA ILE A 94 7.88 -3.20 -1.57
C ILE A 94 8.42 -2.53 -0.30
N ASN A 95 8.18 -3.13 0.86
CA ASN A 95 8.65 -2.68 2.17
C ASN A 95 9.90 -3.44 2.66
N GLN A 96 10.84 -2.79 3.33
CA GLN A 96 12.07 -3.41 3.84
C GLN A 96 12.67 -2.65 5.04
N ASN A 97 13.20 -3.37 6.04
CA ASN A 97 13.82 -2.98 7.33
C ASN A 97 12.98 -3.38 8.56
N GLY A 98 11.65 -3.22 8.54
CA GLY A 98 10.77 -3.56 9.67
C GLY A 98 9.27 -3.57 9.34
N SER A 99 8.43 -3.77 10.35
CA SER A 99 6.96 -3.85 10.26
C SER A 99 6.31 -2.48 10.47
N LEU A 100 5.30 -2.11 9.66
CA LEU A 100 4.62 -0.80 9.73
C LEU A 100 3.08 -0.92 9.75
N LEU A 101 2.40 0.15 10.20
CA LEU A 101 0.94 0.32 10.12
C LEU A 101 0.60 1.48 9.17
N ILE A 102 -0.20 1.20 8.13
CA ILE A 102 -0.59 2.17 7.10
C ILE A 102 -2.11 2.38 7.10
N CYS A 103 -2.57 3.62 7.19
CA CYS A 103 -3.99 3.94 6.98
C CYS A 103 -4.31 4.00 5.48
N ALA A 104 -5.32 3.26 5.05
CA ALA A 104 -5.72 3.18 3.64
C ALA A 104 -6.56 4.40 3.26
N THR A 105 -6.20 5.08 2.16
CA THR A 105 -6.95 6.26 1.66
C THR A 105 -7.75 5.98 0.39
N HIS A 106 -7.55 4.82 -0.24
CA HIS A 106 -8.37 4.30 -1.34
C HIS A 106 -8.48 2.77 -1.27
N VAL A 107 -9.58 2.18 -1.75
CA VAL A 107 -9.67 0.72 -2.01
C VAL A 107 -8.88 0.38 -3.28
N GLY A 108 -8.49 -0.88 -3.47
CA GLY A 108 -7.48 -1.25 -4.48
C GLY A 108 -7.77 -0.81 -5.92
N ALA A 109 -9.01 -0.89 -6.38
CA ALA A 109 -9.42 -0.40 -7.70
C ALA A 109 -9.51 1.14 -7.78
N ASP A 110 -10.00 1.81 -6.75
CA ASP A 110 -10.05 3.28 -6.62
C ASP A 110 -8.66 3.94 -6.37
N THR A 111 -7.60 3.13 -6.18
CA THR A 111 -6.23 3.59 -5.89
C THR A 111 -5.70 4.62 -6.88
N THR A 112 -4.80 5.45 -6.36
CA THR A 112 -3.98 6.40 -7.13
C THR A 112 -3.15 5.66 -8.20
N LEU A 113 -2.72 4.43 -7.90
CA LEU A 113 -2.02 3.50 -8.80
C LEU A 113 -2.89 3.10 -10.01
N SER A 114 -4.12 2.65 -9.78
CA SER A 114 -5.02 2.21 -10.86
C SER A 114 -5.52 3.38 -11.72
N GLN A 115 -5.42 4.63 -11.22
CA GLN A 115 -5.66 5.83 -12.03
C GLN A 115 -4.50 6.11 -13.00
N ILE A 116 -3.24 5.93 -12.61
CA ILE A 116 -2.06 6.19 -13.48
C ILE A 116 -2.22 5.52 -14.85
N VAL A 117 -2.52 4.22 -14.91
CA VAL A 117 -2.72 3.49 -16.18
C VAL A 117 -3.91 4.02 -17.00
N LYS A 118 -4.94 4.55 -16.33
CA LYS A 118 -6.08 5.20 -16.98
C LYS A 118 -5.74 6.58 -17.54
N LEU A 119 -4.86 7.33 -16.87
CA LEU A 119 -4.32 8.62 -17.30
C LEU A 119 -3.37 8.44 -18.51
N VAL A 120 -2.57 7.37 -18.51
CA VAL A 120 -1.78 6.93 -19.66
C VAL A 120 -2.69 6.58 -20.84
N GLU A 121 -3.78 5.83 -20.62
CA GLU A 121 -4.78 5.54 -21.67
C GLU A 121 -5.61 6.75 -22.17
N GLU A 122 -5.56 7.93 -21.54
CA GLU A 122 -6.13 9.14 -22.14
C GLU A 122 -5.30 9.64 -23.35
N ALA A 123 -3.99 9.34 -23.38
CA ALA A 123 -3.15 9.62 -24.53
C ALA A 123 -3.40 8.64 -25.68
N GLN A 124 -3.24 7.33 -25.43
CA GLN A 124 -3.49 6.27 -26.43
C GLN A 124 -4.98 6.02 -26.72
N SER A 6 2.91 0.92 -24.10
CA SER A 6 2.56 -0.45 -24.52
C SER A 6 3.65 -1.49 -24.19
N GLU A 7 3.26 -2.74 -23.98
CA GLU A 7 4.04 -3.86 -23.41
C GLU A 7 4.37 -3.68 -21.92
N ALA A 8 4.89 -2.52 -21.52
CA ALA A 8 5.04 -2.12 -20.11
C ALA A 8 3.69 -1.77 -19.42
N LEU A 9 2.60 -1.62 -20.19
CA LEU A 9 1.29 -1.17 -19.73
C LEU A 9 0.71 -2.09 -18.65
N ALA A 10 0.91 -3.40 -18.77
CA ALA A 10 0.41 -4.38 -17.80
C ALA A 10 1.13 -4.31 -16.45
N LYS A 11 2.33 -3.71 -16.35
CA LYS A 11 3.10 -3.63 -15.10
C LYS A 11 2.36 -2.87 -14.01
N LEU A 12 1.63 -1.81 -14.37
CA LEU A 12 0.89 -0.97 -13.43
C LEU A 12 -0.23 -1.77 -12.72
N ILE A 13 -0.96 -2.60 -13.47
CA ILE A 13 -1.94 -3.54 -12.88
C ILE A 13 -1.25 -4.70 -12.14
N SER A 14 -0.11 -5.19 -12.64
CA SER A 14 0.63 -6.32 -12.07
C SER A 14 1.27 -5.99 -10.72
N LEU A 15 1.67 -4.72 -10.52
CA LEU A 15 2.30 -4.18 -9.32
C LEU A 15 1.40 -4.25 -8.08
N GLN A 16 0.08 -4.12 -8.23
CA GLN A 16 -0.83 -3.97 -7.09
C GLN A 16 -1.10 -5.30 -6.38
N ALA A 17 -0.95 -5.31 -5.04
CA ALA A 17 -1.12 -6.50 -4.21
C ALA A 17 -2.59 -6.88 -4.00
N THR A 18 -2.83 -8.17 -3.70
CA THR A 18 -4.16 -8.80 -3.72
C THR A 18 -4.77 -9.13 -2.34
N GLU A 19 -4.02 -8.91 -1.25
CA GLU A 19 -4.47 -9.16 0.13
C GLU A 19 -3.99 -8.10 1.14
N ALA A 20 -4.65 -8.02 2.30
CA ALA A 20 -4.33 -7.08 3.38
C ALA A 20 -4.48 -7.71 4.79
N THR A 21 -3.81 -7.11 5.79
CA THR A 21 -3.95 -7.46 7.23
C THR A 21 -4.46 -6.26 8.04
N ILE A 22 -5.73 -6.28 8.46
CA ILE A 22 -6.45 -5.17 9.11
C ILE A 22 -6.43 -5.33 10.65
N VAL A 23 -6.22 -4.26 11.43
CA VAL A 23 -6.17 -4.31 12.90
C VAL A 23 -7.18 -3.33 13.54
N THR A 24 -8.03 -3.84 14.43
CA THR A 24 -9.13 -3.11 15.08
C THR A 24 -9.22 -3.46 16.58
N LEU A 25 -9.68 -2.53 17.41
CA LEU A 25 -9.91 -2.78 18.83
C LEU A 25 -11.33 -3.31 19.12
N ASP A 26 -11.43 -4.17 20.13
CA ASP A 26 -12.71 -4.63 20.72
C ASP A 26 -12.83 -4.31 22.22
N SER A 27 -11.73 -3.85 22.83
CA SER A 27 -11.64 -3.24 24.17
C SER A 27 -10.48 -2.23 24.17
N ASP A 28 -10.68 -1.03 24.73
CA ASP A 28 -9.83 0.17 24.59
C ASP A 28 -8.32 0.03 24.86
N ASN A 29 -7.59 -0.39 23.82
CA ASN A 29 -6.15 -0.69 23.79
C ASN A 29 -5.74 -1.85 24.72
N ILE A 30 -6.72 -2.70 25.02
CA ILE A 30 -6.63 -3.81 25.97
C ILE A 30 -7.10 -5.14 25.37
N LEU A 31 -7.88 -5.11 24.28
CA LEU A 31 -8.15 -6.25 23.41
C LEU A 31 -8.06 -5.84 21.93
N LEU A 32 -7.08 -6.45 21.26
CA LEU A 32 -6.83 -6.32 19.83
C LEU A 32 -7.42 -7.50 19.05
N SER A 33 -7.83 -7.23 17.81
CA SER A 33 -8.39 -8.20 16.86
C SER A 33 -7.89 -7.88 15.45
N GLU A 34 -7.44 -8.89 14.69
CA GLU A 34 -6.85 -8.71 13.36
C GLU A 34 -7.52 -9.60 12.31
N GLU A 35 -7.75 -9.07 11.11
CA GLU A 35 -8.31 -9.79 9.95
C GLU A 35 -7.32 -9.91 8.80
N GLN A 36 -7.37 -11.02 8.07
CA GLN A 36 -6.60 -11.25 6.84
C GLN A 36 -7.59 -11.42 5.68
N VAL A 37 -7.61 -10.44 4.77
CA VAL A 37 -8.67 -10.27 3.76
C VAL A 37 -8.17 -10.15 2.32
N ASP A 38 -9.08 -10.32 1.36
CA ASP A 38 -8.85 -10.00 -0.04
C ASP A 38 -8.92 -8.48 -0.28
N VAL A 39 -8.12 -7.96 -1.21
CA VAL A 39 -8.06 -6.51 -1.50
C VAL A 39 -9.41 -5.91 -1.91
N GLU A 40 -10.35 -6.70 -2.44
CA GLU A 40 -11.68 -6.19 -2.81
C GLU A 40 -12.56 -5.86 -1.59
N LEU A 41 -12.21 -6.39 -0.41
CA LEU A 41 -13.01 -6.39 0.83
C LEU A 41 -12.54 -5.39 1.90
N VAL A 42 -11.34 -4.82 1.73
CA VAL A 42 -10.84 -3.71 2.57
C VAL A 42 -11.42 -2.39 2.07
N GLN A 43 -11.71 -1.47 2.99
CA GLN A 43 -12.30 -0.16 2.70
C GLN A 43 -11.41 1.01 3.14
N ARG A 44 -11.68 2.21 2.62
CA ARG A 44 -11.05 3.42 3.18
C ARG A 44 -11.65 3.68 4.57
N GLY A 45 -10.79 4.02 5.53
CA GLY A 45 -11.13 4.09 6.96
C GLY A 45 -10.49 2.97 7.82
N ASP A 46 -9.90 1.95 7.19
CA ASP A 46 -9.25 0.81 7.87
C ASP A 46 -7.75 1.05 8.20
N ILE A 47 -7.25 0.39 9.25
CA ILE A 47 -5.82 0.41 9.67
C ILE A 47 -5.14 -0.91 9.30
N ILE A 48 -4.10 -0.87 8.46
CA ILE A 48 -3.47 -2.05 7.83
C ILE A 48 -2.01 -2.19 8.23
N LYS A 49 -1.59 -3.37 8.69
CA LYS A 49 -0.17 -3.66 9.01
C LYS A 49 0.58 -4.26 7.82
N VAL A 50 1.84 -3.83 7.61
CA VAL A 50 2.72 -4.26 6.52
C VAL A 50 4.07 -4.77 7.06
N VAL A 51 4.53 -5.92 6.55
CA VAL A 51 5.66 -6.69 7.12
C VAL A 51 6.95 -6.63 6.26
N PRO A 52 8.11 -7.12 6.75
CA PRO A 52 9.32 -7.28 5.92
C PRO A 52 9.06 -8.08 4.64
N GLY A 53 9.58 -7.60 3.50
CA GLY A 53 9.35 -8.16 2.17
C GLY A 53 7.97 -7.92 1.56
N GLY A 54 6.98 -7.48 2.35
CA GLY A 54 5.58 -7.33 1.94
C GLY A 54 5.34 -6.17 0.95
N LYS A 55 4.18 -6.20 0.28
CA LYS A 55 3.75 -5.18 -0.70
C LYS A 55 2.63 -4.29 -0.16
N PHE A 56 2.52 -3.07 -0.67
CA PHE A 56 1.42 -2.14 -0.35
C PHE A 56 0.22 -2.34 -1.31
N PRO A 57 -0.99 -2.70 -0.82
CA PRO A 57 -2.17 -2.96 -1.68
C PRO A 57 -2.98 -1.70 -2.07
N VAL A 58 -2.77 -0.58 -1.38
CA VAL A 58 -3.42 0.74 -1.56
C VAL A 58 -2.45 1.83 -1.08
N ASP A 59 -2.75 3.11 -1.32
CA ASP A 59 -1.89 4.23 -0.88
C ASP A 59 -2.42 4.96 0.36
N GLY A 60 -1.53 5.43 1.24
CA GLY A 60 -1.89 6.02 2.53
C GLY A 60 -0.71 6.52 3.36
N ARG A 61 -0.93 6.69 4.67
CA ARG A 61 0.02 7.29 5.63
C ARG A 61 0.48 6.29 6.70
N VAL A 62 1.76 6.36 7.05
CA VAL A 62 2.47 5.51 8.03
C VAL A 62 2.42 6.19 9.40
N ILE A 63 1.98 5.48 10.45
CA ILE A 63 1.88 6.04 11.82
C ILE A 63 2.29 5.03 12.92
N GLU A 64 3.24 4.15 12.62
CA GLU A 64 3.94 3.29 13.59
C GLU A 64 5.17 2.70 12.90
N GLY A 65 6.33 2.77 13.55
CA GLY A 65 7.53 2.04 13.10
C GLY A 65 8.38 2.74 12.04
N HIS A 66 9.37 2.00 11.54
CA HIS A 66 10.34 2.47 10.54
C HIS A 66 10.86 1.33 9.66
N SER A 67 10.75 1.52 8.33
CA SER A 67 11.19 0.57 7.29
C SER A 67 11.73 1.27 6.04
N MET A 68 12.35 0.51 5.13
CA MET A 68 12.86 1.03 3.86
C MET A 68 12.06 0.47 2.66
N VAL A 69 11.51 1.35 1.83
CA VAL A 69 10.57 1.01 0.75
C VAL A 69 11.20 1.21 -0.63
N ASP A 70 10.91 0.31 -1.56
CA ASP A 70 11.33 0.37 -2.96
C ASP A 70 10.14 0.78 -3.84
N GLU A 71 10.20 1.98 -4.40
CA GLU A 71 9.12 2.69 -5.10
C GLU A 71 9.52 3.25 -6.48
N SER A 72 10.65 2.77 -7.03
CA SER A 72 11.30 3.28 -8.24
C SER A 72 10.43 3.44 -9.49
N LEU A 73 9.40 2.61 -9.70
CA LEU A 73 8.48 2.73 -10.85
C LEU A 73 7.41 3.80 -10.58
N ILE A 74 6.99 3.96 -9.33
CA ILE A 74 5.91 4.88 -8.94
C ILE A 74 6.40 6.32 -8.87
N THR A 75 7.42 6.61 -8.05
CA THR A 75 7.97 7.95 -7.79
C THR A 75 9.19 8.30 -8.65
N GLY A 76 9.61 7.36 -9.52
CA GLY A 76 10.68 7.54 -10.51
C GLY A 76 12.09 7.55 -9.90
N GLU A 77 12.23 6.99 -8.71
CA GLU A 77 13.49 6.81 -7.98
C GLU A 77 14.34 5.69 -8.62
N ALA A 78 15.40 5.26 -7.93
CA ALA A 78 16.26 4.12 -8.29
C ALA A 78 16.85 3.47 -7.02
N MET A 79 17.12 4.27 -5.99
CA MET A 79 17.48 3.82 -4.64
C MET A 79 16.21 3.55 -3.81
N PRO A 80 16.29 2.73 -2.74
CA PRO A 80 15.24 2.62 -1.73
C PRO A 80 15.08 3.90 -0.87
N VAL A 81 13.93 4.06 -0.22
CA VAL A 81 13.53 5.26 0.55
C VAL A 81 13.14 4.90 1.99
N ALA A 82 13.69 5.60 2.98
CA ALA A 82 13.38 5.40 4.40
C ALA A 82 12.04 6.05 4.82
N LYS A 83 11.19 5.28 5.52
CA LYS A 83 9.91 5.70 6.13
C LYS A 83 9.98 5.66 7.67
N LYS A 84 9.19 6.49 8.35
CA LYS A 84 9.11 6.70 9.82
C LYS A 84 7.65 6.90 10.26
N PRO A 85 7.31 7.07 11.56
CA PRO A 85 5.95 7.48 11.93
C PRO A 85 5.70 8.92 11.43
N GLY A 86 4.60 9.14 10.71
CA GLY A 86 4.27 10.38 10.00
C GLY A 86 4.78 10.44 8.55
N SER A 87 4.98 9.30 7.89
CA SER A 87 5.48 9.19 6.49
C SER A 87 4.36 8.74 5.54
N THR A 88 4.56 8.70 4.22
CA THR A 88 3.50 8.31 3.25
C THR A 88 3.98 7.25 2.26
N VAL A 89 3.06 6.41 1.79
CA VAL A 89 3.33 5.23 0.96
C VAL A 89 2.34 5.09 -0.19
N ILE A 90 2.80 4.55 -1.32
CA ILE A 90 2.04 4.29 -2.55
C ILE A 90 1.85 2.81 -2.84
N ALA A 91 0.72 2.48 -3.46
CA ALA A 91 0.36 1.11 -3.83
C ALA A 91 1.36 0.49 -4.83
N GLY A 92 1.59 -0.81 -4.69
CA GLY A 92 2.48 -1.59 -5.54
C GLY A 92 3.98 -1.49 -5.23
N SER A 93 4.38 -0.65 -4.27
CA SER A 93 5.75 -0.59 -3.75
C SER A 93 6.04 -1.74 -2.77
N ILE A 94 7.32 -2.01 -2.52
CA ILE A 94 7.79 -3.18 -1.75
C ILE A 94 8.56 -2.77 -0.48
N ASN A 95 8.28 -3.42 0.66
CA ASN A 95 8.90 -3.15 1.96
C ASN A 95 10.17 -4.00 2.19
N GLN A 96 11.19 -3.49 2.90
CA GLN A 96 12.47 -4.19 3.16
C GLN A 96 12.43 -4.95 4.50
N ASN A 97 12.89 -4.33 5.59
CA ASN A 97 12.78 -4.83 6.97
C ASN A 97 12.38 -3.66 7.88
N GLY A 98 11.38 -3.85 8.74
CA GLY A 98 10.71 -2.81 9.48
C GLY A 98 9.19 -2.97 9.31
N SER A 99 8.50 -3.27 10.41
CA SER A 99 7.07 -3.59 10.41
C SER A 99 6.26 -2.33 10.71
N LEU A 100 5.47 -1.87 9.75
CA LEU A 100 4.79 -0.57 9.78
C LEU A 100 3.27 -0.71 9.90
N LEU A 101 2.61 0.30 10.48
CA LEU A 101 1.15 0.39 10.56
C LEU A 101 0.64 1.58 9.74
N ILE A 102 -0.22 1.30 8.76
CA ILE A 102 -0.67 2.23 7.71
C ILE A 102 -2.17 2.55 7.86
N CYS A 103 -2.56 3.82 7.88
CA CYS A 103 -3.97 4.20 7.78
C CYS A 103 -4.38 4.30 6.30
N ALA A 104 -5.31 3.45 5.86
CA ALA A 104 -5.79 3.42 4.49
C ALA A 104 -6.95 4.41 4.31
N THR A 105 -6.80 5.35 3.37
CA THR A 105 -7.81 6.37 3.07
C THR A 105 -8.24 6.39 1.59
N HIS A 106 -7.84 5.36 0.82
CA HIS A 106 -8.19 5.21 -0.59
C HIS A 106 -8.56 3.77 -0.92
N VAL A 107 -9.58 3.57 -1.75
CA VAL A 107 -9.99 2.27 -2.30
C VAL A 107 -9.41 2.06 -3.71
N GLY A 108 -9.51 0.86 -4.30
CA GLY A 108 -8.79 0.50 -5.54
C GLY A 108 -9.10 1.36 -6.77
N ALA A 109 -10.30 1.95 -6.86
CA ALA A 109 -10.66 2.88 -7.94
C ALA A 109 -9.86 4.21 -7.92
N ASP A 110 -9.39 4.66 -6.76
CA ASP A 110 -8.55 5.85 -6.60
C ASP A 110 -7.08 5.66 -7.04
N THR A 111 -6.62 4.41 -7.17
CA THR A 111 -5.19 4.08 -7.30
C THR A 111 -4.53 4.68 -8.55
N THR A 112 -3.45 5.43 -8.36
CA THR A 112 -2.78 6.17 -9.46
C THR A 112 -2.27 5.23 -10.55
N LEU A 113 -1.81 4.03 -10.19
CA LEU A 113 -1.35 2.99 -11.12
C LEU A 113 -2.44 2.61 -12.13
N SER A 114 -3.65 2.31 -11.65
CA SER A 114 -4.80 1.99 -12.51
C SER A 114 -5.31 3.21 -13.27
N GLN A 115 -5.15 4.41 -12.71
CA GLN A 115 -5.57 5.65 -13.37
C GLN A 115 -4.68 5.97 -14.59
N ILE A 116 -3.36 5.82 -14.45
CA ILE A 116 -2.36 6.09 -15.49
C ILE A 116 -2.68 5.32 -16.77
N VAL A 117 -2.90 4.00 -16.67
CA VAL A 117 -3.21 3.13 -17.83
C VAL A 117 -4.59 3.37 -18.43
N LYS A 118 -5.55 3.89 -17.66
CA LYS A 118 -6.84 4.38 -18.18
C LYS A 118 -6.71 5.70 -18.93
N LEU A 119 -5.84 6.61 -18.48
CA LEU A 119 -5.59 7.90 -19.14
C LEU A 119 -4.86 7.73 -20.49
N VAL A 120 -3.99 6.71 -20.59
CA VAL A 120 -3.33 6.29 -21.84
C VAL A 120 -4.31 5.60 -22.79
N GLU A 121 -4.94 4.50 -22.38
CA GLU A 121 -5.73 3.68 -23.33
C GLU A 121 -7.01 4.37 -23.85
N GLU A 122 -7.60 5.33 -23.11
CA GLU A 122 -8.69 6.14 -23.67
C GLU A 122 -8.24 7.18 -24.73
N ALA A 123 -6.93 7.45 -24.87
CA ALA A 123 -6.42 8.27 -25.98
C ALA A 123 -6.52 7.51 -27.31
N GLN A 124 -6.04 6.25 -27.34
CA GLN A 124 -6.13 5.31 -28.47
C GLN A 124 -7.57 5.11 -28.97
N SER A 6 3.61 -1.27 -23.63
CA SER A 6 2.45 -2.17 -23.55
C SER A 6 2.54 -3.15 -22.38
N GLU A 7 3.72 -3.66 -22.01
CA GLU A 7 3.87 -4.45 -20.78
C GLU A 7 3.82 -3.57 -19.53
N ALA A 8 4.28 -2.32 -19.59
CA ALA A 8 4.09 -1.31 -18.54
C ALA A 8 2.60 -0.99 -18.27
N LEU A 9 1.77 -0.93 -19.32
CA LEU A 9 0.32 -0.76 -19.20
C LEU A 9 -0.35 -1.94 -18.47
N ALA A 10 0.22 -3.15 -18.57
CA ALA A 10 -0.15 -4.29 -17.72
C ALA A 10 0.43 -4.16 -16.28
N LYS A 11 1.66 -3.63 -16.14
CA LYS A 11 2.39 -3.51 -14.87
C LYS A 11 1.72 -2.60 -13.84
N LEU A 12 1.02 -1.54 -14.25
CA LEU A 12 0.23 -0.73 -13.30
C LEU A 12 -0.87 -1.57 -12.61
N ILE A 13 -1.41 -2.58 -13.31
CA ILE A 13 -2.25 -3.64 -12.72
C ILE A 13 -1.40 -4.62 -11.90
N SER A 14 -0.23 -5.10 -12.37
CA SER A 14 0.58 -6.07 -11.62
C SER A 14 1.22 -5.51 -10.33
N LEU A 15 1.30 -4.18 -10.18
CA LEU A 15 1.67 -3.49 -8.94
C LEU A 15 0.59 -3.61 -7.85
N GLN A 16 -0.68 -3.72 -8.24
CA GLN A 16 -1.81 -3.80 -7.31
C GLN A 16 -1.93 -5.22 -6.73
N ALA A 17 -2.05 -5.30 -5.41
CA ALA A 17 -2.09 -6.55 -4.65
C ALA A 17 -3.48 -7.22 -4.69
N THR A 18 -3.55 -8.48 -4.24
CA THR A 18 -4.79 -9.26 -4.16
C THR A 18 -5.32 -9.46 -2.74
N GLU A 19 -4.47 -9.40 -1.72
CA GLU A 19 -4.82 -9.59 -0.30
C GLU A 19 -4.07 -8.65 0.67
N ALA A 20 -4.70 -8.36 1.81
CA ALA A 20 -4.17 -7.47 2.87
C ALA A 20 -4.49 -8.00 4.29
N THR A 21 -3.92 -7.37 5.31
CA THR A 21 -4.16 -7.69 6.74
C THR A 21 -4.61 -6.45 7.54
N ILE A 22 -5.89 -6.41 7.94
CA ILE A 22 -6.49 -5.31 8.72
C ILE A 22 -6.17 -5.51 10.21
N VAL A 23 -5.87 -4.43 10.96
CA VAL A 23 -5.58 -4.50 12.40
C VAL A 23 -6.45 -3.51 13.19
N THR A 24 -7.19 -4.05 14.16
CA THR A 24 -8.24 -3.34 14.92
C THR A 24 -8.14 -3.66 16.42
N LEU A 25 -8.56 -2.73 17.27
CA LEU A 25 -8.58 -2.90 18.73
C LEU A 25 -9.96 -3.39 19.20
N ASP A 26 -9.99 -4.48 19.96
CA ASP A 26 -11.21 -5.07 20.54
C ASP A 26 -11.39 -4.68 22.02
N SER A 27 -10.33 -4.13 22.62
CA SER A 27 -10.29 -3.49 23.93
C SER A 27 -9.28 -2.34 23.87
N ASP A 28 -9.63 -1.18 24.43
CA ASP A 28 -8.97 0.14 24.26
C ASP A 28 -7.44 0.17 24.44
N ASN A 29 -6.70 -0.14 23.37
CA ASN A 29 -5.24 -0.26 23.35
C ASN A 29 -4.70 -1.30 24.35
N ILE A 30 -5.49 -2.38 24.51
CA ILE A 30 -5.27 -3.46 25.47
C ILE A 30 -5.63 -4.85 24.91
N LEU A 31 -6.48 -4.95 23.87
CA LEU A 31 -6.73 -6.19 23.11
C LEU A 31 -6.62 -5.92 21.60
N LEU A 32 -5.77 -6.70 20.93
CA LEU A 32 -5.51 -6.63 19.48
C LEU A 32 -6.12 -7.86 18.76
N SER A 33 -6.72 -7.61 17.58
CA SER A 33 -7.22 -8.66 16.69
C SER A 33 -7.00 -8.30 15.21
N GLU A 34 -6.41 -9.20 14.41
CA GLU A 34 -6.06 -8.96 12.99
C GLU A 34 -6.94 -9.83 12.05
N GLU A 35 -7.41 -9.26 10.95
CA GLU A 35 -8.15 -9.95 9.85
C GLU A 35 -7.26 -10.08 8.62
N GLN A 36 -7.41 -11.16 7.85
CA GLN A 36 -6.80 -11.30 6.52
C GLN A 36 -7.89 -11.33 5.45
N VAL A 37 -7.79 -10.45 4.45
CA VAL A 37 -8.89 -10.15 3.51
C VAL A 37 -8.46 -10.04 2.04
N ASP A 38 -9.44 -10.19 1.14
CA ASP A 38 -9.29 -9.85 -0.28
C ASP A 38 -9.35 -8.32 -0.45
N VAL A 39 -8.62 -7.77 -1.43
CA VAL A 39 -8.50 -6.32 -1.65
C VAL A 39 -9.82 -5.61 -1.97
N GLU A 40 -10.92 -6.33 -2.22
CA GLU A 40 -12.26 -5.72 -2.33
C GLU A 40 -12.92 -5.42 -0.96
N LEU A 41 -12.46 -6.05 0.13
CA LEU A 41 -13.07 -5.97 1.47
C LEU A 41 -12.42 -4.92 2.39
N VAL A 42 -11.34 -4.29 1.92
CA VAL A 42 -10.69 -3.13 2.55
C VAL A 42 -11.27 -1.84 1.98
N GLN A 43 -11.45 -0.83 2.84
CA GLN A 43 -12.06 0.46 2.53
C GLN A 43 -11.16 1.61 2.97
N ARG A 44 -11.50 2.83 2.53
CA ARG A 44 -10.73 4.07 2.73
C ARG A 44 -10.75 4.63 4.17
N GLY A 45 -11.02 3.77 5.14
CA GLY A 45 -11.01 4.04 6.58
C GLY A 45 -10.47 2.87 7.43
N ASP A 46 -9.87 1.84 6.84
CA ASP A 46 -9.19 0.74 7.56
C ASP A 46 -7.71 1.06 7.87
N ILE A 47 -7.11 0.31 8.81
CA ILE A 47 -5.67 0.35 9.14
C ILE A 47 -5.05 -1.02 8.84
N ILE A 48 -3.98 -1.06 8.04
CA ILE A 48 -3.37 -2.26 7.45
C ILE A 48 -1.93 -2.47 7.92
N LYS A 49 -1.58 -3.67 8.40
CA LYS A 49 -0.19 -4.04 8.77
C LYS A 49 0.62 -4.60 7.60
N VAL A 50 1.83 -4.10 7.39
CA VAL A 50 2.80 -4.56 6.37
C VAL A 50 3.97 -5.32 7.01
N VAL A 51 4.43 -6.40 6.39
CA VAL A 51 5.56 -7.24 6.88
C VAL A 51 6.88 -6.99 6.12
N PRO A 52 8.06 -7.34 6.70
CA PRO A 52 9.33 -7.36 6.00
C PRO A 52 9.26 -8.12 4.67
N GLY A 53 9.90 -7.61 3.62
CA GLY A 53 9.83 -8.19 2.28
C GLY A 53 8.48 -8.03 1.53
N GLY A 54 7.44 -7.52 2.20
CA GLY A 54 6.10 -7.33 1.64
C GLY A 54 5.94 -6.11 0.71
N LYS A 55 4.71 -5.91 0.20
CA LYS A 55 4.32 -4.76 -0.61
C LYS A 55 3.13 -4.00 -0.02
N PHE A 56 3.07 -2.70 -0.31
CA PHE A 56 1.95 -1.83 0.07
C PHE A 56 0.75 -2.06 -0.88
N PRO A 57 -0.45 -2.42 -0.38
CA PRO A 57 -1.57 -2.85 -1.24
C PRO A 57 -2.48 -1.70 -1.74
N VAL A 58 -2.43 -0.52 -1.10
CA VAL A 58 -3.20 0.70 -1.36
C VAL A 58 -2.35 1.91 -0.89
N ASP A 59 -2.76 3.15 -1.20
CA ASP A 59 -2.05 4.36 -0.74
C ASP A 59 -2.60 4.92 0.60
N GLY A 60 -1.72 5.58 1.36
CA GLY A 60 -2.05 6.16 2.67
C GLY A 60 -0.84 6.62 3.47
N ARG A 61 -1.01 6.77 4.79
CA ARG A 61 0.04 7.25 5.72
C ARG A 61 0.48 6.17 6.70
N VAL A 62 1.78 6.16 7.02
CA VAL A 62 2.39 5.38 8.10
C VAL A 62 2.43 6.27 9.34
N ILE A 63 1.86 5.79 10.44
CA ILE A 63 1.93 6.46 11.75
C ILE A 63 2.21 5.44 12.87
N GLU A 64 3.01 4.42 12.54
CA GLU A 64 3.47 3.35 13.43
C GLU A 64 4.59 2.57 12.72
N GLY A 65 5.78 2.49 13.33
CA GLY A 65 6.92 1.73 12.83
C GLY A 65 7.91 2.49 11.93
N HIS A 66 8.97 1.80 11.53
CA HIS A 66 10.09 2.33 10.73
C HIS A 66 10.69 1.28 9.78
N SER A 67 10.79 1.62 8.49
CA SER A 67 11.28 0.72 7.42
C SER A 67 12.06 1.48 6.33
N MET A 68 12.69 0.75 5.42
CA MET A 68 13.28 1.25 4.19
C MET A 68 12.54 0.66 2.98
N VAL A 69 12.04 1.53 2.09
CA VAL A 69 11.10 1.20 1.02
C VAL A 69 11.63 1.57 -0.37
N ASP A 70 11.36 0.70 -1.34
CA ASP A 70 11.71 0.82 -2.76
C ASP A 70 10.50 1.24 -3.60
N GLU A 71 10.64 2.35 -4.34
CA GLU A 71 9.57 2.98 -5.12
C GLU A 71 9.93 3.17 -6.62
N SER A 72 10.90 2.42 -7.14
CA SER A 72 11.51 2.61 -8.46
C SER A 72 10.61 2.46 -9.70
N LEU A 73 9.33 2.10 -9.54
CA LEU A 73 8.31 2.12 -10.60
C LEU A 73 7.37 3.33 -10.38
N ILE A 74 6.93 3.54 -9.13
CA ILE A 74 5.92 4.54 -8.76
C ILE A 74 6.48 5.97 -8.76
N THR A 75 7.54 6.22 -7.99
CA THR A 75 8.22 7.53 -7.87
C THR A 75 9.59 7.55 -8.56
N GLY A 76 10.00 6.43 -9.15
CA GLY A 76 11.21 6.29 -9.99
C GLY A 76 12.53 6.27 -9.20
N GLU A 77 12.47 6.24 -7.87
CA GLU A 77 13.64 6.26 -6.99
C GLU A 77 14.40 4.92 -7.04
N ALA A 78 15.56 4.91 -7.69
CA ALA A 78 16.40 3.72 -7.85
C ALA A 78 17.16 3.38 -6.56
N MET A 79 17.26 4.33 -5.62
CA MET A 79 17.79 4.16 -4.27
C MET A 79 16.65 4.34 -3.25
N PRO A 80 16.54 3.50 -2.21
CA PRO A 80 15.35 3.45 -1.35
C PRO A 80 15.26 4.58 -0.32
N VAL A 81 14.08 4.73 0.27
CA VAL A 81 13.67 5.85 1.14
C VAL A 81 13.28 5.35 2.52
N ALA A 82 13.68 6.06 3.59
CA ALA A 82 13.32 5.71 4.97
C ALA A 82 11.93 6.27 5.35
N LYS A 83 11.05 5.41 5.85
CA LYS A 83 9.72 5.76 6.38
C LYS A 83 9.76 5.84 7.92
N LYS A 84 8.91 6.67 8.53
CA LYS A 84 8.79 6.87 9.99
C LYS A 84 7.29 6.93 10.38
N PRO A 85 6.91 7.02 11.68
CA PRO A 85 5.52 7.24 12.10
C PRO A 85 5.07 8.70 11.83
N GLY A 86 4.99 9.06 10.56
CA GLY A 86 4.66 10.39 10.04
C GLY A 86 4.97 10.55 8.54
N SER A 87 4.89 9.46 7.77
CA SER A 87 5.35 9.37 6.35
C SER A 87 4.24 8.85 5.44
N THR A 88 4.22 9.25 4.18
CA THR A 88 3.24 8.77 3.19
C THR A 88 3.78 7.65 2.30
N VAL A 89 2.90 6.75 1.87
CA VAL A 89 3.21 5.52 1.12
C VAL A 89 2.19 5.25 0.01
N ILE A 90 2.65 4.63 -1.08
CA ILE A 90 1.88 4.35 -2.30
C ILE A 90 1.90 2.87 -2.66
N ALA A 91 0.80 2.40 -3.27
CA ALA A 91 0.58 1.02 -3.64
C ALA A 91 1.64 0.50 -4.63
N GLY A 92 2.06 -0.76 -4.48
CA GLY A 92 3.06 -1.40 -5.33
C GLY A 92 4.52 -1.06 -5.01
N SER A 93 4.80 -0.26 -3.97
CA SER A 93 6.15 -0.08 -3.44
C SER A 93 6.56 -1.27 -2.54
N ILE A 94 7.87 -1.55 -2.42
CA ILE A 94 8.40 -2.78 -1.80
C ILE A 94 9.15 -2.51 -0.48
N ASN A 95 8.84 -3.28 0.56
CA ASN A 95 9.49 -3.24 1.87
C ASN A 95 10.78 -4.09 1.88
N GLN A 96 11.87 -3.57 2.43
CA GLN A 96 13.07 -4.36 2.72
C GLN A 96 12.91 -5.08 4.07
N ASN A 97 12.99 -4.31 5.17
CA ASN A 97 12.73 -4.72 6.54
C ASN A 97 12.06 -3.53 7.26
N GLY A 98 11.29 -3.78 8.33
CA GLY A 98 10.53 -2.83 9.12
C GLY A 98 9.02 -3.06 8.97
N SER A 99 8.36 -3.58 10.01
CA SER A 99 6.89 -3.77 9.99
C SER A 99 6.17 -2.51 10.44
N LEU A 100 5.21 -2.03 9.64
CA LEU A 100 4.50 -0.76 9.84
C LEU A 100 2.98 -0.96 9.85
N LEU A 101 2.25 0.03 10.37
CA LEU A 101 0.78 0.12 10.22
C LEU A 101 0.43 1.35 9.38
N ILE A 102 -0.35 1.13 8.32
CA ILE A 102 -0.75 2.13 7.33
C ILE A 102 -2.24 2.44 7.46
N CYS A 103 -2.62 3.71 7.62
CA CYS A 103 -4.02 4.15 7.52
C CYS A 103 -4.35 4.47 6.06
N ALA A 104 -5.15 3.60 5.42
CA ALA A 104 -5.49 3.69 4.01
C ALA A 104 -6.59 4.75 3.75
N THR A 105 -6.41 5.56 2.71
CA THR A 105 -7.31 6.70 2.38
C THR A 105 -7.91 6.64 0.98
N HIS A 106 -7.59 5.60 0.19
CA HIS A 106 -8.17 5.34 -1.13
C HIS A 106 -8.34 3.83 -1.38
N VAL A 107 -9.41 3.43 -2.10
CA VAL A 107 -9.59 2.06 -2.61
C VAL A 107 -8.86 1.87 -3.95
N GLY A 108 -8.62 0.64 -4.39
CA GLY A 108 -7.72 0.35 -5.51
C GLY A 108 -8.16 0.92 -6.87
N ALA A 109 -9.48 0.95 -7.13
CA ALA A 109 -10.01 1.57 -8.35
C ALA A 109 -9.88 3.11 -8.35
N ASP A 110 -9.88 3.75 -7.17
CA ASP A 110 -9.65 5.18 -6.97
C ASP A 110 -8.17 5.61 -7.06
N THR A 111 -7.22 4.66 -7.16
CA THR A 111 -5.77 4.96 -7.18
C THR A 111 -5.34 5.67 -8.47
N THR A 112 -4.20 6.36 -8.40
CA THR A 112 -3.54 6.94 -9.59
C THR A 112 -3.06 5.84 -10.54
N LEU A 113 -2.64 4.67 -10.04
CA LEU A 113 -2.27 3.51 -10.86
C LEU A 113 -3.41 3.11 -11.82
N SER A 114 -4.61 2.95 -11.26
CA SER A 114 -5.83 2.63 -12.02
C SER A 114 -6.28 3.81 -12.90
N GLN A 115 -6.03 5.05 -12.45
CA GLN A 115 -6.33 6.26 -13.23
C GLN A 115 -5.51 6.31 -14.54
N ILE A 116 -4.23 5.93 -14.47
CA ILE A 116 -3.27 5.90 -15.59
C ILE A 116 -3.70 4.88 -16.66
N VAL A 117 -3.99 3.63 -16.28
CA VAL A 117 -4.31 2.58 -17.28
C VAL A 117 -5.60 2.85 -18.05
N LYS A 118 -6.55 3.62 -17.49
CA LYS A 118 -7.72 4.10 -18.24
C LYS A 118 -7.37 5.21 -19.24
N LEU A 119 -6.46 6.13 -18.85
CA LEU A 119 -6.03 7.29 -19.63
C LEU A 119 -5.10 6.94 -20.81
N VAL A 120 -4.03 6.19 -20.58
CA VAL A 120 -3.02 5.85 -21.61
C VAL A 120 -3.60 4.89 -22.67
N GLU A 121 -4.64 4.14 -22.30
CA GLU A 121 -5.43 3.32 -23.21
C GLU A 121 -6.26 4.15 -24.21
N GLU A 122 -6.61 5.41 -23.88
CA GLU A 122 -7.38 6.30 -24.77
C GLU A 122 -6.60 6.78 -26.00
N ALA A 123 -5.27 6.88 -25.94
CA ALA A 123 -4.47 7.42 -27.04
C ALA A 123 -4.50 6.45 -28.23
N GLN A 124 -4.20 5.18 -27.97
CA GLN A 124 -4.37 4.06 -28.92
C GLN A 124 -5.81 3.90 -29.42
N SER A 6 4.57 -1.18 -23.32
CA SER A 6 3.25 -1.83 -23.13
C SER A 6 3.26 -2.99 -22.13
N GLU A 7 4.40 -3.66 -21.94
CA GLU A 7 4.58 -4.69 -20.90
C GLU A 7 4.69 -4.01 -19.52
N ALA A 8 5.39 -2.87 -19.46
CA ALA A 8 5.50 -2.04 -18.26
C ALA A 8 4.16 -1.39 -17.87
N LEU A 9 3.32 -0.99 -18.84
CA LEU A 9 1.98 -0.47 -18.59
C LEU A 9 1.05 -1.52 -17.97
N ALA A 10 1.27 -2.81 -18.29
CA ALA A 10 0.64 -3.93 -17.59
C ALA A 10 1.26 -4.20 -16.21
N LYS A 11 2.60 -4.06 -16.07
CA LYS A 11 3.35 -4.29 -14.83
C LYS A 11 2.90 -3.41 -13.67
N LEU A 12 2.50 -2.15 -13.94
CA LEU A 12 1.92 -1.25 -12.93
C LEU A 12 0.77 -1.91 -12.14
N ILE A 13 -0.18 -2.53 -12.83
CA ILE A 13 -1.30 -3.27 -12.22
C ILE A 13 -0.85 -4.62 -11.63
N SER A 14 0.08 -5.33 -12.29
CA SER A 14 0.61 -6.62 -11.81
C SER A 14 1.27 -6.52 -10.42
N LEU A 15 1.84 -5.37 -10.09
CA LEU A 15 2.55 -5.12 -8.82
C LEU A 15 1.67 -5.30 -7.57
N GLN A 16 0.34 -5.22 -7.68
CA GLN A 16 -0.59 -5.20 -6.54
C GLN A 16 -0.58 -6.48 -5.67
N ALA A 17 -1.11 -6.39 -4.44
CA ALA A 17 -1.03 -7.44 -3.41
C ALA A 17 -2.27 -8.36 -3.34
N THR A 18 -3.45 -7.84 -3.67
CA THR A 18 -4.77 -8.53 -3.75
C THR A 18 -5.33 -9.09 -2.43
N GLU A 19 -4.53 -9.16 -1.38
CA GLU A 19 -4.92 -9.54 -0.01
C GLU A 19 -4.19 -8.68 1.04
N ALA A 20 -4.82 -8.43 2.18
CA ALA A 20 -4.34 -7.52 3.22
C ALA A 20 -4.63 -8.01 4.65
N THR A 21 -4.10 -7.30 5.65
CA THR A 21 -4.37 -7.53 7.08
C THR A 21 -4.89 -6.27 7.77
N ILE A 22 -6.09 -6.33 8.36
CA ILE A 22 -6.76 -5.26 9.12
C ILE A 22 -6.48 -5.40 10.62
N VAL A 23 -6.34 -4.30 11.37
CA VAL A 23 -6.24 -4.30 12.84
C VAL A 23 -7.48 -3.66 13.48
N THR A 24 -8.13 -4.39 14.39
CA THR A 24 -9.44 -4.03 15.01
C THR A 24 -9.41 -4.27 16.53
N LEU A 25 -10.22 -3.54 17.31
CA LEU A 25 -10.39 -3.82 18.75
C LEU A 25 -11.33 -5.01 18.99
N ASP A 26 -11.00 -5.86 19.97
CA ASP A 26 -11.86 -6.96 20.45
C ASP A 26 -12.28 -6.80 21.93
N SER A 27 -11.68 -5.82 22.63
CA SER A 27 -12.07 -5.33 23.96
C SER A 27 -11.65 -3.87 24.13
N ASP A 28 -12.48 -3.12 24.86
CA ASP A 28 -12.55 -1.65 25.06
C ASP A 28 -11.20 -0.91 25.16
N ASN A 29 -10.56 -0.67 24.01
CA ASN A 29 -9.18 -0.17 23.83
C ASN A 29 -8.07 -1.12 24.31
N ILE A 30 -8.43 -2.02 25.22
CA ILE A 30 -7.58 -2.92 26.01
C ILE A 30 -7.15 -4.21 25.28
N LEU A 31 -7.80 -4.57 24.16
CA LEU A 31 -7.36 -5.65 23.29
C LEU A 31 -7.50 -5.33 21.78
N LEU A 32 -6.41 -5.63 21.07
CA LEU A 32 -6.27 -5.60 19.61
C LEU A 32 -6.24 -7.02 19.01
N SER A 33 -6.76 -7.17 17.79
CA SER A 33 -6.64 -8.37 16.96
C SER A 33 -6.35 -7.98 15.50
N GLU A 34 -5.56 -8.79 14.78
CA GLU A 34 -5.32 -8.59 13.35
C GLU A 34 -5.99 -9.69 12.50
N GLU A 35 -6.74 -9.29 11.48
CA GLU A 35 -7.64 -10.11 10.65
C GLU A 35 -7.17 -10.09 9.18
N GLN A 36 -7.07 -11.25 8.51
CA GLN A 36 -6.67 -11.28 7.10
C GLN A 36 -7.88 -11.26 6.14
N VAL A 37 -7.76 -10.50 5.04
CA VAL A 37 -8.85 -10.19 4.10
C VAL A 37 -8.41 -10.17 2.63
N ASP A 38 -9.39 -10.17 1.73
CA ASP A 38 -9.23 -9.89 0.29
C ASP A 38 -9.29 -8.36 0.07
N VAL A 39 -8.61 -7.84 -0.97
CA VAL A 39 -8.59 -6.40 -1.32
C VAL A 39 -9.99 -5.79 -1.59
N GLU A 40 -11.00 -6.61 -1.87
CA GLU A 40 -12.40 -6.17 -2.00
C GLU A 40 -13.06 -5.84 -0.65
N LEU A 41 -12.55 -6.35 0.47
CA LEU A 41 -13.20 -6.31 1.79
C LEU A 41 -12.61 -5.25 2.74
N VAL A 42 -11.51 -4.60 2.33
CA VAL A 42 -10.93 -3.42 2.99
C VAL A 42 -11.61 -2.15 2.45
N GLN A 43 -11.85 -1.16 3.32
CA GLN A 43 -12.46 0.13 2.96
C GLN A 43 -11.53 1.32 3.20
N ARG A 44 -11.93 2.49 2.67
CA ARG A 44 -11.26 3.81 2.82
C ARG A 44 -11.27 4.42 4.24
N GLY A 45 -11.33 3.56 5.27
CA GLY A 45 -11.31 3.90 6.69
C GLY A 45 -10.75 2.80 7.60
N ASP A 46 -10.10 1.76 7.05
CA ASP A 46 -9.49 0.68 7.83
C ASP A 46 -8.00 0.94 8.15
N ILE A 47 -7.50 0.38 9.26
CA ILE A 47 -6.08 0.42 9.67
C ILE A 47 -5.39 -0.91 9.34
N ILE A 48 -4.33 -0.86 8.53
CA ILE A 48 -3.62 -2.03 7.98
C ILE A 48 -2.28 -2.28 8.69
N LYS A 49 -1.77 -3.51 8.56
CA LYS A 49 -0.46 -3.96 9.09
C LYS A 49 0.36 -4.66 8.00
N VAL A 50 1.65 -4.31 7.86
CA VAL A 50 2.56 -4.87 6.84
C VAL A 50 3.82 -5.49 7.45
N VAL A 51 4.26 -6.62 6.90
CA VAL A 51 5.50 -7.33 7.28
C VAL A 51 6.71 -6.95 6.39
N PRO A 52 7.96 -7.17 6.84
CA PRO A 52 9.16 -6.95 6.03
C PRO A 52 9.20 -7.87 4.80
N GLY A 53 9.51 -7.31 3.62
CA GLY A 53 9.44 -7.99 2.32
C GLY A 53 8.07 -7.94 1.63
N GLY A 54 7.02 -7.54 2.35
CA GLY A 54 5.63 -7.47 1.86
C GLY A 54 5.29 -6.20 1.07
N LYS A 55 4.08 -6.16 0.50
CA LYS A 55 3.58 -5.09 -0.38
C LYS A 55 2.51 -4.22 0.28
N PHE A 56 2.39 -2.98 -0.18
CA PHE A 56 1.29 -2.07 0.17
C PHE A 56 0.06 -2.33 -0.73
N PRO A 57 -1.13 -2.66 -0.18
CA PRO A 57 -2.27 -3.14 -0.98
C PRO A 57 -3.18 -2.04 -1.57
N VAL A 58 -3.15 -0.82 -1.01
CA VAL A 58 -3.92 0.38 -1.40
C VAL A 58 -3.12 1.64 -1.02
N ASP A 59 -3.44 2.80 -1.58
CA ASP A 59 -2.66 4.03 -1.39
C ASP A 59 -3.11 4.87 -0.18
N GLY A 60 -2.16 5.39 0.61
CA GLY A 60 -2.44 6.08 1.88
C GLY A 60 -1.18 6.44 2.69
N ARG A 61 -1.36 6.71 3.99
CA ARG A 61 -0.34 7.23 4.91
C ARG A 61 0.08 6.18 5.96
N VAL A 62 1.40 6.07 6.17
CA VAL A 62 2.08 5.24 7.17
C VAL A 62 2.16 6.03 8.48
N ILE A 63 1.83 5.40 9.61
CA ILE A 63 1.75 6.06 10.93
C ILE A 63 2.27 5.16 12.07
N GLU A 64 3.26 4.32 11.77
CA GLU A 64 4.05 3.53 12.73
C GLU A 64 5.27 2.95 12.00
N GLY A 65 6.45 3.01 12.61
CA GLY A 65 7.64 2.31 12.13
C GLY A 65 8.44 3.04 11.04
N HIS A 66 9.49 2.37 10.57
CA HIS A 66 10.52 2.95 9.70
C HIS A 66 11.02 1.93 8.65
N SER A 67 10.95 2.30 7.36
CA SER A 67 11.39 1.43 6.27
C SER A 67 11.94 2.15 5.03
N MET A 68 12.58 1.40 4.14
CA MET A 68 13.00 1.84 2.80
C MET A 68 12.23 1.04 1.74
N VAL A 69 11.46 1.74 0.91
CA VAL A 69 10.44 1.18 0.00
C VAL A 69 10.87 1.25 -1.46
N ASP A 70 10.68 0.16 -2.19
CA ASP A 70 11.01 0.02 -3.61
C ASP A 70 9.83 0.49 -4.48
N GLU A 71 9.66 1.82 -4.58
CA GLU A 71 8.65 2.48 -5.43
C GLU A 71 9.18 2.90 -6.82
N SER A 72 10.43 2.55 -7.16
CA SER A 72 11.13 3.05 -8.34
C SER A 72 10.50 2.72 -9.69
N LEU A 73 9.68 1.65 -9.78
CA LEU A 73 8.91 1.34 -11.00
C LEU A 73 7.68 2.26 -11.15
N ILE A 74 7.22 2.88 -10.07
CA ILE A 74 6.10 3.84 -10.08
C ILE A 74 6.60 5.26 -10.39
N THR A 75 7.63 5.72 -9.67
CA THR A 75 8.14 7.11 -9.72
C THR A 75 9.38 7.31 -10.59
N GLY A 76 9.98 6.21 -11.07
CA GLY A 76 11.11 6.20 -12.00
C GLY A 76 12.48 6.56 -11.36
N GLU A 77 12.54 6.87 -10.06
CA GLU A 77 13.77 7.28 -9.34
C GLU A 77 14.92 6.25 -9.34
N ALA A 78 14.66 5.04 -9.88
CA ALA A 78 15.50 3.85 -9.99
C ALA A 78 16.30 3.46 -8.74
N MET A 79 15.78 3.86 -7.58
CA MET A 79 16.41 3.77 -6.27
C MET A 79 15.34 4.02 -5.17
N PRO A 80 15.30 3.21 -4.10
CA PRO A 80 14.22 3.19 -3.11
C PRO A 80 14.15 4.45 -2.23
N VAL A 81 13.00 4.65 -1.58
CA VAL A 81 12.60 5.87 -0.84
C VAL A 81 12.28 5.54 0.63
N ALA A 82 12.76 6.35 1.57
CA ALA A 82 12.55 6.15 3.00
C ALA A 82 11.16 6.62 3.49
N LYS A 83 10.56 5.87 4.42
CA LYS A 83 9.24 6.10 5.01
C LYS A 83 9.32 6.06 6.55
N LYS A 84 8.44 6.83 7.21
CA LYS A 84 8.36 7.11 8.66
C LYS A 84 6.89 7.39 9.04
N PRO A 85 6.49 7.52 10.32
CA PRO A 85 5.14 8.02 10.65
C PRO A 85 4.90 9.42 10.04
N GLY A 86 3.73 9.61 9.43
CA GLY A 86 3.40 10.80 8.63
C GLY A 86 4.00 10.79 7.22
N SER A 87 4.16 9.61 6.61
CA SER A 87 4.72 9.43 5.25
C SER A 87 3.72 8.70 4.35
N THR A 88 3.82 8.77 3.02
CA THR A 88 2.78 8.22 2.10
C THR A 88 3.31 7.13 1.17
N VAL A 89 2.39 6.27 0.72
CA VAL A 89 2.63 5.17 -0.23
C VAL A 89 1.56 5.17 -1.35
N ILE A 90 1.94 4.64 -2.52
CA ILE A 90 1.15 4.58 -3.77
C ILE A 90 0.48 3.24 -4.09
N ALA A 91 0.69 2.23 -3.23
CA ALA A 91 0.35 0.81 -3.47
C ALA A 91 1.23 0.12 -4.53
N GLY A 92 1.25 -1.21 -4.48
CA GLY A 92 2.06 -2.07 -5.35
C GLY A 92 3.53 -2.15 -4.92
N SER A 93 4.14 -1.01 -4.57
CA SER A 93 5.53 -0.93 -4.07
C SER A 93 5.82 -1.89 -2.90
N ILE A 94 7.08 -2.30 -2.79
CA ILE A 94 7.53 -3.34 -1.86
C ILE A 94 8.26 -2.70 -0.66
N ASN A 95 7.97 -3.17 0.55
CA ASN A 95 8.73 -2.83 1.75
C ASN A 95 9.96 -3.76 1.85
N GLN A 96 11.15 -3.20 2.06
CA GLN A 96 12.35 -4.00 2.33
C GLN A 96 13.18 -3.45 3.51
N ASN A 97 12.61 -3.44 4.72
CA ASN A 97 13.35 -3.11 5.94
C ASN A 97 12.73 -3.64 7.25
N GLY A 98 11.47 -3.29 7.54
CA GLY A 98 10.86 -3.49 8.87
C GLY A 98 9.32 -3.44 8.93
N SER A 99 8.76 -3.52 10.14
CA SER A 99 7.32 -3.70 10.38
C SER A 99 6.57 -2.36 10.58
N LEU A 100 5.50 -2.11 9.82
CA LEU A 100 4.78 -0.82 9.81
C LEU A 100 3.24 -0.98 9.83
N LEU A 101 2.52 0.09 10.20
CA LEU A 101 1.05 0.19 10.05
C LEU A 101 0.65 1.38 9.16
N ILE A 102 -0.35 1.17 8.30
CA ILE A 102 -0.81 2.12 7.26
C ILE A 102 -2.33 2.35 7.35
N CYS A 103 -2.78 3.61 7.31
CA CYS A 103 -4.21 3.94 7.28
C CYS A 103 -4.72 4.03 5.83
N ALA A 104 -5.69 3.20 5.46
CA ALA A 104 -6.30 3.20 4.13
C ALA A 104 -7.34 4.33 4.01
N THR A 105 -7.15 5.25 3.07
CA THR A 105 -8.07 6.38 2.78
C THR A 105 -8.52 6.45 1.32
N HIS A 106 -8.23 5.41 0.53
CA HIS A 106 -8.70 5.21 -0.84
C HIS A 106 -9.05 3.73 -1.02
N VAL A 107 -10.20 3.42 -1.63
CA VAL A 107 -10.54 2.06 -2.05
C VAL A 107 -9.79 1.71 -3.34
N GLY A 108 -9.64 0.43 -3.70
CA GLY A 108 -8.74 -0.01 -4.77
C GLY A 108 -9.01 0.58 -6.16
N ALA A 109 -10.26 0.88 -6.51
CA ALA A 109 -10.60 1.56 -7.77
C ALA A 109 -10.19 3.05 -7.78
N ASP A 110 -10.37 3.75 -6.67
CA ASP A 110 -10.01 5.17 -6.45
C ASP A 110 -8.50 5.43 -6.27
N THR A 111 -7.69 4.37 -6.18
CA THR A 111 -6.23 4.48 -5.95
C THR A 111 -5.50 5.28 -7.04
N THR A 112 -4.41 5.95 -6.63
CA THR A 112 -3.48 6.62 -7.56
C THR A 112 -2.85 5.61 -8.53
N LEU A 113 -2.56 4.38 -8.11
CA LEU A 113 -2.04 3.32 -8.98
C LEU A 113 -2.99 2.99 -10.14
N SER A 114 -4.28 2.84 -9.85
CA SER A 114 -5.32 2.60 -10.88
C SER A 114 -5.59 3.85 -11.73
N GLN A 115 -5.37 5.06 -11.20
CA GLN A 115 -5.48 6.32 -11.93
C GLN A 115 -4.35 6.50 -12.96
N ILE A 116 -3.11 6.17 -12.58
CA ILE A 116 -1.91 6.36 -13.42
C ILE A 116 -2.10 5.68 -14.78
N VAL A 117 -2.49 4.41 -14.82
CA VAL A 117 -2.71 3.71 -16.10
C VAL A 117 -3.91 4.24 -16.90
N LYS A 118 -4.94 4.77 -16.23
CA LYS A 118 -6.12 5.36 -16.90
C LYS A 118 -5.79 6.69 -17.59
N LEU A 119 -4.82 7.43 -17.06
CA LEU A 119 -4.20 8.60 -17.70
C LEU A 119 -3.20 8.22 -18.80
N VAL A 120 -2.26 7.34 -18.49
CA VAL A 120 -1.12 6.99 -19.37
C VAL A 120 -1.55 6.19 -20.60
N GLU A 121 -2.64 5.40 -20.53
CA GLU A 121 -3.16 4.72 -21.73
C GLU A 121 -3.67 5.73 -22.77
N GLU A 122 -4.25 6.86 -22.35
CA GLU A 122 -4.65 7.96 -23.25
C GLU A 122 -3.49 8.89 -23.65
N ALA A 123 -2.35 8.81 -22.96
CA ALA A 123 -1.17 9.65 -23.20
C ALA A 123 -0.38 9.26 -24.47
N GLN A 124 -0.52 7.99 -24.90
CA GLN A 124 0.07 7.36 -26.10
C GLN A 124 -0.36 8.02 -27.43
N SER A 6 4.15 0.07 -23.19
CA SER A 6 3.02 -0.82 -23.54
C SER A 6 3.01 -2.14 -22.75
N GLU A 7 4.15 -2.68 -22.33
CA GLU A 7 4.23 -3.80 -21.36
C GLU A 7 3.97 -3.30 -19.93
N ALA A 8 4.40 -2.07 -19.61
CA ALA A 8 4.16 -1.44 -18.31
C ALA A 8 2.67 -1.14 -18.09
N LEU A 9 1.95 -0.75 -19.16
CA LEU A 9 0.49 -0.60 -19.18
C LEU A 9 -0.23 -1.82 -18.59
N ALA A 10 0.21 -3.04 -18.93
CA ALA A 10 -0.29 -4.27 -18.30
C ALA A 10 0.25 -4.49 -16.87
N LYS A 11 1.51 -4.13 -16.59
CA LYS A 11 2.11 -4.28 -15.25
C LYS A 11 1.43 -3.40 -14.19
N LEU A 12 0.90 -2.23 -14.54
CA LEU A 12 0.08 -1.42 -13.62
C LEU A 12 -1.17 -2.17 -13.11
N ILE A 13 -1.76 -3.05 -13.93
CA ILE A 13 -2.82 -3.97 -13.48
C ILE A 13 -2.24 -5.12 -12.62
N SER A 14 -1.08 -5.68 -12.97
CA SER A 14 -0.43 -6.77 -12.21
C SER A 14 0.15 -6.33 -10.84
N LEU A 15 0.41 -5.03 -10.65
CA LEU A 15 0.84 -4.42 -9.39
C LEU A 15 -0.28 -4.31 -8.34
N GLN A 16 -1.54 -4.58 -8.70
CA GLN A 16 -2.70 -4.36 -7.82
C GLN A 16 -3.02 -5.59 -6.94
N ALA A 17 -3.24 -5.33 -5.66
CA ALA A 17 -3.34 -6.33 -4.60
C ALA A 17 -4.63 -7.17 -4.64
N THR A 18 -4.58 -8.31 -3.97
CA THR A 18 -5.69 -9.29 -3.87
C THR A 18 -6.09 -9.60 -2.42
N GLU A 19 -5.19 -9.46 -1.45
CA GLU A 19 -5.47 -9.68 -0.03
C GLU A 19 -4.73 -8.68 0.89
N ALA A 20 -5.29 -8.40 2.07
CA ALA A 20 -4.72 -7.49 3.08
C ALA A 20 -4.92 -8.00 4.53
N THR A 21 -4.19 -7.41 5.49
CA THR A 21 -4.24 -7.79 6.92
C THR A 21 -4.72 -6.63 7.82
N ILE A 22 -5.99 -6.61 8.21
CA ILE A 22 -6.59 -5.53 9.02
C ILE A 22 -6.31 -5.76 10.51
N VAL A 23 -5.80 -4.76 11.23
CA VAL A 23 -5.69 -4.79 12.70
C VAL A 23 -6.97 -4.18 13.30
N THR A 24 -7.82 -5.02 13.91
CA THR A 24 -9.12 -4.65 14.48
C THR A 24 -9.03 -4.59 16.02
N LEU A 25 -9.83 -3.74 16.68
CA LEU A 25 -9.84 -3.62 18.14
C LEU A 25 -11.04 -4.40 18.71
N ASP A 26 -10.78 -5.58 19.28
CA ASP A 26 -11.79 -6.54 19.78
C ASP A 26 -12.18 -6.30 21.25
N SER A 27 -11.57 -5.31 21.90
CA SER A 27 -11.95 -4.72 23.19
C SER A 27 -11.39 -3.31 23.25
N ASP A 28 -12.23 -2.35 23.67
CA ASP A 28 -12.10 -0.88 23.60
C ASP A 28 -11.04 -0.47 22.56
N ASN A 29 -9.95 0.19 22.98
CA ASN A 29 -8.72 0.34 22.20
C ASN A 29 -7.62 -0.61 22.74
N ILE A 30 -8.01 -1.56 23.61
CA ILE A 30 -7.16 -2.40 24.46
C ILE A 30 -6.78 -3.79 23.91
N LEU A 31 -7.62 -4.43 23.09
CA LEU A 31 -7.32 -5.75 22.53
C LEU A 31 -7.13 -5.69 21.01
N LEU A 32 -5.90 -5.86 20.55
CA LEU A 32 -5.50 -5.85 19.14
C LEU A 32 -5.63 -7.28 18.57
N SER A 33 -6.46 -7.45 17.55
CA SER A 33 -6.69 -8.74 16.87
C SER A 33 -6.74 -8.56 15.36
N GLU A 34 -5.95 -9.33 14.62
CA GLU A 34 -5.75 -9.10 13.19
C GLU A 34 -6.55 -10.07 12.31
N GLU A 35 -6.99 -9.62 11.14
CA GLU A 35 -7.93 -10.30 10.25
C GLU A 35 -7.37 -10.39 8.83
N GLN A 36 -7.53 -11.53 8.16
CA GLN A 36 -7.06 -11.73 6.77
C GLN A 36 -8.23 -11.55 5.80
N VAL A 37 -8.17 -10.54 4.93
CA VAL A 37 -9.29 -10.14 4.05
C VAL A 37 -8.88 -10.07 2.56
N ASP A 38 -9.87 -10.00 1.67
CA ASP A 38 -9.71 -9.72 0.23
C ASP A 38 -9.74 -8.21 -0.07
N VAL A 39 -9.23 -7.80 -1.24
CA VAL A 39 -9.01 -6.38 -1.59
C VAL A 39 -10.29 -5.51 -1.67
N GLU A 40 -11.45 -6.07 -1.99
CA GLU A 40 -12.72 -5.31 -1.91
C GLU A 40 -13.22 -5.12 -0.46
N LEU A 41 -12.73 -5.91 0.49
CA LEU A 41 -13.21 -5.98 1.89
C LEU A 41 -12.44 -5.06 2.86
N VAL A 42 -11.33 -4.48 2.40
CA VAL A 42 -10.58 -3.41 3.07
C VAL A 42 -11.09 -2.04 2.58
N GLN A 43 -11.23 -1.08 3.48
CA GLN A 43 -11.91 0.21 3.26
C GLN A 43 -11.13 1.39 3.86
N ARG A 44 -11.54 2.62 3.50
CA ARG A 44 -10.75 3.86 3.76
C ARG A 44 -10.63 4.32 5.23
N GLY A 45 -11.12 3.53 6.19
CA GLY A 45 -10.96 3.73 7.63
C GLY A 45 -10.20 2.61 8.34
N ASP A 46 -9.63 1.64 7.60
CA ASP A 46 -8.92 0.47 8.15
C ASP A 46 -7.41 0.73 8.35
N ILE A 47 -6.81 0.03 9.31
CA ILE A 47 -5.37 0.06 9.64
C ILE A 47 -4.73 -1.29 9.32
N ILE A 48 -3.71 -1.30 8.46
CA ILE A 48 -3.08 -2.52 7.92
C ILE A 48 -1.64 -2.68 8.42
N LYS A 49 -1.30 -3.83 9.03
CA LYS A 49 0.10 -4.17 9.34
C LYS A 49 0.82 -4.68 8.07
N VAL A 50 2.02 -4.16 7.81
CA VAL A 50 2.90 -4.58 6.70
C VAL A 50 4.26 -5.05 7.20
N VAL A 51 4.74 -6.19 6.70
CA VAL A 51 5.98 -6.87 7.16
C VAL A 51 7.26 -6.39 6.44
N PRO A 52 8.47 -6.63 6.98
CA PRO A 52 9.70 -6.44 6.21
C PRO A 52 9.68 -7.38 4.99
N GLY A 53 10.03 -6.84 3.82
CA GLY A 53 9.93 -7.54 2.53
C GLY A 53 8.53 -7.56 1.90
N GLY A 54 7.48 -7.15 2.62
CA GLY A 54 6.10 -7.09 2.15
C GLY A 54 5.82 -5.96 1.15
N LYS A 55 4.60 -5.92 0.59
CA LYS A 55 4.11 -4.87 -0.30
C LYS A 55 3.01 -4.02 0.36
N PHE A 56 2.88 -2.77 -0.10
CA PHE A 56 1.75 -1.90 0.26
C PHE A 56 0.56 -2.18 -0.68
N PRO A 57 -0.67 -2.43 -0.19
CA PRO A 57 -1.81 -2.83 -1.03
C PRO A 57 -2.76 -1.69 -1.45
N VAL A 58 -2.68 -0.53 -0.81
CA VAL A 58 -3.52 0.68 -1.01
C VAL A 58 -2.72 1.90 -0.55
N ASP A 59 -3.14 3.12 -0.92
CA ASP A 59 -2.44 4.36 -0.53
C ASP A 59 -2.89 4.95 0.81
N GLY A 60 -1.98 5.71 1.44
CA GLY A 60 -2.24 6.39 2.70
C GLY A 60 -0.98 6.87 3.40
N ARG A 61 -0.87 6.56 4.70
CA ARG A 61 0.29 6.92 5.55
C ARG A 61 0.77 5.79 6.45
N VAL A 62 2.08 5.76 6.67
CA VAL A 62 2.76 4.97 7.71
C VAL A 62 2.59 5.76 9.00
N ILE A 63 2.02 5.16 10.04
CA ILE A 63 1.83 5.83 11.35
C ILE A 63 2.16 4.90 12.52
N GLU A 64 3.14 4.01 12.30
CA GLU A 64 3.84 3.20 13.29
C GLU A 64 5.07 2.58 12.60
N GLY A 65 6.26 2.73 13.18
CA GLY A 65 7.51 2.17 12.63
C GLY A 65 8.14 3.01 11.51
N HIS A 66 9.25 2.47 10.99
CA HIS A 66 10.10 3.11 9.97
C HIS A 66 10.77 2.05 9.06
N SER A 67 10.79 2.29 7.75
CA SER A 67 11.48 1.42 6.77
C SER A 67 11.99 2.17 5.54
N MET A 68 12.67 1.47 4.63
CA MET A 68 13.06 1.99 3.31
C MET A 68 12.32 1.25 2.18
N VAL A 69 11.67 2.02 1.32
CA VAL A 69 10.70 1.54 0.31
C VAL A 69 11.18 1.72 -1.12
N ASP A 70 10.91 0.72 -1.96
CA ASP A 70 11.22 0.72 -3.39
C ASP A 70 9.97 1.14 -4.19
N GLU A 71 9.98 2.37 -4.76
CA GLU A 71 8.87 2.96 -5.54
C GLU A 71 9.30 3.40 -6.96
N SER A 72 10.29 2.69 -7.53
CA SER A 72 10.92 2.98 -8.83
C SER A 72 9.99 2.98 -10.06
N LEU A 73 8.86 2.26 -10.01
CA LEU A 73 7.87 2.17 -11.09
C LEU A 73 6.73 3.18 -10.90
N ILE A 74 6.35 3.47 -9.65
CA ILE A 74 5.29 4.43 -9.33
C ILE A 74 5.80 5.87 -9.49
N THR A 75 6.96 6.17 -8.90
CA THR A 75 7.50 7.52 -8.75
C THR A 75 8.69 7.81 -9.68
N GLY A 76 9.37 6.76 -10.16
CA GLY A 76 10.43 6.83 -11.18
C GLY A 76 11.85 6.99 -10.64
N GLU A 77 12.02 7.34 -9.36
CA GLU A 77 13.33 7.43 -8.69
C GLU A 77 13.98 6.03 -8.64
N ALA A 78 15.14 5.86 -9.27
CA ALA A 78 15.89 4.59 -9.34
C ALA A 78 16.72 4.31 -8.07
N MET A 79 16.17 4.71 -6.92
CA MET A 79 16.78 4.65 -5.60
C MET A 79 15.70 4.57 -4.50
N PRO A 80 15.86 3.73 -3.46
CA PRO A 80 14.86 3.59 -2.40
C PRO A 80 14.62 4.86 -1.55
N VAL A 81 13.43 4.96 -0.96
CA VAL A 81 12.91 6.15 -0.26
C VAL A 81 12.54 5.82 1.19
N ALA A 82 12.97 6.65 2.15
CA ALA A 82 12.77 6.41 3.57
C ALA A 82 11.37 6.79 4.06
N LYS A 83 10.83 6.00 4.99
CA LYS A 83 9.53 6.18 5.65
C LYS A 83 9.70 6.18 7.18
N LYS A 84 8.82 6.90 7.87
CA LYS A 84 8.72 7.11 9.33
C LYS A 84 7.22 7.34 9.68
N PRO A 85 6.80 7.44 10.96
CA PRO A 85 5.44 7.85 11.28
C PRO A 85 5.10 9.22 10.65
N GLY A 86 3.89 9.33 10.09
CA GLY A 86 3.46 10.49 9.28
C GLY A 86 4.09 10.57 7.89
N SER A 87 4.54 9.44 7.30
CA SER A 87 5.06 9.39 5.92
C SER A 87 4.01 8.84 4.96
N THR A 88 3.95 9.28 3.70
CA THR A 88 2.96 8.73 2.73
C THR A 88 3.49 7.51 1.98
N VAL A 89 2.55 6.64 1.56
CA VAL A 89 2.82 5.44 0.75
C VAL A 89 1.76 5.24 -0.34
N ILE A 90 2.14 4.50 -1.39
CA ILE A 90 1.33 4.13 -2.56
C ILE A 90 1.41 2.62 -2.85
N ALA A 91 0.33 2.09 -3.42
CA ALA A 91 0.18 0.65 -3.67
C ALA A 91 1.21 0.09 -4.67
N GLY A 92 1.59 -1.17 -4.50
CA GLY A 92 2.54 -1.87 -5.38
C GLY A 92 4.02 -1.54 -5.13
N SER A 93 4.33 -0.61 -4.22
CA SER A 93 5.70 -0.37 -3.74
C SER A 93 6.11 -1.42 -2.69
N ILE A 94 7.42 -1.63 -2.50
CA ILE A 94 7.96 -2.77 -1.71
C ILE A 94 8.71 -2.32 -0.45
N ASN A 95 8.40 -2.90 0.71
CA ASN A 95 8.93 -2.54 2.03
C ASN A 95 10.21 -3.32 2.41
N GLN A 96 11.11 -2.71 3.20
CA GLN A 96 12.28 -3.37 3.79
C GLN A 96 12.81 -2.63 5.03
N ASN A 97 13.28 -3.40 6.04
CA ASN A 97 13.92 -3.01 7.34
C ASN A 97 13.11 -3.45 8.58
N GLY A 98 11.78 -3.32 8.59
CA GLY A 98 10.93 -3.83 9.68
C GLY A 98 9.41 -3.67 9.47
N SER A 99 8.63 -4.13 10.45
CA SER A 99 7.16 -4.14 10.40
C SER A 99 6.56 -2.78 10.79
N LEU A 100 5.58 -2.32 10.01
CA LEU A 100 4.91 -1.01 10.14
C LEU A 100 3.37 -1.16 10.19
N LEU A 101 2.66 -0.11 10.61
CA LEU A 101 1.19 -0.03 10.47
C LEU A 101 0.79 1.18 9.60
N ILE A 102 -0.12 0.91 8.65
CA ILE A 102 -0.52 1.80 7.57
C ILE A 102 -2.00 2.14 7.68
N CYS A 103 -2.37 3.42 7.73
CA CYS A 103 -3.78 3.79 7.58
C CYS A 103 -4.13 3.84 6.08
N ALA A 104 -5.00 2.95 5.63
CA ALA A 104 -5.51 2.95 4.26
C ALA A 104 -6.57 4.05 4.14
N THR A 105 -6.29 5.09 3.37
CA THR A 105 -7.15 6.30 3.27
C THR A 105 -7.95 6.36 1.97
N HIS A 106 -7.83 5.32 1.13
CA HIS A 106 -8.60 5.12 -0.09
C HIS A 106 -8.83 3.62 -0.37
N VAL A 107 -9.90 3.30 -1.10
CA VAL A 107 -10.19 1.95 -1.62
C VAL A 107 -9.46 1.68 -2.95
N GLY A 108 -9.39 0.42 -3.39
CA GLY A 108 -8.59 0.01 -4.56
C GLY A 108 -9.00 0.70 -5.87
N ALA A 109 -10.28 0.97 -6.07
CA ALA A 109 -10.78 1.70 -7.25
C ALA A 109 -10.25 3.15 -7.36
N ASP A 110 -10.00 3.82 -6.23
CA ASP A 110 -9.38 5.16 -6.21
C ASP A 110 -7.87 5.15 -6.50
N THR A 111 -7.20 3.99 -6.39
CA THR A 111 -5.72 3.94 -6.42
C THR A 111 -5.15 4.38 -7.77
N THR A 112 -4.00 5.05 -7.72
CA THR A 112 -3.41 5.74 -8.88
C THR A 112 -3.01 4.79 -10.00
N LEU A 113 -2.77 3.51 -9.71
CA LEU A 113 -2.31 2.50 -10.68
C LEU A 113 -3.29 2.30 -11.85
N SER A 114 -4.59 2.13 -11.56
CA SER A 114 -5.63 2.06 -12.60
C SER A 114 -5.94 3.43 -13.23
N GLN A 115 -5.55 4.53 -12.60
CA GLN A 115 -5.64 5.88 -13.18
C GLN A 115 -4.54 6.16 -14.22
N ILE A 116 -3.30 5.72 -13.94
CA ILE A 116 -2.13 5.84 -14.82
C ILE A 116 -2.41 5.23 -16.19
N VAL A 117 -2.98 4.02 -16.24
CA VAL A 117 -3.26 3.33 -17.51
C VAL A 117 -4.28 4.03 -18.41
N LYS A 118 -5.11 4.95 -17.88
CA LYS A 118 -5.99 5.80 -18.70
C LYS A 118 -5.22 6.88 -19.46
N LEU A 119 -4.12 7.39 -18.90
CA LEU A 119 -3.16 8.27 -19.58
C LEU A 119 -2.27 7.48 -20.54
N VAL A 120 -1.66 6.40 -20.05
CA VAL A 120 -0.67 5.60 -20.81
C VAL A 120 -1.30 4.88 -22.01
N GLU A 121 -2.58 4.53 -21.98
CA GLU A 121 -3.27 3.97 -23.15
C GLU A 121 -3.27 4.93 -24.35
N GLU A 122 -3.44 6.24 -24.15
CA GLU A 122 -3.28 7.28 -25.18
C GLU A 122 -1.81 7.66 -25.48
N ALA A 123 -0.88 7.26 -24.62
CA ALA A 123 0.55 7.61 -24.72
C ALA A 123 1.28 6.89 -25.88
N GLN A 124 0.81 5.70 -26.27
CA GLN A 124 1.24 4.99 -27.48
C GLN A 124 0.66 5.63 -28.74
N SER A 6 2.75 -1.62 -24.88
CA SER A 6 1.41 -1.90 -24.33
C SER A 6 1.36 -3.09 -23.36
N GLU A 7 2.45 -3.86 -23.26
CA GLU A 7 2.64 -4.90 -22.23
C GLU A 7 3.28 -4.31 -20.95
N ALA A 8 4.01 -3.18 -21.07
CA ALA A 8 4.53 -2.41 -19.93
C ALA A 8 3.44 -1.60 -19.21
N LEU A 9 2.37 -1.23 -19.94
CA LEU A 9 1.19 -0.52 -19.41
C LEU A 9 0.52 -1.30 -18.27
N ALA A 10 0.32 -2.62 -18.42
CA ALA A 10 -0.22 -3.46 -17.35
C ALA A 10 0.75 -3.72 -16.19
N LYS A 11 2.04 -3.35 -16.28
CA LYS A 11 3.04 -3.61 -15.24
C LYS A 11 2.69 -2.86 -13.95
N LEU A 12 2.29 -1.59 -14.08
CA LEU A 12 1.75 -0.73 -13.01
C LEU A 12 0.71 -1.46 -12.15
N ILE A 13 -0.31 -2.04 -12.78
CA ILE A 13 -1.39 -2.78 -12.11
C ILE A 13 -0.89 -4.12 -11.53
N SER A 14 0.11 -4.74 -12.17
CA SER A 14 0.64 -6.06 -11.83
C SER A 14 1.54 -6.04 -10.59
N LEU A 15 2.22 -4.92 -10.27
CA LEU A 15 3.02 -4.79 -9.05
C LEU A 15 2.18 -4.88 -7.75
N GLN A 16 0.88 -4.58 -7.81
CA GLN A 16 -0.02 -4.53 -6.65
C GLN A 16 -0.28 -5.90 -6.00
N ALA A 17 -0.30 -5.93 -4.67
CA ALA A 17 -0.66 -7.10 -3.87
C ALA A 17 -2.19 -7.33 -3.81
N THR A 18 -2.62 -8.57 -3.53
CA THR A 18 -4.03 -9.00 -3.66
C THR A 18 -4.77 -9.27 -2.34
N GLU A 19 -4.07 -9.13 -1.22
CA GLU A 19 -4.58 -9.35 0.13
C GLU A 19 -4.15 -8.25 1.12
N ALA A 20 -4.89 -8.06 2.22
CA ALA A 20 -4.60 -7.06 3.25
C ALA A 20 -4.88 -7.55 4.68
N THR A 21 -4.09 -7.08 5.66
CA THR A 21 -4.27 -7.37 7.10
C THR A 21 -4.78 -6.14 7.85
N ILE A 22 -6.06 -6.14 8.24
CA ILE A 22 -6.74 -5.09 9.04
C ILE A 22 -6.46 -5.33 10.52
N VAL A 23 -6.37 -4.27 11.34
CA VAL A 23 -6.33 -4.39 12.81
C VAL A 23 -7.44 -3.65 13.56
N THR A 24 -7.96 -4.29 14.61
CA THR A 24 -9.08 -3.80 15.45
C THR A 24 -8.76 -3.76 16.95
N LEU A 25 -9.26 -2.72 17.63
CA LEU A 25 -9.26 -2.62 19.09
C LEU A 25 -10.51 -3.33 19.61
N ASP A 26 -10.38 -4.65 19.73
CA ASP A 26 -11.41 -5.56 20.24
C ASP A 26 -11.51 -5.52 21.77
N SER A 27 -10.36 -5.33 22.42
CA SER A 27 -10.19 -5.05 23.85
C SER A 27 -9.05 -4.04 24.05
N ASP A 28 -9.39 -2.96 24.75
CA ASP A 28 -8.70 -1.71 25.19
C ASP A 28 -7.17 -1.65 25.02
N ASN A 29 -6.69 -1.72 23.76
CA ASN A 29 -5.29 -1.92 23.35
C ASN A 29 -4.62 -3.22 23.85
N ILE A 30 -5.15 -3.84 24.91
CA ILE A 30 -4.74 -5.11 25.54
C ILE A 30 -4.78 -6.34 24.62
N LEU A 31 -5.64 -6.35 23.59
CA LEU A 31 -5.73 -7.44 22.61
C LEU A 31 -5.13 -7.07 21.25
N LEU A 32 -5.62 -5.97 20.66
CA LEU A 32 -5.30 -5.47 19.32
C LEU A 32 -5.20 -6.61 18.27
N SER A 33 -6.36 -7.07 17.77
CA SER A 33 -6.48 -8.23 16.90
C SER A 33 -6.11 -7.93 15.45
N GLU A 34 -5.66 -8.95 14.70
CA GLU A 34 -5.34 -8.85 13.27
C GLU A 34 -6.28 -9.76 12.46
N GLU A 35 -6.86 -9.23 11.38
CA GLU A 35 -7.84 -9.90 10.51
C GLU A 35 -7.37 -9.83 9.04
N GLN A 36 -7.46 -10.91 8.26
CA GLN A 36 -6.96 -10.99 6.88
C GLN A 36 -8.10 -11.06 5.84
N VAL A 37 -8.04 -10.22 4.81
CA VAL A 37 -9.10 -10.04 3.80
C VAL A 37 -8.57 -9.93 2.35
N ASP A 38 -9.47 -9.99 1.38
CA ASP A 38 -9.20 -9.75 -0.04
C ASP A 38 -9.14 -8.24 -0.37
N VAL A 39 -8.39 -7.87 -1.41
CA VAL A 39 -8.22 -6.47 -1.87
C VAL A 39 -9.53 -5.76 -2.28
N GLU A 40 -10.63 -6.46 -2.59
CA GLU A 40 -11.96 -5.84 -2.78
C GLU A 40 -12.75 -5.64 -1.46
N LEU A 41 -12.40 -6.38 -0.40
CA LEU A 41 -13.12 -6.42 0.88
C LEU A 41 -12.56 -5.45 1.94
N VAL A 42 -11.34 -4.97 1.76
CA VAL A 42 -10.76 -3.86 2.55
C VAL A 42 -11.28 -2.54 1.99
N GLN A 43 -11.63 -1.59 2.86
CA GLN A 43 -12.11 -0.26 2.48
C GLN A 43 -11.18 0.84 3.02
N ARG A 44 -11.24 2.02 2.42
CA ARG A 44 -10.57 3.23 2.95
C ARG A 44 -11.28 3.69 4.24
N GLY A 45 -10.56 4.25 5.20
CA GLY A 45 -11.10 4.56 6.54
C GLY A 45 -10.74 3.51 7.62
N ASP A 46 -9.98 2.47 7.29
CA ASP A 46 -9.45 1.46 8.23
C ASP A 46 -7.91 1.54 8.38
N ILE A 47 -7.34 0.77 9.32
CA ILE A 47 -5.90 0.71 9.63
C ILE A 47 -5.32 -0.66 9.24
N ILE A 48 -4.30 -0.66 8.38
CA ILE A 48 -3.74 -1.86 7.73
C ILE A 48 -2.26 -2.06 8.09
N LYS A 49 -1.90 -3.29 8.45
CA LYS A 49 -0.52 -3.72 8.73
C LYS A 49 0.22 -4.17 7.48
N VAL A 50 1.52 -3.84 7.39
CA VAL A 50 2.41 -4.37 6.34
C VAL A 50 3.61 -5.13 6.95
N VAL A 51 4.06 -6.18 6.27
CA VAL A 51 5.17 -7.06 6.71
C VAL A 51 6.49 -6.81 5.96
N PRO A 52 7.65 -7.16 6.55
CA PRO A 52 8.92 -7.19 5.82
C PRO A 52 8.85 -8.17 4.63
N GLY A 53 9.43 -7.78 3.51
CA GLY A 53 9.33 -8.50 2.23
C GLY A 53 7.97 -8.42 1.54
N GLY A 54 6.95 -7.81 2.18
CA GLY A 54 5.62 -7.61 1.62
C GLY A 54 5.52 -6.42 0.66
N LYS A 55 4.36 -6.35 -0.02
CA LYS A 55 4.01 -5.33 -1.02
C LYS A 55 2.72 -4.61 -0.62
N PHE A 56 2.57 -3.36 -1.05
CA PHE A 56 1.37 -2.57 -0.75
C PHE A 56 0.21 -2.92 -1.72
N PRO A 57 -1.02 -3.25 -1.24
CA PRO A 57 -2.18 -3.55 -2.09
C PRO A 57 -2.97 -2.30 -2.50
N VAL A 58 -2.82 -1.20 -1.75
CA VAL A 58 -3.48 0.11 -1.92
C VAL A 58 -2.52 1.21 -1.44
N ASP A 59 -2.84 2.49 -1.68
CA ASP A 59 -2.02 3.63 -1.21
C ASP A 59 -2.60 4.31 0.04
N GLY A 60 -1.73 4.92 0.85
CA GLY A 60 -2.15 5.61 2.08
C GLY A 60 -1.02 6.25 2.89
N ARG A 61 -1.38 6.79 4.07
CA ARG A 61 -0.45 7.49 4.99
C ARG A 61 -0.05 6.59 6.18
N VAL A 62 1.22 6.65 6.56
CA VAL A 62 1.88 5.81 7.57
C VAL A 62 1.97 6.59 8.88
N ILE A 63 1.63 5.97 10.02
CA ILE A 63 1.63 6.65 11.33
C ILE A 63 2.17 5.78 12.50
N GLU A 64 3.07 4.84 12.19
CA GLU A 64 3.91 4.10 13.15
C GLU A 64 4.99 3.31 12.40
N GLY A 65 6.14 3.10 13.03
CA GLY A 65 7.19 2.18 12.58
C GLY A 65 8.29 2.84 11.73
N HIS A 66 9.18 1.98 11.21
CA HIS A 66 10.37 2.36 10.44
C HIS A 66 10.75 1.26 9.44
N SER A 67 10.78 1.61 8.15
CA SER A 67 11.27 0.71 7.10
C SER A 67 11.93 1.46 5.94
N MET A 68 12.83 0.78 5.23
CA MET A 68 13.41 1.24 3.96
C MET A 68 12.71 0.50 2.81
N VAL A 69 12.11 1.27 1.92
CA VAL A 69 11.13 0.86 0.91
C VAL A 69 11.61 1.12 -0.53
N ASP A 70 11.23 0.24 -1.45
CA ASP A 70 11.59 0.27 -2.88
C ASP A 70 10.37 0.67 -3.73
N GLU A 71 10.45 1.82 -4.41
CA GLU A 71 9.41 2.37 -5.30
C GLU A 71 9.95 2.72 -6.70
N SER A 72 11.02 2.03 -7.11
CA SER A 72 11.79 2.29 -8.33
C SER A 72 11.01 2.29 -9.64
N LEU A 73 9.92 1.52 -9.76
CA LEU A 73 9.05 1.50 -10.95
C LEU A 73 7.93 2.54 -10.83
N ILE A 74 7.36 2.70 -9.62
CA ILE A 74 6.19 3.54 -9.36
C ILE A 74 6.53 5.03 -9.47
N THR A 75 7.43 5.53 -8.62
CA THR A 75 7.81 6.95 -8.55
C THR A 75 9.10 7.28 -9.31
N GLY A 76 9.79 6.24 -9.80
CA GLY A 76 11.03 6.34 -10.56
C GLY A 76 12.28 6.46 -9.69
N GLU A 77 12.18 6.11 -8.40
CA GLU A 77 13.26 6.25 -7.43
C GLU A 77 14.25 5.07 -7.49
N ALA A 78 15.36 5.24 -8.21
CA ALA A 78 16.42 4.24 -8.33
C ALA A 78 17.34 4.15 -7.08
N MET A 79 16.85 4.64 -5.94
CA MET A 79 17.49 4.71 -4.63
C MET A 79 16.39 4.53 -3.57
N PRO A 80 16.57 3.67 -2.55
CA PRO A 80 15.51 3.30 -1.62
C PRO A 80 15.10 4.45 -0.70
N VAL A 81 13.85 4.41 -0.23
CA VAL A 81 13.15 5.50 0.46
C VAL A 81 12.90 5.15 1.93
N ALA A 82 13.19 6.06 2.86
CA ALA A 82 12.88 5.88 4.27
C ALA A 82 11.44 6.28 4.59
N LYS A 83 10.75 5.48 5.41
CA LYS A 83 9.37 5.73 5.89
C LYS A 83 9.32 5.76 7.43
N LYS A 84 8.43 6.57 8.00
CA LYS A 84 8.34 6.92 9.44
C LYS A 84 6.88 7.24 9.83
N PRO A 85 6.54 7.39 11.14
CA PRO A 85 5.25 7.96 11.54
C PRO A 85 5.10 9.37 10.95
N GLY A 86 4.08 9.56 10.12
CA GLY A 86 3.87 10.74 9.27
C GLY A 86 4.57 10.66 7.91
N SER A 87 4.44 9.54 7.18
CA SER A 87 4.95 9.39 5.78
C SER A 87 3.86 8.93 4.80
N THR A 88 4.10 9.01 3.49
CA THR A 88 3.17 8.48 2.46
C THR A 88 3.73 7.25 1.72
N VAL A 89 2.86 6.35 1.26
CA VAL A 89 3.19 5.16 0.44
C VAL A 89 2.20 4.96 -0.71
N ILE A 90 2.64 4.25 -1.75
CA ILE A 90 1.87 3.86 -2.94
C ILE A 90 1.79 2.34 -3.12
N ALA A 91 0.67 1.89 -3.71
CA ALA A 91 0.43 0.49 -4.04
C ALA A 91 1.52 -0.06 -5.00
N GLY A 92 1.87 -1.33 -4.80
CA GLY A 92 2.86 -2.05 -5.61
C GLY A 92 4.33 -1.82 -5.25
N SER A 93 4.64 -0.86 -4.35
CA SER A 93 5.98 -0.70 -3.77
C SER A 93 6.29 -1.81 -2.74
N ILE A 94 7.58 -2.05 -2.51
CA ILE A 94 8.12 -3.19 -1.74
C ILE A 94 8.75 -2.74 -0.42
N ASN A 95 8.48 -3.44 0.68
CA ASN A 95 9.13 -3.22 1.98
C ASN A 95 10.26 -4.25 2.20
N GLN A 96 11.44 -3.82 2.66
CA GLN A 96 12.55 -4.72 3.01
C GLN A 96 13.25 -4.37 4.33
N ASN A 97 12.49 -4.26 5.43
CA ASN A 97 13.05 -4.06 6.78
C ASN A 97 12.18 -4.58 7.93
N GLY A 98 10.90 -4.17 8.04
CA GLY A 98 10.08 -4.42 9.23
C GLY A 98 8.61 -4.07 9.09
N SER A 99 7.92 -3.81 10.20
CA SER A 99 6.51 -3.41 10.24
C SER A 99 6.30 -1.90 10.03
N LEU A 100 5.13 -1.54 9.55
CA LEU A 100 4.58 -0.17 9.49
C LEU A 100 3.06 -0.26 9.66
N LEU A 101 2.43 0.79 10.19
CA LEU A 101 0.98 0.90 10.35
C LEU A 101 0.45 2.00 9.41
N ILE A 102 -0.37 1.61 8.42
CA ILE A 102 -0.85 2.49 7.35
C ILE A 102 -2.37 2.68 7.43
N CYS A 103 -2.83 3.93 7.47
CA CYS A 103 -4.24 4.27 7.31
C CYS A 103 -4.59 4.30 5.81
N ALA A 104 -5.53 3.46 5.37
CA ALA A 104 -5.87 3.35 3.95
C ALA A 104 -6.83 4.46 3.51
N THR A 105 -6.44 5.23 2.50
CA THR A 105 -7.17 6.42 2.03
C THR A 105 -7.72 6.29 0.61
N HIS A 106 -7.35 5.23 -0.11
CA HIS A 106 -7.86 4.87 -1.43
C HIS A 106 -8.02 3.35 -1.56
N VAL A 107 -8.97 2.90 -2.38
CA VAL A 107 -9.11 1.51 -2.84
C VAL A 107 -8.54 1.37 -4.26
N GLY A 108 -8.40 0.16 -4.81
CA GLY A 108 -7.76 -0.04 -6.12
C GLY A 108 -8.45 0.66 -7.29
N ALA A 109 -9.75 0.93 -7.18
CA ALA A 109 -10.48 1.77 -8.12
C ALA A 109 -10.10 3.26 -8.02
N ASP A 110 -10.03 3.82 -6.81
CA ASP A 110 -9.80 5.23 -6.48
C ASP A 110 -8.32 5.72 -6.56
N THR A 111 -7.35 4.81 -6.56
CA THR A 111 -5.92 5.17 -6.41
C THR A 111 -5.33 5.88 -7.65
N THR A 112 -4.37 6.78 -7.41
CA THR A 112 -3.55 7.42 -8.45
C THR A 112 -2.90 6.41 -9.42
N LEU A 113 -2.49 5.23 -8.92
CA LEU A 113 -1.84 4.20 -9.74
C LEU A 113 -2.76 3.71 -10.88
N SER A 114 -4.03 3.42 -10.58
CA SER A 114 -5.05 3.09 -11.57
C SER A 114 -5.53 4.29 -12.39
N GLN A 115 -5.54 5.51 -11.82
CA GLN A 115 -5.89 6.74 -12.54
C GLN A 115 -4.93 7.01 -13.71
N ILE A 116 -3.61 6.82 -13.48
CA ILE A 116 -2.56 6.99 -14.50
C ILE A 116 -2.80 6.06 -15.69
N VAL A 117 -2.95 4.75 -15.46
CA VAL A 117 -3.16 3.81 -16.58
C VAL A 117 -4.51 4.00 -17.28
N LYS A 118 -5.55 4.47 -16.57
CA LYS A 118 -6.85 4.81 -17.17
C LYS A 118 -6.75 6.01 -18.12
N LEU A 119 -5.96 7.03 -17.76
CA LEU A 119 -5.67 8.19 -18.61
C LEU A 119 -4.78 7.86 -19.82
N VAL A 120 -3.82 6.95 -19.66
CA VAL A 120 -2.97 6.45 -20.76
C VAL A 120 -3.78 5.59 -21.73
N GLU A 121 -4.65 4.72 -21.21
CA GLU A 121 -5.55 3.84 -21.99
C GLU A 121 -6.61 4.62 -22.78
N GLU A 122 -7.13 5.73 -22.24
CA GLU A 122 -8.02 6.64 -22.99
C GLU A 122 -7.27 7.41 -24.09
N ALA A 123 -5.99 7.70 -23.92
CA ALA A 123 -5.14 8.32 -24.95
C ALA A 123 -4.79 7.34 -26.09
N GLN A 124 -4.12 6.23 -25.76
CA GLN A 124 -3.55 5.21 -26.66
C GLN A 124 -4.54 4.64 -27.67
N SER A 6 4.58 1.41 -22.74
CA SER A 6 3.72 0.34 -23.26
C SER A 6 3.96 -1.03 -22.62
N GLU A 7 5.16 -1.27 -22.08
CA GLU A 7 5.47 -2.45 -21.25
C GLU A 7 5.18 -2.19 -19.75
N ALA A 8 5.24 -0.91 -19.33
CA ALA A 8 4.79 -0.46 -18.02
C ALA A 8 3.26 -0.62 -17.86
N LEU A 9 2.50 -0.45 -18.95
CA LEU A 9 1.05 -0.61 -19.01
C LEU A 9 0.56 -1.95 -18.41
N ALA A 10 1.26 -3.05 -18.69
CA ALA A 10 1.01 -4.34 -18.04
C ALA A 10 1.53 -4.41 -16.59
N LYS A 11 2.68 -3.78 -16.30
CA LYS A 11 3.28 -3.74 -14.97
C LYS A 11 2.36 -3.09 -13.93
N LEU A 12 1.58 -2.07 -14.30
CA LEU A 12 0.56 -1.48 -13.42
C LEU A 12 -0.51 -2.49 -12.96
N ILE A 13 -0.84 -3.50 -13.78
CA ILE A 13 -1.69 -4.64 -13.39
C ILE A 13 -0.97 -5.60 -12.44
N SER A 14 0.31 -5.88 -12.67
CA SER A 14 1.11 -6.73 -11.77
C SER A 14 1.45 -6.08 -10.42
N LEU A 15 1.46 -4.74 -10.34
CA LEU A 15 1.63 -3.97 -9.11
C LEU A 15 0.40 -4.01 -8.18
N GLN A 16 -0.80 -4.32 -8.71
CA GLN A 16 -2.06 -4.30 -7.96
C GLN A 16 -2.34 -5.61 -7.21
N ALA A 17 -2.92 -5.48 -6.03
CA ALA A 17 -3.25 -6.57 -5.12
C ALA A 17 -4.67 -7.14 -5.28
N THR A 18 -4.91 -8.32 -4.68
CA THR A 18 -6.26 -8.91 -4.53
C THR A 18 -6.64 -9.16 -3.05
N GLU A 19 -5.72 -8.94 -2.12
CA GLU A 19 -5.91 -9.21 -0.69
C GLU A 19 -5.24 -8.16 0.23
N ALA A 20 -5.75 -8.00 1.47
CA ALA A 20 -5.23 -7.10 2.50
C ALA A 20 -5.33 -7.70 3.94
N THR A 21 -4.58 -7.15 4.90
CA THR A 21 -4.54 -7.61 6.31
C THR A 21 -4.85 -6.49 7.31
N ILE A 22 -6.00 -6.54 8.00
CA ILE A 22 -6.48 -5.49 8.92
C ILE A 22 -6.11 -5.84 10.37
N VAL A 23 -5.57 -4.88 11.13
CA VAL A 23 -5.11 -5.07 12.52
C VAL A 23 -5.75 -4.02 13.45
N THR A 24 -6.57 -4.49 14.38
CA THR A 24 -7.46 -3.67 15.22
C THR A 24 -7.36 -4.10 16.69
N LEU A 25 -7.54 -3.16 17.63
CA LEU A 25 -7.56 -3.43 19.07
C LEU A 25 -9.00 -3.68 19.57
N ASP A 26 -9.14 -4.60 20.53
CA ASP A 26 -10.39 -4.84 21.27
C ASP A 26 -10.25 -4.66 22.81
N SER A 27 -9.01 -4.56 23.30
CA SER A 27 -8.69 -4.14 24.68
C SER A 27 -7.40 -3.32 24.69
N ASP A 28 -7.40 -2.27 25.51
CA ASP A 28 -6.48 -1.11 25.61
C ASP A 28 -4.99 -1.32 25.27
N ASN A 29 -4.70 -1.48 23.97
CA ASN A 29 -3.42 -1.92 23.39
C ASN A 29 -2.97 -3.34 23.82
N ILE A 30 -3.54 -3.89 24.90
CA ILE A 30 -3.28 -5.21 25.46
C ILE A 30 -3.85 -6.39 24.66
N LEU A 31 -4.82 -6.18 23.77
CA LEU A 31 -5.37 -7.23 22.88
C LEU A 31 -5.40 -6.80 21.40
N LEU A 32 -4.78 -7.65 20.58
CA LEU A 32 -4.71 -7.53 19.12
C LEU A 32 -5.70 -8.51 18.45
N SER A 33 -6.49 -8.04 17.50
CA SER A 33 -7.37 -8.85 16.65
C SER A 33 -7.09 -8.55 15.18
N GLU A 34 -6.68 -9.57 14.41
CA GLU A 34 -6.24 -9.43 13.02
C GLU A 34 -7.15 -10.19 12.07
N GLU A 35 -7.24 -9.74 10.81
CA GLU A 35 -8.10 -10.28 9.75
C GLU A 35 -7.39 -10.24 8.39
N GLN A 36 -7.50 -11.28 7.56
CA GLN A 36 -7.07 -11.24 6.16
C GLN A 36 -8.30 -11.23 5.24
N VAL A 37 -8.36 -10.31 4.28
CA VAL A 37 -9.56 -10.00 3.47
C VAL A 37 -9.25 -9.85 1.97
N ASP A 38 -10.29 -9.83 1.15
CA ASP A 38 -10.22 -9.46 -0.28
C ASP A 38 -10.17 -7.92 -0.44
N VAL A 39 -9.52 -7.45 -1.52
CA VAL A 39 -9.26 -6.01 -1.74
C VAL A 39 -10.52 -5.16 -1.97
N GLU A 40 -11.70 -5.75 -2.15
CA GLU A 40 -12.99 -5.03 -2.17
C GLU A 40 -13.71 -5.05 -0.80
N LEU A 41 -13.31 -5.93 0.13
CA LEU A 41 -13.89 -6.05 1.48
C LEU A 41 -13.24 -5.11 2.52
N VAL A 42 -12.18 -4.39 2.15
CA VAL A 42 -11.57 -3.30 2.94
C VAL A 42 -12.03 -1.92 2.44
N GLN A 43 -12.22 -0.99 3.37
CA GLN A 43 -12.58 0.43 3.15
C GLN A 43 -11.49 1.36 3.67
N ARG A 44 -11.58 2.66 3.34
CA ARG A 44 -10.73 3.69 3.95
C ARG A 44 -11.10 3.89 5.42
N GLY A 45 -10.14 4.17 6.30
CA GLY A 45 -10.33 4.42 7.74
C GLY A 45 -9.80 3.31 8.67
N ASP A 46 -9.35 2.16 8.13
CA ASP A 46 -8.79 1.04 8.91
C ASP A 46 -7.25 1.02 8.91
N ILE A 47 -6.67 0.23 9.82
CA ILE A 47 -5.22 0.19 10.07
C ILE A 47 -4.62 -1.19 9.75
N ILE A 48 -3.51 -1.16 9.02
CA ILE A 48 -2.82 -2.30 8.39
C ILE A 48 -1.39 -2.39 8.91
N LYS A 49 -1.03 -3.51 9.57
CA LYS A 49 0.36 -3.78 9.99
C LYS A 49 1.11 -4.65 8.97
N VAL A 50 2.15 -4.07 8.36
CA VAL A 50 2.86 -4.65 7.21
C VAL A 50 4.08 -5.47 7.63
N VAL A 51 4.38 -6.53 6.88
CA VAL A 51 5.63 -7.31 6.99
C VAL A 51 6.74 -6.80 6.04
N PRO A 52 8.02 -7.12 6.29
CA PRO A 52 9.08 -6.90 5.31
C PRO A 52 8.75 -7.61 3.98
N GLY A 53 9.17 -7.01 2.86
CA GLY A 53 8.84 -7.47 1.50
C GLY A 53 7.38 -7.25 1.07
N GLY A 54 6.53 -6.66 1.91
CA GLY A 54 5.16 -6.26 1.54
C GLY A 54 5.13 -5.19 0.45
N LYS A 55 4.08 -5.22 -0.39
CA LYS A 55 3.96 -4.43 -1.63
C LYS A 55 2.78 -3.43 -1.67
N PHE A 56 2.11 -3.21 -0.53
CA PHE A 56 0.95 -2.32 -0.29
C PHE A 56 -0.26 -2.48 -1.24
N PRO A 57 -1.44 -2.92 -0.75
CA PRO A 57 -2.63 -3.16 -1.59
C PRO A 57 -3.46 -1.91 -1.95
N VAL A 58 -3.23 -0.79 -1.25
CA VAL A 58 -3.91 0.52 -1.37
C VAL A 58 -2.94 1.62 -0.91
N ASP A 59 -3.30 2.90 -1.05
CA ASP A 59 -2.50 4.02 -0.51
C ASP A 59 -2.93 4.46 0.90
N GLY A 60 -1.96 4.92 1.70
CA GLY A 60 -2.16 5.19 3.13
C GLY A 60 -1.01 5.91 3.82
N ARG A 61 -1.25 6.27 5.08
CA ARG A 61 -0.35 7.09 5.91
C ARG A 61 0.23 6.27 7.08
N VAL A 62 1.54 6.38 7.28
CA VAL A 62 2.35 5.57 8.19
C VAL A 62 2.48 6.27 9.54
N ILE A 63 2.17 5.58 10.64
CA ILE A 63 2.11 6.19 11.99
C ILE A 63 2.65 5.28 13.11
N GLU A 64 3.61 4.40 12.81
CA GLU A 64 4.41 3.61 13.76
C GLU A 64 5.57 2.92 13.01
N GLY A 65 6.75 2.81 13.62
CA GLY A 65 7.87 1.99 13.14
C GLY A 65 8.85 2.67 12.18
N HIS A 66 9.77 1.90 11.59
CA HIS A 66 10.75 2.39 10.62
C HIS A 66 11.01 1.35 9.49
N SER A 67 10.82 1.75 8.23
CA SER A 67 11.24 0.96 7.07
C SER A 67 11.65 1.80 5.86
N MET A 68 12.54 1.28 5.02
CA MET A 68 12.85 1.86 3.71
C MET A 68 12.00 1.15 2.63
N VAL A 69 11.47 1.93 1.69
CA VAL A 69 10.49 1.50 0.69
C VAL A 69 10.92 1.91 -0.73
N ASP A 70 10.87 0.97 -1.67
CA ASP A 70 11.18 1.18 -3.09
C ASP A 70 9.94 1.64 -3.88
N GLU A 71 10.01 2.81 -4.51
CA GLU A 71 8.93 3.44 -5.30
C GLU A 71 9.27 3.59 -6.80
N SER A 72 10.33 2.92 -7.29
CA SER A 72 10.96 3.13 -8.60
C SER A 72 10.13 2.95 -9.88
N LEU A 73 8.85 2.57 -9.78
CA LEU A 73 7.89 2.57 -10.90
C LEU A 73 6.77 3.59 -10.63
N ILE A 74 6.29 3.68 -9.38
CA ILE A 74 5.19 4.58 -8.99
C ILE A 74 5.59 6.07 -9.04
N THR A 75 6.73 6.43 -8.43
CA THR A 75 7.30 7.80 -8.48
C THR A 75 8.53 7.91 -9.37
N GLY A 76 9.11 6.78 -9.79
CA GLY A 76 10.16 6.70 -10.82
C GLY A 76 11.60 6.87 -10.32
N GLU A 77 11.77 7.09 -9.01
CA GLU A 77 13.07 7.26 -8.35
C GLU A 77 13.73 5.91 -8.03
N ALA A 78 14.95 5.67 -8.54
CA ALA A 78 15.67 4.40 -8.45
C ALA A 78 16.48 4.24 -7.14
N MET A 79 16.17 5.10 -6.17
CA MET A 79 16.83 5.28 -4.88
C MET A 79 15.75 5.18 -3.79
N PRO A 80 15.67 4.07 -3.03
CA PRO A 80 14.61 3.84 -2.06
C PRO A 80 14.45 4.94 -1.01
N VAL A 81 13.22 5.07 -0.50
CA VAL A 81 12.72 6.18 0.31
C VAL A 81 12.47 5.74 1.75
N ALA A 82 13.02 6.45 2.72
CA ALA A 82 12.89 6.12 4.13
C ALA A 82 11.53 6.56 4.70
N LYS A 83 10.82 5.65 5.37
CA LYS A 83 9.48 5.83 5.96
C LYS A 83 9.53 5.56 7.47
N LYS A 84 8.73 6.31 8.22
CA LYS A 84 8.64 6.36 9.69
C LYS A 84 7.23 6.87 10.09
N PRO A 85 6.88 7.06 11.38
CA PRO A 85 5.67 7.76 11.76
C PRO A 85 5.58 9.16 11.12
N GLY A 86 4.41 9.48 10.57
CA GLY A 86 4.16 10.67 9.74
C GLY A 86 4.71 10.59 8.32
N SER A 87 4.81 9.40 7.71
CA SER A 87 5.24 9.20 6.31
C SER A 87 4.07 8.71 5.44
N THR A 88 4.18 8.66 4.11
CA THR A 88 3.09 8.21 3.22
C THR A 88 3.55 7.09 2.28
N VAL A 89 2.64 6.18 1.91
CA VAL A 89 2.92 5.06 0.98
C VAL A 89 1.81 4.89 -0.05
N ILE A 90 2.20 4.41 -1.23
CA ILE A 90 1.32 4.11 -2.38
C ILE A 90 1.40 2.63 -2.76
N ALA A 91 0.31 2.11 -3.30
CA ALA A 91 0.22 0.72 -3.71
C ALA A 91 1.27 0.36 -4.78
N GLY A 92 1.90 -0.81 -4.67
CA GLY A 92 2.98 -1.22 -5.59
C GLY A 92 4.38 -0.72 -5.21
N SER A 93 4.54 -0.03 -4.08
CA SER A 93 5.85 0.27 -3.49
C SER A 93 6.28 -0.87 -2.55
N ILE A 94 7.58 -1.20 -2.53
CA ILE A 94 8.08 -2.43 -1.90
C ILE A 94 8.87 -2.18 -0.60
N ASN A 95 8.42 -2.72 0.52
CA ASN A 95 9.08 -2.58 1.84
C ASN A 95 10.33 -3.49 1.92
N GLN A 96 11.47 -2.93 2.33
CA GLN A 96 12.76 -3.63 2.31
C GLN A 96 13.27 -4.03 3.71
N ASN A 97 12.91 -3.28 4.76
CA ASN A 97 13.57 -3.41 6.07
C ASN A 97 12.79 -4.14 7.16
N GLY A 98 11.50 -3.86 7.36
CA GLY A 98 10.82 -4.35 8.58
C GLY A 98 9.34 -4.02 8.77
N SER A 99 8.95 -3.73 10.02
CA SER A 99 7.56 -3.51 10.45
C SER A 99 7.17 -2.03 10.37
N LEU A 100 5.91 -1.77 10.01
CA LEU A 100 5.25 -0.46 10.07
C LEU A 100 3.76 -0.64 10.37
N LEU A 101 3.11 0.42 10.86
CA LEU A 101 1.65 0.51 11.00
C LEU A 101 1.10 1.64 10.12
N ILE A 102 0.15 1.32 9.23
CA ILE A 102 -0.34 2.22 8.18
C ILE A 102 -1.87 2.32 8.23
N CYS A 103 -2.43 3.54 8.24
CA CYS A 103 -3.86 3.75 8.05
C CYS A 103 -4.17 3.85 6.54
N ALA A 104 -5.08 3.00 6.04
CA ALA A 104 -5.53 3.02 4.66
C ALA A 104 -6.56 4.14 4.47
N THR A 105 -6.28 5.08 3.56
CA THR A 105 -7.07 6.33 3.42
C THR A 105 -7.84 6.45 2.10
N HIS A 106 -7.71 5.42 1.25
CA HIS A 106 -8.41 5.26 -0.03
C HIS A 106 -8.70 3.77 -0.32
N VAL A 107 -9.78 3.48 -1.06
CA VAL A 107 -10.05 2.12 -1.60
C VAL A 107 -9.32 1.86 -2.92
N GLY A 108 -9.27 0.59 -3.36
CA GLY A 108 -8.49 0.19 -4.54
C GLY A 108 -8.92 0.87 -5.85
N ALA A 109 -10.20 1.20 -6.01
CA ALA A 109 -10.73 1.95 -7.16
C ALA A 109 -10.27 3.42 -7.21
N ASP A 110 -9.94 4.03 -6.07
CA ASP A 110 -9.33 5.36 -6.02
C ASP A 110 -7.84 5.37 -6.43
N THR A 111 -7.17 4.22 -6.38
CA THR A 111 -5.70 4.15 -6.53
C THR A 111 -5.27 4.51 -7.95
N THR A 112 -4.15 5.23 -8.05
CA THR A 112 -3.72 5.83 -9.33
C THR A 112 -3.27 4.79 -10.37
N LEU A 113 -2.93 3.56 -9.94
CA LEU A 113 -2.39 2.50 -10.79
C LEU A 113 -3.35 2.12 -11.94
N SER A 114 -4.61 1.82 -11.61
CA SER A 114 -5.67 1.55 -12.59
C SER A 114 -6.17 2.82 -13.31
N GLN A 115 -5.89 4.01 -12.74
CA GLN A 115 -6.17 5.31 -13.37
C GLN A 115 -5.23 5.58 -14.55
N ILE A 116 -3.93 5.29 -14.39
CA ILE A 116 -2.86 5.53 -15.38
C ILE A 116 -3.13 4.75 -16.66
N VAL A 117 -3.36 3.43 -16.58
CA VAL A 117 -3.47 2.53 -17.76
C VAL A 117 -4.65 2.83 -18.69
N LYS A 118 -5.64 3.61 -18.23
CA LYS A 118 -6.71 4.16 -19.07
C LYS A 118 -6.20 5.24 -20.02
N LEU A 119 -5.34 6.14 -19.54
CA LEU A 119 -4.69 7.22 -20.30
C LEU A 119 -3.55 6.68 -21.18
N VAL A 120 -2.68 5.85 -20.59
CA VAL A 120 -1.49 5.33 -21.30
C VAL A 120 -1.86 4.35 -22.42
N GLU A 121 -3.05 3.71 -22.41
CA GLU A 121 -3.55 2.97 -23.58
C GLU A 121 -3.55 3.86 -24.84
N GLU A 122 -3.86 5.14 -24.71
CA GLU A 122 -3.90 6.11 -25.81
C GLU A 122 -2.51 6.53 -26.32
N ALA A 123 -1.43 6.13 -25.63
CA ALA A 123 -0.04 6.30 -26.08
C ALA A 123 0.39 5.31 -27.18
N GLN A 124 -0.23 4.12 -27.20
CA GLN A 124 0.05 3.03 -28.15
C GLN A 124 -0.52 3.28 -29.54
N SER A 6 2.39 0.63 -23.52
CA SER A 6 1.36 -0.34 -23.95
C SER A 6 1.68 -1.76 -23.45
N GLU A 7 2.95 -2.17 -23.53
CA GLU A 7 3.46 -3.46 -23.02
C GLU A 7 3.52 -3.45 -21.48
N ALA A 8 3.94 -2.31 -20.90
CA ALA A 8 3.97 -2.07 -19.46
C ALA A 8 2.58 -1.86 -18.81
N LEU A 9 1.49 -1.69 -19.58
CA LEU A 9 0.19 -1.24 -19.04
C LEU A 9 -0.40 -2.19 -17.98
N ALA A 10 -0.31 -3.51 -18.15
CA ALA A 10 -0.71 -4.47 -17.13
C ALA A 10 0.26 -4.55 -15.93
N LYS A 11 1.54 -4.13 -16.07
CA LYS A 11 2.54 -4.41 -15.03
C LYS A 11 2.30 -3.58 -13.77
N LEU A 12 1.95 -2.31 -13.91
CA LEU A 12 1.54 -1.42 -12.80
C LEU A 12 0.48 -2.10 -11.90
N ILE A 13 -0.57 -2.63 -12.52
CA ILE A 13 -1.65 -3.36 -11.84
C ILE A 13 -1.19 -4.75 -11.32
N SER A 14 -0.23 -5.39 -11.97
CA SER A 14 0.31 -6.70 -11.57
C SER A 14 1.20 -6.63 -10.33
N LEU A 15 1.85 -5.48 -10.05
CA LEU A 15 2.56 -5.22 -8.79
C LEU A 15 1.61 -5.07 -7.58
N GLN A 16 0.33 -4.72 -7.79
CA GLN A 16 -0.60 -4.59 -6.67
C GLN A 16 -0.91 -5.94 -6.03
N ALA A 17 -0.91 -5.98 -4.69
CA ALA A 17 -1.18 -7.18 -3.92
C ALA A 17 -2.63 -7.65 -4.06
N THR A 18 -2.83 -8.96 -3.92
CA THR A 18 -4.14 -9.65 -3.96
C THR A 18 -4.84 -9.71 -2.61
N GLU A 19 -4.10 -9.57 -1.50
CA GLU A 19 -4.60 -9.69 -0.13
C GLU A 19 -4.09 -8.57 0.79
N ALA A 20 -4.81 -8.29 1.88
CA ALA A 20 -4.44 -7.30 2.89
C ALA A 20 -4.79 -7.78 4.32
N THR A 21 -4.12 -7.22 5.33
CA THR A 21 -4.36 -7.51 6.76
C THR A 21 -4.89 -6.28 7.50
N ILE A 22 -6.16 -6.33 7.90
CA ILE A 22 -6.89 -5.25 8.60
C ILE A 22 -6.76 -5.45 10.11
N VAL A 23 -6.48 -4.40 10.89
CA VAL A 23 -6.61 -4.47 12.36
C VAL A 23 -7.96 -3.89 12.77
N THR A 24 -8.82 -4.74 13.34
CA THR A 24 -10.19 -4.37 13.75
C THR A 24 -10.16 -3.63 15.08
N LEU A 25 -10.92 -2.53 15.17
CA LEU A 25 -11.05 -1.68 16.37
C LEU A 25 -12.52 -1.65 16.82
N ASP A 26 -13.07 -2.82 17.12
CA ASP A 26 -14.45 -2.97 17.62
C ASP A 26 -14.61 -2.41 19.06
N SER A 27 -13.48 -2.06 19.66
CA SER A 27 -13.29 -1.44 20.96
C SER A 27 -12.24 -0.32 20.82
N ASP A 28 -12.63 0.85 21.32
CA ASP A 28 -12.09 2.22 21.25
C ASP A 28 -10.61 2.36 20.86
N ASN A 29 -10.30 2.14 19.58
CA ASN A 29 -8.94 2.02 19.03
C ASN A 29 -7.97 1.12 19.82
N ILE A 30 -8.49 0.20 20.63
CA ILE A 30 -7.76 -0.70 21.54
C ILE A 30 -7.78 -2.17 21.12
N LEU A 31 -8.79 -2.63 20.36
CA LEU A 31 -8.98 -4.06 20.10
C LEU A 31 -7.79 -4.72 19.40
N LEU A 32 -7.34 -4.20 18.24
CA LEU A 32 -6.20 -4.70 17.46
C LEU A 32 -6.31 -6.20 17.12
N SER A 33 -7.52 -6.62 16.71
CA SER A 33 -7.79 -8.00 16.28
C SER A 33 -7.61 -8.12 14.77
N GLU A 34 -6.59 -8.84 14.32
CA GLU A 34 -6.21 -8.83 12.89
C GLU A 34 -7.07 -9.78 12.03
N GLU A 35 -7.46 -9.32 10.85
CA GLU A 35 -8.26 -10.04 9.83
C GLU A 35 -7.54 -10.01 8.48
N GLN A 36 -7.27 -11.14 7.82
CA GLN A 36 -6.72 -11.19 6.49
C GLN A 36 -7.85 -11.35 5.46
N VAL A 37 -7.80 -10.52 4.41
CA VAL A 37 -8.87 -10.33 3.41
C VAL A 37 -8.35 -10.27 1.98
N ASP A 38 -9.25 -10.35 0.99
CA ASP A 38 -8.94 -10.01 -0.40
C ASP A 38 -8.98 -8.47 -0.57
N VAL A 39 -8.17 -7.94 -1.47
CA VAL A 39 -8.05 -6.48 -1.72
C VAL A 39 -9.33 -5.80 -2.23
N GLU A 40 -10.40 -6.54 -2.55
CA GLU A 40 -11.75 -5.98 -2.80
C GLU A 40 -12.48 -5.60 -1.50
N LEU A 41 -12.21 -6.33 -0.41
CA LEU A 41 -12.95 -6.30 0.87
C LEU A 41 -12.44 -5.27 1.88
N VAL A 42 -11.45 -4.47 1.48
CA VAL A 42 -10.88 -3.34 2.22
C VAL A 42 -11.43 -2.01 1.67
N GLN A 43 -11.80 -1.10 2.58
CA GLN A 43 -12.33 0.24 2.31
C GLN A 43 -11.33 1.33 2.74
N ARG A 44 -11.53 2.58 2.31
CA ARG A 44 -10.64 3.70 2.68
C ARG A 44 -10.64 4.05 4.18
N GLY A 45 -11.58 3.53 4.95
CA GLY A 45 -11.67 3.66 6.41
C GLY A 45 -11.03 2.54 7.23
N ASP A 46 -10.32 1.59 6.60
CA ASP A 46 -9.60 0.51 7.30
C ASP A 46 -8.13 0.88 7.63
N ILE A 47 -7.56 0.24 8.64
CA ILE A 47 -6.16 0.39 9.09
C ILE A 47 -5.39 -0.91 8.78
N ILE A 48 -4.30 -0.81 8.02
CA ILE A 48 -3.61 -1.96 7.41
C ILE A 48 -2.14 -2.10 7.85
N LYS A 49 -1.71 -3.31 8.21
CA LYS A 49 -0.32 -3.61 8.63
C LYS A 49 0.50 -4.26 7.51
N VAL A 50 1.81 -3.98 7.47
CA VAL A 50 2.75 -4.55 6.50
C VAL A 50 3.92 -5.26 7.19
N VAL A 51 4.28 -6.47 6.72
CA VAL A 51 5.38 -7.28 7.30
C VAL A 51 6.79 -6.82 6.86
N PRO A 52 7.87 -7.23 7.55
CA PRO A 52 9.23 -7.05 7.05
C PRO A 52 9.41 -7.92 5.79
N GLY A 53 9.73 -7.31 4.65
CA GLY A 53 9.74 -7.95 3.33
C GLY A 53 8.39 -7.94 2.58
N GLY A 54 7.32 -7.37 3.14
CA GLY A 54 5.98 -7.34 2.54
C GLY A 54 5.78 -6.30 1.43
N LYS A 55 4.58 -6.26 0.84
CA LYS A 55 4.19 -5.32 -0.24
C LYS A 55 2.99 -4.46 0.14
N PHE A 56 2.98 -3.20 -0.33
CA PHE A 56 1.92 -2.23 -0.02
C PHE A 56 0.68 -2.42 -0.93
N PRO A 57 -0.55 -2.60 -0.38
CA PRO A 57 -1.73 -2.98 -1.17
C PRO A 57 -2.60 -1.80 -1.68
N VAL A 58 -2.50 -0.61 -1.09
CA VAL A 58 -3.28 0.61 -1.41
C VAL A 58 -2.44 1.86 -1.14
N ASP A 59 -2.85 3.05 -1.61
CA ASP A 59 -2.17 4.32 -1.30
C ASP A 59 -2.71 4.98 -0.01
N GLY A 60 -1.82 5.60 0.77
CA GLY A 60 -2.14 6.16 2.08
C GLY A 60 -0.95 6.62 2.92
N ARG A 61 -1.23 6.88 4.20
CA ARG A 61 -0.30 7.49 5.18
C ARG A 61 0.19 6.49 6.23
N VAL A 62 1.44 6.61 6.65
CA VAL A 62 2.16 5.66 7.53
C VAL A 62 2.47 6.35 8.86
N ILE A 63 2.13 5.71 9.99
CA ILE A 63 2.22 6.33 11.33
C ILE A 63 2.73 5.37 12.43
N GLU A 64 3.66 4.46 12.10
CA GLU A 64 4.42 3.65 13.06
C GLU A 64 5.63 2.97 12.38
N GLY A 65 6.77 2.88 13.08
CA GLY A 65 7.94 2.09 12.68
C GLY A 65 8.95 2.80 11.78
N HIS A 66 9.84 2.03 11.14
CA HIS A 66 10.80 2.51 10.13
C HIS A 66 11.32 1.43 9.17
N SER A 67 11.19 1.67 7.87
CA SER A 67 11.73 0.81 6.81
C SER A 67 12.21 1.60 5.59
N MET A 68 12.95 0.94 4.71
CA MET A 68 13.36 1.48 3.41
C MET A 68 12.59 0.77 2.30
N VAL A 69 11.90 1.57 1.47
CA VAL A 69 10.88 1.13 0.51
C VAL A 69 11.31 1.33 -0.94
N ASP A 70 10.92 0.41 -1.82
CA ASP A 70 11.21 0.42 -3.26
C ASP A 70 10.03 0.98 -4.07
N GLU A 71 10.07 2.28 -4.41
CA GLU A 71 9.06 2.99 -5.21
C GLU A 71 9.41 3.01 -6.72
N SER A 72 10.63 2.62 -7.10
CA SER A 72 11.26 2.79 -8.43
C SER A 72 10.36 2.63 -9.67
N LEU A 73 9.53 1.60 -9.77
CA LEU A 73 8.64 1.41 -10.94
C LEU A 73 7.45 2.38 -10.93
N ILE A 74 6.94 2.71 -9.74
CA ILE A 74 5.77 3.58 -9.53
C ILE A 74 6.12 5.05 -9.83
N THR A 75 7.23 5.52 -9.28
CA THR A 75 7.64 6.95 -9.27
C THR A 75 8.85 7.25 -10.16
N GLY A 76 9.56 6.22 -10.63
CA GLY A 76 10.77 6.33 -11.45
C GLY A 76 12.07 6.56 -10.65
N GLU A 77 12.01 6.57 -9.31
CA GLU A 77 13.13 6.95 -8.42
C GLU A 77 14.45 6.20 -8.70
N ALA A 78 14.42 4.86 -8.81
CA ALA A 78 15.58 3.99 -9.08
C ALA A 78 16.74 4.12 -8.05
N MET A 79 16.33 4.42 -6.82
CA MET A 79 17.07 4.41 -5.56
C MET A 79 15.99 4.40 -4.46
N PRO A 80 16.13 3.58 -3.40
CA PRO A 80 15.06 3.37 -2.42
C PRO A 80 14.83 4.56 -1.49
N VAL A 81 13.70 4.56 -0.80
CA VAL A 81 13.16 5.70 -0.02
C VAL A 81 13.00 5.33 1.46
N ALA A 82 13.51 6.15 2.38
CA ALA A 82 13.38 5.92 3.83
C ALA A 82 12.00 6.39 4.35
N LYS A 83 11.41 5.60 5.25
CA LYS A 83 10.08 5.84 5.87
C LYS A 83 10.17 5.86 7.40
N LYS A 84 9.27 6.62 8.04
CA LYS A 84 9.10 6.86 9.49
C LYS A 84 7.60 7.13 9.79
N PRO A 85 7.14 7.24 11.04
CA PRO A 85 5.80 7.75 11.31
C PRO A 85 5.63 9.18 10.76
N GLY A 86 4.47 9.48 10.19
CA GLY A 86 4.23 10.71 9.44
C GLY A 86 4.86 10.68 8.05
N SER A 87 4.70 9.57 7.32
CA SER A 87 5.19 9.36 5.95
C SER A 87 4.07 8.92 5.01
N THR A 88 4.29 8.87 3.69
CA THR A 88 3.27 8.53 2.68
C THR A 88 3.75 7.45 1.70
N VAL A 89 2.81 6.63 1.18
CA VAL A 89 3.09 5.48 0.30
C VAL A 89 2.05 5.30 -0.82
N ILE A 90 2.48 4.59 -1.87
CA ILE A 90 1.66 4.07 -2.98
C ILE A 90 1.74 2.54 -3.07
N ALA A 91 0.68 1.94 -3.62
CA ALA A 91 0.58 0.50 -3.82
C ALA A 91 1.60 -0.04 -4.83
N GLY A 92 1.99 -1.31 -4.68
CA GLY A 92 3.03 -1.94 -5.50
C GLY A 92 4.47 -1.61 -5.07
N SER A 93 4.64 -0.88 -3.97
CA SER A 93 5.97 -0.70 -3.35
C SER A 93 6.32 -1.90 -2.46
N ILE A 94 7.60 -2.18 -2.26
CA ILE A 94 8.11 -3.28 -1.41
C ILE A 94 8.73 -2.72 -0.11
N ASN A 95 8.58 -3.40 1.02
CA ASN A 95 9.02 -2.96 2.36
C ASN A 95 10.23 -3.76 2.89
N GLN A 96 11.20 -3.12 3.54
CA GLN A 96 12.39 -3.80 4.09
C GLN A 96 13.00 -3.09 5.32
N ASN A 97 12.98 -3.77 6.47
CA ASN A 97 13.67 -3.53 7.76
C ASN A 97 12.82 -4.12 8.92
N GLY A 98 11.54 -3.75 8.97
CA GLY A 98 10.59 -4.10 10.04
C GLY A 98 9.13 -3.91 9.62
N SER A 99 8.17 -4.18 10.51
CA SER A 99 6.73 -4.04 10.23
C SER A 99 6.19 -2.63 10.55
N LEU A 100 5.37 -2.08 9.64
CA LEU A 100 4.81 -0.73 9.74
C LEU A 100 3.27 -0.71 9.71
N LEU A 101 2.68 0.43 10.09
CA LEU A 101 1.24 0.67 10.16
C LEU A 101 0.80 1.76 9.17
N ILE A 102 -0.05 1.39 8.20
CA ILE A 102 -0.61 2.30 7.19
C ILE A 102 -2.11 2.54 7.41
N CYS A 103 -2.52 3.79 7.62
CA CYS A 103 -3.93 4.16 7.56
C CYS A 103 -4.29 4.42 6.10
N ALA A 104 -5.27 3.67 5.56
CA ALA A 104 -5.63 3.78 4.15
C ALA A 104 -6.44 5.05 3.89
N THR A 105 -6.46 5.53 2.65
CA THR A 105 -7.25 6.71 2.26
C THR A 105 -7.91 6.60 0.88
N HIS A 106 -7.56 5.59 0.08
CA HIS A 106 -8.24 5.23 -1.16
C HIS A 106 -8.34 3.71 -1.30
N VAL A 107 -9.44 3.20 -1.86
CA VAL A 107 -9.54 1.80 -2.29
C VAL A 107 -8.64 1.56 -3.50
N GLY A 108 -8.28 0.31 -3.81
CA GLY A 108 -7.28 0.03 -4.85
C GLY A 108 -7.65 0.56 -6.24
N ALA A 109 -8.94 0.52 -6.60
CA ALA A 109 -9.48 1.16 -7.80
C ALA A 109 -9.38 2.70 -7.79
N ASP A 110 -9.61 3.32 -6.62
CA ASP A 110 -9.53 4.76 -6.36
C ASP A 110 -8.08 5.31 -6.19
N THR A 111 -7.06 4.45 -6.18
CA THR A 111 -5.64 4.87 -6.04
C THR A 111 -5.15 5.68 -7.25
N THR A 112 -4.08 6.45 -7.04
CA THR A 112 -3.41 7.21 -8.11
C THR A 112 -2.77 6.28 -9.14
N LEU A 113 -2.24 5.13 -8.72
CA LEU A 113 -1.75 4.06 -9.59
C LEU A 113 -2.84 3.62 -10.60
N SER A 114 -4.06 3.40 -10.13
CA SER A 114 -5.23 3.06 -10.95
C SER A 114 -5.70 4.21 -11.86
N GLN A 115 -5.53 5.47 -11.45
CA GLN A 115 -5.78 6.65 -12.30
C GLN A 115 -4.74 6.77 -13.43
N ILE A 116 -3.45 6.52 -13.16
CA ILE A 116 -2.36 6.62 -14.16
C ILE A 116 -2.63 5.68 -15.34
N VAL A 117 -2.96 4.41 -15.08
CA VAL A 117 -3.28 3.45 -16.16
C VAL A 117 -4.56 3.80 -16.93
N LYS A 118 -5.53 4.50 -16.33
CA LYS A 118 -6.70 5.02 -17.05
C LYS A 118 -6.33 6.19 -17.95
N LEU A 119 -5.59 7.18 -17.44
CA LEU A 119 -5.13 8.36 -18.19
C LEU A 119 -4.28 7.99 -19.41
N VAL A 120 -3.39 7.00 -19.27
CA VAL A 120 -2.55 6.51 -20.40
C VAL A 120 -3.31 5.63 -21.39
N GLU A 121 -4.29 4.83 -20.94
CA GLU A 121 -5.09 3.96 -21.83
C GLU A 121 -6.11 4.75 -22.65
N GLU A 122 -6.85 5.66 -22.01
CA GLU A 122 -7.89 6.49 -22.65
C GLU A 122 -7.33 7.63 -23.52
N ALA A 123 -6.02 7.88 -23.45
CA ALA A 123 -5.32 8.78 -24.35
C ALA A 123 -5.32 8.23 -25.79
N GLN A 124 -4.88 6.98 -25.97
CA GLN A 124 -4.85 6.30 -27.27
C GLN A 124 -6.23 5.93 -27.81
N SER A 6 2.85 -3.09 -23.70
CA SER A 6 1.56 -3.59 -23.18
C SER A 6 1.73 -4.44 -21.91
N GLU A 7 2.88 -5.10 -21.77
CA GLU A 7 3.36 -5.78 -20.56
C GLU A 7 3.58 -4.75 -19.43
N ALA A 8 4.27 -3.65 -19.76
CA ALA A 8 4.48 -2.51 -18.89
C ALA A 8 3.17 -1.78 -18.47
N LEU A 9 2.17 -1.72 -19.36
CA LEU A 9 0.80 -1.25 -19.04
C LEU A 9 0.00 -2.23 -18.15
N ALA A 10 0.20 -3.54 -18.30
CA ALA A 10 -0.43 -4.52 -17.41
C ALA A 10 0.19 -4.50 -16.00
N LYS A 11 1.49 -4.18 -15.90
CA LYS A 11 2.29 -4.29 -14.68
C LYS A 11 1.70 -3.55 -13.50
N LEU A 12 1.10 -2.38 -13.70
CA LEU A 12 0.51 -1.55 -12.63
C LEU A 12 -0.61 -2.28 -11.87
N ILE A 13 -1.51 -2.99 -12.55
CA ILE A 13 -2.55 -3.80 -11.90
C ILE A 13 -1.99 -5.07 -11.24
N SER A 14 -0.94 -5.66 -11.83
CA SER A 14 -0.25 -6.83 -11.27
C SER A 14 0.71 -6.48 -10.11
N LEU A 15 1.07 -5.21 -9.96
CA LEU A 15 1.94 -4.63 -8.92
C LEU A 15 1.25 -4.57 -7.56
N GLN A 16 -0.02 -4.15 -7.52
CA GLN A 16 -0.85 -4.14 -6.31
C GLN A 16 -0.77 -5.49 -5.59
N ALA A 17 -0.60 -5.47 -4.27
CA ALA A 17 -0.36 -6.69 -3.47
C ALA A 17 -1.51 -7.71 -3.48
N THR A 18 -2.70 -7.32 -3.94
CA THR A 18 -3.92 -8.12 -4.18
C THR A 18 -4.61 -8.64 -2.91
N GLU A 19 -3.88 -8.79 -1.81
CA GLU A 19 -4.41 -9.05 -0.47
C GLU A 19 -3.91 -8.01 0.54
N ALA A 20 -4.69 -7.77 1.61
CA ALA A 20 -4.39 -6.77 2.64
C ALA A 20 -4.73 -7.29 4.05
N THR A 21 -4.02 -6.80 5.06
CA THR A 21 -4.17 -7.22 6.47
C THR A 21 -4.76 -6.11 7.34
N ILE A 22 -6.05 -6.23 7.70
CA ILE A 22 -6.84 -5.20 8.42
C ILE A 22 -6.76 -5.43 9.94
N VAL A 23 -6.54 -4.39 10.73
CA VAL A 23 -6.66 -4.46 12.21
C VAL A 23 -8.12 -4.19 12.65
N THR A 24 -8.66 -5.06 13.49
CA THR A 24 -10.03 -4.98 14.05
C THR A 24 -9.99 -5.04 15.57
N LEU A 25 -11.01 -4.47 16.24
CA LEU A 25 -11.13 -4.44 17.70
C LEU A 25 -12.32 -5.31 18.15
N ASP A 26 -12.05 -6.47 18.76
CA ASP A 26 -13.06 -7.54 19.04
C ASP A 26 -13.58 -7.63 20.49
N SER A 27 -13.15 -6.70 21.35
CA SER A 27 -13.70 -6.48 22.70
C SER A 27 -14.04 -5.01 22.89
N ASP A 28 -13.00 -4.19 22.82
CA ASP A 28 -12.95 -2.75 22.75
C ASP A 28 -11.58 -2.40 22.13
N ASN A 29 -11.18 -1.13 22.15
CA ASN A 29 -9.85 -0.68 21.72
C ASN A 29 -8.68 -1.40 22.44
N ILE A 30 -8.95 -2.09 23.56
CA ILE A 30 -8.01 -2.89 24.33
C ILE A 30 -7.55 -4.17 23.60
N LEU A 31 -8.37 -4.77 22.73
CA LEU A 31 -8.12 -6.07 22.12
C LEU A 31 -7.94 -5.93 20.61
N LEU A 32 -6.76 -6.31 20.13
CA LEU A 32 -6.45 -6.39 18.69
C LEU A 32 -6.72 -7.79 18.13
N SER A 33 -7.45 -7.80 17.02
CA SER A 33 -7.88 -8.96 16.23
C SER A 33 -7.62 -8.63 14.76
N GLU A 34 -6.47 -9.04 14.22
CA GLU A 34 -6.08 -8.72 12.85
C GLU A 34 -6.62 -9.78 11.86
N GLU A 35 -6.98 -9.33 10.67
CA GLU A 35 -7.75 -10.03 9.62
C GLU A 35 -7.02 -9.98 8.27
N GLN A 36 -7.28 -10.91 7.35
CA GLN A 36 -6.81 -10.84 5.96
C GLN A 36 -7.96 -10.87 4.95
N VAL A 37 -7.84 -10.05 3.88
CA VAL A 37 -8.85 -9.87 2.83
C VAL A 37 -8.25 -9.71 1.42
N ASP A 38 -9.08 -9.83 0.39
CA ASP A 38 -8.77 -9.44 -1.00
C ASP A 38 -8.89 -7.92 -1.18
N VAL A 39 -8.08 -7.32 -2.06
CA VAL A 39 -8.04 -5.86 -2.27
C VAL A 39 -9.35 -5.25 -2.81
N GLU A 40 -10.31 -6.05 -3.29
CA GLU A 40 -11.65 -5.54 -3.64
C GLU A 40 -12.61 -5.43 -2.42
N LEU A 41 -12.24 -6.02 -1.27
CA LEU A 41 -13.07 -6.14 -0.06
C LEU A 41 -12.68 -5.17 1.07
N VAL A 42 -11.55 -4.46 0.94
CA VAL A 42 -11.13 -3.39 1.86
C VAL A 42 -11.74 -2.05 1.45
N GLN A 43 -12.10 -1.21 2.43
CA GLN A 43 -12.65 0.15 2.27
C GLN A 43 -11.75 1.20 2.98
N ARG A 44 -11.89 2.50 2.70
CA ARG A 44 -11.17 3.53 3.47
C ARG A 44 -11.77 3.69 4.87
N GLY A 45 -10.99 4.12 5.87
CA GLY A 45 -11.44 4.23 7.26
C GLY A 45 -11.00 3.06 8.16
N ASP A 46 -9.90 2.38 7.83
CA ASP A 46 -9.31 1.29 8.62
C ASP A 46 -7.76 1.35 8.63
N ILE A 47 -7.15 0.65 9.58
CA ILE A 47 -5.69 0.59 9.79
C ILE A 47 -5.15 -0.75 9.27
N ILE A 48 -4.15 -0.71 8.37
CA ILE A 48 -3.63 -1.86 7.63
C ILE A 48 -2.17 -2.16 8.01
N LYS A 49 -1.84 -3.41 8.38
CA LYS A 49 -0.47 -3.87 8.67
C LYS A 49 0.33 -4.19 7.42
N VAL A 50 1.63 -3.94 7.47
CA VAL A 50 2.59 -4.41 6.45
C VAL A 50 3.83 -5.05 7.09
N VAL A 51 4.28 -6.18 6.54
CA VAL A 51 5.43 -6.97 7.02
C VAL A 51 6.76 -6.55 6.39
N PRO A 52 7.92 -6.94 6.96
CA PRO A 52 9.22 -6.79 6.30
C PRO A 52 9.25 -7.68 5.03
N GLY A 53 9.67 -7.12 3.89
CA GLY A 53 9.56 -7.75 2.57
C GLY A 53 8.18 -7.64 1.90
N GLY A 54 7.16 -7.15 2.62
CA GLY A 54 5.78 -7.01 2.13
C GLY A 54 5.63 -5.96 1.01
N LYS A 55 4.50 -6.01 0.30
CA LYS A 55 4.10 -5.05 -0.73
C LYS A 55 2.89 -4.23 -0.27
N PHE A 56 2.80 -2.97 -0.73
CA PHE A 56 1.67 -2.10 -0.40
C PHE A 56 0.43 -2.38 -1.29
N PRO A 57 -0.78 -2.56 -0.73
CA PRO A 57 -1.99 -2.87 -1.51
C PRO A 57 -2.74 -1.63 -2.05
N VAL A 58 -2.59 -0.47 -1.41
CA VAL A 58 -3.23 0.83 -1.72
C VAL A 58 -2.24 1.96 -1.44
N ASP A 59 -2.60 3.22 -1.73
CA ASP A 59 -1.78 4.40 -1.39
C ASP A 59 -2.34 5.14 -0.16
N GLY A 60 -1.46 5.76 0.63
CA GLY A 60 -1.84 6.37 1.92
C GLY A 60 -0.66 6.81 2.78
N ARG A 61 -0.90 6.98 4.09
CA ARG A 61 0.10 7.42 5.08
C ARG A 61 0.38 6.37 6.17
N VAL A 62 1.66 6.18 6.47
CA VAL A 62 2.20 5.39 7.60
C VAL A 62 2.24 6.25 8.85
N ILE A 63 1.81 5.73 9.99
CA ILE A 63 1.89 6.42 11.30
C ILE A 63 2.36 5.51 12.44
N GLU A 64 3.20 4.52 12.14
CA GLU A 64 3.96 3.72 13.10
C GLU A 64 5.05 2.93 12.37
N GLY A 65 6.24 2.85 12.94
CA GLY A 65 7.35 2.04 12.41
C GLY A 65 8.22 2.74 11.36
N HIS A 66 9.25 2.02 10.93
CA HIS A 66 10.28 2.50 10.01
C HIS A 66 10.79 1.40 9.07
N SER A 67 10.89 1.71 7.77
CA SER A 67 11.50 0.84 6.75
C SER A 67 12.11 1.63 5.59
N MET A 68 12.76 0.93 4.65
CA MET A 68 13.20 1.49 3.36
C MET A 68 12.51 0.78 2.19
N VAL A 69 11.94 1.56 1.28
CA VAL A 69 11.00 1.10 0.24
C VAL A 69 11.53 1.31 -1.19
N ASP A 70 11.37 0.30 -2.05
CA ASP A 70 11.75 0.36 -3.46
C ASP A 70 10.59 0.90 -4.34
N GLU A 71 10.74 2.14 -4.83
CA GLU A 71 9.75 2.85 -5.66
C GLU A 71 10.17 3.02 -7.14
N SER A 72 11.17 2.26 -7.63
CA SER A 72 11.80 2.52 -8.94
C SER A 72 10.88 2.43 -10.16
N LEU A 73 9.72 1.77 -10.05
CA LEU A 73 8.68 1.74 -11.11
C LEU A 73 7.65 2.87 -10.90
N ILE A 74 7.22 3.13 -9.66
CA ILE A 74 6.12 4.04 -9.34
C ILE A 74 6.53 5.53 -9.42
N THR A 75 7.50 5.95 -8.59
CA THR A 75 8.02 7.33 -8.56
C THR A 75 9.30 7.52 -9.39
N GLY A 76 9.86 6.41 -9.89
CA GLY A 76 11.07 6.37 -10.73
C GLY A 76 12.39 6.45 -9.93
N GLU A 77 12.32 6.21 -8.62
CA GLU A 77 13.45 6.30 -7.69
C GLU A 77 14.28 5.01 -7.68
N ALA A 78 15.47 5.04 -8.30
CA ALA A 78 16.40 3.91 -8.33
C ALA A 78 17.20 3.79 -7.02
N MET A 79 17.15 4.85 -6.21
CA MET A 79 17.63 4.92 -4.83
C MET A 79 16.42 4.75 -3.89
N PRO A 80 16.30 3.64 -3.14
CA PRO A 80 15.18 3.38 -2.23
C PRO A 80 14.92 4.50 -1.22
N VAL A 81 13.65 4.67 -0.85
CA VAL A 81 13.12 5.80 -0.07
C VAL A 81 12.79 5.37 1.36
N ALA A 82 13.26 6.12 2.35
CA ALA A 82 13.01 5.82 3.76
C ALA A 82 11.60 6.25 4.22
N LYS A 83 10.99 5.45 5.10
CA LYS A 83 9.67 5.68 5.71
C LYS A 83 9.79 5.68 7.24
N LYS A 84 8.93 6.49 7.89
CA LYS A 84 8.88 6.79 9.35
C LYS A 84 7.40 7.04 9.76
N PRO A 85 7.05 7.14 11.06
CA PRO A 85 5.72 7.62 11.44
C PRO A 85 5.51 9.05 10.89
N GLY A 86 4.44 9.25 10.12
CA GLY A 86 4.21 10.46 9.33
C GLY A 86 4.97 10.44 7.99
N SER A 87 4.73 9.39 7.19
CA SER A 87 5.34 9.22 5.86
C SER A 87 4.33 8.67 4.86
N THR A 88 4.33 9.12 3.60
CA THR A 88 3.36 8.67 2.59
C THR A 88 3.92 7.56 1.69
N VAL A 89 3.04 6.64 1.30
CA VAL A 89 3.35 5.40 0.57
C VAL A 89 2.41 5.20 -0.62
N ILE A 90 2.86 4.43 -1.60
CA ILE A 90 2.13 4.07 -2.82
C ILE A 90 2.15 2.55 -3.07
N ALA A 91 1.06 2.03 -3.65
CA ALA A 91 0.86 0.61 -3.88
C ALA A 91 1.92 -0.01 -4.81
N GLY A 92 2.17 -1.32 -4.65
CA GLY A 92 3.12 -2.06 -5.47
C GLY A 92 4.60 -1.77 -5.20
N SER A 93 4.93 -0.80 -4.34
CA SER A 93 6.29 -0.61 -3.84
C SER A 93 6.61 -1.69 -2.79
N ILE A 94 7.89 -2.03 -2.63
CA ILE A 94 8.33 -3.19 -1.81
C ILE A 94 9.01 -2.72 -0.52
N ASN A 95 8.64 -3.28 0.62
CA ASN A 95 9.09 -2.89 1.96
C ASN A 95 10.34 -3.66 2.44
N GLN A 96 11.17 -3.08 3.31
CA GLN A 96 12.35 -3.73 3.90
C GLN A 96 12.77 -3.08 5.24
N ASN A 97 13.15 -3.89 6.24
CA ASN A 97 13.73 -3.55 7.55
C ASN A 97 12.77 -3.54 8.77
N GLY A 98 11.45 -3.39 8.60
CA GLY A 98 10.51 -3.26 9.72
C GLY A 98 9.04 -3.51 9.35
N SER A 99 8.15 -3.43 10.34
CA SER A 99 6.70 -3.62 10.18
C SER A 99 5.92 -2.37 10.61
N LEU A 100 5.08 -1.87 9.71
CA LEU A 100 4.44 -0.55 9.79
C LEU A 100 2.90 -0.64 9.76
N LEU A 101 2.25 0.44 10.20
CA LEU A 101 0.79 0.61 10.14
C LEU A 101 0.42 1.75 9.19
N ILE A 102 -0.34 1.44 8.13
CA ILE A 102 -0.87 2.40 7.16
C ILE A 102 -2.34 2.72 7.50
N CYS A 103 -2.67 4.00 7.69
CA CYS A 103 -4.05 4.44 7.80
C CYS A 103 -4.67 4.63 6.40
N ALA A 104 -5.57 3.74 6.00
CA ALA A 104 -6.09 3.73 4.62
C ALA A 104 -7.15 4.81 4.43
N THR A 105 -6.82 5.80 3.58
CA THR A 105 -7.70 6.94 3.24
C THR A 105 -8.18 6.89 1.78
N HIS A 106 -7.74 5.88 1.02
CA HIS A 106 -8.08 5.62 -0.38
C HIS A 106 -8.30 4.10 -0.58
N VAL A 107 -9.28 3.71 -1.40
CA VAL A 107 -9.52 2.32 -1.83
C VAL A 107 -8.70 1.93 -3.07
N GLY A 108 -8.81 0.68 -3.55
CA GLY A 108 -8.02 0.22 -4.72
C GLY A 108 -8.37 0.96 -6.01
N ALA A 109 -9.65 1.26 -6.25
CA ALA A 109 -10.10 2.10 -7.37
C ALA A 109 -9.55 3.55 -7.30
N ASP A 110 -9.35 4.05 -6.09
CA ASP A 110 -8.76 5.34 -5.73
C ASP A 110 -7.21 5.37 -5.87
N THR A 111 -6.55 4.25 -6.21
CA THR A 111 -5.08 4.17 -6.33
C THR A 111 -4.50 4.92 -7.51
N THR A 112 -3.36 5.58 -7.32
CA THR A 112 -2.63 6.29 -8.40
C THR A 112 -2.17 5.34 -9.52
N LEU A 113 -1.86 4.08 -9.19
CA LEU A 113 -1.58 3.01 -10.17
C LEU A 113 -2.73 2.83 -11.16
N SER A 114 -3.96 2.73 -10.63
CA SER A 114 -5.17 2.65 -11.45
C SER A 114 -5.37 3.94 -12.25
N GLN A 115 -5.05 5.10 -11.68
CA GLN A 115 -5.21 6.39 -12.38
C GLN A 115 -4.24 6.52 -13.57
N ILE A 116 -2.99 6.08 -13.42
CA ILE A 116 -1.97 6.10 -14.47
C ILE A 116 -2.45 5.29 -15.69
N VAL A 117 -2.90 4.04 -15.47
CA VAL A 117 -3.39 3.19 -16.56
C VAL A 117 -4.74 3.65 -17.12
N LYS A 118 -5.62 4.23 -16.30
CA LYS A 118 -6.88 4.86 -16.77
C LYS A 118 -6.59 5.94 -17.81
N LEU A 119 -5.61 6.81 -17.52
CA LEU A 119 -5.18 7.89 -18.41
C LEU A 119 -4.53 7.39 -19.71
N VAL A 120 -3.68 6.36 -19.64
CA VAL A 120 -3.08 5.74 -20.86
C VAL A 120 -4.17 5.09 -21.72
N GLU A 121 -5.05 4.32 -21.08
CA GLU A 121 -6.15 3.60 -21.73
C GLU A 121 -7.11 4.54 -22.48
N GLU A 122 -7.39 5.73 -21.94
CA GLU A 122 -8.23 6.75 -22.59
C GLU A 122 -7.58 7.41 -23.83
N ALA A 123 -6.25 7.46 -23.90
CA ALA A 123 -5.53 8.21 -24.93
C ALA A 123 -5.74 7.60 -26.32
N GLN A 124 -5.72 6.26 -26.39
CA GLN A 124 -6.06 5.45 -27.56
C GLN A 124 -7.47 5.72 -28.08
N SER A 6 4.89 0.41 -23.00
CA SER A 6 3.92 -0.57 -23.51
C SER A 6 3.69 -1.76 -22.57
N GLU A 7 4.75 -2.33 -22.00
CA GLU A 7 4.70 -3.48 -21.09
C GLU A 7 4.43 -3.06 -19.63
N ALA A 8 4.83 -1.85 -19.26
CA ALA A 8 4.48 -1.23 -17.97
C ALA A 8 2.96 -1.00 -17.84
N LEU A 9 2.28 -0.59 -18.92
CA LEU A 9 0.83 -0.36 -18.93
C LEU A 9 0.02 -1.60 -18.50
N ALA A 10 0.50 -2.80 -18.84
CA ALA A 10 -0.02 -4.06 -18.29
C ALA A 10 0.47 -4.34 -16.85
N LYS A 11 1.76 -4.09 -16.57
CA LYS A 11 2.41 -4.38 -15.28
C LYS A 11 1.77 -3.64 -14.10
N LEU A 12 1.28 -2.42 -14.30
CA LEU A 12 0.52 -1.66 -13.28
C LEU A 12 -0.74 -2.42 -12.79
N ILE A 13 -1.44 -3.14 -13.68
CA ILE A 13 -2.57 -4.01 -13.29
C ILE A 13 -2.08 -5.28 -12.58
N SER A 14 -0.97 -5.86 -13.02
CA SER A 14 -0.36 -7.05 -12.39
C SER A 14 0.17 -6.76 -10.97
N LEU A 15 0.51 -5.50 -10.67
CA LEU A 15 0.93 -4.99 -9.37
C LEU A 15 -0.21 -4.85 -8.33
N GLN A 16 -1.49 -4.84 -8.74
CA GLN A 16 -2.62 -4.70 -7.81
C GLN A 16 -2.87 -6.00 -7.01
N ALA A 17 -3.29 -5.86 -5.75
CA ALA A 17 -3.50 -6.96 -4.81
C ALA A 17 -4.89 -7.59 -4.95
N THR A 18 -5.05 -8.85 -4.53
CA THR A 18 -6.35 -9.56 -4.42
C THR A 18 -6.97 -9.49 -3.02
N GLU A 19 -6.13 -9.41 -1.98
CA GLU A 19 -6.52 -9.48 -0.55
C GLU A 19 -5.71 -8.50 0.33
N ALA A 20 -6.22 -8.21 1.53
CA ALA A 20 -5.55 -7.38 2.54
C ALA A 20 -5.77 -7.90 3.98
N THR A 21 -4.90 -7.50 4.91
CA THR A 21 -5.01 -7.83 6.35
C THR A 21 -5.50 -6.64 7.18
N ILE A 22 -6.59 -6.78 7.94
CA ILE A 22 -7.18 -5.73 8.80
C ILE A 22 -6.89 -5.99 10.28
N VAL A 23 -6.40 -4.99 11.01
CA VAL A 23 -6.11 -5.08 12.46
C VAL A 23 -7.07 -4.22 13.29
N THR A 24 -7.62 -4.77 14.39
CA THR A 24 -8.63 -4.10 15.23
C THR A 24 -8.40 -4.34 16.73
N LEU A 25 -8.47 -3.27 17.53
CA LEU A 25 -8.37 -3.32 19.00
C LEU A 25 -9.75 -3.12 19.65
N ASP A 26 -10.02 -3.81 20.78
CA ASP A 26 -11.38 -3.82 21.38
C ASP A 26 -11.45 -3.86 22.92
N SER A 27 -10.35 -3.52 23.62
CA SER A 27 -10.32 -3.43 25.10
C SER A 27 -9.45 -2.29 25.64
N ASP A 28 -8.13 -2.47 25.56
CA ASP A 28 -7.08 -1.65 26.19
C ASP A 28 -5.75 -1.82 25.43
N ASN A 29 -5.83 -1.93 24.10
CA ASN A 29 -4.77 -2.39 23.18
C ASN A 29 -4.37 -3.87 23.36
N ILE A 30 -4.69 -4.52 24.49
CA ILE A 30 -4.41 -5.96 24.72
C ILE A 30 -5.22 -6.90 23.79
N LEU A 31 -6.49 -6.55 23.51
CA LEU A 31 -7.41 -7.30 22.66
C LEU A 31 -7.19 -6.97 21.17
N LEU A 32 -6.13 -7.53 20.59
CA LEU A 32 -5.78 -7.42 19.17
C LEU A 32 -6.25 -8.64 18.38
N SER A 33 -7.10 -8.40 17.37
CA SER A 33 -7.72 -9.41 16.51
C SER A 33 -7.53 -9.02 15.03
N GLU A 34 -7.07 -9.96 14.21
CA GLU A 34 -6.64 -9.72 12.82
C GLU A 34 -7.45 -10.55 11.81
N GLU A 35 -7.74 -9.99 10.64
CA GLU A 35 -8.52 -10.63 9.57
C GLU A 35 -7.81 -10.54 8.23
N GLN A 36 -7.91 -11.57 7.38
CA GLN A 36 -7.51 -11.50 5.97
C GLN A 36 -8.77 -11.51 5.10
N VAL A 37 -8.92 -10.53 4.21
CA VAL A 37 -10.16 -10.28 3.44
C VAL A 37 -9.88 -10.04 1.96
N ASP A 38 -10.90 -10.19 1.10
CA ASP A 38 -10.79 -9.83 -0.31
C ASP A 38 -10.78 -8.30 -0.45
N VAL A 39 -10.01 -7.75 -1.39
CA VAL A 39 -9.78 -6.29 -1.50
C VAL A 39 -11.04 -5.46 -1.90
N GLU A 40 -12.17 -6.14 -2.15
CA GLU A 40 -13.52 -5.59 -2.31
C GLU A 40 -14.22 -5.29 -0.96
N LEU A 41 -13.80 -5.96 0.13
CA LEU A 41 -14.50 -5.99 1.42
C LEU A 41 -13.86 -5.09 2.50
N VAL A 42 -12.67 -4.57 2.21
CA VAL A 42 -11.96 -3.52 2.94
C VAL A 42 -12.42 -2.15 2.39
N GLN A 43 -12.52 -1.13 3.23
CA GLN A 43 -12.90 0.24 2.83
C GLN A 43 -11.71 1.21 2.83
N ARG A 44 -11.80 2.34 2.12
CA ARG A 44 -10.73 3.37 1.98
C ARG A 44 -10.49 4.25 3.21
N GLY A 45 -10.70 3.67 4.39
CA GLY A 45 -10.38 4.20 5.72
C GLY A 45 -10.01 3.12 6.75
N ASP A 46 -9.67 1.90 6.31
CA ASP A 46 -9.21 0.82 7.20
C ASP A 46 -7.71 0.91 7.54
N ILE A 47 -7.32 0.28 8.65
CA ILE A 47 -5.97 0.36 9.25
C ILE A 47 -5.15 -0.93 9.05
N ILE A 48 -3.94 -0.79 8.48
CA ILE A 48 -3.11 -1.90 8.00
C ILE A 48 -1.68 -1.83 8.59
N LYS A 49 -1.27 -2.86 9.35
CA LYS A 49 0.12 -3.06 9.81
C LYS A 49 0.94 -3.79 8.74
N VAL A 50 2.02 -3.19 8.23
CA VAL A 50 2.88 -3.80 7.19
C VAL A 50 4.11 -4.47 7.80
N VAL A 51 4.45 -5.66 7.27
CA VAL A 51 5.60 -6.48 7.72
C VAL A 51 6.91 -6.12 7.02
N PRO A 52 8.07 -6.29 7.69
CA PRO A 52 9.38 -6.18 7.04
C PRO A 52 9.51 -7.19 5.89
N GLY A 53 10.18 -6.77 4.81
CA GLY A 53 10.39 -7.60 3.62
C GLY A 53 9.18 -7.78 2.69
N GLY A 54 7.96 -7.41 3.13
CA GLY A 54 6.71 -7.61 2.39
C GLY A 54 6.45 -6.61 1.25
N LYS A 55 5.25 -6.66 0.66
CA LYS A 55 4.74 -5.69 -0.32
C LYS A 55 3.55 -4.90 0.24
N PHE A 56 3.28 -3.72 -0.32
CA PHE A 56 2.14 -2.87 0.05
C PHE A 56 0.89 -3.18 -0.82
N PRO A 57 -0.29 -3.49 -0.25
CA PRO A 57 -1.49 -3.88 -1.02
C PRO A 57 -2.45 -2.73 -1.38
N VAL A 58 -2.30 -1.54 -0.77
CA VAL A 58 -3.10 -0.32 -1.01
C VAL A 58 -2.23 0.91 -0.75
N ASP A 59 -2.63 2.09 -1.24
CA ASP A 59 -1.93 3.36 -0.97
C ASP A 59 -2.51 4.11 0.24
N GLY A 60 -1.62 4.65 1.08
CA GLY A 60 -1.97 5.22 2.39
C GLY A 60 -0.86 6.03 3.04
N ARG A 61 -1.16 6.61 4.21
CA ARG A 61 -0.25 7.43 5.02
C ARG A 61 0.34 6.62 6.20
N VAL A 62 1.59 6.92 6.55
CA VAL A 62 2.42 6.23 7.56
C VAL A 62 2.41 7.03 8.85
N ILE A 63 2.06 6.41 9.98
CA ILE A 63 1.94 7.12 11.27
C ILE A 63 2.46 6.33 12.48
N GLU A 64 3.46 5.47 12.27
CA GLU A 64 4.30 4.82 13.28
C GLU A 64 5.47 4.11 12.58
N GLY A 65 6.65 4.05 13.22
CA GLY A 65 7.78 3.23 12.79
C GLY A 65 8.69 3.87 11.74
N HIS A 66 9.66 3.09 11.27
CA HIS A 66 10.71 3.53 10.34
C HIS A 66 11.17 2.38 9.44
N SER A 67 11.00 2.53 8.12
CA SER A 67 11.29 1.51 7.09
C SER A 67 11.87 2.13 5.81
N MET A 68 12.47 1.31 4.96
CA MET A 68 12.98 1.70 3.63
C MET A 68 12.21 0.95 2.53
N VAL A 69 11.74 1.71 1.53
CA VAL A 69 10.79 1.28 0.49
C VAL A 69 11.37 1.46 -0.92
N ASP A 70 11.05 0.51 -1.80
CA ASP A 70 11.47 0.47 -3.21
C ASP A 70 10.37 0.99 -4.15
N GLU A 71 10.37 2.29 -4.43
CA GLU A 71 9.34 2.99 -5.24
C GLU A 71 9.65 3.02 -6.75
N SER A 72 10.67 2.27 -7.21
CA SER A 72 11.28 2.31 -8.55
C SER A 72 10.31 2.23 -9.72
N LEU A 73 9.35 1.30 -9.72
CA LEU A 73 8.45 1.12 -10.88
C LEU A 73 7.35 2.20 -10.92
N ILE A 74 6.84 2.58 -9.74
CA ILE A 74 5.75 3.56 -9.64
C ILE A 74 6.26 4.97 -9.95
N THR A 75 7.38 5.36 -9.33
CA THR A 75 7.91 6.74 -9.34
C THR A 75 9.16 6.92 -10.20
N GLY A 76 9.79 5.84 -10.67
CA GLY A 76 10.93 5.83 -11.60
C GLY A 76 12.32 6.07 -10.97
N GLU A 77 12.40 6.37 -9.67
CA GLU A 77 13.62 6.83 -9.00
C GLU A 77 14.80 5.84 -9.14
N ALA A 78 14.54 4.55 -8.88
CA ALA A 78 15.50 3.45 -8.89
C ALA A 78 16.64 3.68 -7.88
N MET A 79 16.22 4.10 -6.69
CA MET A 79 16.98 4.29 -5.46
C MET A 79 16.04 4.12 -4.24
N PRO A 80 16.42 3.38 -3.18
CA PRO A 80 15.56 3.18 -2.01
C PRO A 80 15.21 4.47 -1.26
N VAL A 81 13.99 4.55 -0.69
CA VAL A 81 13.42 5.75 -0.04
C VAL A 81 13.05 5.45 1.42
N ALA A 82 13.51 6.29 2.36
CA ALA A 82 13.25 6.12 3.80
C ALA A 82 11.90 6.72 4.23
N LYS A 83 11.22 6.09 5.20
CA LYS A 83 9.91 6.48 5.75
C LYS A 83 9.97 6.71 7.28
N LYS A 84 8.99 7.46 7.81
CA LYS A 84 8.85 7.89 9.21
C LYS A 84 7.35 8.10 9.56
N PRO A 85 6.95 8.33 10.83
CA PRO A 85 5.61 8.84 11.13
C PRO A 85 5.43 10.20 10.45
N GLY A 86 4.41 10.35 9.62
CA GLY A 86 4.23 11.49 8.72
C GLY A 86 4.95 11.31 7.37
N SER A 87 4.84 10.12 6.76
CA SER A 87 5.25 9.84 5.37
C SER A 87 4.06 9.24 4.60
N THR A 88 4.14 9.12 3.27
CA THR A 88 3.14 8.36 2.48
C THR A 88 3.75 7.21 1.68
N VAL A 89 2.93 6.22 1.33
CA VAL A 89 3.30 5.00 0.60
C VAL A 89 2.25 4.62 -0.45
N ILE A 90 2.69 3.81 -1.43
CA ILE A 90 1.91 3.35 -2.59
C ILE A 90 1.93 1.82 -2.73
N ALA A 91 0.89 1.28 -3.37
CA ALA A 91 0.74 -0.16 -3.56
C ALA A 91 1.72 -0.76 -4.60
N GLY A 92 1.94 -2.07 -4.54
CA GLY A 92 2.82 -2.81 -5.45
C GLY A 92 4.33 -2.59 -5.23
N SER A 93 4.69 -1.66 -4.35
CA SER A 93 6.08 -1.39 -3.94
C SER A 93 6.52 -2.32 -2.80
N ILE A 94 7.83 -2.43 -2.58
CA ILE A 94 8.45 -3.44 -1.69
C ILE A 94 9.05 -2.79 -0.44
N ASN A 95 8.91 -3.43 0.72
CA ASN A 95 9.58 -3.11 1.99
C ASN A 95 10.91 -3.89 2.07
N GLN A 96 12.00 -3.25 2.50
CA GLN A 96 13.26 -3.92 2.84
C GLN A 96 13.22 -4.44 4.28
N ASN A 97 13.31 -3.54 5.25
CA ASN A 97 13.09 -3.78 6.68
C ASN A 97 12.34 -2.57 7.25
N GLY A 98 11.71 -2.72 8.41
CA GLY A 98 10.97 -1.70 9.16
C GLY A 98 9.48 -2.04 9.26
N SER A 99 8.90 -1.81 10.44
CA SER A 99 7.55 -2.26 10.81
C SER A 99 6.63 -1.06 11.01
N LEU A 100 5.87 -0.68 9.98
CA LEU A 100 5.08 0.55 9.93
C LEU A 100 3.56 0.32 10.12
N LEU A 101 2.89 1.35 10.62
CA LEU A 101 1.43 1.42 10.75
C LEU A 101 0.87 2.35 9.65
N ILE A 102 0.04 1.80 8.75
CA ILE A 102 -0.48 2.50 7.57
C ILE A 102 -2.01 2.71 7.67
N CYS A 103 -2.49 3.94 7.46
CA CYS A 103 -3.92 4.22 7.28
C CYS A 103 -4.24 4.43 5.79
N ALA A 104 -5.20 3.67 5.25
CA ALA A 104 -5.50 3.68 3.82
C ALA A 104 -6.36 4.89 3.40
N THR A 105 -6.22 5.33 2.15
CA THR A 105 -7.11 6.33 1.52
C THR A 105 -7.67 5.94 0.17
N HIS A 106 -7.27 4.79 -0.39
CA HIS A 106 -7.89 4.17 -1.56
C HIS A 106 -7.97 2.64 -1.40
N VAL A 107 -9.06 2.01 -1.87
CA VAL A 107 -9.14 0.55 -2.05
C VAL A 107 -8.35 0.15 -3.30
N GLY A 108 -8.04 -1.14 -3.50
CA GLY A 108 -7.08 -1.56 -4.54
C GLY A 108 -7.45 -1.10 -5.96
N ALA A 109 -8.73 -1.16 -6.33
CA ALA A 109 -9.22 -0.65 -7.63
C ALA A 109 -9.12 0.89 -7.75
N ASP A 110 -9.43 1.58 -6.65
CA ASP A 110 -9.36 3.03 -6.45
C ASP A 110 -7.93 3.60 -6.29
N THR A 111 -6.89 2.75 -6.16
CA THR A 111 -5.51 3.18 -5.88
C THR A 111 -4.89 4.03 -6.99
N THR A 112 -3.85 4.80 -6.65
CA THR A 112 -3.07 5.62 -7.58
C THR A 112 -2.54 4.85 -8.82
N LEU A 113 -2.38 3.52 -8.74
CA LEU A 113 -1.99 2.64 -9.86
C LEU A 113 -2.99 2.70 -11.03
N SER A 114 -4.29 2.64 -10.75
CA SER A 114 -5.33 2.70 -11.79
C SER A 114 -5.43 4.09 -12.41
N GLN A 115 -4.96 5.13 -11.71
CA GLN A 115 -4.90 6.49 -12.27
C GLN A 115 -3.80 6.60 -13.35
N ILE A 116 -2.66 5.94 -13.15
CA ILE A 116 -1.53 5.96 -14.12
C ILE A 116 -1.97 5.40 -15.47
N VAL A 117 -2.53 4.17 -15.51
CA VAL A 117 -2.96 3.54 -16.76
C VAL A 117 -4.15 4.24 -17.43
N LYS A 118 -4.95 4.99 -16.65
CA LYS A 118 -6.00 5.88 -17.18
C LYS A 118 -5.44 7.16 -17.79
N LEU A 119 -4.41 7.79 -17.19
CA LEU A 119 -3.78 9.00 -17.71
C LEU A 119 -3.07 8.77 -19.06
N VAL A 120 -2.45 7.60 -19.22
CA VAL A 120 -1.82 7.20 -20.49
C VAL A 120 -2.89 6.92 -21.56
N GLU A 121 -3.89 6.07 -21.27
CA GLU A 121 -4.95 5.75 -22.24
C GLU A 121 -5.96 6.89 -22.53
N GLU A 122 -6.10 7.90 -21.66
CA GLU A 122 -6.84 9.12 -21.99
C GLU A 122 -6.10 10.00 -23.00
N ALA A 123 -4.75 10.02 -22.95
CA ALA A 123 -3.91 10.75 -23.90
C ALA A 123 -3.91 10.09 -25.30
N GLN A 124 -3.58 8.79 -25.37
CA GLN A 124 -3.56 7.94 -26.57
C GLN A 124 -4.83 8.00 -27.44
N SER A 6 3.17 -0.70 -24.14
CA SER A 6 2.00 -1.45 -23.67
C SER A 6 2.38 -2.48 -22.60
N GLU A 7 3.58 -3.05 -22.67
CA GLU A 7 4.14 -3.97 -21.68
C GLU A 7 4.43 -3.29 -20.34
N ALA A 8 4.93 -2.05 -20.38
CA ALA A 8 5.17 -1.26 -19.17
C ALA A 8 3.86 -0.85 -18.48
N LEU A 9 2.81 -0.61 -19.27
CA LEU A 9 1.44 -0.31 -18.80
C LEU A 9 0.77 -1.53 -18.16
N ALA A 10 1.09 -2.74 -18.64
CA ALA A 10 0.55 -3.98 -18.10
C ALA A 10 1.18 -4.36 -16.74
N LYS A 11 2.47 -4.05 -16.53
CA LYS A 11 3.21 -4.40 -15.31
C LYS A 11 2.66 -3.70 -14.06
N LEU A 12 2.06 -2.51 -14.21
CA LEU A 12 1.37 -1.79 -13.13
C LEU A 12 0.14 -2.56 -12.57
N ILE A 13 -0.52 -3.40 -13.38
CA ILE A 13 -1.54 -4.35 -12.91
C ILE A 13 -0.91 -5.53 -12.16
N SER A 14 0.26 -6.02 -12.61
CA SER A 14 0.98 -7.13 -11.99
C SER A 14 1.60 -6.77 -10.63
N LEU A 15 2.00 -5.50 -10.47
CA LEU A 15 2.66 -4.92 -9.28
C LEU A 15 1.81 -5.01 -8.00
N GLN A 16 0.49 -5.12 -8.16
CA GLN A 16 -0.50 -4.99 -7.10
C GLN A 16 -0.61 -6.22 -6.17
N ALA A 17 -1.08 -6.00 -4.95
CA ALA A 17 -1.06 -6.97 -3.85
C ALA A 17 -2.36 -7.76 -3.67
N THR A 18 -3.51 -7.20 -4.04
CA THR A 18 -4.84 -7.86 -4.13
C THR A 18 -5.47 -8.31 -2.79
N GLU A 19 -4.70 -8.66 -1.76
CA GLU A 19 -5.16 -9.11 -0.44
C GLU A 19 -4.33 -8.48 0.69
N ALA A 20 -4.96 -8.20 1.84
CA ALA A 20 -4.38 -7.42 2.94
C ALA A 20 -4.82 -7.88 4.34
N THR A 21 -4.04 -7.50 5.37
CA THR A 21 -4.35 -7.75 6.79
C THR A 21 -4.67 -6.46 7.55
N ILE A 22 -5.93 -6.33 7.97
CA ILE A 22 -6.49 -5.22 8.76
C ILE A 22 -6.13 -5.41 10.24
N VAL A 23 -5.90 -4.32 10.97
CA VAL A 23 -5.83 -4.34 12.44
C VAL A 23 -7.06 -3.61 12.98
N THR A 24 -7.93 -4.35 13.67
CA THR A 24 -9.22 -3.89 14.23
C THR A 24 -9.12 -3.76 15.76
N LEU A 25 -9.72 -2.70 16.32
CA LEU A 25 -9.80 -2.51 17.77
C LEU A 25 -11.02 -3.29 18.30
N ASP A 26 -10.80 -4.52 18.78
CA ASP A 26 -11.88 -5.42 19.18
C ASP A 26 -12.52 -5.06 20.55
N SER A 27 -11.84 -4.19 21.32
CA SER A 27 -12.32 -3.49 22.52
C SER A 27 -11.62 -2.14 22.70
N ASP A 28 -12.37 -1.17 23.24
CA ASP A 28 -12.19 0.31 23.42
C ASP A 28 -10.76 0.87 23.34
N ASN A 29 -10.11 0.77 22.18
CA ASN A 29 -8.67 1.02 21.93
C ASN A 29 -7.71 0.11 22.74
N ILE A 30 -8.20 -0.58 23.76
CA ILE A 30 -7.50 -1.47 24.68
C ILE A 30 -7.12 -2.85 24.10
N LEU A 31 -7.87 -3.35 23.11
CA LEU A 31 -7.74 -4.71 22.56
C LEU A 31 -7.52 -4.68 21.04
N LEU A 32 -6.49 -5.39 20.59
CA LEU A 32 -6.14 -5.54 19.18
C LEU A 32 -6.42 -6.96 18.66
N SER A 33 -6.98 -7.02 17.45
CA SER A 33 -7.11 -8.26 16.66
C SER A 33 -6.88 -7.97 15.17
N GLU A 34 -6.06 -8.78 14.52
CA GLU A 34 -5.70 -8.65 13.11
C GLU A 34 -6.54 -9.61 12.23
N GLU A 35 -7.06 -9.13 11.10
CA GLU A 35 -8.10 -9.78 10.27
C GLU A 35 -7.71 -9.78 8.77
N GLN A 36 -7.81 -10.90 8.04
CA GLN A 36 -7.30 -11.01 6.65
C GLN A 36 -8.44 -10.96 5.60
N VAL A 37 -8.29 -10.10 4.57
CA VAL A 37 -9.34 -9.79 3.56
C VAL A 37 -8.77 -9.58 2.13
N ASP A 38 -9.65 -9.28 1.17
CA ASP A 38 -9.28 -8.78 -0.17
C ASP A 38 -9.24 -7.25 -0.19
N VAL A 39 -8.36 -6.64 -0.99
CA VAL A 39 -8.16 -5.18 -1.05
C VAL A 39 -9.39 -4.40 -1.57
N GLU A 40 -10.30 -5.04 -2.29
CA GLU A 40 -11.62 -4.50 -2.62
C GLU A 40 -12.51 -4.30 -1.37
N LEU A 41 -12.25 -5.04 -0.29
CA LEU A 41 -13.11 -5.15 0.89
C LEU A 41 -12.58 -4.42 2.13
N VAL A 42 -11.34 -3.92 2.14
CA VAL A 42 -10.76 -3.24 3.32
C VAL A 42 -11.56 -1.99 3.71
N GLN A 43 -12.06 -1.25 2.72
CA GLN A 43 -12.74 0.03 2.78
C GLN A 43 -11.94 1.19 3.42
N ARG A 44 -12.23 2.41 2.97
CA ARG A 44 -11.47 3.67 3.22
C ARG A 44 -11.52 4.26 4.65
N GLY A 45 -11.46 3.38 5.65
CA GLY A 45 -11.44 3.72 7.08
C GLY A 45 -10.81 2.68 8.01
N ASP A 46 -10.02 1.75 7.48
CA ASP A 46 -9.19 0.82 8.27
C ASP A 46 -7.68 1.08 8.14
N ILE A 47 -6.90 0.40 9.00
CA ILE A 47 -5.44 0.48 9.06
C ILE A 47 -4.86 -0.92 8.85
N ILE A 48 -3.86 -1.04 7.96
CA ILE A 48 -3.31 -2.30 7.45
C ILE A 48 -1.86 -2.49 7.91
N LYS A 49 -1.49 -3.67 8.45
CA LYS A 49 -0.09 -4.02 8.75
C LYS A 49 0.64 -4.59 7.51
N VAL A 50 1.78 -3.99 7.17
CA VAL A 50 2.70 -4.47 6.12
C VAL A 50 3.92 -5.19 6.74
N VAL A 51 4.29 -6.37 6.23
CA VAL A 51 5.38 -7.20 6.78
C VAL A 51 6.74 -6.94 6.10
N PRO A 52 7.86 -7.44 6.63
CA PRO A 52 9.15 -7.44 5.93
C PRO A 52 9.04 -8.21 4.61
N GLY A 53 9.52 -7.63 3.51
CA GLY A 53 9.35 -8.16 2.14
C GLY A 53 7.95 -7.96 1.54
N GLY A 54 6.97 -7.45 2.29
CA GLY A 54 5.60 -7.23 1.85
C GLY A 54 5.43 -6.01 0.93
N LYS A 55 4.31 -5.96 0.20
CA LYS A 55 3.93 -4.82 -0.66
C LYS A 55 2.83 -3.98 -0.03
N PHE A 56 2.87 -2.67 -0.27
CA PHE A 56 1.78 -1.76 0.08
C PHE A 56 0.58 -2.01 -0.87
N PRO A 57 -0.66 -2.18 -0.36
CA PRO A 57 -1.80 -2.61 -1.20
C PRO A 57 -2.67 -1.46 -1.75
N VAL A 58 -2.58 -0.25 -1.17
CA VAL A 58 -3.34 0.96 -1.52
C VAL A 58 -2.44 2.21 -1.36
N ASP A 59 -2.93 3.41 -1.71
CA ASP A 59 -2.24 4.67 -1.37
C ASP A 59 -2.79 5.29 -0.07
N GLY A 60 -1.90 5.77 0.80
CA GLY A 60 -2.25 6.19 2.16
C GLY A 60 -1.06 6.62 3.01
N ARG A 61 -1.33 6.88 4.30
CA ARG A 61 -0.34 7.40 5.26
C ARG A 61 0.08 6.37 6.31
N VAL A 62 1.38 6.28 6.55
CA VAL A 62 2.04 5.45 7.58
C VAL A 62 2.14 6.28 8.86
N ILE A 63 1.66 5.77 9.99
CA ILE A 63 1.76 6.45 11.30
C ILE A 63 2.08 5.47 12.44
N GLU A 64 2.83 4.42 12.14
CA GLU A 64 3.43 3.49 13.10
C GLU A 64 4.49 2.66 12.38
N GLY A 65 5.70 2.59 12.93
CA GLY A 65 6.83 1.87 12.39
C GLY A 65 7.65 2.64 11.33
N HIS A 66 8.85 2.13 11.04
CA HIS A 66 9.76 2.69 10.04
C HIS A 66 10.49 1.60 9.23
N SER A 67 10.46 1.74 7.90
CA SER A 67 11.22 0.88 6.96
C SER A 67 11.76 1.66 5.76
N MET A 68 12.71 1.06 5.05
CA MET A 68 13.15 1.54 3.74
C MET A 68 12.32 0.84 2.64
N VAL A 69 11.99 1.58 1.58
CA VAL A 69 11.02 1.19 0.55
C VAL A 69 11.51 1.45 -0.87
N ASP A 70 11.19 0.55 -1.79
CA ASP A 70 11.46 0.69 -3.23
C ASP A 70 10.31 1.40 -3.97
N GLU A 71 10.59 2.59 -4.53
CA GLU A 71 9.71 3.32 -5.46
C GLU A 71 10.27 3.33 -6.90
N SER A 72 11.31 2.51 -7.18
CA SER A 72 12.06 2.52 -8.44
C SER A 72 11.19 2.23 -9.67
N LEU A 73 10.21 1.32 -9.62
CA LEU A 73 9.34 1.07 -10.78
C LEU A 73 8.19 2.09 -10.86
N ILE A 74 7.72 2.58 -9.70
CA ILE A 74 6.65 3.59 -9.61
C ILE A 74 7.08 4.90 -10.29
N THR A 75 8.20 5.50 -9.84
CA THR A 75 8.62 6.87 -10.24
C THR A 75 9.99 6.91 -10.94
N GLY A 76 10.69 5.78 -11.04
CA GLY A 76 12.02 5.68 -11.67
C GLY A 76 13.20 6.04 -10.77
N GLU A 77 13.01 6.19 -9.44
CA GLU A 77 14.08 6.62 -8.49
C GLU A 77 15.40 5.84 -8.63
N ALA A 78 15.33 4.51 -8.56
CA ALA A 78 16.47 3.58 -8.53
C ALA A 78 17.44 3.78 -7.34
N MET A 79 16.99 4.55 -6.35
CA MET A 79 17.58 4.76 -5.02
C MET A 79 16.44 4.62 -4.00
N PRO A 80 16.61 3.84 -2.91
CA PRO A 80 15.53 3.52 -1.98
C PRO A 80 15.15 4.70 -1.07
N VAL A 81 13.89 4.71 -0.64
CA VAL A 81 13.24 5.83 0.09
C VAL A 81 12.99 5.44 1.55
N ALA A 82 13.34 6.31 2.49
CA ALA A 82 13.04 6.10 3.91
C ALA A 82 11.58 6.43 4.24
N LYS A 83 10.88 5.54 4.96
CA LYS A 83 9.53 5.75 5.49
C LYS A 83 9.53 5.63 7.02
N LYS A 84 8.69 6.44 7.66
CA LYS A 84 8.62 6.70 9.12
C LYS A 84 7.19 7.10 9.54
N PRO A 85 6.81 7.15 10.82
CA PRO A 85 5.49 7.64 11.22
C PRO A 85 5.27 9.08 10.75
N GLY A 86 4.12 9.37 10.13
CA GLY A 86 3.85 10.63 9.43
C GLY A 86 4.40 10.67 7.99
N SER A 87 4.50 9.54 7.30
CA SER A 87 5.01 9.41 5.91
C SER A 87 3.93 8.89 4.96
N THR A 88 3.97 9.22 3.66
CA THR A 88 2.99 8.74 2.66
C THR A 88 3.55 7.68 1.72
N VAL A 89 2.69 6.78 1.23
CA VAL A 89 3.03 5.62 0.40
C VAL A 89 2.01 5.38 -0.72
N ILE A 90 2.40 4.57 -1.72
CA ILE A 90 1.54 4.10 -2.82
C ILE A 90 1.64 2.59 -3.04
N ALA A 91 0.59 2.02 -3.64
CA ALA A 91 0.49 0.59 -3.88
C ALA A 91 1.57 0.05 -4.83
N GLY A 92 1.98 -1.21 -4.62
CA GLY A 92 2.99 -1.88 -5.45
C GLY A 92 4.45 -1.49 -5.15
N SER A 93 4.68 -0.57 -4.20
CA SER A 93 6.02 -0.34 -3.63
C SER A 93 6.33 -1.44 -2.60
N ILE A 94 7.62 -1.76 -2.40
CA ILE A 94 8.06 -2.95 -1.63
C ILE A 94 8.77 -2.55 -0.33
N ASN A 95 8.40 -3.17 0.80
CA ASN A 95 8.89 -2.88 2.15
C ASN A 95 10.07 -3.81 2.56
N GLN A 96 11.12 -3.29 3.21
CA GLN A 96 12.37 -4.03 3.44
C GLN A 96 12.38 -4.92 4.71
N ASN A 97 12.86 -4.41 5.86
CA ASN A 97 13.18 -5.22 7.06
C ASN A 97 12.25 -5.07 8.28
N GLY A 98 11.65 -3.89 8.49
CA GLY A 98 10.73 -3.59 9.62
C GLY A 98 9.26 -3.46 9.18
N SER A 99 8.33 -3.79 10.08
CA SER A 99 6.87 -3.85 9.83
C SER A 99 6.15 -2.58 10.31
N LEU A 100 5.18 -2.11 9.52
CA LEU A 100 4.52 -0.79 9.65
C LEU A 100 2.99 -0.89 9.58
N LEU A 101 2.29 0.15 10.04
CA LEU A 101 0.83 0.29 9.91
C LEU A 101 0.42 1.50 9.06
N ILE A 102 -0.42 1.27 8.04
CA ILE A 102 -0.81 2.24 7.01
C ILE A 102 -2.33 2.45 6.96
N CYS A 103 -2.78 3.70 6.94
CA CYS A 103 -4.19 4.09 6.91
C CYS A 103 -4.74 4.09 5.48
N ALA A 104 -5.74 3.25 5.18
CA ALA A 104 -6.39 3.20 3.88
C ALA A 104 -7.45 4.31 3.73
N THR A 105 -7.25 5.23 2.78
CA THR A 105 -8.21 6.30 2.42
C THR A 105 -8.82 6.15 1.00
N HIS A 106 -8.50 5.04 0.32
CA HIS A 106 -8.99 4.64 -1.00
C HIS A 106 -8.99 3.10 -1.08
N VAL A 107 -9.97 2.49 -1.76
CA VAL A 107 -9.84 1.06 -2.18
C VAL A 107 -9.03 1.01 -3.47
N GLY A 108 -8.48 -0.15 -3.86
CA GLY A 108 -7.49 -0.23 -4.95
C GLY A 108 -7.92 0.42 -6.27
N ALA A 109 -9.19 0.28 -6.65
CA ALA A 109 -9.79 0.95 -7.81
C ALA A 109 -9.66 2.49 -7.77
N ASP A 110 -9.91 3.10 -6.61
CA ASP A 110 -9.86 4.55 -6.38
C ASP A 110 -8.44 5.15 -6.27
N THR A 111 -7.39 4.32 -6.18
CA THR A 111 -6.00 4.77 -5.97
C THR A 111 -5.40 5.51 -7.18
N THR A 112 -4.32 6.29 -6.96
CA THR A 112 -3.54 6.93 -8.03
C THR A 112 -2.88 5.91 -8.96
N LEU A 113 -2.47 4.74 -8.44
CA LEU A 113 -1.89 3.66 -9.24
C LEU A 113 -2.87 3.17 -10.32
N SER A 114 -4.13 2.97 -9.95
CA SER A 114 -5.23 2.65 -10.88
C SER A 114 -5.63 3.85 -11.75
N GLN A 115 -5.54 5.09 -11.23
CA GLN A 115 -5.85 6.32 -11.97
C GLN A 115 -4.91 6.50 -13.18
N ILE A 116 -3.61 6.22 -12.99
CA ILE A 116 -2.57 6.32 -14.03
C ILE A 116 -2.88 5.39 -15.20
N VAL A 117 -3.07 4.10 -14.97
CA VAL A 117 -3.27 3.13 -16.07
C VAL A 117 -4.59 3.34 -16.83
N LYS A 118 -5.60 3.96 -16.18
CA LYS A 118 -6.84 4.41 -16.82
C LYS A 118 -6.63 5.65 -17.69
N LEU A 119 -5.95 6.68 -17.18
CA LEU A 119 -5.67 7.92 -17.92
C LEU A 119 -4.72 7.71 -19.11
N VAL A 120 -3.84 6.71 -19.04
CA VAL A 120 -3.03 6.26 -20.18
C VAL A 120 -3.93 5.56 -21.20
N GLU A 121 -4.70 4.55 -20.80
CA GLU A 121 -5.58 3.77 -21.70
C GLU A 121 -6.61 4.61 -22.47
N GLU A 122 -7.11 5.70 -21.87
CA GLU A 122 -8.02 6.65 -22.51
C GLU A 122 -7.36 7.45 -23.65
N ALA A 123 -6.04 7.69 -23.58
CA ALA A 123 -5.33 8.60 -24.47
C ALA A 123 -5.16 8.01 -25.88
N GLN A 124 -4.49 6.86 -26.00
CA GLN A 124 -4.16 6.19 -27.25
C GLN A 124 -5.36 5.53 -27.94
N SER A 6 4.71 -0.78 -23.24
CA SER A 6 3.49 -1.59 -23.36
C SER A 6 3.46 -2.83 -22.47
N GLU A 7 4.59 -3.27 -21.91
CA GLU A 7 4.63 -4.31 -20.87
C GLU A 7 4.39 -3.70 -19.48
N ALA A 8 4.83 -2.46 -19.27
CA ALA A 8 4.50 -1.69 -18.07
C ALA A 8 2.99 -1.41 -17.94
N LEU A 9 2.28 -1.30 -19.08
CA LEU A 9 0.82 -1.14 -19.10
C LEU A 9 0.09 -2.35 -18.47
N ALA A 10 0.66 -3.56 -18.62
CA ALA A 10 0.22 -4.74 -17.89
C ALA A 10 0.70 -4.74 -16.42
N LYS A 11 1.96 -4.33 -16.17
CA LYS A 11 2.61 -4.37 -14.84
C LYS A 11 1.89 -3.50 -13.80
N LEU A 12 1.35 -2.34 -14.16
CA LEU A 12 0.61 -1.47 -13.23
C LEU A 12 -0.63 -2.14 -12.61
N ILE A 13 -1.32 -3.03 -13.34
CA ILE A 13 -2.36 -3.90 -12.78
C ILE A 13 -1.77 -5.04 -11.95
N SER A 14 -0.66 -5.66 -12.40
CA SER A 14 -0.01 -6.79 -11.70
C SER A 14 0.54 -6.42 -10.32
N LEU A 15 0.99 -5.16 -10.17
CA LEU A 15 1.52 -4.53 -8.97
C LEU A 15 0.50 -4.39 -7.83
N GLN A 16 -0.79 -4.36 -8.15
CA GLN A 16 -1.85 -4.17 -7.16
C GLN A 16 -2.13 -5.51 -6.45
N ALA A 17 -1.97 -5.50 -5.12
CA ALA A 17 -1.90 -6.68 -4.26
C ALA A 17 -3.17 -7.56 -4.17
N THR A 18 -4.35 -7.02 -4.51
CA THR A 18 -5.65 -7.74 -4.48
C THR A 18 -6.17 -8.14 -3.08
N GLU A 19 -5.32 -8.24 -2.05
CA GLU A 19 -5.71 -8.54 -0.66
C GLU A 19 -5.16 -7.54 0.37
N ALA A 20 -5.88 -7.38 1.49
CA ALA A 20 -5.57 -6.45 2.57
C ALA A 20 -5.69 -7.14 3.95
N THR A 21 -4.81 -6.77 4.88
CA THR A 21 -4.67 -7.44 6.19
C THR A 21 -4.98 -6.49 7.37
N ILE A 22 -6.20 -6.57 7.89
CA ILE A 22 -6.79 -5.68 8.89
C ILE A 22 -6.34 -6.05 10.31
N VAL A 23 -6.01 -5.04 11.13
CA VAL A 23 -5.79 -5.22 12.59
C VAL A 23 -7.04 -4.84 13.41
N THR A 24 -7.29 -5.59 14.50
CA THR A 24 -8.52 -5.56 15.31
C THR A 24 -8.22 -5.64 16.81
N LEU A 25 -8.56 -4.59 17.57
CA LEU A 25 -8.38 -4.52 19.02
C LEU A 25 -9.73 -4.74 19.73
N ASP A 26 -10.18 -5.98 19.80
CA ASP A 26 -11.43 -6.35 20.51
C ASP A 26 -11.30 -6.24 22.04
N SER A 27 -10.07 -6.19 22.54
CA SER A 27 -9.68 -6.01 23.94
C SER A 27 -8.38 -5.18 24.03
N ASP A 28 -8.41 -4.15 24.90
CA ASP A 28 -7.50 -3.01 25.17
C ASP A 28 -6.02 -3.13 24.70
N ASN A 29 -5.79 -3.23 23.38
CA ASN A 29 -4.53 -3.61 22.71
C ASN A 29 -4.01 -5.02 23.05
N ILE A 30 -4.36 -5.57 24.23
CA ILE A 30 -4.05 -6.88 24.84
C ILE A 30 -4.48 -8.14 24.06
N LEU A 31 -5.00 -7.96 22.84
CA LEU A 31 -5.45 -9.00 21.92
C LEU A 31 -4.86 -8.87 20.50
N LEU A 32 -4.79 -7.62 20.02
CA LEU A 32 -4.33 -7.17 18.68
C LEU A 32 -4.44 -8.28 17.60
N SER A 33 -5.66 -8.68 17.24
CA SER A 33 -5.94 -9.73 16.26
C SER A 33 -5.76 -9.21 14.84
N GLU A 34 -5.45 -10.09 13.89
CA GLU A 34 -5.33 -9.76 12.47
C GLU A 34 -6.24 -10.62 11.57
N GLU A 35 -6.74 -10.05 10.47
CA GLU A 35 -7.74 -10.62 9.55
C GLU A 35 -7.34 -10.36 8.09
N GLN A 36 -7.52 -11.31 7.17
CA GLN A 36 -7.26 -11.10 5.74
C GLN A 36 -8.54 -11.02 4.92
N VAL A 37 -8.65 -9.99 4.08
CA VAL A 37 -9.81 -9.69 3.23
C VAL A 37 -9.38 -9.36 1.79
N ASP A 38 -10.36 -9.18 0.91
CA ASP A 38 -10.16 -8.65 -0.45
C ASP A 38 -10.05 -7.12 -0.45
N VAL A 39 -9.21 -6.58 -1.36
CA VAL A 39 -8.92 -5.14 -1.44
C VAL A 39 -10.14 -4.26 -1.82
N GLU A 40 -11.29 -4.85 -2.20
CA GLU A 40 -12.57 -4.13 -2.32
C GLU A 40 -13.32 -4.04 -0.97
N LEU A 41 -13.12 -5.00 -0.07
CA LEU A 41 -13.90 -5.20 1.15
C LEU A 41 -13.33 -4.47 2.37
N VAL A 42 -12.03 -4.10 2.34
CA VAL A 42 -11.36 -3.36 3.42
C VAL A 42 -11.90 -1.93 3.58
N GLN A 43 -12.08 -1.20 2.48
CA GLN A 43 -12.56 0.19 2.43
C GLN A 43 -11.71 1.22 3.19
N ARG A 44 -11.96 2.50 2.89
CA ARG A 44 -11.13 3.66 3.29
C ARG A 44 -11.21 4.10 4.77
N GLY A 45 -11.52 3.18 5.68
CA GLY A 45 -11.70 3.46 7.12
C GLY A 45 -10.87 2.62 8.10
N ASP A 46 -10.15 1.59 7.64
CA ASP A 46 -9.38 0.65 8.49
C ASP A 46 -7.85 0.89 8.51
N ILE A 47 -7.13 0.12 9.33
CA ILE A 47 -5.68 0.17 9.53
C ILE A 47 -5.03 -1.20 9.24
N ILE A 48 -3.92 -1.19 8.51
CA ILE A 48 -3.24 -2.38 7.94
C ILE A 48 -1.78 -2.41 8.40
N LYS A 49 -1.32 -3.50 9.05
CA LYS A 49 0.09 -3.65 9.49
C LYS A 49 0.91 -4.53 8.54
N VAL A 50 2.01 -3.99 7.99
CA VAL A 50 2.84 -4.64 6.95
C VAL A 50 4.12 -5.26 7.54
N VAL A 51 4.55 -6.42 7.02
CA VAL A 51 5.72 -7.17 7.52
C VAL A 51 7.04 -6.75 6.84
N PRO A 52 8.22 -7.09 7.41
CA PRO A 52 9.50 -6.93 6.72
C PRO A 52 9.52 -7.73 5.41
N GLY A 53 9.96 -7.12 4.31
CA GLY A 53 9.88 -7.73 2.97
C GLY A 53 8.48 -7.70 2.30
N GLY A 54 7.44 -7.17 2.97
CA GLY A 54 6.07 -7.09 2.44
C GLY A 54 5.86 -6.02 1.36
N LYS A 55 4.66 -5.98 0.78
CA LYS A 55 4.25 -5.07 -0.32
C LYS A 55 3.05 -4.21 0.08
N PHE A 56 2.97 -2.96 -0.39
CA PHE A 56 1.89 -2.02 -0.02
C PHE A 56 0.65 -2.18 -0.94
N PRO A 57 -0.59 -2.31 -0.41
CA PRO A 57 -1.78 -2.61 -1.21
C PRO A 57 -2.56 -1.38 -1.72
N VAL A 58 -2.39 -0.20 -1.12
CA VAL A 58 -3.09 1.07 -1.43
C VAL A 58 -2.15 2.26 -1.15
N ASP A 59 -2.45 3.47 -1.63
CA ASP A 59 -1.73 4.68 -1.21
C ASP A 59 -2.35 5.32 0.05
N GLY A 60 -1.52 5.56 1.07
CA GLY A 60 -1.96 5.97 2.41
C GLY A 60 -0.80 6.47 3.29
N ARG A 61 -1.05 6.61 4.60
CA ARG A 61 -0.09 7.18 5.56
C ARG A 61 0.32 6.17 6.66
N VAL A 62 1.63 6.13 6.93
CA VAL A 62 2.31 5.34 7.95
C VAL A 62 2.25 6.09 9.29
N ILE A 63 1.84 5.42 10.37
CA ILE A 63 1.71 6.01 11.72
C ILE A 63 2.15 5.05 12.84
N GLU A 64 3.13 4.19 12.57
CA GLU A 64 3.88 3.40 13.55
C GLU A 64 5.09 2.76 12.84
N GLY A 65 6.26 2.76 13.47
CA GLY A 65 7.42 2.00 13.02
C GLY A 65 8.29 2.70 11.95
N HIS A 66 9.32 1.97 11.51
CA HIS A 66 10.39 2.47 10.66
C HIS A 66 10.87 1.39 9.68
N SER A 67 10.78 1.67 8.37
CA SER A 67 11.33 0.81 7.31
C SER A 67 11.82 1.65 6.13
N MET A 68 12.50 1.01 5.17
CA MET A 68 12.87 1.58 3.88
C MET A 68 12.02 0.99 2.74
N VAL A 69 11.76 1.76 1.68
CA VAL A 69 10.79 1.43 0.62
C VAL A 69 11.40 1.56 -0.79
N ASP A 70 11.17 0.56 -1.65
CA ASP A 70 11.63 0.52 -3.05
C ASP A 70 10.47 0.91 -4.01
N GLU A 71 10.52 2.11 -4.58
CA GLU A 71 9.43 2.71 -5.40
C GLU A 71 9.84 3.07 -6.85
N SER A 72 11.06 2.70 -7.26
CA SER A 72 11.67 3.01 -8.57
C SER A 72 10.81 2.82 -9.82
N LEU A 73 9.80 1.94 -9.82
CA LEU A 73 8.87 1.78 -10.96
C LEU A 73 7.74 2.83 -10.95
N ILE A 74 7.16 3.13 -9.79
CA ILE A 74 5.95 3.94 -9.66
C ILE A 74 6.27 5.42 -9.94
N THR A 75 7.16 5.98 -9.12
CA THR A 75 7.58 7.39 -9.13
C THR A 75 8.84 7.61 -9.98
N GLY A 76 9.51 6.54 -10.41
CA GLY A 76 10.73 6.65 -11.22
C GLY A 76 11.96 7.06 -10.40
N GLU A 77 12.03 6.68 -9.13
CA GLU A 77 13.24 6.79 -8.30
C GLU A 77 14.34 5.83 -8.80
N ALA A 78 15.51 5.83 -8.16
CA ALA A 78 16.61 4.91 -8.50
C ALA A 78 17.42 4.42 -7.28
N MET A 79 16.95 4.74 -6.07
CA MET A 79 17.42 4.20 -4.79
C MET A 79 16.21 4.19 -3.81
N PRO A 80 16.18 3.31 -2.81
CA PRO A 80 15.04 3.22 -1.90
C PRO A 80 15.01 4.36 -0.87
N VAL A 81 13.82 4.61 -0.28
CA VAL A 81 13.49 5.80 0.53
C VAL A 81 13.08 5.41 1.96
N ALA A 82 13.53 6.15 2.97
CA ALA A 82 13.20 5.88 4.37
C ALA A 82 11.77 6.31 4.78
N LYS A 83 11.17 5.62 5.75
CA LYS A 83 9.85 5.91 6.36
C LYS A 83 9.88 5.88 7.88
N LYS A 84 8.93 6.61 8.47
CA LYS A 84 8.65 6.78 9.91
C LYS A 84 7.16 7.12 10.12
N PRO A 85 6.65 7.36 11.34
CA PRO A 85 5.30 7.89 11.52
C PRO A 85 5.08 9.26 10.88
N GLY A 86 3.83 9.50 10.49
CA GLY A 86 3.41 10.66 9.70
C GLY A 86 3.97 10.69 8.27
N SER A 87 4.40 9.55 7.71
CA SER A 87 5.03 9.47 6.37
C SER A 87 4.09 8.80 5.36
N THR A 88 4.20 9.07 4.06
CA THR A 88 3.20 8.65 3.06
C THR A 88 3.77 7.70 2.00
N VAL A 89 2.97 6.73 1.57
CA VAL A 89 3.38 5.59 0.72
C VAL A 89 2.41 5.34 -0.44
N ILE A 90 2.89 4.68 -1.50
CA ILE A 90 2.11 4.24 -2.68
C ILE A 90 2.01 2.71 -2.78
N ALA A 91 0.95 2.24 -3.43
CA ALA A 91 0.75 0.82 -3.70
C ALA A 91 1.80 0.24 -4.66
N GLY A 92 2.09 -1.06 -4.50
CA GLY A 92 3.01 -1.82 -5.36
C GLY A 92 4.50 -1.60 -5.08
N SER A 93 4.84 -0.67 -4.17
CA SER A 93 6.20 -0.50 -3.64
C SER A 93 6.52 -1.57 -2.57
N ILE A 94 7.82 -1.79 -2.31
CA ILE A 94 8.30 -2.92 -1.50
C ILE A 94 8.94 -2.45 -0.18
N ASN A 95 8.48 -3.00 0.95
CA ASN A 95 8.92 -2.65 2.31
C ASN A 95 10.17 -3.47 2.73
N GLN A 96 11.12 -2.85 3.44
CA GLN A 96 12.42 -3.45 3.78
C GLN A 96 12.50 -4.00 5.22
N ASN A 97 13.47 -3.58 6.04
CA ASN A 97 13.82 -4.22 7.32
C ASN A 97 13.05 -3.64 8.54
N GLY A 98 11.73 -3.80 8.53
CA GLY A 98 10.89 -3.51 9.70
C GLY A 98 9.40 -3.37 9.40
N SER A 99 8.57 -3.58 10.43
CA SER A 99 7.11 -3.59 10.33
C SER A 99 6.50 -2.22 10.61
N LEU A 100 5.57 -1.81 9.76
CA LEU A 100 4.91 -0.49 9.78
C LEU A 100 3.38 -0.63 9.88
N LEU A 101 2.73 0.39 10.43
CA LEU A 101 1.27 0.50 10.53
C LEU A 101 0.75 1.57 9.57
N ILE A 102 -0.10 1.21 8.61
CA ILE A 102 -0.62 2.11 7.57
C ILE A 102 -2.14 2.28 7.68
N CYS A 103 -2.62 3.52 7.73
CA CYS A 103 -4.06 3.81 7.63
C CYS A 103 -4.52 3.82 6.17
N ALA A 104 -5.59 3.07 5.86
CA ALA A 104 -6.19 3.03 4.53
C ALA A 104 -7.22 4.16 4.37
N THR A 105 -7.04 4.96 3.31
CA THR A 105 -7.78 6.21 3.05
C THR A 105 -8.27 6.34 1.60
N HIS A 106 -7.93 5.37 0.76
CA HIS A 106 -8.26 5.28 -0.67
C HIS A 106 -8.40 3.79 -1.05
N VAL A 107 -9.24 3.47 -2.05
CA VAL A 107 -9.31 2.12 -2.66
C VAL A 107 -8.70 2.13 -4.07
N GLY A 108 -8.56 0.96 -4.72
CA GLY A 108 -7.82 0.80 -5.98
C GLY A 108 -8.23 1.76 -7.11
N ALA A 109 -9.52 2.10 -7.21
CA ALA A 109 -10.04 3.05 -8.19
C ALA A 109 -9.47 4.47 -8.06
N ASP A 110 -9.11 4.95 -6.87
CA ASP A 110 -8.41 6.23 -6.68
C ASP A 110 -6.90 6.19 -7.05
N THR A 111 -6.28 5.01 -7.22
CA THR A 111 -4.81 4.91 -7.35
C THR A 111 -4.29 5.51 -8.65
N THR A 112 -3.10 6.13 -8.60
CA THR A 112 -2.38 6.60 -9.80
C THR A 112 -2.00 5.42 -10.70
N LEU A 113 -1.71 4.25 -10.12
CA LEU A 113 -1.41 3.01 -10.84
C LEU A 113 -2.52 2.66 -11.84
N SER A 114 -3.76 2.61 -11.35
CA SER A 114 -4.96 2.34 -12.16
C SER A 114 -5.31 3.51 -13.07
N GLN A 115 -4.93 4.73 -12.69
CA GLN A 115 -5.20 5.94 -13.47
C GLN A 115 -4.38 6.00 -14.75
N ILE A 116 -3.10 5.64 -14.65
CA ILE A 116 -2.15 5.57 -15.78
C ILE A 116 -2.69 4.65 -16.88
N VAL A 117 -3.05 3.41 -16.52
CA VAL A 117 -3.51 2.41 -17.50
C VAL A 117 -4.86 2.75 -18.13
N LYS A 118 -5.70 3.57 -17.48
CA LYS A 118 -6.90 4.16 -18.10
C LYS A 118 -6.56 5.27 -19.09
N LEU A 119 -5.75 6.26 -18.68
CA LEU A 119 -5.42 7.43 -19.48
C LEU A 119 -4.69 7.09 -20.79
N VAL A 120 -3.72 6.17 -20.72
CA VAL A 120 -2.95 5.72 -21.89
C VAL A 120 -3.85 4.93 -22.84
N GLU A 121 -4.59 3.94 -22.36
CA GLU A 121 -5.50 3.14 -23.20
C GLU A 121 -6.54 3.96 -23.97
N GLU A 122 -7.08 5.02 -23.35
CA GLU A 122 -8.03 5.95 -23.99
C GLU A 122 -7.37 6.92 -25.00
N ALA A 123 -6.07 7.16 -24.91
CA ALA A 123 -5.36 8.15 -25.74
C ALA A 123 -5.22 7.68 -27.19
N GLN A 124 -4.86 6.42 -27.42
CA GLN A 124 -4.86 5.77 -28.75
C GLN A 124 -6.26 5.71 -29.39
N SER A 6 3.65 -0.83 -23.31
CA SER A 6 2.31 -1.47 -23.33
C SER A 6 2.25 -2.61 -22.32
N GLU A 7 3.34 -3.38 -22.14
CA GLU A 7 3.45 -4.32 -21.01
C GLU A 7 3.39 -3.54 -19.67
N ALA A 8 4.07 -2.40 -19.57
CA ALA A 8 4.00 -1.54 -18.38
C ALA A 8 2.55 -1.12 -18.02
N LEU A 9 1.69 -0.90 -19.02
CA LEU A 9 0.28 -0.55 -18.81
C LEU A 9 -0.53 -1.71 -18.20
N ALA A 10 -0.14 -2.96 -18.46
CA ALA A 10 -0.64 -4.13 -17.73
C ALA A 10 0.01 -4.24 -16.33
N LYS A 11 1.34 -4.07 -16.23
CA LYS A 11 2.16 -4.23 -15.02
C LYS A 11 1.65 -3.41 -13.84
N LEU A 12 1.28 -2.15 -14.06
CA LEU A 12 0.71 -1.27 -13.03
C LEU A 12 -0.42 -1.96 -12.23
N ILE A 13 -1.38 -2.60 -12.90
CA ILE A 13 -2.48 -3.33 -12.25
C ILE A 13 -2.04 -4.68 -11.63
N SER A 14 -1.09 -5.38 -12.24
CA SER A 14 -0.58 -6.68 -11.76
C SER A 14 0.39 -6.59 -10.57
N LEU A 15 1.09 -5.46 -10.38
CA LEU A 15 1.95 -5.19 -9.22
C LEU A 15 1.22 -5.27 -7.86
N GLN A 16 -0.11 -5.14 -7.86
CA GLN A 16 -0.95 -5.07 -6.68
C GLN A 16 -1.21 -6.44 -6.02
N ALA A 17 -1.22 -6.45 -4.69
CA ALA A 17 -1.53 -7.61 -3.88
C ALA A 17 -2.98 -8.10 -4.07
N THR A 18 -3.22 -9.39 -3.82
CA THR A 18 -4.54 -10.04 -3.84
C THR A 18 -5.26 -10.02 -2.49
N GLU A 19 -4.53 -9.69 -1.43
CA GLU A 19 -4.95 -9.69 -0.04
C GLU A 19 -4.36 -8.53 0.78
N ALA A 20 -4.94 -8.29 1.95
CA ALA A 20 -4.44 -7.36 2.98
C ALA A 20 -4.62 -7.94 4.40
N THR A 21 -3.92 -7.35 5.36
CA THR A 21 -4.07 -7.61 6.79
C THR A 21 -4.59 -6.36 7.50
N ILE A 22 -5.86 -6.35 7.90
CA ILE A 22 -6.46 -5.27 8.70
C ILE A 22 -6.08 -5.50 10.17
N VAL A 23 -5.63 -4.45 10.87
CA VAL A 23 -5.22 -4.54 12.28
C VAL A 23 -5.95 -3.48 13.10
N THR A 24 -6.74 -3.95 14.06
CA THR A 24 -7.68 -3.14 14.86
C THR A 24 -7.50 -3.46 16.34
N LEU A 25 -7.63 -2.46 17.20
CA LEU A 25 -7.43 -2.56 18.64
C LEU A 25 -8.79 -2.57 19.34
N ASP A 26 -9.10 -3.59 20.15
CA ASP A 26 -10.46 -3.86 20.64
C ASP A 26 -10.71 -3.63 22.15
N SER A 27 -9.77 -2.99 22.85
CA SER A 27 -9.91 -2.61 24.27
C SER A 27 -9.64 -1.11 24.43
N ASP A 28 -8.41 -0.77 24.80
CA ASP A 28 -7.90 0.58 25.04
C ASP A 28 -6.47 0.65 24.47
N ASN A 29 -6.33 0.32 23.18
CA ASN A 29 -5.08 0.08 22.42
C ASN A 29 -4.26 -1.15 22.83
N ILE A 30 -4.38 -1.64 24.07
CA ILE A 30 -3.55 -2.71 24.66
C ILE A 30 -3.80 -4.12 24.10
N LEU A 31 -4.84 -4.30 23.30
CA LEU A 31 -5.29 -5.56 22.70
C LEU A 31 -5.24 -5.48 21.18
N LEU A 32 -4.54 -6.43 20.55
CA LEU A 32 -4.37 -6.52 19.09
C LEU A 32 -5.29 -7.60 18.50
N SER A 33 -6.02 -7.27 17.42
CA SER A 33 -6.99 -8.14 16.76
C SER A 33 -6.88 -7.99 15.23
N GLU A 34 -6.15 -8.90 14.56
CA GLU A 34 -5.98 -8.85 13.10
C GLU A 34 -7.03 -9.66 12.33
N GLU A 35 -7.34 -9.22 11.11
CA GLU A 35 -8.14 -9.93 10.09
C GLU A 35 -7.36 -10.07 8.77
N GLN A 36 -7.49 -11.22 8.11
CA GLN A 36 -6.98 -11.43 6.74
C GLN A 36 -8.15 -11.25 5.75
N VAL A 37 -7.98 -10.38 4.75
CA VAL A 37 -9.05 -9.97 3.81
C VAL A 37 -8.57 -9.92 2.36
N ASP A 38 -9.49 -9.87 1.41
CA ASP A 38 -9.20 -9.60 -0.01
C ASP A 38 -8.99 -8.09 -0.27
N VAL A 39 -8.18 -7.74 -1.28
CA VAL A 39 -7.97 -6.34 -1.70
C VAL A 39 -9.26 -5.63 -2.15
N GLU A 40 -10.27 -6.37 -2.61
CA GLU A 40 -11.62 -5.87 -2.91
C GLU A 40 -12.39 -5.47 -1.64
N LEU A 41 -12.11 -6.10 -0.49
CA LEU A 41 -12.88 -6.04 0.76
C LEU A 41 -12.30 -5.09 1.82
N VAL A 42 -11.10 -4.54 1.59
CA VAL A 42 -10.54 -3.45 2.40
C VAL A 42 -11.12 -2.10 1.96
N GLN A 43 -11.39 -1.21 2.92
CA GLN A 43 -12.13 0.04 2.75
C GLN A 43 -11.33 1.25 3.26
N ARG A 44 -11.70 2.45 2.80
CA ARG A 44 -10.96 3.71 3.09
C ARG A 44 -11.16 4.29 4.52
N GLY A 45 -11.69 3.48 5.43
CA GLY A 45 -11.75 3.71 6.87
C GLY A 45 -11.00 2.67 7.70
N ASP A 46 -10.40 1.66 7.07
CA ASP A 46 -9.61 0.61 7.74
C ASP A 46 -8.15 1.05 7.98
N ILE A 47 -7.50 0.45 8.97
CA ILE A 47 -6.05 0.58 9.22
C ILE A 47 -5.39 -0.79 9.10
N ILE A 48 -4.34 -0.84 8.29
CA ILE A 48 -3.65 -2.03 7.78
C ILE A 48 -2.28 -2.21 8.46
N LYS A 49 -1.65 -3.38 8.26
CA LYS A 49 -0.27 -3.66 8.66
C LYS A 49 0.50 -4.24 7.47
N VAL A 50 1.74 -3.77 7.25
CA VAL A 50 2.61 -4.23 6.15
C VAL A 50 3.84 -4.97 6.72
N VAL A 51 4.17 -6.13 6.16
CA VAL A 51 5.19 -7.05 6.74
C VAL A 51 6.61 -6.78 6.21
N PRO A 52 7.67 -7.34 6.84
CA PRO A 52 9.04 -7.32 6.28
C PRO A 52 9.08 -8.06 4.94
N GLY A 53 9.61 -7.45 3.89
CA GLY A 53 9.52 -7.97 2.52
C GLY A 53 8.12 -7.94 1.89
N GLY A 54 7.13 -7.31 2.55
CA GLY A 54 5.75 -7.20 2.09
C GLY A 54 5.52 -6.17 0.97
N LYS A 55 4.32 -6.20 0.37
CA LYS A 55 3.93 -5.36 -0.78
C LYS A 55 2.64 -4.58 -0.48
N PHE A 56 2.58 -3.32 -0.92
CA PHE A 56 1.48 -2.42 -0.57
C PHE A 56 0.21 -2.67 -1.42
N PRO A 57 -0.98 -2.86 -0.82
CA PRO A 57 -2.22 -3.21 -1.55
C PRO A 57 -3.02 -2.01 -2.09
N VAL A 58 -2.88 -0.84 -1.48
CA VAL A 58 -3.56 0.44 -1.79
C VAL A 58 -2.63 1.61 -1.42
N ASP A 59 -2.98 2.86 -1.78
CA ASP A 59 -2.16 4.04 -1.45
C ASP A 59 -2.73 4.87 -0.28
N GLY A 60 -1.85 5.35 0.60
CA GLY A 60 -2.25 6.00 1.87
C GLY A 60 -1.09 6.47 2.74
N ARG A 61 -1.30 6.57 4.06
CA ARG A 61 -0.36 7.16 5.04
C ARG A 61 0.08 6.18 6.15
N VAL A 62 1.36 6.25 6.52
CA VAL A 62 2.03 5.54 7.61
C VAL A 62 1.94 6.36 8.89
N ILE A 63 1.57 5.77 10.02
CA ILE A 63 1.62 6.44 11.34
C ILE A 63 2.12 5.52 12.48
N GLU A 64 3.06 4.63 12.17
CA GLU A 64 3.84 3.87 13.15
C GLU A 64 5.06 3.20 12.49
N GLY A 65 6.22 3.25 13.14
CA GLY A 65 7.41 2.46 12.78
C GLY A 65 8.44 3.12 11.86
N HIS A 66 9.31 2.27 11.31
CA HIS A 66 10.49 2.65 10.52
C HIS A 66 10.87 1.59 9.49
N SER A 67 10.65 1.86 8.20
CA SER A 67 11.11 1.01 7.09
C SER A 67 11.54 1.83 5.89
N MET A 68 12.16 1.15 4.93
CA MET A 68 12.58 1.69 3.65
C MET A 68 11.84 1.00 2.49
N VAL A 69 11.51 1.74 1.45
CA VAL A 69 10.62 1.32 0.36
C VAL A 69 11.25 1.59 -1.01
N ASP A 70 11.09 0.65 -1.95
CA ASP A 70 11.54 0.81 -3.33
C ASP A 70 10.41 1.25 -4.29
N GLU A 71 10.66 2.32 -5.04
CA GLU A 71 9.67 3.01 -5.91
C GLU A 71 10.18 3.20 -7.35
N SER A 72 11.18 2.42 -7.79
CA SER A 72 11.90 2.63 -9.05
C SER A 72 11.08 2.49 -10.33
N LEU A 73 9.95 1.77 -10.30
CA LEU A 73 8.96 1.76 -11.38
C LEU A 73 7.92 2.87 -11.14
N ILE A 74 7.47 3.06 -9.90
CA ILE A 74 6.35 3.96 -9.54
C ILE A 74 6.72 5.44 -9.73
N THR A 75 7.75 5.94 -9.05
CA THR A 75 8.24 7.33 -9.12
C THR A 75 9.56 7.48 -9.89
N GLY A 76 10.23 6.36 -10.21
CA GLY A 76 11.46 6.35 -11.00
C GLY A 76 12.74 6.61 -10.19
N GLU A 77 12.66 6.55 -8.86
CA GLU A 77 13.77 6.88 -7.93
C GLU A 77 15.02 6.02 -8.16
N ALA A 78 14.90 4.69 -8.28
CA ALA A 78 16.02 3.77 -8.53
C ALA A 78 17.09 3.74 -7.42
N MET A 79 16.71 4.21 -6.24
CA MET A 79 17.39 4.12 -4.96
C MET A 79 16.29 4.12 -3.87
N PRO A 80 16.36 3.27 -2.82
CA PRO A 80 15.33 3.15 -1.78
C PRO A 80 15.03 4.44 -1.00
N VAL A 81 13.80 4.57 -0.50
CA VAL A 81 13.20 5.79 0.09
C VAL A 81 12.66 5.53 1.52
N ALA A 82 12.95 6.41 2.48
CA ALA A 82 12.62 6.20 3.89
C ALA A 82 11.16 6.56 4.26
N LYS A 83 10.55 5.76 5.14
CA LYS A 83 9.20 5.97 5.73
C LYS A 83 9.26 5.97 7.28
N LYS A 84 8.45 6.84 7.90
CA LYS A 84 8.34 7.12 9.35
C LYS A 84 6.85 7.37 9.72
N PRO A 85 6.46 7.54 10.99
CA PRO A 85 5.12 8.04 11.30
C PRO A 85 4.92 9.44 10.72
N GLY A 86 3.85 9.61 9.94
CA GLY A 86 3.57 10.80 9.13
C GLY A 86 4.20 10.75 7.72
N SER A 87 4.27 9.58 7.07
CA SER A 87 4.79 9.42 5.69
C SER A 87 3.75 8.85 4.75
N THR A 88 3.80 9.11 3.44
CA THR A 88 2.87 8.49 2.46
C THR A 88 3.50 7.33 1.68
N VAL A 89 2.67 6.40 1.24
CA VAL A 89 3.04 5.18 0.51
C VAL A 89 2.09 4.92 -0.66
N ILE A 90 2.56 4.20 -1.69
CA ILE A 90 1.81 3.86 -2.91
C ILE A 90 1.77 2.35 -3.17
N ALA A 91 0.62 1.90 -3.71
CA ALA A 91 0.36 0.49 -4.01
C ALA A 91 1.38 -0.10 -4.99
N GLY A 92 1.66 -1.41 -4.84
CA GLY A 92 2.58 -2.14 -5.72
C GLY A 92 4.08 -1.92 -5.45
N SER A 93 4.45 -1.00 -4.55
CA SER A 93 5.83 -0.85 -4.05
C SER A 93 6.14 -1.89 -2.97
N ILE A 94 7.43 -2.09 -2.68
CA ILE A 94 7.94 -3.15 -1.77
C ILE A 94 8.50 -2.55 -0.48
N ASN A 95 8.08 -3.07 0.68
CA ASN A 95 8.55 -2.69 2.01
C ASN A 95 9.72 -3.60 2.45
N GLN A 96 10.79 -3.02 3.02
CA GLN A 96 12.01 -3.76 3.36
C GLN A 96 11.99 -4.38 4.77
N ASN A 97 12.75 -3.85 5.74
CA ASN A 97 13.02 -4.52 7.01
C ASN A 97 11.94 -4.41 8.10
N GLY A 98 11.38 -3.22 8.35
CA GLY A 98 10.46 -2.96 9.46
C GLY A 98 8.99 -3.07 9.07
N SER A 99 8.16 -3.65 9.96
CA SER A 99 6.69 -3.66 9.79
C SER A 99 6.04 -2.36 10.28
N LEU A 100 5.08 -1.84 9.51
CA LEU A 100 4.47 -0.50 9.70
C LEU A 100 2.93 -0.57 9.71
N LEU A 101 2.29 0.43 10.34
CA LEU A 101 0.83 0.59 10.35
C LEU A 101 0.40 1.66 9.32
N ILE A 102 -0.48 1.27 8.38
CA ILE A 102 -0.91 2.10 7.24
C ILE A 102 -2.42 2.41 7.31
N CYS A 103 -2.80 3.69 7.32
CA CYS A 103 -4.20 4.09 7.13
C CYS A 103 -4.54 4.04 5.63
N ALA A 104 -5.52 3.23 5.25
CA ALA A 104 -6.02 3.22 3.87
C ALA A 104 -6.96 4.40 3.65
N THR A 105 -6.61 5.32 2.74
CA THR A 105 -7.45 6.46 2.33
C THR A 105 -8.04 6.32 0.92
N HIS A 106 -7.74 5.21 0.23
CA HIS A 106 -8.26 4.87 -1.09
C HIS A 106 -8.63 3.39 -1.19
N VAL A 107 -9.75 3.07 -1.85
CA VAL A 107 -10.05 1.69 -2.28
C VAL A 107 -9.26 1.39 -3.55
N GLY A 108 -9.00 0.12 -3.85
CA GLY A 108 -8.05 -0.29 -4.92
C GLY A 108 -8.37 0.25 -6.32
N ALA A 109 -9.65 0.38 -6.67
CA ALA A 109 -10.09 0.98 -7.94
C ALA A 109 -9.92 2.52 -8.01
N ASP A 110 -10.01 3.21 -6.87
CA ASP A 110 -9.76 4.65 -6.72
C ASP A 110 -8.27 5.05 -6.61
N THR A 111 -7.34 4.09 -6.51
CA THR A 111 -5.91 4.31 -6.23
C THR A 111 -5.20 5.19 -7.24
N THR A 112 -4.07 5.79 -6.83
CA THR A 112 -3.16 6.52 -7.72
C THR A 112 -2.59 5.59 -8.81
N LEU A 113 -2.34 4.32 -8.46
CA LEU A 113 -1.80 3.31 -9.36
C LEU A 113 -2.75 3.01 -10.54
N SER A 114 -4.05 2.88 -10.25
CA SER A 114 -5.10 2.79 -11.27
C SER A 114 -5.39 4.13 -11.97
N GLN A 115 -5.06 5.28 -11.35
CA GLN A 115 -5.19 6.60 -11.97
C GLN A 115 -4.17 6.82 -13.10
N ILE A 116 -2.94 6.32 -12.91
CA ILE A 116 -1.86 6.35 -13.91
C ILE A 116 -2.29 5.60 -15.19
N VAL A 117 -2.75 4.35 -15.08
CA VAL A 117 -3.19 3.60 -16.28
C VAL A 117 -4.41 4.22 -16.96
N LYS A 118 -5.29 4.91 -16.23
CA LYS A 118 -6.40 5.65 -16.85
C LYS A 118 -5.85 6.77 -17.75
N LEU A 119 -4.81 7.49 -17.32
CA LEU A 119 -4.17 8.57 -18.07
C LEU A 119 -3.36 8.06 -19.29
N VAL A 120 -2.55 7.02 -19.11
CA VAL A 120 -1.70 6.44 -20.17
C VAL A 120 -2.50 5.65 -21.22
N GLU A 121 -3.66 5.10 -20.86
CA GLU A 121 -4.55 4.40 -21.81
C GLU A 121 -5.23 5.37 -22.80
N GLU A 122 -5.41 6.64 -22.43
CA GLU A 122 -6.02 7.67 -23.28
C GLU A 122 -5.12 8.11 -24.45
N ALA A 123 -3.80 7.89 -24.39
CA ALA A 123 -2.86 8.34 -25.42
C ALA A 123 -2.96 7.51 -26.72
N GLN A 124 -2.78 6.19 -26.62
CA GLN A 124 -2.80 5.26 -27.76
C GLN A 124 -4.18 5.12 -28.39
N SER A 6 3.97 2.18 -23.41
CA SER A 6 3.04 1.07 -23.72
C SER A 6 3.52 -0.37 -23.38
N GLU A 7 4.79 -0.61 -23.04
CA GLU A 7 5.29 -1.91 -22.56
C GLU A 7 5.39 -1.97 -21.02
N ALA A 8 5.76 -0.84 -20.40
CA ALA A 8 5.69 -0.64 -18.95
C ALA A 8 4.22 -0.66 -18.46
N LEU A 9 3.30 -0.09 -19.26
CA LEU A 9 1.84 0.04 -19.03
C LEU A 9 1.14 -1.21 -18.45
N ALA A 10 1.61 -2.42 -18.75
CA ALA A 10 1.07 -3.67 -18.22
C ALA A 10 1.40 -3.93 -16.73
N LYS A 11 2.57 -3.48 -16.26
CA LYS A 11 3.14 -3.81 -14.94
C LYS A 11 2.35 -3.17 -13.79
N LEU A 12 1.73 -2.00 -14.02
CA LEU A 12 0.92 -1.25 -13.04
C LEU A 12 -0.19 -2.11 -12.41
N ILE A 13 -0.79 -2.99 -13.20
CA ILE A 13 -1.81 -3.97 -12.76
C ILE A 13 -1.20 -5.16 -12.01
N SER A 14 0.00 -5.62 -12.38
CA SER A 14 0.64 -6.81 -11.80
C SER A 14 1.19 -6.59 -10.39
N LEU A 15 1.79 -5.43 -10.10
CA LEU A 15 2.49 -5.16 -8.82
C LEU A 15 1.55 -5.10 -7.59
N GLN A 16 0.25 -4.91 -7.80
CA GLN A 16 -0.74 -4.69 -6.74
C GLN A 16 -0.99 -5.94 -5.87
N ALA A 17 -1.15 -5.76 -4.56
CA ALA A 17 -1.31 -6.87 -3.61
C ALA A 17 -2.77 -7.31 -3.41
N THR A 18 -2.99 -8.63 -3.33
CA THR A 18 -4.32 -9.27 -3.33
C THR A 18 -4.91 -9.47 -1.92
N GLU A 19 -4.13 -9.21 -0.87
CA GLU A 19 -4.53 -9.36 0.53
C GLU A 19 -4.02 -8.24 1.46
N ALA A 20 -4.68 -8.11 2.62
CA ALA A 20 -4.32 -7.18 3.69
C ALA A 20 -4.53 -7.81 5.09
N THR A 21 -4.00 -7.15 6.13
CA THR A 21 -4.25 -7.47 7.54
C THR A 21 -4.92 -6.29 8.27
N ILE A 22 -6.23 -6.40 8.54
CA ILE A 22 -7.00 -5.38 9.29
C ILE A 22 -6.81 -5.61 10.79
N VAL A 23 -6.48 -4.56 11.55
CA VAL A 23 -6.19 -4.69 13.00
C VAL A 23 -7.03 -3.74 13.85
N THR A 24 -7.71 -4.29 14.86
CA THR A 24 -8.40 -3.51 15.92
C THR A 24 -7.45 -3.29 17.09
N LEU A 25 -7.35 -2.03 17.54
CA LEU A 25 -6.34 -1.56 18.50
C LEU A 25 -6.93 -0.88 19.76
N ASP A 26 -8.27 -0.85 19.87
CA ASP A 26 -9.14 -0.24 20.90
C ASP A 26 -8.46 0.87 21.72
N SER A 27 -7.87 0.52 22.86
CA SER A 27 -7.15 1.37 23.81
C SER A 27 -6.44 2.59 23.19
N ASP A 28 -5.61 2.39 22.16
CA ASP A 28 -4.92 3.45 21.42
C ASP A 28 -4.38 2.84 20.11
N ASN A 29 -3.19 2.24 20.17
CA ASN A 29 -2.54 1.52 19.07
C ASN A 29 -2.02 0.13 19.51
N ILE A 30 -2.39 -0.34 20.71
CA ILE A 30 -1.74 -1.46 21.41
C ILE A 30 -2.54 -2.77 21.57
N LEU A 31 -3.84 -2.79 21.30
CA LEU A 31 -4.64 -3.99 21.62
C LEU A 31 -4.30 -5.23 20.74
N LEU A 32 -3.91 -5.05 19.48
CA LEU A 32 -3.46 -6.11 18.57
C LEU A 32 -4.41 -7.32 18.41
N SER A 33 -5.59 -7.09 17.82
CA SER A 33 -6.50 -8.14 17.34
C SER A 33 -6.56 -8.08 15.82
N GLU A 34 -5.99 -9.07 15.13
CA GLU A 34 -5.76 -9.02 13.67
C GLU A 34 -6.70 -9.95 12.88
N GLU A 35 -7.08 -9.51 11.68
CA GLU A 35 -7.85 -10.27 10.68
C GLU A 35 -7.09 -10.31 9.34
N GLN A 36 -6.89 -11.49 8.74
CA GLN A 36 -6.29 -11.64 7.39
C GLN A 36 -7.42 -11.66 6.35
N VAL A 37 -7.39 -10.77 5.34
CA VAL A 37 -8.50 -10.54 4.40
C VAL A 37 -8.08 -10.41 2.92
N ASP A 38 -9.04 -10.55 2.01
CA ASP A 38 -8.90 -10.25 0.57
C ASP A 38 -8.96 -8.74 0.31
N VAL A 39 -8.25 -8.26 -0.72
CA VAL A 39 -8.19 -6.82 -1.09
C VAL A 39 -9.56 -6.21 -1.41
N GLU A 40 -10.56 -7.01 -1.77
CA GLU A 40 -11.93 -6.52 -2.00
C GLU A 40 -12.67 -6.12 -0.70
N LEU A 41 -12.12 -6.50 0.47
CA LEU A 41 -12.78 -6.38 1.78
C LEU A 41 -12.19 -5.26 2.67
N VAL A 42 -11.16 -4.55 2.19
CA VAL A 42 -10.62 -3.33 2.82
C VAL A 42 -11.21 -2.08 2.15
N GLN A 43 -11.38 -0.99 2.91
CA GLN A 43 -11.95 0.28 2.45
C GLN A 43 -11.20 1.52 2.97
N ARG A 44 -11.45 2.69 2.38
CA ARG A 44 -10.71 3.97 2.51
C ARG A 44 -10.74 4.71 3.87
N GLY A 45 -10.96 3.96 4.95
CA GLY A 45 -10.86 4.41 6.35
C GLY A 45 -10.37 3.33 7.34
N ASP A 46 -9.90 2.17 6.85
CA ASP A 46 -9.32 1.10 7.67
C ASP A 46 -7.82 1.34 7.97
N ILE A 47 -7.32 0.76 9.07
CA ILE A 47 -5.88 0.75 9.41
C ILE A 47 -5.31 -0.67 9.29
N ILE A 48 -4.25 -0.79 8.48
CA ILE A 48 -3.64 -2.04 8.01
C ILE A 48 -2.17 -2.09 8.44
N LYS A 49 -1.72 -3.19 9.06
CA LYS A 49 -0.29 -3.42 9.33
C LYS A 49 0.36 -4.21 8.19
N VAL A 50 1.48 -3.72 7.65
CA VAL A 50 2.21 -4.30 6.52
C VAL A 50 3.45 -5.05 7.02
N VAL A 51 3.69 -6.25 6.50
CA VAL A 51 4.83 -7.10 6.89
C VAL A 51 6.09 -6.83 6.04
N PRO A 52 7.31 -7.13 6.53
CA PRO A 52 8.50 -7.12 5.69
C PRO A 52 8.38 -8.10 4.51
N GLY A 53 8.92 -7.71 3.35
CA GLY A 53 8.71 -8.40 2.07
C GLY A 53 7.28 -8.27 1.51
N GLY A 54 6.33 -7.70 2.26
CA GLY A 54 4.95 -7.48 1.82
C GLY A 54 4.84 -6.40 0.73
N LYS A 55 3.82 -6.54 -0.12
CA LYS A 55 3.46 -5.56 -1.15
C LYS A 55 2.22 -4.74 -0.72
N PHE A 56 2.21 -3.46 -1.06
CA PHE A 56 1.10 -2.55 -0.69
C PHE A 56 -0.16 -2.79 -1.58
N PRO A 57 -1.34 -3.06 -1.00
CA PRO A 57 -2.57 -3.31 -1.77
C PRO A 57 -3.27 -2.03 -2.26
N VAL A 58 -3.07 -0.91 -1.58
CA VAL A 58 -3.69 0.41 -1.80
C VAL A 58 -2.73 1.50 -1.30
N ASP A 59 -3.03 2.78 -1.55
CA ASP A 59 -2.22 3.91 -1.08
C ASP A 59 -2.75 4.48 0.26
N GLY A 60 -1.86 5.07 1.07
CA GLY A 60 -2.24 5.60 2.38
C GLY A 60 -1.13 6.29 3.18
N ARG A 61 -1.44 6.62 4.44
CA ARG A 61 -0.59 7.37 5.38
C ARG A 61 -0.05 6.47 6.50
N VAL A 62 1.26 6.51 6.70
CA VAL A 62 2.03 5.69 7.66
C VAL A 62 2.04 6.38 9.02
N ILE A 63 1.67 5.67 10.09
CA ILE A 63 1.49 6.26 11.43
C ILE A 63 1.97 5.34 12.58
N GLU A 64 2.97 4.51 12.32
CA GLU A 64 3.77 3.78 13.32
C GLU A 64 4.95 3.09 12.63
N GLY A 65 6.12 3.08 13.27
CA GLY A 65 7.28 2.29 12.84
C GLY A 65 8.22 3.01 11.88
N HIS A 66 9.21 2.25 11.40
CA HIS A 66 10.36 2.78 10.68
C HIS A 66 10.92 1.75 9.68
N SER A 67 10.62 1.95 8.40
CA SER A 67 10.93 0.99 7.33
C SER A 67 11.33 1.65 6.02
N MET A 68 11.76 0.83 5.06
CA MET A 68 12.25 1.26 3.75
C MET A 68 11.47 0.57 2.64
N VAL A 69 11.05 1.35 1.64
CA VAL A 69 10.09 0.95 0.59
C VAL A 69 10.68 1.13 -0.81
N ASP A 70 10.46 0.16 -1.69
CA ASP A 70 11.00 0.12 -3.06
C ASP A 70 9.96 0.69 -4.06
N GLU A 71 10.17 1.92 -4.53
CA GLU A 71 9.22 2.72 -5.34
C GLU A 71 9.63 2.88 -6.81
N SER A 72 10.80 2.33 -7.19
CA SER A 72 11.47 2.56 -8.48
C SER A 72 10.65 2.32 -9.74
N LEU A 73 9.70 1.37 -9.77
CA LEU A 73 8.79 1.20 -10.91
C LEU A 73 7.67 2.24 -10.88
N ILE A 74 7.09 2.44 -9.69
CA ILE A 74 5.92 3.28 -9.42
C ILE A 74 6.19 4.75 -9.76
N THR A 75 7.31 5.29 -9.27
CA THR A 75 7.65 6.72 -9.35
C THR A 75 8.92 7.02 -10.15
N GLY A 76 9.61 5.99 -10.64
CA GLY A 76 10.82 6.10 -11.45
C GLY A 76 12.12 6.36 -10.66
N GLU A 77 12.11 6.09 -9.35
CA GLU A 77 13.30 6.06 -8.49
C GLU A 77 14.31 4.98 -8.98
N ALA A 78 15.44 4.84 -8.27
CA ALA A 78 16.49 3.84 -8.54
C ALA A 78 17.09 3.20 -7.26
N MET A 79 16.93 3.87 -6.11
CA MET A 79 17.18 3.35 -4.75
C MET A 79 15.93 3.54 -3.87
N PRO A 80 15.72 2.71 -2.83
CA PRO A 80 14.51 2.74 -2.00
C PRO A 80 14.41 3.95 -1.08
N VAL A 81 13.20 4.17 -0.53
CA VAL A 81 12.75 5.37 0.19
C VAL A 81 12.41 5.08 1.65
N ALA A 82 12.90 5.90 2.58
CA ALA A 82 12.64 5.76 4.03
C ALA A 82 11.26 6.31 4.46
N LYS A 83 10.61 5.60 5.40
CA LYS A 83 9.30 5.93 5.99
C LYS A 83 9.39 5.96 7.53
N LYS A 84 8.55 6.78 8.16
CA LYS A 84 8.43 7.00 9.61
C LYS A 84 6.94 7.26 9.99
N PRO A 85 6.55 7.42 11.28
CA PRO A 85 5.21 7.92 11.59
C PRO A 85 5.02 9.34 11.01
N GLY A 86 3.89 9.53 10.31
CA GLY A 86 3.60 10.73 9.54
C GLY A 86 4.18 10.75 8.13
N SER A 87 4.38 9.60 7.46
CA SER A 87 4.83 9.49 6.05
C SER A 87 3.69 9.03 5.13
N THR A 88 3.87 9.00 3.82
CA THR A 88 2.88 8.47 2.83
C THR A 88 3.46 7.38 1.92
N VAL A 89 2.59 6.53 1.38
CA VAL A 89 2.94 5.41 0.47
C VAL A 89 1.94 5.26 -0.68
N ILE A 90 2.45 4.83 -1.84
CA ILE A 90 1.71 4.40 -3.05
C ILE A 90 1.48 2.88 -3.08
N ALA A 91 0.41 2.46 -3.76
CA ALA A 91 0.06 1.06 -3.95
C ALA A 91 1.10 0.32 -4.84
N GLY A 92 1.20 -1.00 -4.68
CA GLY A 92 2.08 -1.87 -5.49
C GLY A 92 3.57 -1.78 -5.17
N SER A 93 3.99 -0.93 -4.23
CA SER A 93 5.37 -0.87 -3.74
C SER A 93 5.70 -2.02 -2.77
N ILE A 94 6.99 -2.28 -2.55
CA ILE A 94 7.50 -3.41 -1.76
C ILE A 94 8.13 -2.92 -0.44
N ASN A 95 7.88 -3.61 0.69
CA ASN A 95 8.58 -3.37 1.97
C ASN A 95 9.90 -4.15 2.02
N GLN A 96 11.00 -3.51 2.47
CA GLN A 96 12.31 -4.17 2.58
C GLN A 96 13.14 -3.76 3.81
N ASN A 97 12.53 -3.82 5.00
CA ASN A 97 13.22 -3.65 6.30
C ASN A 97 12.42 -4.14 7.54
N GLY A 98 11.09 -3.99 7.58
CA GLY A 98 10.32 -4.27 8.81
C GLY A 98 8.89 -3.70 8.83
N SER A 99 8.09 -4.11 9.82
CA SER A 99 6.65 -3.80 9.87
C SER A 99 6.32 -2.33 10.14
N LEU A 100 5.33 -1.79 9.42
CA LEU A 100 4.73 -0.46 9.62
C LEU A 100 3.20 -0.58 9.75
N LEU A 101 2.56 0.43 10.32
CA LEU A 101 1.09 0.54 10.40
C LEU A 101 0.60 1.74 9.56
N ILE A 102 -0.35 1.49 8.65
CA ILE A 102 -0.82 2.46 7.64
C ILE A 102 -2.34 2.60 7.65
N CYS A 103 -2.87 3.83 7.66
CA CYS A 103 -4.28 4.09 7.42
C CYS A 103 -4.50 4.22 5.90
N ALA A 104 -5.36 3.37 5.34
CA ALA A 104 -5.66 3.35 3.90
C ALA A 104 -6.69 4.41 3.54
N THR A 105 -6.43 5.22 2.52
CA THR A 105 -7.30 6.35 2.14
C THR A 105 -7.86 6.28 0.71
N HIS A 106 -7.68 5.16 0.01
CA HIS A 106 -8.36 4.82 -1.25
C HIS A 106 -8.55 3.31 -1.41
N VAL A 107 -9.55 2.89 -2.20
CA VAL A 107 -9.65 1.51 -2.71
C VAL A 107 -8.79 1.38 -3.97
N GLY A 108 -8.46 0.17 -4.43
CA GLY A 108 -7.47 -0.01 -5.51
C GLY A 108 -7.87 0.68 -6.81
N ALA A 109 -9.15 0.65 -7.19
CA ALA A 109 -9.66 1.38 -8.36
C ALA A 109 -9.47 2.90 -8.26
N ASP A 110 -9.60 3.49 -7.06
CA ASP A 110 -9.37 4.91 -6.79
C ASP A 110 -7.88 5.34 -6.69
N THR A 111 -6.95 4.39 -6.73
CA THR A 111 -5.50 4.71 -6.76
C THR A 111 -5.14 5.47 -8.04
N THR A 112 -4.14 6.36 -7.96
CA THR A 112 -3.54 6.98 -9.14
C THR A 112 -2.83 5.93 -10.01
N LEU A 113 -2.22 4.92 -9.38
CA LEU A 113 -1.63 3.75 -10.04
C LEU A 113 -2.59 3.10 -11.06
N SER A 114 -3.82 2.80 -10.64
CA SER A 114 -4.88 2.23 -11.51
C SER A 114 -5.51 3.25 -12.48
N GLN A 115 -5.44 4.54 -12.16
CA GLN A 115 -5.87 5.65 -13.03
C GLN A 115 -4.92 5.86 -14.22
N ILE A 116 -3.60 5.76 -14.00
CA ILE A 116 -2.57 5.99 -15.04
C ILE A 116 -2.84 5.16 -16.31
N VAL A 117 -3.16 3.86 -16.16
CA VAL A 117 -3.45 3.00 -17.32
C VAL A 117 -4.73 3.37 -18.09
N LYS A 118 -5.67 4.08 -17.44
CA LYS A 118 -6.84 4.70 -18.10
C LYS A 118 -6.44 5.96 -18.88
N LEU A 119 -5.62 6.82 -18.26
CA LEU A 119 -5.23 8.14 -18.77
C LEU A 119 -4.31 8.06 -19.99
N VAL A 120 -3.29 7.21 -19.94
CA VAL A 120 -2.33 7.05 -21.05
C VAL A 120 -3.07 6.59 -22.31
N GLU A 121 -3.93 5.58 -22.19
CA GLU A 121 -4.72 5.05 -23.30
C GLU A 121 -5.65 6.09 -23.96
N GLU A 122 -6.15 7.09 -23.22
CA GLU A 122 -6.87 8.24 -23.77
C GLU A 122 -5.95 9.30 -24.41
N ALA A 123 -4.75 9.53 -23.84
CA ALA A 123 -3.86 10.64 -24.19
C ALA A 123 -3.17 10.52 -25.56
N GLN A 124 -3.15 9.33 -26.16
CA GLN A 124 -2.62 9.03 -27.50
C GLN A 124 -3.47 9.68 -28.59
#